data_8EFF
#
_entry.id   8EFF
#
_cell.length_a   1.00
_cell.length_b   1.00
_cell.length_c   1.00
_cell.angle_alpha   90.00
_cell.angle_beta   90.00
_cell.angle_gamma   90.00
#
_symmetry.space_group_name_H-M   'P 1'
#
loop_
_entity.id
_entity.type
_entity.pdbx_description
1 polymer 'Dynamin-like 120 kDa protein, form S1'
2 non-polymer "GUANOSINE-5'-DIPHOSPHATE"
3 non-polymer 'TETRAFLUOROALUMINATE ION'
4 non-polymer 'MAGNESIUM ION'
5 non-polymer 'POTASSIUM ION'
#
_entity_poly.entity_id   1
_entity_poly.type   'polypeptide(L)'
_entity_poly.pdbx_seq_one_letter_code
;ATDRGSESDKHFRKVSDKEKIDQLQEELLHTQLKYQRILERLEKENKELRKLVLQKDDKGIHHRKLKKSLIDMYSEVLDV
LSDYDASYNTQDHLPRVVVVGDQSAGKTSVLEMIAQARIFPRGSGEMMTRSPVKVTLSEGPHHVALFKDSSREFDLTKEE
DLAALRHEIELRMRKNVKEGCTVSPETISLNVKGPGLQRMVLVDLPGVINTVTSGMAPDTKETIFSISKAYMQNPNAIIL
CIQDGSVDAERSIVTDLVSQMDPHGRRTIFVLTKVDLAEKNVASPSRIQQIIEGKLFPMKALGYFAVVTGKGNSSESIEA
IREYEEEFFQNSKLLKTSMLKAHQVTTRNLSLAVSDCFWKMVRESVEQQADSFKATRFNLETEWKNNYPRLRELDRNELF
EKAKNEILDEVISLSQVTPKHWEEILQQSLWERVSTHVIENIYLPAAQTMNSGTFNTTVDIKLKQWTDKQLPNKAVEVAW
ETLQEEFSRFMTEPKGKEHDDIFDKLKEAVKEESIKRHKWNDFAEDSLRVIQHNALEDRSISDKQQWDAAIYFMEEALQA
RLKDTENAIENMVGPDWKKRWLYWKNRTQEQCVHNETKNELEKMLKCNEEHPAYLASDEITTVRKNLESRGVEVDPSLIK
DTWHQVYRRHFLKTALNHCNLCRRGFYYYQRHFVDSELECNDVVLFWRIQRMLAITANTLRQQLTNTEVRRLEKNVKEVL
EDFAEDGEKKIKLLTGKRVQLAEDLKKVREIQEKLDAFIEALHQEK
;
_entity_poly.pdbx_strand_id   A,B,C,D
#
loop_
_chem_comp.id
_chem_comp.type
_chem_comp.name
_chem_comp.formula
ALF non-polymer 'TETRAFLUOROALUMINATE ION' 'Al F4 -1'
GDP RNA linking GUANOSINE-5'-DIPHOSPHATE 'C10 H15 N5 O11 P2'
K non-polymer 'POTASSIUM ION' 'K 1'
MG non-polymer 'MAGNESIUM ION' 'Mg 2'
#
# COMPACT_ATOMS: atom_id res chain seq x y z
N ALA A 1 0.76 46.72 26.64
CA ALA A 1 0.18 45.60 27.36
C ALA A 1 -0.52 44.63 26.41
N THR A 2 -0.91 45.15 25.24
CA THR A 2 -1.56 44.30 24.25
C THR A 2 -0.64 43.17 23.79
N ASP A 3 0.63 43.47 23.58
CA ASP A 3 1.61 42.47 23.21
C ASP A 3 2.95 42.87 23.80
N ARG A 4 3.68 41.88 24.32
CA ARG A 4 4.98 42.12 24.95
C ARG A 4 6.12 41.31 24.35
N GLY A 5 5.83 40.23 23.63
CA GLY A 5 6.92 39.43 23.07
C GLY A 5 7.74 40.19 22.04
N SER A 6 7.08 40.95 21.17
CA SER A 6 7.79 41.68 20.13
C SER A 6 8.74 42.71 20.73
N GLU A 7 8.32 43.40 21.79
CA GLU A 7 9.15 44.42 22.39
C GLU A 7 10.44 43.82 22.96
N SER A 8 10.34 42.63 23.56
CA SER A 8 11.50 42.01 24.17
C SER A 8 12.57 41.69 23.13
N ASP A 9 12.16 41.15 21.98
CA ASP A 9 13.13 40.78 20.96
C ASP A 9 13.86 42.01 20.42
N LYS A 10 13.13 43.10 20.18
CA LYS A 10 13.75 44.31 19.67
C LYS A 10 14.74 44.89 20.67
N HIS A 11 14.39 44.86 21.97
CA HIS A 11 15.26 45.45 22.98
C HIS A 11 16.61 44.75 23.01
N PHE A 12 16.62 43.42 23.14
CA PHE A 12 17.88 42.70 23.23
C PHE A 12 18.59 42.65 21.87
N ARG A 13 17.83 42.66 20.77
CA ARG A 13 18.47 42.71 19.46
C ARG A 13 19.30 43.97 19.30
N LYS A 14 18.77 45.11 19.75
CA LYS A 14 19.56 46.35 19.76
C LYS A 14 20.74 46.24 20.71
N VAL A 15 20.54 45.60 21.86
CA VAL A 15 21.64 45.45 22.82
C VAL A 15 22.78 44.65 22.20
N SER A 16 22.46 43.59 21.46
CA SER A 16 23.49 42.80 20.80
C SER A 16 24.31 43.65 19.84
N ASP A 17 23.64 44.50 19.06
CA ASP A 17 24.35 45.38 18.14
C ASP A 17 25.20 46.39 18.90
N LYS A 18 24.64 47.00 19.94
CA LYS A 18 25.38 48.03 20.67
C LYS A 18 26.72 47.51 21.16
N GLU A 19 26.78 46.24 21.56
CA GLU A 19 28.03 45.67 22.04
C GLU A 19 28.87 45.09 20.91
N LYS A 20 28.24 44.51 19.88
CA LYS A 20 28.97 43.74 18.87
C LYS A 20 28.75 44.23 17.44
N ILE A 21 28.12 45.39 17.24
CA ILE A 21 27.87 45.84 15.87
C ILE A 21 29.17 46.06 15.12
N ASP A 22 30.24 46.44 15.84
CA ASP A 22 31.53 46.65 15.19
C ASP A 22 32.09 45.36 14.59
N GLN A 23 31.59 44.20 15.01
CA GLN A 23 31.95 42.93 14.41
C GLN A 23 30.85 42.35 13.54
N LEU A 24 29.59 42.63 13.89
CA LEU A 24 28.45 42.06 13.16
C LEU A 24 28.27 42.73 11.80
N GLN A 25 28.48 44.04 11.73
CA GLN A 25 28.30 44.75 10.46
C GLN A 25 29.28 44.24 9.41
N GLU A 26 30.53 44.00 9.82
CA GLU A 26 31.52 43.47 8.89
C GLU A 26 31.13 42.06 8.43
N GLU A 27 30.73 41.21 9.38
CA GLU A 27 30.46 39.82 9.07
C GLU A 27 29.12 39.63 8.36
N LEU A 28 28.09 40.37 8.77
CA LEU A 28 26.73 40.08 8.33
C LEU A 28 26.40 40.62 6.95
N LEU A 29 26.88 41.83 6.62
CA LEU A 29 26.52 42.48 5.36
C LEU A 29 27.73 42.71 4.48
N HIS A 30 28.78 43.37 5.00
CA HIS A 30 29.93 43.69 4.16
C HIS A 30 30.60 42.43 3.63
N THR A 31 30.85 41.46 4.52
CA THR A 31 31.49 40.22 4.10
C THR A 31 30.61 39.45 3.10
N GLN A 32 29.30 39.39 3.37
CA GLN A 32 28.43 38.57 2.54
C GLN A 32 28.25 39.16 1.15
N LEU A 33 28.15 40.49 1.04
CA LEU A 33 28.05 41.10 -0.27
C LEU A 33 29.35 40.91 -1.06
N LYS A 34 30.49 41.05 -0.40
CA LYS A 34 31.76 40.78 -1.06
C LYS A 34 32.01 39.29 -1.21
N TYR A 35 31.46 38.46 -0.32
CA TYR A 35 31.72 37.03 -0.36
C TYR A 35 31.41 36.45 -1.73
N GLN A 36 30.23 36.76 -2.26
CA GLN A 36 29.87 36.24 -3.58
C GLN A 36 30.82 36.77 -4.65
N ARG A 37 31.21 38.05 -4.56
CA ARG A 37 32.09 38.62 -5.57
C ARG A 37 33.48 38.00 -5.52
N ILE A 38 34.00 37.75 -4.31
CA ILE A 38 35.35 37.17 -4.22
C ILE A 38 35.37 35.73 -4.70
N LEU A 39 34.22 35.05 -4.64
CA LEU A 39 34.16 33.68 -5.16
C LEU A 39 34.52 33.65 -6.64
N GLU A 40 34.06 34.65 -7.40
CA GLU A 40 34.35 34.70 -8.83
C GLU A 40 35.77 35.17 -9.10
N ARG A 41 36.29 36.10 -8.29
CA ARG A 41 37.53 36.79 -8.61
C ARG A 41 38.73 36.34 -7.80
N LEU A 42 38.60 36.10 -6.50
CA LEU A 42 39.75 35.77 -5.67
C LEU A 42 39.94 34.26 -5.48
N GLU A 43 38.85 33.50 -5.35
CA GLU A 43 38.98 32.05 -5.41
C GLU A 43 39.52 31.61 -6.76
N LYS A 44 39.29 32.43 -7.80
CA LYS A 44 39.89 32.16 -9.11
C LYS A 44 41.40 32.01 -9.00
N GLU A 45 42.04 32.87 -8.20
CA GLU A 45 43.49 32.82 -8.07
C GLU A 45 43.95 31.54 -7.38
N ASN A 46 43.29 31.15 -6.29
CA ASN A 46 43.70 29.93 -5.59
C ASN A 46 43.40 28.69 -6.42
N LYS A 47 42.31 28.69 -7.18
CA LYS A 47 42.03 27.56 -8.06
C LYS A 47 43.10 27.43 -9.13
N GLU A 48 43.52 28.54 -9.73
CA GLU A 48 44.51 28.50 -10.79
C GLU A 48 45.87 28.03 -10.26
N LEU A 49 46.24 28.45 -9.05
CA LEU A 49 47.53 28.04 -8.51
C LEU A 49 47.62 26.52 -8.38
N ARG A 50 46.57 25.87 -7.87
CA ARG A 50 46.58 24.43 -7.79
C ARG A 50 46.33 23.79 -9.16
N LYS A 51 45.40 24.36 -9.94
CA LYS A 51 45.11 23.80 -11.25
C LYS A 51 46.35 23.71 -12.12
N LEU A 52 47.18 24.75 -12.11
CA LEU A 52 48.40 24.74 -12.92
C LEU A 52 49.32 23.59 -12.50
N VAL A 53 49.43 23.34 -11.20
CA VAL A 53 50.21 22.19 -10.74
C VAL A 53 49.57 20.90 -11.25
N LEU A 54 48.24 20.81 -11.17
CA LEU A 54 47.55 19.62 -11.69
C LEU A 54 47.72 19.51 -13.19
N GLN A 55 47.64 20.63 -13.92
CA GLN A 55 47.82 20.58 -15.37
C GLN A 55 49.22 20.10 -15.72
N LYS A 56 50.22 20.47 -14.93
CA LYS A 56 51.58 19.99 -15.19
C LYS A 56 51.64 18.46 -15.08
N ASP A 57 50.94 17.89 -14.10
CA ASP A 57 50.80 16.45 -14.06
C ASP A 57 50.06 15.94 -15.30
N ASP A 58 49.05 16.67 -15.74
CA ASP A 58 48.36 16.32 -16.97
C ASP A 58 49.27 16.49 -18.18
N LYS A 59 50.16 17.47 -18.13
CA LYS A 59 51.01 17.89 -19.24
C LYS A 59 50.24 18.74 -20.24
N GLY A 60 48.99 19.10 -19.92
CA GLY A 60 48.22 19.91 -20.85
C GLY A 60 48.85 21.26 -21.13
N ILE A 61 49.37 21.92 -20.09
CA ILE A 61 50.05 23.20 -20.31
C ILE A 61 51.30 23.01 -21.15
N HIS A 62 52.05 21.95 -20.89
CA HIS A 62 53.30 21.73 -21.62
C HIS A 62 53.05 21.43 -23.09
N HIS A 63 52.00 20.67 -23.40
CA HIS A 63 51.75 20.20 -24.75
C HIS A 63 50.39 20.71 -25.22
N ARG A 64 50.35 21.27 -26.43
CA ARG A 64 49.12 21.80 -26.98
C ARG A 64 48.26 20.66 -27.51
N LYS A 65 46.98 20.66 -27.13
CA LYS A 65 45.95 19.73 -27.55
C LYS A 65 46.12 18.35 -26.92
N LEU A 66 47.13 18.15 -26.05
CA LEU A 66 47.37 16.87 -25.41
C LEU A 66 47.29 17.06 -23.91
N LYS A 67 46.27 16.49 -23.28
CA LYS A 67 46.07 16.59 -21.85
C LYS A 67 45.27 15.40 -21.38
N LYS A 68 45.72 14.76 -20.29
CA LYS A 68 45.02 13.58 -19.78
C LYS A 68 43.65 13.97 -19.22
N SER A 69 43.55 15.16 -18.63
CA SER A 69 42.25 15.65 -18.18
C SER A 69 41.34 16.08 -19.33
N LEU A 70 41.87 16.12 -20.56
CA LEU A 70 41.02 16.42 -21.71
C LEU A 70 39.94 15.35 -21.89
N ILE A 71 40.31 14.08 -21.69
CA ILE A 71 39.32 13.01 -21.78
C ILE A 71 38.34 13.11 -20.63
N ASP A 72 38.79 13.63 -19.48
CA ASP A 72 37.90 13.78 -18.34
C ASP A 72 36.77 14.75 -18.62
N MET A 73 36.92 15.62 -19.62
CA MET A 73 35.81 16.46 -20.07
C MET A 73 34.66 15.62 -20.58
N TYR A 74 34.95 14.56 -21.34
CA TYR A 74 33.90 13.71 -21.87
C TYR A 74 33.08 13.09 -20.75
N SER A 75 33.76 12.57 -19.71
CA SER A 75 33.04 11.92 -18.62
C SER A 75 32.19 12.92 -17.84
N GLU A 76 32.70 14.13 -17.64
CA GLU A 76 31.94 15.14 -16.91
C GLU A 76 30.60 15.41 -17.57
N VAL A 77 30.59 15.46 -18.91
CA VAL A 77 29.34 15.69 -19.62
C VAL A 77 28.35 14.58 -19.34
N LEU A 78 28.82 13.32 -19.41
CA LEU A 78 27.94 12.19 -19.18
C LEU A 78 27.49 12.11 -17.72
N ASP A 79 28.36 12.50 -16.77
CA ASP A 79 27.99 12.42 -15.37
C ASP A 79 26.80 13.34 -15.08
N VAL A 80 26.81 14.55 -15.66
CA VAL A 80 25.66 15.44 -15.51
C VAL A 80 24.43 14.85 -16.19
N LEU A 81 24.62 14.27 -17.38
CA LEU A 81 23.50 13.69 -18.10
C LEU A 81 22.87 12.55 -17.31
N SER A 82 23.68 11.68 -16.72
CA SER A 82 23.14 10.58 -15.93
C SER A 82 22.39 11.09 -14.72
N ASP A 83 22.92 12.10 -14.04
CA ASP A 83 22.21 12.71 -12.92
C ASP A 83 20.97 13.44 -13.39
N TYR A 84 21.06 14.16 -14.51
CA TYR A 84 19.89 14.85 -15.04
C TYR A 84 18.81 13.85 -15.46
N ASP A 85 19.20 12.84 -16.24
CA ASP A 85 18.24 11.86 -16.74
C ASP A 85 18.98 10.56 -16.98
N ALA A 86 18.76 9.58 -16.11
CA ALA A 86 19.33 8.26 -16.26
C ALA A 86 18.45 7.32 -17.08
N SER A 87 17.28 7.77 -17.52
CA SER A 87 16.36 6.90 -18.25
C SER A 87 16.76 6.82 -19.72
N TYR A 88 16.11 5.90 -20.44
CA TYR A 88 16.43 5.67 -21.83
C TYR A 88 16.18 6.91 -22.68
N ASN A 89 15.27 7.80 -22.23
CA ASN A 89 14.95 8.98 -23.03
C ASN A 89 16.18 9.84 -23.28
N THR A 90 17.15 9.80 -22.37
CA THR A 90 18.41 10.52 -22.54
C THR A 90 19.60 9.61 -22.74
N GLN A 91 19.64 8.46 -22.04
CA GLN A 91 20.79 7.58 -22.12
C GLN A 91 20.99 7.00 -23.53
N ASP A 92 19.90 6.81 -24.26
CA ASP A 92 19.99 6.20 -25.59
C ASP A 92 20.72 7.07 -26.60
N HIS A 93 20.94 8.35 -26.31
CA HIS A 93 21.62 9.25 -27.22
C HIS A 93 23.04 9.60 -26.76
N LEU A 94 23.56 8.90 -25.75
CA LEU A 94 24.86 9.23 -25.19
C LEU A 94 25.92 8.30 -25.74
N PRO A 95 26.94 8.79 -26.45
CA PRO A 95 27.96 7.88 -26.99
C PRO A 95 28.70 7.14 -25.88
N ARG A 96 29.03 5.88 -26.16
CA ARG A 96 29.74 5.05 -25.21
C ARG A 96 30.27 3.83 -25.95
N VAL A 97 31.19 3.13 -25.31
CA VAL A 97 31.66 1.82 -25.75
C VAL A 97 31.25 0.81 -24.70
N VAL A 98 30.63 -0.29 -25.13
CA VAL A 98 30.10 -1.29 -24.21
C VAL A 98 30.76 -2.62 -24.50
N VAL A 99 30.84 -3.44 -23.47
CA VAL A 99 31.35 -4.81 -23.56
C VAL A 99 30.15 -5.73 -23.51
N VAL A 100 29.86 -6.40 -24.63
CA VAL A 100 28.66 -7.20 -24.78
C VAL A 100 29.07 -8.60 -25.19
N GLY A 101 28.55 -9.60 -24.48
CA GLY A 101 28.86 -10.98 -24.80
C GLY A 101 28.22 -11.90 -23.78
N ASP A 102 28.38 -13.19 -24.03
CA ASP A 102 27.83 -14.19 -23.11
C ASP A 102 28.52 -14.08 -21.76
N GLN A 103 27.73 -14.25 -20.69
CA GLN A 103 28.28 -14.12 -19.35
C GLN A 103 29.46 -15.06 -19.14
N SER A 104 29.32 -16.32 -19.58
CA SER A 104 30.41 -17.28 -19.43
C SER A 104 31.66 -16.88 -20.20
N ALA A 105 31.52 -16.00 -21.19
CA ALA A 105 32.67 -15.64 -22.02
C ALA A 105 33.78 -14.99 -21.22
N GLY A 106 33.47 -14.40 -20.07
CA GLY A 106 34.43 -13.57 -19.38
C GLY A 106 34.70 -12.32 -20.19
N LYS A 107 33.62 -11.72 -20.69
CA LYS A 107 33.74 -10.66 -21.68
C LYS A 107 34.54 -9.48 -21.12
N THR A 108 34.47 -9.25 -19.82
CA THR A 108 35.13 -8.09 -19.23
C THR A 108 36.64 -8.14 -19.43
N SER A 109 37.19 -9.31 -19.75
CA SER A 109 38.63 -9.47 -19.94
C SER A 109 39.20 -8.40 -20.86
N VAL A 110 38.41 -7.92 -21.82
CA VAL A 110 38.89 -6.89 -22.74
C VAL A 110 39.33 -5.64 -21.98
N LEU A 111 38.76 -5.39 -20.82
CA LEU A 111 39.10 -4.25 -19.99
C LEU A 111 39.98 -4.63 -18.81
N GLU A 112 39.87 -5.86 -18.31
CA GLU A 112 40.66 -6.29 -17.17
C GLU A 112 42.15 -6.13 -17.43
N MET A 113 42.61 -6.59 -18.60
CA MET A 113 44.03 -6.57 -18.91
C MET A 113 44.54 -5.19 -19.26
N ILE A 114 43.70 -4.16 -19.18
CA ILE A 114 44.11 -2.78 -19.37
C ILE A 114 44.38 -2.09 -18.04
N ALA A 115 43.33 -1.91 -17.22
CA ALA A 115 43.50 -1.34 -15.89
C ALA A 115 42.75 -2.13 -14.83
N GLN A 116 41.68 -2.82 -15.22
CA GLN A 116 40.71 -3.32 -14.24
C GLN A 116 41.10 -4.67 -13.64
N ALA A 117 42.12 -5.35 -14.16
CA ALA A 117 42.53 -6.61 -13.55
C ALA A 117 42.99 -6.42 -12.11
N ARG A 118 43.36 -5.20 -11.72
CA ARG A 118 43.90 -4.94 -10.40
C ARG A 118 42.83 -4.54 -9.39
N ILE A 119 41.79 -3.85 -9.82
CA ILE A 119 40.79 -3.31 -8.90
C ILE A 119 39.40 -3.88 -9.11
N PHE A 120 39.16 -4.62 -10.19
CA PHE A 120 37.82 -5.16 -10.38
C PHE A 120 37.75 -6.61 -9.91
N PRO A 121 36.79 -6.97 -9.06
CA PRO A 121 36.65 -8.39 -8.69
C PRO A 121 36.39 -9.24 -9.92
N ARG A 122 37.07 -10.38 -9.98
CA ARG A 122 36.96 -11.28 -11.11
C ARG A 122 37.20 -12.70 -10.62
N GLY A 123 37.40 -13.61 -11.56
CA GLY A 123 37.50 -15.02 -11.26
C GLY A 123 36.21 -15.76 -11.57
N SER A 124 36.33 -17.06 -11.78
CA SER A 124 35.18 -17.91 -12.07
C SER A 124 34.54 -18.40 -10.78
N GLY A 125 33.31 -18.89 -10.92
CA GLY A 125 32.58 -19.43 -9.79
C GLY A 125 31.22 -18.78 -9.62
N GLU A 126 31.11 -17.51 -10.01
CA GLU A 126 29.87 -16.78 -9.87
C GLU A 126 29.83 -15.67 -10.89
N MET A 127 28.62 -15.19 -11.17
CA MET A 127 28.47 -13.98 -11.96
C MET A 127 29.07 -12.80 -11.20
N MET A 128 29.97 -12.08 -11.85
CA MET A 128 30.63 -10.97 -11.19
C MET A 128 29.90 -9.66 -11.44
N THR A 129 29.79 -9.27 -12.71
CA THR A 129 29.11 -8.02 -13.03
C THR A 129 27.67 -8.07 -12.55
N ARG A 130 27.28 -7.06 -11.77
CA ARG A 130 25.94 -6.92 -11.26
C ARG A 130 25.18 -5.76 -11.87
N SER A 131 25.90 -4.72 -12.31
CA SER A 131 25.29 -3.57 -12.95
C SER A 131 26.32 -2.93 -13.86
N PRO A 132 25.91 -2.09 -14.80
CA PRO A 132 26.87 -1.48 -15.71
C PRO A 132 27.98 -0.77 -14.93
N VAL A 133 29.22 -1.06 -15.29
CA VAL A 133 30.39 -0.44 -14.69
C VAL A 133 31.13 0.30 -15.80
N LYS A 134 31.23 1.62 -15.67
CA LYS A 134 31.90 2.45 -16.66
C LYS A 134 33.26 2.85 -16.11
N VAL A 135 34.29 2.67 -16.92
CA VAL A 135 35.66 2.98 -16.54
C VAL A 135 36.17 4.06 -17.48
N THR A 136 36.55 5.20 -16.92
CA THR A 136 37.14 6.27 -17.71
C THR A 136 38.63 6.03 -17.80
N LEU A 137 39.12 5.69 -18.98
CA LEU A 137 40.51 5.35 -19.21
C LEU A 137 41.23 6.55 -19.79
N SER A 138 42.45 6.81 -19.30
CA SER A 138 43.20 7.98 -19.74
C SER A 138 44.69 7.70 -19.63
N GLU A 139 45.42 8.16 -20.64
CA GLU A 139 46.87 8.06 -20.63
C GLU A 139 47.46 8.89 -19.49
N GLY A 140 48.19 8.23 -18.60
CA GLY A 140 48.77 8.89 -17.46
C GLY A 140 49.54 7.94 -16.56
N PRO A 141 50.08 8.46 -15.46
CA PRO A 141 50.78 7.60 -14.51
C PRO A 141 49.80 6.76 -13.71
N HIS A 142 50.36 5.79 -12.99
CA HIS A 142 49.54 5.00 -12.08
C HIS A 142 48.87 5.92 -11.08
N HIS A 143 47.57 5.73 -10.89
CA HIS A 143 46.80 6.56 -9.98
C HIS A 143 45.54 5.81 -9.57
N VAL A 144 45.27 5.77 -8.26
CA VAL A 144 44.08 5.08 -7.78
C VAL A 144 42.86 5.65 -8.48
N ALA A 145 41.99 4.75 -8.93
CA ALA A 145 40.79 5.16 -9.64
C ALA A 145 39.82 5.83 -8.70
N LEU A 146 38.93 6.65 -9.26
CA LEU A 146 37.79 7.15 -8.52
C LEU A 146 36.75 6.04 -8.41
N PHE A 147 36.19 5.88 -7.21
CA PHE A 147 35.21 4.83 -6.94
C PHE A 147 33.89 5.50 -6.58
N LYS A 148 32.90 5.34 -7.46
CA LYS A 148 31.66 6.09 -7.34
C LYS A 148 31.93 7.60 -7.36
N ASP A 149 32.89 8.00 -8.18
CA ASP A 149 33.34 9.38 -8.30
C ASP A 149 33.97 9.91 -7.02
N SER A 150 34.27 9.04 -6.06
CA SER A 150 34.85 9.46 -4.80
C SER A 150 36.37 9.39 -4.88
N SER A 151 37.03 10.39 -4.30
CA SER A 151 38.48 10.44 -4.32
C SER A 151 39.06 9.30 -3.50
N ARG A 152 40.20 8.78 -3.95
CA ARG A 152 40.93 7.75 -3.24
C ARG A 152 42.41 8.04 -3.34
N GLU A 153 43.18 7.54 -2.38
CA GLU A 153 44.64 7.66 -2.37
C GLU A 153 45.21 6.27 -2.09
N PHE A 154 45.52 5.53 -3.16
CA PHE A 154 46.01 4.17 -3.05
C PHE A 154 47.09 3.93 -4.07
N ASP A 155 47.94 2.97 -3.77
CA ASP A 155 48.98 2.51 -4.69
C ASP A 155 48.41 1.35 -5.48
N LEU A 156 48.32 1.51 -6.80
CA LEU A 156 47.75 0.49 -7.66
C LEU A 156 48.73 -0.63 -7.98
N THR A 157 49.96 -0.57 -7.46
CA THR A 157 50.96 -1.60 -7.70
C THR A 157 51.18 -2.51 -6.50
N LYS A 158 50.43 -2.33 -5.42
CA LYS A 158 50.58 -3.14 -4.22
C LYS A 158 49.27 -3.82 -3.89
N GLU A 159 49.35 -5.07 -3.44
CA GLU A 159 48.17 -5.89 -3.24
C GLU A 159 47.30 -5.34 -2.12
N GLU A 160 47.91 -4.87 -1.04
CA GLU A 160 47.14 -4.42 0.11
C GLU A 160 46.18 -3.30 -0.26
N ASP A 161 46.63 -2.36 -1.08
CA ASP A 161 45.74 -1.29 -1.54
C ASP A 161 44.72 -1.83 -2.54
N LEU A 162 45.17 -2.66 -3.49
CA LEU A 162 44.27 -3.14 -4.52
C LEU A 162 43.14 -3.96 -3.94
N ALA A 163 43.44 -4.80 -2.94
CA ALA A 163 42.39 -5.63 -2.36
C ALA A 163 41.28 -4.79 -1.76
N ALA A 164 41.64 -3.72 -1.04
CA ALA A 164 40.63 -2.82 -0.52
C ALA A 164 39.85 -2.16 -1.64
N LEU A 165 40.52 -1.82 -2.74
CA LEU A 165 39.85 -1.21 -3.86
C LEU A 165 38.90 -2.18 -4.55
N ARG A 166 39.27 -3.46 -4.61
CA ARG A 166 38.37 -4.46 -5.16
C ARG A 166 37.11 -4.57 -4.31
N HIS A 167 37.26 -4.45 -2.99
CA HIS A 167 36.11 -4.49 -2.10
C HIS A 167 35.15 -3.36 -2.39
N GLU A 168 35.67 -2.16 -2.63
CA GLU A 168 34.82 -0.99 -2.83
C GLU A 168 33.89 -1.17 -4.01
N ILE A 169 34.41 -1.66 -5.14
CA ILE A 169 33.56 -1.87 -6.31
C ILE A 169 32.54 -2.96 -6.04
N GLU A 170 32.96 -4.04 -5.39
CA GLU A 170 32.03 -5.12 -5.10
C GLU A 170 30.84 -4.63 -4.28
N LEU A 171 31.09 -3.74 -3.33
CA LEU A 171 30.00 -3.20 -2.52
C LEU A 171 28.98 -2.47 -3.39
N ARG A 172 29.45 -1.66 -4.34
CA ARG A 172 28.53 -0.98 -5.24
C ARG A 172 27.80 -1.97 -6.13
N MET A 173 28.50 -3.00 -6.61
CA MET A 173 27.88 -3.97 -7.51
C MET A 173 26.69 -4.65 -6.87
N ARG A 174 26.86 -5.17 -5.64
CA ARG A 174 25.78 -5.90 -4.99
C ARG A 174 24.71 -4.95 -4.48
N LYS A 175 25.10 -3.81 -3.94
CA LYS A 175 24.11 -2.88 -3.40
C LYS A 175 23.17 -2.35 -4.49
N ASN A 176 23.65 -2.28 -5.72
CA ASN A 176 22.78 -1.85 -6.82
C ASN A 176 21.66 -2.85 -7.09
N VAL A 177 21.83 -4.10 -6.68
CA VAL A 177 20.87 -5.15 -6.98
C VAL A 177 19.84 -5.21 -5.86
N LYS A 178 18.57 -5.23 -6.23
CA LYS A 178 17.46 -5.34 -5.29
C LYS A 178 16.82 -6.73 -5.39
N GLU A 179 15.96 -7.02 -4.43
CA GLU A 179 15.30 -8.32 -4.39
C GLU A 179 14.50 -8.55 -5.65
N GLY A 180 14.52 -9.79 -6.14
CA GLY A 180 13.82 -10.19 -7.35
C GLY A 180 14.72 -10.40 -8.55
N CYS A 181 15.98 -10.00 -8.47
CA CYS A 181 16.91 -10.18 -9.57
C CYS A 181 18.32 -10.34 -9.00
N THR A 182 19.29 -10.52 -9.90
CA THR A 182 20.70 -10.52 -9.55
C THR A 182 21.49 -9.44 -10.27
N VAL A 183 20.85 -8.69 -11.16
CA VAL A 183 21.49 -7.65 -11.95
C VAL A 183 20.71 -6.37 -11.77
N SER A 184 21.40 -5.23 -11.90
CA SER A 184 20.78 -3.93 -11.72
C SER A 184 21.27 -2.97 -12.79
N PRO A 185 20.43 -2.04 -13.25
CA PRO A 185 20.92 -1.03 -14.21
C PRO A 185 21.75 0.07 -13.56
N GLU A 186 21.67 0.24 -12.24
CA GLU A 186 22.35 1.34 -11.59
C GLU A 186 23.85 1.25 -11.82
N THR A 187 24.43 2.30 -12.36
CA THR A 187 25.79 2.24 -12.88
C THR A 187 26.80 2.56 -11.79
N ILE A 188 28.04 2.16 -12.04
CA ILE A 188 29.18 2.43 -11.16
C ILE A 188 30.20 3.22 -11.95
N SER A 189 30.64 4.34 -11.39
CA SER A 189 31.53 5.27 -12.09
C SER A 189 32.96 5.06 -11.62
N LEU A 190 33.84 4.71 -12.55
CA LEU A 190 35.26 4.55 -12.28
C LEU A 190 36.06 5.41 -13.24
N ASN A 191 37.12 6.05 -12.71
CA ASN A 191 38.02 6.87 -13.51
C ASN A 191 39.44 6.58 -13.06
N VAL A 192 40.21 5.93 -13.92
CA VAL A 192 41.56 5.47 -13.58
C VAL A 192 42.55 6.00 -14.60
N LYS A 193 43.77 6.27 -14.14
CA LYS A 193 44.87 6.65 -15.00
C LYS A 193 46.00 5.62 -14.84
N GLY A 194 46.74 5.41 -15.93
CA GLY A 194 47.86 4.51 -15.91
C GLY A 194 48.43 4.30 -17.30
N PRO A 195 49.61 3.67 -17.35
CA PRO A 195 50.23 3.41 -18.66
C PRO A 195 49.43 2.38 -19.45
N GLY A 196 49.38 2.57 -20.76
CA GLY A 196 48.67 1.68 -21.63
C GLY A 196 47.18 1.96 -21.75
N LEU A 197 46.66 2.93 -21.02
CA LEU A 197 45.25 3.25 -21.04
C LEU A 197 44.93 4.24 -22.16
N GLN A 198 43.83 4.01 -22.86
CA GLN A 198 43.39 4.88 -23.93
C GLN A 198 42.30 5.81 -23.44
N ARG A 199 42.13 6.92 -24.15
CA ARG A 199 41.14 7.93 -23.78
C ARG A 199 39.79 7.50 -24.35
N MET A 200 38.96 6.92 -23.48
CA MET A 200 37.66 6.39 -23.89
C MET A 200 36.92 5.93 -22.65
N VAL A 201 35.61 5.72 -22.81
CA VAL A 201 34.75 5.23 -21.75
C VAL A 201 34.24 3.86 -22.17
N LEU A 202 34.64 2.82 -21.44
CA LEU A 202 34.25 1.45 -21.72
C LEU A 202 33.38 0.95 -20.58
N VAL A 203 32.23 0.39 -20.92
CA VAL A 203 31.22 -0.01 -19.94
C VAL A 203 31.08 -1.52 -20.00
N ASP A 204 31.28 -2.18 -18.85
CA ASP A 204 31.09 -3.62 -18.74
C ASP A 204 29.66 -3.88 -18.31
N LEU A 205 28.78 -4.04 -19.29
CA LEU A 205 27.40 -4.36 -18.99
C LEU A 205 27.32 -5.79 -18.44
N PRO A 206 26.34 -6.08 -17.58
CA PRO A 206 26.22 -7.42 -17.03
C PRO A 206 26.06 -8.46 -18.14
N GLY A 207 26.68 -9.62 -17.94
CA GLY A 207 26.64 -10.67 -18.96
C GLY A 207 25.25 -11.27 -19.09
N VAL A 208 24.84 -11.49 -20.34
CA VAL A 208 23.53 -12.08 -20.61
C VAL A 208 23.56 -13.57 -20.28
N ILE A 209 22.45 -14.08 -19.76
CA ILE A 209 22.29 -15.49 -19.43
C ILE A 209 21.14 -16.04 -20.25
N ASN A 210 21.41 -17.08 -21.04
CA ASN A 210 20.36 -17.71 -21.83
C ASN A 210 19.19 -18.14 -20.96
N THR A 211 19.48 -18.82 -19.86
CA THR A 211 18.44 -19.32 -18.97
C THR A 211 18.75 -18.93 -17.54
N VAL A 212 17.70 -18.66 -16.77
CA VAL A 212 17.84 -18.25 -15.37
C VAL A 212 17.81 -19.51 -14.52
N THR A 213 18.99 -19.92 -14.04
CA THR A 213 19.08 -21.10 -13.20
C THR A 213 18.46 -20.83 -11.84
N SER A 214 18.28 -21.90 -11.06
CA SER A 214 17.76 -21.77 -9.72
C SER A 214 18.71 -21.02 -8.79
N GLY A 215 19.97 -20.84 -9.19
CA GLY A 215 20.92 -20.07 -8.45
C GLY A 215 20.85 -18.58 -8.70
N MET A 216 19.93 -18.14 -9.56
CA MET A 216 19.73 -16.73 -9.84
C MET A 216 18.24 -16.43 -9.77
N ALA A 217 17.92 -15.19 -9.40
CA ALA A 217 16.54 -14.77 -9.31
C ALA A 217 15.89 -14.76 -10.70
N PRO A 218 14.58 -15.03 -10.77
CA PRO A 218 13.96 -15.29 -12.08
C PRO A 218 14.16 -14.19 -13.11
N ASP A 219 14.25 -12.93 -12.67
CA ASP A 219 14.27 -11.79 -13.58
C ASP A 219 15.67 -11.42 -14.06
N THR A 220 16.66 -12.28 -13.83
CA THR A 220 18.03 -11.93 -14.18
C THR A 220 18.19 -11.69 -15.68
N LYS A 221 17.70 -12.62 -16.50
CA LYS A 221 17.97 -12.52 -17.93
C LYS A 221 17.14 -11.42 -18.59
N GLU A 222 15.91 -11.21 -18.13
CA GLU A 222 15.11 -10.11 -18.67
C GLU A 222 15.74 -8.77 -18.30
N THR A 223 16.27 -8.65 -17.09
CA THR A 223 16.88 -7.39 -16.67
C THR A 223 18.11 -7.07 -17.50
N ILE A 224 18.93 -8.08 -17.78
CA ILE A 224 20.14 -7.85 -18.58
C ILE A 224 19.76 -7.34 -19.96
N PHE A 225 18.70 -7.92 -20.55
CA PHE A 225 18.23 -7.45 -21.85
C PHE A 225 17.86 -5.97 -21.80
N SER A 226 17.13 -5.56 -20.76
CA SER A 226 16.77 -4.16 -20.62
C SER A 226 18.00 -3.30 -20.46
N ILE A 227 18.96 -3.77 -19.66
CA ILE A 227 20.24 -3.06 -19.53
C ILE A 227 20.98 -3.07 -20.87
N SER A 228 20.84 -4.15 -21.63
CA SER A 228 21.47 -4.21 -22.94
C SER A 228 20.93 -3.15 -23.89
N LYS A 229 19.79 -2.53 -23.57
CA LYS A 229 19.26 -1.45 -24.39
C LYS A 229 20.17 -0.23 -24.38
N ALA A 230 21.15 -0.17 -23.47
CA ALA A 230 22.10 0.93 -23.48
C ALA A 230 22.79 1.06 -24.83
N TYR A 231 22.93 -0.06 -25.55
CA TYR A 231 23.47 -0.06 -26.91
C TYR A 231 22.45 -0.45 -27.96
N MET A 232 21.50 -1.33 -27.64
CA MET A 232 20.53 -1.77 -28.63
C MET A 232 19.69 -0.62 -29.15
N GLN A 233 19.46 0.40 -28.31
CA GLN A 233 18.70 1.57 -28.69
C GLN A 233 19.57 2.82 -28.75
N ASN A 234 20.89 2.65 -28.81
CA ASN A 234 21.82 3.77 -28.80
C ASN A 234 22.59 3.79 -30.11
N PRO A 235 22.22 4.65 -31.07
CA PRO A 235 23.04 4.79 -32.29
C PRO A 235 24.44 5.29 -32.03
N ASN A 236 24.69 5.90 -30.87
CA ASN A 236 26.01 6.44 -30.55
C ASN A 236 26.85 5.46 -29.74
N ALA A 237 26.40 4.22 -29.56
CA ALA A 237 27.13 3.24 -28.79
C ALA A 237 27.97 2.36 -29.70
N ILE A 238 29.18 2.03 -29.26
CA ILE A 238 30.05 1.08 -29.95
C ILE A 238 30.08 -0.20 -29.13
N ILE A 239 29.82 -1.31 -29.81
CA ILE A 239 29.61 -2.60 -29.15
C ILE A 239 30.81 -3.49 -29.46
N LEU A 240 31.43 -4.03 -28.41
CA LEU A 240 32.43 -5.08 -28.53
C LEU A 240 31.71 -6.40 -28.26
N CYS A 241 31.50 -7.18 -29.32
CA CYS A 241 30.79 -8.44 -29.21
C CYS A 241 31.81 -9.51 -28.81
N ILE A 242 31.57 -10.16 -27.67
CA ILE A 242 32.47 -11.19 -27.17
C ILE A 242 31.82 -12.54 -27.41
N GLN A 243 32.48 -13.36 -28.23
CA GLN A 243 32.07 -14.74 -28.44
C GLN A 243 32.81 -15.62 -27.44
N ASP A 244 32.06 -16.42 -26.69
CA ASP A 244 32.67 -17.31 -25.71
C ASP A 244 33.46 -18.36 -26.47
N GLY A 245 34.79 -18.22 -26.47
CA GLY A 245 35.62 -19.12 -27.24
C GLY A 245 35.58 -20.57 -26.77
N SER A 246 34.96 -20.82 -25.61
CA SER A 246 34.79 -22.19 -25.13
C SER A 246 33.70 -22.94 -25.87
N VAL A 247 32.81 -22.24 -26.58
CA VAL A 247 31.66 -22.86 -27.21
C VAL A 247 31.51 -22.32 -28.64
N ASP A 248 30.74 -23.05 -29.43
CA ASP A 248 30.53 -22.67 -30.83
C ASP A 248 29.64 -21.44 -30.94
N ALA A 249 29.83 -20.70 -32.05
CA ALA A 249 29.08 -19.47 -32.25
C ALA A 249 27.58 -19.71 -32.29
N GLU A 250 27.15 -20.88 -32.77
CA GLU A 250 25.72 -21.18 -32.87
C GLU A 250 25.05 -21.32 -31.51
N ARG A 251 25.83 -21.39 -30.43
CA ARG A 251 25.31 -21.46 -29.08
C ARG A 251 25.27 -20.10 -28.40
N SER A 252 25.60 -19.05 -29.12
CA SER A 252 25.81 -17.73 -28.54
C SER A 252 24.48 -17.00 -28.33
N ILE A 253 24.54 -16.00 -27.45
CA ILE A 253 23.43 -15.08 -27.24
C ILE A 253 23.70 -13.73 -27.91
N VAL A 254 24.95 -13.27 -27.85
CA VAL A 254 25.32 -11.93 -28.32
C VAL A 254 24.90 -11.72 -29.77
N THR A 255 24.79 -12.80 -30.54
CA THR A 255 24.48 -12.66 -31.96
C THR A 255 23.14 -11.96 -32.17
N ASP A 256 22.14 -12.29 -31.36
CA ASP A 256 20.83 -11.69 -31.53
C ASP A 256 20.74 -10.32 -30.87
N LEU A 257 21.46 -10.12 -29.77
CA LEU A 257 21.39 -8.84 -29.08
C LEU A 257 21.91 -7.70 -29.97
N VAL A 258 23.01 -7.95 -30.69
CA VAL A 258 23.63 -6.90 -31.48
C VAL A 258 23.08 -6.84 -32.89
N SER A 259 22.75 -8.00 -33.48
CA SER A 259 22.21 -7.99 -34.84
C SER A 259 20.89 -7.23 -34.92
N GLN A 260 20.15 -7.12 -33.81
CA GLN A 260 18.96 -6.30 -33.73
C GLN A 260 19.28 -4.86 -33.38
N MET A 261 20.54 -4.55 -33.08
CA MET A 261 21.00 -3.19 -32.83
C MET A 261 21.56 -2.56 -34.11
N ASP A 262 22.43 -3.27 -34.79
CA ASP A 262 23.01 -2.83 -36.06
C ASP A 262 23.38 -4.06 -36.88
N PRO A 263 22.48 -4.55 -37.74
CA PRO A 263 22.80 -5.78 -38.49
C PRO A 263 23.93 -5.60 -39.49
N HIS A 264 24.36 -4.37 -39.77
CA HIS A 264 25.45 -4.11 -40.69
C HIS A 264 26.80 -4.01 -40.00
N GLY A 265 26.83 -4.08 -38.67
CA GLY A 265 28.08 -4.01 -37.95
C GLY A 265 28.69 -2.63 -37.87
N ARG A 266 27.98 -1.60 -38.34
CA ARG A 266 28.55 -0.26 -38.37
C ARG A 266 28.81 0.28 -36.97
N ARG A 267 28.03 -0.17 -35.99
CA ARG A 267 28.14 0.33 -34.62
C ARG A 267 28.87 -0.64 -33.70
N THR A 268 29.58 -1.62 -34.26
CA THR A 268 30.13 -2.68 -33.42
C THR A 268 31.39 -3.27 -34.04
N ILE A 269 32.23 -3.82 -33.17
CA ILE A 269 33.38 -4.63 -33.56
C ILE A 269 33.25 -5.98 -32.84
N PHE A 270 33.48 -7.06 -33.56
CA PHE A 270 33.46 -8.38 -32.95
C PHE A 270 34.81 -8.70 -32.34
N VAL A 271 34.79 -9.23 -31.12
CA VAL A 271 35.99 -9.67 -30.42
C VAL A 271 35.71 -11.05 -29.84
N LEU A 272 36.74 -11.90 -29.81
CA LEU A 272 36.62 -13.24 -29.26
C LEU A 272 37.53 -13.37 -28.04
N THR A 273 37.04 -14.06 -27.02
CA THR A 273 37.80 -14.29 -25.80
C THR A 273 38.00 -15.79 -25.59
N LYS A 274 39.03 -16.11 -24.80
CA LYS A 274 39.32 -17.50 -24.42
C LYS A 274 39.48 -18.38 -25.66
N VAL A 275 40.17 -17.87 -26.67
CA VAL A 275 40.44 -18.67 -27.87
C VAL A 275 41.35 -19.83 -27.53
N ASP A 276 42.22 -19.66 -26.55
CA ASP A 276 43.19 -20.68 -26.18
C ASP A 276 42.52 -21.98 -25.72
N LEU A 277 41.24 -21.93 -25.36
CA LEU A 277 40.52 -23.16 -25.05
C LEU A 277 40.35 -24.03 -26.27
N ALA A 278 40.53 -23.48 -27.48
CA ALA A 278 40.45 -24.30 -28.67
C ALA A 278 41.52 -25.38 -28.68
N GLU A 279 42.67 -25.13 -28.05
CA GLU A 279 43.75 -26.10 -28.00
C GLU A 279 43.74 -26.92 -26.72
N LYS A 280 42.90 -26.59 -25.75
CA LYS A 280 42.62 -27.48 -24.64
C LYS A 280 41.52 -28.48 -24.97
N ASN A 281 40.82 -28.27 -26.09
CA ASN A 281 39.99 -29.27 -26.73
C ASN A 281 40.51 -29.45 -28.15
N VAL A 282 39.84 -30.30 -28.93
CA VAL A 282 40.24 -30.50 -30.30
C VAL A 282 40.00 -29.21 -31.08
N ALA A 283 41.08 -28.50 -31.41
CA ALA A 283 40.96 -27.24 -32.12
C ALA A 283 40.41 -27.46 -33.51
N SER A 284 39.60 -26.52 -33.98
CA SER A 284 39.04 -26.54 -35.33
C SER A 284 39.30 -25.19 -35.98
N PRO A 285 40.52 -24.97 -36.47
CA PRO A 285 40.83 -23.66 -37.07
C PRO A 285 39.91 -23.30 -38.23
N SER A 286 39.35 -24.29 -38.93
CA SER A 286 38.46 -23.96 -40.03
C SER A 286 37.24 -23.18 -39.56
N ARG A 287 36.84 -23.39 -38.30
CA ARG A 287 35.77 -22.58 -37.73
C ARG A 287 36.28 -21.19 -37.37
N ILE A 288 37.55 -21.10 -36.97
CA ILE A 288 38.15 -19.80 -36.68
C ILE A 288 38.21 -18.95 -37.96
N GLN A 289 38.50 -19.59 -39.09
CA GLN A 289 38.55 -18.83 -40.34
C GLN A 289 37.19 -18.24 -40.67
N GLN A 290 36.12 -18.97 -40.39
CA GLN A 290 34.79 -18.38 -40.49
C GLN A 290 34.59 -17.29 -39.44
N ILE A 291 35.18 -17.45 -38.26
CA ILE A 291 35.02 -16.45 -37.20
C ILE A 291 35.60 -15.12 -37.65
N ILE A 292 36.81 -15.13 -38.21
CA ILE A 292 37.42 -13.88 -38.65
C ILE A 292 36.62 -13.27 -39.79
N GLU A 293 36.04 -14.11 -40.65
CA GLU A 293 35.24 -13.63 -41.77
C GLU A 293 33.81 -13.29 -41.39
N GLY A 294 33.38 -13.63 -40.18
CA GLY A 294 32.06 -13.26 -39.72
C GLY A 294 30.91 -14.02 -40.38
N LYS A 295 31.19 -15.21 -40.93
CA LYS A 295 30.12 -15.99 -41.56
C LYS A 295 29.04 -16.38 -40.57
N LEU A 296 29.43 -16.71 -39.34
CA LEU A 296 28.51 -17.20 -38.32
C LEU A 296 28.15 -16.13 -37.30
N PHE A 297 28.41 -14.86 -37.61
CA PHE A 297 28.11 -13.73 -36.73
C PHE A 297 27.14 -12.81 -37.44
N PRO A 298 25.83 -12.93 -37.15
CA PRO A 298 24.82 -12.16 -37.90
C PRO A 298 25.01 -10.65 -37.89
N MET A 299 25.63 -10.09 -36.85
CA MET A 299 25.72 -8.63 -36.79
C MET A 299 26.72 -8.07 -37.77
N LYS A 300 27.51 -8.91 -38.43
CA LYS A 300 28.46 -8.47 -39.44
C LYS A 300 29.34 -7.33 -38.92
N ALA A 301 29.84 -7.52 -37.70
CA ALA A 301 30.60 -6.47 -37.03
C ALA A 301 31.78 -6.03 -37.88
N LEU A 302 32.05 -4.73 -37.86
CA LEU A 302 33.12 -4.16 -38.67
C LEU A 302 34.40 -4.06 -37.85
N GLY A 303 35.52 -3.95 -38.57
CA GLY A 303 36.83 -3.88 -37.97
C GLY A 303 37.48 -5.24 -37.87
N TYR A 304 38.71 -5.24 -37.37
CA TYR A 304 39.43 -6.50 -37.18
C TYR A 304 38.90 -7.20 -35.94
N PHE A 305 38.65 -8.50 -36.07
CA PHE A 305 38.09 -9.28 -34.97
C PHE A 305 39.25 -9.66 -34.04
N ALA A 306 39.50 -8.80 -33.06
CA ALA A 306 40.56 -9.05 -32.10
C ALA A 306 40.18 -10.23 -31.21
N VAL A 307 41.21 -10.82 -30.60
CA VAL A 307 41.02 -11.96 -29.71
C VAL A 307 41.77 -11.68 -28.41
N VAL A 308 41.14 -12.04 -27.29
CA VAL A 308 41.75 -11.93 -25.97
C VAL A 308 42.03 -13.33 -25.45
N THR A 309 43.23 -13.53 -24.92
CA THR A 309 43.62 -14.80 -24.32
C THR A 309 44.30 -14.54 -22.99
N GLY A 310 44.23 -15.52 -22.10
CA GLY A 310 44.84 -15.39 -20.80
C GLY A 310 45.10 -16.76 -20.22
N LYS A 311 46.00 -16.79 -19.22
CA LYS A 311 46.33 -18.05 -18.57
C LYS A 311 45.08 -18.68 -17.95
N GLY A 312 44.11 -17.86 -17.56
CA GLY A 312 42.93 -18.31 -16.84
C GLY A 312 43.04 -18.20 -15.34
N ASN A 313 44.24 -17.95 -14.82
CA ASN A 313 44.39 -17.68 -13.39
C ASN A 313 43.89 -16.28 -13.07
N SER A 314 43.18 -16.15 -11.96
CA SER A 314 42.55 -14.89 -11.58
C SER A 314 43.50 -13.93 -10.88
N SER A 315 44.77 -14.31 -10.72
CA SER A 315 45.78 -13.45 -10.12
C SER A 315 46.78 -12.92 -11.12
N GLU A 316 46.67 -13.32 -12.39
CA GLU A 316 47.63 -12.87 -13.40
C GLU A 316 47.62 -11.35 -13.49
N SER A 317 48.79 -10.75 -13.32
CA SER A 317 48.90 -9.29 -13.38
C SER A 317 48.67 -8.81 -14.80
N ILE A 318 48.40 -7.51 -14.93
CA ILE A 318 48.16 -6.93 -16.24
C ILE A 318 49.36 -7.14 -17.15
N GLU A 319 50.57 -6.93 -16.61
CA GLU A 319 51.77 -7.14 -17.40
C GLU A 319 51.92 -8.61 -17.79
N ALA A 320 51.61 -9.53 -16.86
CA ALA A 320 51.68 -10.94 -17.17
C ALA A 320 50.68 -11.31 -18.25
N ILE A 321 49.49 -10.73 -18.21
CA ILE A 321 48.47 -11.00 -19.22
C ILE A 321 48.95 -10.53 -20.59
N ARG A 322 49.54 -9.33 -20.66
CA ARG A 322 50.02 -8.82 -21.93
C ARG A 322 51.12 -9.68 -22.51
N GLU A 323 52.07 -10.11 -21.67
CA GLU A 323 53.16 -10.96 -22.16
C GLU A 323 52.63 -12.31 -22.61
N TYR A 324 51.72 -12.90 -21.83
CA TYR A 324 51.13 -14.18 -22.21
C TYR A 324 50.36 -14.04 -23.52
N GLU A 325 49.63 -12.94 -23.69
CA GLU A 325 48.84 -12.76 -24.91
C GLU A 325 49.72 -12.68 -26.14
N GLU A 326 50.83 -11.94 -26.05
CA GLU A 326 51.68 -11.76 -27.21
C GLU A 326 52.35 -13.07 -27.64
N GLU A 327 52.88 -13.82 -26.67
CA GLU A 327 53.55 -15.07 -27.01
C GLU A 327 52.59 -16.09 -27.59
N PHE A 328 51.38 -16.19 -27.01
CA PHE A 328 50.42 -17.19 -27.48
C PHE A 328 49.93 -16.86 -28.88
N PHE A 329 49.58 -15.60 -29.13
CA PHE A 329 49.03 -15.23 -30.44
C PHE A 329 50.07 -15.34 -31.55
N GLN A 330 51.35 -15.11 -31.22
CA GLN A 330 52.39 -15.14 -32.25
C GLN A 330 52.82 -16.56 -32.63
N ASN A 331 52.38 -17.57 -31.89
CA ASN A 331 52.79 -18.96 -32.14
C ASN A 331 51.63 -19.91 -32.34
N SER A 332 50.48 -19.66 -31.73
CA SER A 332 49.38 -20.62 -31.77
C SER A 332 48.91 -20.85 -33.20
N LYS A 333 48.71 -22.12 -33.55
CA LYS A 333 48.18 -22.44 -34.87
C LYS A 333 46.78 -21.86 -35.08
N LEU A 334 46.04 -21.60 -34.00
CA LEU A 334 44.72 -21.03 -34.15
C LEU A 334 44.77 -19.74 -34.97
N LEU A 335 45.83 -18.96 -34.82
CA LEU A 335 46.01 -17.73 -35.58
C LEU A 335 47.13 -17.80 -36.61
N LYS A 336 48.12 -18.68 -36.42
CA LYS A 336 49.22 -18.76 -37.37
C LYS A 336 48.87 -19.59 -38.59
N THR A 337 47.94 -20.54 -38.47
CA THR A 337 47.47 -21.33 -39.60
C THR A 337 46.16 -20.78 -40.18
N SER A 338 45.73 -19.60 -39.72
CA SER A 338 44.57 -18.91 -40.27
C SER A 338 44.95 -17.45 -40.44
N MET A 339 44.10 -16.69 -41.11
CA MET A 339 44.44 -15.32 -41.48
C MET A 339 44.10 -14.36 -40.33
N LEU A 340 44.76 -14.59 -39.19
CA LEU A 340 44.66 -13.72 -38.02
C LEU A 340 46.08 -13.41 -37.54
N LYS A 341 46.68 -12.36 -38.10
CA LYS A 341 48.04 -11.98 -37.72
C LYS A 341 48.05 -11.42 -36.31
N ALA A 342 49.02 -11.87 -35.50
CA ALA A 342 48.98 -11.59 -34.07
C ALA A 342 48.94 -10.10 -33.76
N HIS A 343 49.65 -9.28 -34.55
CA HIS A 343 49.73 -7.86 -34.24
C HIS A 343 48.40 -7.14 -34.45
N GLN A 344 47.47 -7.75 -35.17
CA GLN A 344 46.10 -7.23 -35.24
C GLN A 344 45.20 -7.86 -34.20
N VAL A 345 45.48 -9.11 -33.82
CA VAL A 345 44.68 -9.80 -32.82
C VAL A 345 44.90 -9.21 -31.44
N THR A 346 46.14 -8.87 -31.10
CA THR A 346 46.50 -8.46 -29.76
C THR A 346 45.51 -7.44 -29.20
N THR A 347 45.24 -7.55 -27.90
CA THR A 347 44.25 -6.68 -27.26
C THR A 347 44.63 -5.21 -27.42
N ARG A 348 45.93 -4.91 -27.36
CA ARG A 348 46.37 -3.52 -27.47
C ARG A 348 46.02 -2.91 -28.81
N ASN A 349 45.85 -3.73 -29.86
CA ASN A 349 45.35 -3.21 -31.13
C ASN A 349 43.87 -2.89 -31.03
N LEU A 350 43.11 -3.73 -30.33
CA LEU A 350 41.70 -3.46 -30.10
C LEU A 350 41.51 -2.17 -29.31
N SER A 351 42.31 -1.97 -28.26
CA SER A 351 42.18 -0.75 -27.46
C SER A 351 42.45 0.47 -28.31
N LEU A 352 43.48 0.42 -29.15
CA LEU A 352 43.73 1.53 -30.07
C LEU A 352 42.61 1.65 -31.10
N ALA A 353 42.22 0.52 -31.71
CA ALA A 353 41.16 0.58 -32.71
C ALA A 353 39.84 1.02 -32.10
N VAL A 354 39.54 0.57 -30.87
CA VAL A 354 38.33 1.00 -30.19
C VAL A 354 38.42 2.49 -29.86
N SER A 355 39.60 2.95 -29.45
CA SER A 355 39.79 4.38 -29.21
C SER A 355 39.65 5.18 -30.50
N ASP A 356 40.11 4.61 -31.62
CA ASP A 356 39.98 5.29 -32.90
C ASP A 356 38.50 5.43 -33.29
N CYS A 357 37.74 4.35 -33.18
CA CYS A 357 36.32 4.41 -33.48
C CYS A 357 35.57 5.22 -32.44
N PHE A 358 36.10 5.30 -31.21
CA PHE A 358 35.42 6.04 -30.16
C PHE A 358 35.31 7.52 -30.51
N TRP A 359 36.42 8.14 -30.89
CA TRP A 359 36.40 9.57 -31.18
C TRP A 359 35.71 9.87 -32.50
N LYS A 360 35.68 8.91 -33.43
CA LYS A 360 34.93 9.10 -34.67
C LYS A 360 33.46 9.34 -34.37
N MET A 361 32.85 8.48 -33.55
CA MET A 361 31.43 8.61 -33.24
C MET A 361 31.16 9.83 -32.37
N VAL A 362 32.04 10.13 -31.41
CA VAL A 362 31.75 11.16 -30.43
C VAL A 362 31.68 12.52 -31.08
N ARG A 363 32.65 12.84 -31.94
CA ARG A 363 32.68 14.15 -32.58
C ARG A 363 31.53 14.30 -33.58
N GLU A 364 31.17 13.22 -34.26
CA GLU A 364 30.12 13.30 -35.27
C GLU A 364 28.75 13.55 -34.65
N SER A 365 28.44 12.85 -33.55
CA SER A 365 27.11 12.87 -32.98
C SER A 365 26.95 13.86 -31.85
N VAL A 366 28.03 14.32 -31.23
CA VAL A 366 27.90 15.17 -30.04
C VAL A 366 27.23 16.48 -30.38
N GLU A 367 27.49 17.03 -31.57
CA GLU A 367 26.91 18.31 -31.93
C GLU A 367 25.40 18.22 -32.08
N GLN A 368 24.88 17.04 -32.44
CA GLN A 368 23.43 16.86 -32.52
C GLN A 368 22.79 17.01 -31.15
N GLN A 369 23.47 16.58 -30.09
CA GLN A 369 22.92 16.70 -28.75
C GLN A 369 22.74 18.16 -28.36
N ALA A 370 23.68 19.02 -28.72
CA ALA A 370 23.57 20.43 -28.36
C ALA A 370 22.31 21.05 -28.95
N ASP A 371 22.00 20.73 -30.21
CA ASP A 371 20.77 21.21 -30.81
C ASP A 371 19.56 20.57 -30.15
N SER A 372 19.65 19.28 -29.82
CA SER A 372 18.51 18.60 -29.21
C SER A 372 18.18 19.17 -27.84
N PHE A 373 19.20 19.38 -27.00
CA PHE A 373 18.95 19.92 -25.66
C PHE A 373 18.45 21.35 -25.73
N LYS A 374 19.02 22.15 -26.65
CA LYS A 374 18.54 23.51 -26.80
C LYS A 374 17.09 23.54 -27.26
N ALA A 375 16.73 22.70 -28.23
CA ALA A 375 15.34 22.59 -28.63
C ALA A 375 14.47 22.13 -27.47
N THR A 376 14.99 21.22 -26.66
CA THR A 376 14.25 20.75 -25.49
C THR A 376 13.95 21.91 -24.54
N ARG A 377 14.96 22.73 -24.26
CA ARG A 377 14.77 23.83 -23.32
C ARG A 377 13.73 24.82 -23.83
N PHE A 378 13.79 25.17 -25.11
CA PHE A 378 12.84 26.12 -25.66
C PHE A 378 11.41 25.59 -25.59
N ASN A 379 11.23 24.31 -25.93
CA ASN A 379 9.90 23.72 -25.85
C ASN A 379 9.44 23.62 -24.40
N LEU A 380 10.35 23.30 -23.48
CA LEU A 380 9.99 23.23 -22.07
C LEU A 380 9.71 24.62 -21.51
N GLU A 381 10.55 25.60 -21.84
CA GLU A 381 10.34 26.95 -21.33
C GLU A 381 9.06 27.55 -21.89
N THR A 382 8.77 27.31 -23.16
CA THR A 382 7.55 27.87 -23.75
C THR A 382 6.32 27.36 -23.02
N GLU A 383 6.21 26.03 -22.87
CA GLU A 383 5.06 25.49 -22.17
C GLU A 383 5.10 25.81 -20.69
N TRP A 384 6.27 25.68 -20.06
CA TRP A 384 6.38 25.95 -18.64
C TRP A 384 6.05 27.40 -18.32
N LYS A 385 6.58 28.32 -19.12
CA LYS A 385 6.29 29.74 -18.90
C LYS A 385 4.83 30.05 -19.17
N ASN A 386 4.25 29.49 -20.23
CA ASN A 386 2.86 29.78 -20.55
C ASN A 386 1.93 29.29 -19.45
N ASN A 387 2.18 28.10 -18.91
CA ASN A 387 1.36 27.60 -17.81
C ASN A 387 1.70 28.29 -16.49
N TYR A 388 2.94 28.76 -16.34
CA TYR A 388 3.39 29.44 -15.13
C TYR A 388 4.04 30.76 -15.53
N PRO A 389 3.24 31.71 -16.02
CA PRO A 389 3.83 32.99 -16.43
C PRO A 389 4.47 33.76 -15.28
N ARG A 390 4.00 33.55 -14.05
CA ARG A 390 4.56 34.28 -12.92
C ARG A 390 6.03 33.95 -12.73
N LEU A 391 6.40 32.69 -12.87
CA LEU A 391 7.74 32.21 -12.58
C LEU A 391 8.49 32.07 -13.90
N ARG A 392 9.27 33.10 -14.24
CA ARG A 392 10.19 32.98 -15.38
C ARG A 392 11.40 32.14 -15.01
N GLU A 393 11.90 32.30 -13.79
CA GLU A 393 12.98 31.46 -13.26
C GLU A 393 12.59 30.98 -11.88
N LEU A 394 12.65 29.68 -11.65
CA LEU A 394 12.32 29.10 -10.36
C LEU A 394 13.34 28.03 -10.02
N ASP A 395 13.57 27.85 -8.72
CA ASP A 395 14.37 26.75 -8.22
C ASP A 395 13.73 26.23 -6.94
N ARG A 396 14.01 24.96 -6.64
CA ARG A 396 13.49 24.38 -5.41
C ARG A 396 14.09 25.01 -4.17
N ASN A 397 15.28 25.63 -4.29
CA ASN A 397 15.83 26.37 -3.17
C ASN A 397 15.12 27.70 -3.00
N GLU A 398 14.78 28.36 -4.10
CA GLU A 398 14.01 29.59 -4.03
C GLU A 398 12.60 29.31 -3.52
N LEU A 399 12.01 28.19 -3.94
CA LEU A 399 10.66 27.85 -3.51
C LEU A 399 10.61 27.66 -2.00
N PHE A 400 11.59 26.94 -1.44
CA PHE A 400 11.59 26.67 -0.01
C PHE A 400 11.75 27.96 0.79
N GLU A 401 12.72 28.79 0.41
CA GLU A 401 13.02 29.98 1.19
C GLU A 401 11.84 30.95 1.21
N LYS A 402 11.14 31.10 0.10
CA LYS A 402 9.94 31.94 0.09
C LYS A 402 8.95 31.45 1.13
N ALA A 403 8.73 30.13 1.18
CA ALA A 403 7.85 29.58 2.21
C ALA A 403 8.43 29.82 3.60
N LYS A 404 9.74 29.65 3.75
CA LYS A 404 10.37 29.88 5.05
C LYS A 404 10.06 31.28 5.57
N ASN A 405 10.24 32.29 4.72
CA ASN A 405 9.92 33.65 5.13
C ASN A 405 8.41 33.83 5.27
N GLU A 406 7.65 33.29 4.33
CA GLU A 406 6.20 33.44 4.38
C GLU A 406 5.63 32.84 5.67
N ILE A 407 6.11 31.66 6.05
CA ILE A 407 5.62 31.01 7.25
C ILE A 407 5.96 31.85 8.48
N LEU A 408 7.20 32.31 8.58
CA LEU A 408 7.61 33.10 9.72
C LEU A 408 6.84 34.42 9.77
N ASP A 409 6.54 34.99 8.60
CA ASP A 409 5.75 36.21 8.56
C ASP A 409 4.34 35.98 9.06
N GLU A 410 3.72 34.86 8.66
CA GLU A 410 2.35 34.58 9.08
C GLU A 410 2.28 34.32 10.57
N VAL A 411 3.22 33.55 11.12
CA VAL A 411 3.17 33.28 12.55
C VAL A 411 3.40 34.57 13.34
N ILE A 412 4.22 35.47 12.83
CA ILE A 412 4.33 36.79 13.44
C ILE A 412 3.00 37.52 13.32
N SER A 413 2.37 37.45 12.15
CA SER A 413 1.06 38.06 11.99
C SER A 413 0.07 37.45 12.96
N LEU A 414 0.18 36.15 13.22
CA LEU A 414 -0.62 35.53 14.27
C LEU A 414 -0.33 36.18 15.62
N SER A 415 0.94 36.50 15.87
CA SER A 415 1.29 37.19 17.11
C SER A 415 0.74 38.61 17.16
N GLN A 416 0.22 39.13 16.04
CA GLN A 416 -0.39 40.45 16.00
C GLN A 416 -1.88 40.43 16.22
N VAL A 417 -2.47 39.26 16.51
CA VAL A 417 -3.89 39.18 16.77
C VAL A 417 -4.18 39.88 18.10
N THR A 418 -5.18 40.75 18.08
CA THR A 418 -5.46 41.57 19.25
C THR A 418 -5.96 40.70 20.40
N PRO A 419 -5.67 41.08 21.65
CA PRO A 419 -6.29 40.37 22.78
C PRO A 419 -7.79 40.29 22.70
N LYS A 420 -8.43 41.31 22.14
CA LYS A 420 -9.88 41.30 22.01
C LYS A 420 -10.37 40.01 21.36
N HIS A 421 -9.69 39.56 20.31
CA HIS A 421 -10.09 38.32 19.65
C HIS A 421 -9.78 37.11 20.52
N TRP A 422 -8.62 37.10 21.16
CA TRP A 422 -8.26 35.98 22.00
C TRP A 422 -9.24 35.82 23.16
N GLU A 423 -9.52 36.92 23.86
CA GLU A 423 -10.39 36.84 25.03
C GLU A 423 -11.81 36.42 24.63
N GLU A 424 -12.33 36.98 23.54
CA GLU A 424 -13.67 36.62 23.09
C GLU A 424 -13.72 35.18 22.59
N ILE A 425 -12.72 34.77 21.80
CA ILE A 425 -12.73 33.43 21.25
C ILE A 425 -12.53 32.40 22.34
N LEU A 426 -11.56 32.63 23.22
CA LEU A 426 -11.30 31.70 24.32
C LEU A 426 -12.51 31.61 25.25
N GLN A 427 -13.10 32.76 25.58
CA GLN A 427 -14.25 32.74 26.49
C GLN A 427 -15.44 32.04 25.84
N GLN A 428 -15.72 32.36 24.58
CA GLN A 428 -16.87 31.75 23.92
C GLN A 428 -16.67 30.24 23.73
N SER A 429 -15.47 29.84 23.29
CA SER A 429 -15.22 28.43 23.05
C SER A 429 -15.25 27.63 24.34
N LEU A 430 -14.58 28.13 25.38
CA LEU A 430 -14.50 27.38 26.63
C LEU A 430 -15.86 27.23 27.29
N TRP A 431 -16.65 28.30 27.35
CA TRP A 431 -17.96 28.22 27.96
C TRP A 431 -18.84 27.21 27.24
N GLU A 432 -18.83 27.24 25.90
CA GLU A 432 -19.63 26.29 25.15
C GLU A 432 -19.24 24.85 25.47
N ARG A 433 -17.96 24.62 25.78
CA ARG A 433 -17.51 23.28 26.14
C ARG A 433 -18.06 22.86 27.49
N VAL A 434 -18.19 23.80 28.43
CA VAL A 434 -18.63 23.51 29.78
C VAL A 434 -20.01 24.08 30.05
N SER A 435 -20.71 24.54 29.01
CA SER A 435 -22.03 25.15 29.22
C SER A 435 -23.05 24.13 29.71
N THR A 436 -22.95 22.88 29.25
CA THR A 436 -23.91 21.86 29.65
C THR A 436 -23.54 21.16 30.95
N HIS A 437 -22.24 21.06 31.26
CA HIS A 437 -21.85 20.40 32.51
C HIS A 437 -22.45 21.09 33.71
N VAL A 438 -22.35 22.42 33.76
CA VAL A 438 -22.94 23.17 34.85
C VAL A 438 -24.46 23.01 34.84
N ILE A 439 -25.08 23.14 33.67
CA ILE A 439 -26.53 23.07 33.59
C ILE A 439 -27.01 21.71 34.06
N GLU A 440 -26.42 20.64 33.50
CA GLU A 440 -26.95 19.30 33.72
C GLU A 440 -26.46 18.71 35.03
N ASN A 441 -25.20 18.94 35.39
CA ASN A 441 -24.60 18.27 36.54
C ASN A 441 -24.58 19.14 37.79
N ILE A 442 -24.73 20.45 37.66
CA ILE A 442 -24.67 21.37 38.79
C ILE A 442 -26.00 22.09 38.98
N TYR A 443 -26.46 22.83 37.97
CA TYR A 443 -27.62 23.68 38.14
C TYR A 443 -28.90 22.86 38.29
N LEU A 444 -29.24 22.08 37.28
CA LEU A 444 -30.54 21.41 37.27
C LEU A 444 -30.78 20.57 38.52
N PRO A 445 -29.86 19.70 38.95
CA PRO A 445 -30.11 18.99 40.21
C PRO A 445 -30.20 19.91 41.40
N ALA A 446 -29.46 21.02 41.39
CA ALA A 446 -29.60 22.00 42.47
C ALA A 446 -30.96 22.69 42.42
N ALA A 447 -31.56 22.80 41.24
CA ALA A 447 -32.86 23.43 41.10
C ALA A 447 -33.98 22.57 41.66
N GLN A 448 -33.69 21.34 42.08
CA GLN A 448 -34.73 20.45 42.58
C GLN A 448 -35.17 20.79 43.99
N THR A 449 -34.45 21.67 44.68
CA THR A 449 -34.82 22.12 46.02
C THR A 449 -35.28 23.57 45.97
N MET A 450 -36.21 23.91 46.85
CA MET A 450 -36.69 25.28 46.98
C MET A 450 -35.84 26.09 47.95
N ASN A 451 -34.81 25.48 48.55
CA ASN A 451 -33.92 26.16 49.46
C ASN A 451 -32.81 26.81 48.65
N SER A 452 -32.89 28.12 48.46
CA SER A 452 -31.88 28.79 47.65
C SER A 452 -30.50 28.71 48.29
N GLY A 453 -30.45 28.68 49.62
CA GLY A 453 -29.16 28.52 50.29
C GLY A 453 -28.51 27.20 49.95
N THR A 454 -29.28 26.11 50.04
CA THR A 454 -28.78 24.81 49.60
C THR A 454 -28.41 24.85 48.13
N PHE A 455 -29.27 25.46 47.31
CA PHE A 455 -28.98 25.57 45.89
C PHE A 455 -27.61 26.20 45.66
N ASN A 456 -27.38 27.36 46.27
CA ASN A 456 -26.08 28.01 46.11
C ASN A 456 -24.98 27.22 46.81
N THR A 457 -25.28 26.66 47.98
CA THR A 457 -24.29 25.85 48.68
C THR A 457 -23.91 24.62 47.86
N THR A 458 -24.90 23.95 47.27
CA THR A 458 -24.64 22.73 46.51
C THR A 458 -23.75 23.01 45.32
N VAL A 459 -24.04 24.08 44.58
CA VAL A 459 -23.29 24.35 43.36
C VAL A 459 -21.87 24.79 43.69
N ASP A 460 -21.72 25.64 44.71
CA ASP A 460 -20.40 26.16 45.04
C ASP A 460 -19.44 25.03 45.38
N ILE A 461 -19.91 24.04 46.14
CA ILE A 461 -19.06 22.90 46.48
C ILE A 461 -18.68 22.14 45.22
N LYS A 462 -19.65 21.88 44.35
CA LYS A 462 -19.36 21.18 43.10
C LYS A 462 -18.41 22.01 42.24
N LEU A 463 -18.64 23.31 42.13
CA LEU A 463 -17.82 24.14 41.27
C LEU A 463 -16.37 24.16 41.73
N LYS A 464 -16.14 24.32 43.03
CA LYS A 464 -14.77 24.36 43.52
C LYS A 464 -14.06 23.04 43.27
N GLN A 465 -14.74 21.92 43.53
CA GLN A 465 -14.17 20.63 43.20
C GLN A 465 -14.02 20.47 41.70
N TRP A 466 -15.06 20.86 40.95
CA TRP A 466 -14.97 20.85 39.48
C TRP A 466 -13.88 21.79 39.01
N THR A 467 -13.78 22.96 39.64
CA THR A 467 -12.77 23.93 39.24
C THR A 467 -11.37 23.35 39.38
N ASP A 468 -11.08 22.72 40.51
CA ASP A 468 -9.73 22.22 40.75
C ASP A 468 -9.33 21.16 39.73
N LYS A 469 -10.28 20.31 39.33
CA LYS A 469 -9.94 19.12 38.58
C LYS A 469 -10.07 19.31 37.06
N GLN A 470 -11.04 20.08 36.60
CA GLN A 470 -11.36 20.12 35.18
C GLN A 470 -11.14 21.49 34.55
N LEU A 471 -11.64 22.56 35.16
CA LEU A 471 -11.70 23.84 34.48
C LEU A 471 -10.36 24.31 33.92
N PRO A 472 -9.27 24.35 34.69
CA PRO A 472 -8.00 24.83 34.11
C PRO A 472 -7.41 23.87 33.10
N ASN A 473 -7.77 22.58 33.17
CA ASN A 473 -7.26 21.64 32.18
C ASN A 473 -7.99 21.78 30.85
N LYS A 474 -9.31 22.00 30.89
CA LYS A 474 -10.04 22.27 29.66
C LYS A 474 -9.71 23.65 29.13
N ALA A 475 -9.51 24.62 30.02
CA ALA A 475 -9.25 25.98 29.59
C ALA A 475 -7.95 26.06 28.79
N VAL A 476 -6.89 25.42 29.28
CA VAL A 476 -5.63 25.43 28.55
C VAL A 476 -5.78 24.71 27.22
N GLU A 477 -6.48 23.57 27.22
CA GLU A 477 -6.67 22.84 25.97
C GLU A 477 -7.37 23.71 24.93
N VAL A 478 -8.40 24.44 25.34
CA VAL A 478 -9.07 25.34 24.42
C VAL A 478 -8.10 26.40 23.91
N ALA A 479 -7.31 26.98 24.82
CA ALA A 479 -6.33 27.97 24.42
C ALA A 479 -5.28 27.36 23.51
N TRP A 480 -4.80 26.17 23.84
CA TRP A 480 -3.83 25.51 22.99
C TRP A 480 -4.41 25.26 21.60
N GLU A 481 -5.63 24.73 21.55
CA GLU A 481 -6.29 24.52 20.26
C GLU A 481 -6.63 25.85 19.59
N THR A 482 -7.12 26.81 20.36
CA THR A 482 -7.53 28.08 19.77
C THR A 482 -6.38 28.75 19.04
N LEU A 483 -5.20 28.75 19.65
CA LEU A 483 -4.03 29.30 18.97
C LEU A 483 -3.72 28.53 17.69
N GLN A 484 -3.78 27.21 17.74
CA GLN A 484 -3.52 26.41 16.55
C GLN A 484 -4.58 26.63 15.49
N GLU A 485 -5.83 26.85 15.91
CA GLU A 485 -6.89 27.09 14.94
C GLU A 485 -6.63 28.36 14.14
N GLU A 486 -6.24 29.44 14.81
CA GLU A 486 -5.89 30.66 14.10
C GLU A 486 -4.57 30.49 13.35
N PHE A 487 -3.61 29.78 13.95
CA PHE A 487 -2.34 29.54 13.27
C PHE A 487 -2.56 28.84 11.94
N SER A 488 -3.39 27.80 11.93
CA SER A 488 -3.68 27.10 10.69
C SER A 488 -4.33 28.02 9.67
N ARG A 489 -5.26 28.87 10.12
CA ARG A 489 -5.88 29.83 9.21
C ARG A 489 -4.85 30.81 8.67
N PHE A 490 -3.99 31.34 9.54
CA PHE A 490 -2.91 32.20 9.07
C PHE A 490 -1.94 31.41 8.19
N MET A 491 -1.70 30.15 8.55
CA MET A 491 -0.65 29.39 7.87
C MET A 491 -1.07 29.00 6.46
N THR A 492 -2.14 28.21 6.33
CA THR A 492 -2.47 27.56 5.07
C THR A 492 -3.79 28.02 4.45
N GLU A 493 -4.53 28.92 5.09
CA GLU A 493 -5.79 29.34 4.51
C GLU A 493 -5.53 30.15 3.23
N PRO A 494 -6.28 29.92 2.16
CA PRO A 494 -6.04 30.67 0.93
C PRO A 494 -6.42 32.13 1.07
N LYS A 495 -5.75 32.97 0.29
CA LYS A 495 -6.11 34.38 0.17
C LYS A 495 -7.22 34.51 -0.88
N GLY A 496 -8.40 34.06 -0.47
CA GLY A 496 -9.51 33.98 -1.40
C GLY A 496 -9.25 32.96 -2.50
N LYS A 497 -9.27 33.40 -3.76
CA LYS A 497 -9.02 32.52 -4.89
C LYS A 497 -7.55 32.42 -5.25
N GLU A 498 -6.69 33.22 -4.63
CA GLU A 498 -5.24 33.16 -4.87
C GLU A 498 -4.59 32.39 -3.73
N HIS A 499 -3.90 31.30 -4.07
CA HIS A 499 -3.26 30.48 -3.06
C HIS A 499 -2.13 29.69 -3.68
N ASP A 500 -0.98 29.65 -3.00
CA ASP A 500 0.15 28.83 -3.42
C ASP A 500 0.06 27.51 -2.67
N ASP A 501 -0.70 26.57 -3.24
CA ASP A 501 -0.82 25.25 -2.64
C ASP A 501 0.50 24.49 -2.63
N ILE A 502 1.46 24.91 -3.46
CA ILE A 502 2.75 24.25 -3.51
C ILE A 502 3.44 24.26 -2.16
N PHE A 503 3.06 25.18 -1.26
CA PHE A 503 3.71 25.32 0.04
C PHE A 503 2.95 24.62 1.15
N ASP A 504 1.80 24.03 0.87
CA ASP A 504 0.96 23.52 1.95
C ASP A 504 1.57 22.29 2.61
N LYS A 505 2.29 21.47 1.86
CA LYS A 505 2.90 20.29 2.47
C LYS A 505 3.90 20.69 3.55
N LEU A 506 4.78 21.65 3.24
CA LEU A 506 5.75 22.12 4.23
C LEU A 506 5.05 22.79 5.40
N LYS A 507 4.04 23.63 5.10
CA LYS A 507 3.35 24.37 6.16
C LYS A 507 2.75 23.43 7.19
N GLU A 508 2.02 22.41 6.73
CA GLU A 508 1.44 21.45 7.66
C GLU A 508 2.52 20.59 8.30
N ALA A 509 3.54 20.21 7.52
CA ALA A 509 4.65 19.46 8.09
C ALA A 509 5.36 20.24 9.18
N VAL A 510 5.56 21.54 8.94
CA VAL A 510 6.17 22.38 9.96
C VAL A 510 5.26 22.47 11.18
N LYS A 511 3.96 22.65 10.95
CA LYS A 511 3.03 22.77 12.06
C LYS A 511 3.10 21.56 12.97
N GLU A 512 3.08 20.37 12.39
CA GLU A 512 3.06 19.15 13.21
C GLU A 512 4.26 19.09 14.14
N GLU A 513 5.45 19.41 13.63
CA GLU A 513 6.63 19.46 14.48
C GLU A 513 6.53 20.59 15.50
N SER A 514 6.02 21.75 15.08
CA SER A 514 5.93 22.88 16.00
C SER A 514 4.90 22.66 17.09
N ILE A 515 3.78 22.01 16.77
CA ILE A 515 2.78 21.74 17.80
C ILE A 515 3.28 20.66 18.75
N LYS A 516 3.99 19.66 18.23
CA LYS A 516 4.57 18.65 19.10
C LYS A 516 5.52 19.29 20.10
N ARG A 517 6.27 20.30 19.68
CA ARG A 517 7.15 21.05 20.56
C ARG A 517 6.44 22.18 21.28
N HIS A 518 5.16 22.40 20.99
CA HIS A 518 4.40 23.46 21.65
C HIS A 518 3.86 22.89 22.95
N LYS A 519 4.67 22.97 24.00
CA LYS A 519 4.29 22.49 25.33
C LYS A 519 3.80 23.69 26.13
N TRP A 520 2.49 23.76 26.35
CA TRP A 520 1.92 24.88 27.09
C TRP A 520 2.49 24.91 28.51
N ASN A 521 2.67 26.11 29.04
CA ASN A 521 3.20 26.27 30.38
C ASN A 521 2.47 25.35 31.35
N ASP A 522 3.23 24.51 32.04
CA ASP A 522 2.67 23.48 32.91
C ASP A 522 2.08 24.03 34.19
N PHE A 523 2.29 25.31 34.49
CA PHE A 523 1.80 25.92 35.72
C PHE A 523 0.66 26.91 35.44
N ALA A 524 0.23 27.03 34.19
CA ALA A 524 -0.89 27.90 33.87
C ALA A 524 -2.14 27.52 34.65
N GLU A 525 -2.32 26.22 34.91
CA GLU A 525 -3.51 25.75 35.59
C GLU A 525 -3.56 26.22 37.03
N ASP A 526 -2.41 26.32 37.69
CA ASP A 526 -2.39 26.73 39.08
C ASP A 526 -2.87 28.16 39.25
N SER A 527 -2.46 29.05 38.36
CA SER A 527 -2.96 30.42 38.40
C SER A 527 -4.46 30.45 38.17
N LEU A 528 -4.95 29.66 37.20
CA LEU A 528 -6.37 29.66 36.89
C LEU A 528 -7.18 29.14 38.07
N ARG A 529 -6.68 28.13 38.77
CA ARG A 529 -7.41 27.61 39.93
C ARG A 529 -7.64 28.70 40.96
N VAL A 530 -6.59 29.47 41.28
CA VAL A 530 -6.73 30.57 42.21
C VAL A 530 -7.72 31.60 41.66
N ILE A 531 -7.58 31.92 40.38
CA ILE A 531 -8.48 32.90 39.76
C ILE A 531 -9.91 32.40 39.83
N GLN A 532 -10.13 31.15 39.42
CA GLN A 532 -11.49 30.62 39.35
C GLN A 532 -12.09 30.50 40.74
N HIS A 533 -11.30 30.13 41.74
CA HIS A 533 -11.81 30.10 43.10
C HIS A 533 -12.24 31.49 43.55
N ASN A 534 -11.45 32.51 43.22
CA ASN A 534 -11.81 33.87 43.60
C ASN A 534 -13.00 34.37 42.78
N ALA A 535 -13.04 34.04 41.49
CA ALA A 535 -14.17 34.47 40.66
C ALA A 535 -15.47 33.87 41.16
N LEU A 536 -15.44 32.60 41.58
CA LEU A 536 -16.62 31.97 42.15
C LEU A 536 -16.88 32.44 43.57
N GLU A 537 -15.82 32.71 44.34
CA GLU A 537 -16.01 33.09 45.73
C GLU A 537 -16.70 34.44 45.84
N ASP A 538 -16.36 35.38 44.96
CA ASP A 538 -17.00 36.69 44.93
C ASP A 538 -18.29 36.57 44.15
N ARG A 539 -19.41 36.48 44.87
CA ARG A 539 -20.73 36.40 44.27
C ARG A 539 -21.52 37.69 44.39
N SER A 540 -20.86 38.79 44.75
CA SER A 540 -21.55 40.06 44.96
C SER A 540 -21.78 40.73 43.61
N ILE A 541 -23.04 40.80 43.19
CA ILE A 541 -23.43 41.49 41.96
C ILE A 541 -24.24 42.71 42.34
N SER A 542 -23.57 43.84 42.51
CA SER A 542 -24.22 45.08 42.90
C SER A 542 -24.61 45.93 41.70
N ASP A 543 -24.32 45.50 40.49
CA ASP A 543 -24.48 46.32 39.30
C ASP A 543 -25.59 45.76 38.42
N LYS A 544 -26.52 46.62 38.01
CA LYS A 544 -27.62 46.21 37.15
C LYS A 544 -27.11 45.69 35.81
N GLN A 545 -26.12 46.36 35.22
CA GLN A 545 -25.59 45.92 33.94
C GLN A 545 -25.04 44.50 34.04
N GLN A 546 -24.37 44.18 35.14
CA GLN A 546 -23.93 42.81 35.37
C GLN A 546 -25.12 41.87 35.35
N TRP A 547 -26.22 42.26 36.01
CA TRP A 547 -27.42 41.45 36.01
C TRP A 547 -28.00 41.32 34.60
N ASP A 548 -28.08 42.43 33.87
CA ASP A 548 -28.71 42.41 32.56
C ASP A 548 -27.96 41.47 31.61
N ALA A 549 -26.64 41.58 31.56
CA ALA A 549 -25.87 40.75 30.65
C ALA A 549 -26.01 39.27 31.03
N ALA A 550 -25.92 38.96 32.33
CA ALA A 550 -25.91 37.57 32.75
C ALA A 550 -27.21 36.86 32.38
N ILE A 551 -28.34 37.55 32.54
CA ILE A 551 -29.62 36.88 32.32
C ILE A 551 -29.86 36.58 30.84
N TYR A 552 -29.48 37.50 29.95
CA TYR A 552 -29.75 37.28 28.53
C TYR A 552 -28.94 36.10 27.99
N PHE A 553 -27.67 36.01 28.39
CA PHE A 553 -26.84 34.89 27.96
C PHE A 553 -27.30 33.58 28.59
N MET A 554 -27.76 33.62 29.84
CA MET A 554 -28.31 32.43 30.46
C MET A 554 -29.55 31.94 29.70
N GLU A 555 -30.38 32.88 29.23
CA GLU A 555 -31.55 32.51 28.45
C GLU A 555 -31.15 31.77 27.19
N GLU A 556 -30.12 32.25 26.49
CA GLU A 556 -29.68 31.59 25.27
C GLU A 556 -29.26 30.16 25.54
N ALA A 557 -28.49 29.94 26.61
CA ALA A 557 -28.10 28.58 26.94
C ALA A 557 -29.32 27.73 27.25
N LEU A 558 -30.28 28.27 27.99
CA LEU A 558 -31.48 27.51 28.32
C LEU A 558 -32.36 27.31 27.10
N GLN A 559 -32.47 28.32 26.24
CA GLN A 559 -33.23 28.15 25.02
C GLN A 559 -32.59 27.10 24.13
N ALA A 560 -31.26 27.06 24.08
CA ALA A 560 -30.59 26.01 23.32
C ALA A 560 -30.95 24.64 23.86
N ARG A 561 -30.89 24.47 25.19
CA ARG A 561 -31.26 23.20 25.77
C ARG A 561 -32.72 22.87 25.48
N LEU A 562 -33.60 23.87 25.54
CA LEU A 562 -35.02 23.64 25.31
C LEU A 562 -35.26 23.12 23.91
N LYS A 563 -34.63 23.75 22.91
CA LYS A 563 -34.79 23.28 21.54
C LYS A 563 -34.14 21.92 21.35
N ASP A 564 -33.00 21.70 21.99
CA ASP A 564 -32.37 20.38 21.93
C ASP A 564 -33.30 19.30 22.45
N THR A 565 -33.95 19.57 23.59
CA THR A 565 -34.92 18.62 24.12
C THR A 565 -36.14 18.52 23.22
N GLU A 566 -36.65 19.67 22.75
CA GLU A 566 -37.86 19.66 21.94
C GLU A 566 -37.64 18.90 20.64
N ASN A 567 -36.49 19.10 20.01
CA ASN A 567 -36.20 18.38 18.77
C ASN A 567 -36.11 16.88 19.03
N ALA A 568 -35.49 16.49 20.15
CA ALA A 568 -35.46 15.08 20.51
C ALA A 568 -36.87 14.56 20.77
N ILE A 569 -37.71 15.38 21.42
CA ILE A 569 -39.08 14.95 21.70
C ILE A 569 -39.85 14.72 20.42
N GLU A 570 -39.77 15.65 19.47
CA GLU A 570 -40.55 15.52 18.25
C GLU A 570 -40.24 14.23 17.54
N ASN A 571 -38.96 13.84 17.52
CA ASN A 571 -38.61 12.53 17.00
C ASN A 571 -39.18 11.42 17.87
N MET A 572 -39.15 11.61 19.19
CA MET A 572 -39.69 10.60 20.09
C MET A 572 -41.19 10.42 19.88
N VAL A 573 -41.91 11.52 19.64
CA VAL A 573 -43.36 11.48 19.50
C VAL A 573 -43.82 11.59 18.06
N GLY A 574 -42.96 12.04 17.14
CA GLY A 574 -43.33 12.14 15.76
C GLY A 574 -44.09 13.42 15.45
N PRO A 575 -44.51 13.57 14.20
CA PRO A 575 -45.26 14.79 13.83
C PRO A 575 -46.63 14.83 14.45
N ASP A 576 -47.13 16.06 14.65
CA ASP A 576 -48.48 16.29 15.11
C ASP A 576 -49.44 16.20 13.92
N TRP A 577 -50.74 16.26 14.21
CA TRP A 577 -51.74 16.18 13.16
C TRP A 577 -51.50 17.23 12.07
N LYS A 578 -50.91 18.37 12.43
CA LYS A 578 -50.65 19.40 11.46
C LYS A 578 -49.75 18.90 10.34
N LYS A 579 -48.70 18.15 10.70
CA LYS A 579 -47.78 17.61 9.71
C LYS A 579 -48.18 16.24 9.21
N ARG A 580 -48.87 15.45 10.05
CA ARG A 580 -49.36 14.16 9.58
C ARG A 580 -50.33 14.32 8.42
N TRP A 581 -51.23 15.30 8.52
CA TRP A 581 -52.20 15.53 7.46
C TRP A 581 -51.64 16.44 6.37
N LEU A 582 -50.72 17.33 6.71
CA LEU A 582 -50.15 18.23 5.71
C LEU A 582 -49.16 17.50 4.80
N TYR A 583 -48.34 16.62 5.37
CA TYR A 583 -47.34 15.88 4.62
C TYR A 583 -47.67 14.40 4.48
N TRP A 584 -48.89 14.00 4.83
CA TRP A 584 -49.33 12.63 4.70
C TRP A 584 -48.37 11.68 5.44
N LYS A 585 -48.17 11.99 6.72
CA LYS A 585 -47.32 11.20 7.60
C LYS A 585 -48.17 10.61 8.71
N ASN A 586 -47.59 9.65 9.41
CA ASN A 586 -48.24 9.03 10.54
C ASN A 586 -47.19 8.72 11.60
N ARG A 587 -47.64 8.25 12.76
CA ARG A 587 -46.77 7.95 13.87
C ARG A 587 -46.42 6.47 13.89
N THR A 588 -45.21 6.17 14.34
CA THR A 588 -44.88 4.79 14.67
C THR A 588 -45.57 4.42 15.98
N GLN A 589 -45.71 3.11 16.21
CA GLN A 589 -46.39 2.67 17.41
C GLN A 589 -45.68 3.17 18.66
N GLU A 590 -44.36 3.35 18.58
CA GLU A 590 -43.63 3.95 19.70
C GLU A 590 -44.01 5.41 19.86
N GLN A 591 -44.07 6.15 18.75
CA GLN A 591 -44.47 7.55 18.82
C GLN A 591 -45.89 7.67 19.36
N CYS A 592 -46.78 6.79 18.92
CA CYS A 592 -48.14 6.79 19.47
C CYS A 592 -48.11 6.58 20.98
N VAL A 593 -47.28 5.65 21.45
CA VAL A 593 -47.14 5.44 22.89
C VAL A 593 -46.57 6.68 23.56
N HIS A 594 -45.55 7.28 22.95
CA HIS A 594 -44.93 8.46 23.54
C HIS A 594 -45.91 9.61 23.64
N ASN A 595 -46.73 9.82 22.62
CA ASN A 595 -47.68 10.93 22.66
C ASN A 595 -48.65 10.76 23.81
N GLU A 596 -49.18 9.56 24.00
CA GLU A 596 -50.09 9.33 25.11
C GLU A 596 -49.33 9.28 26.43
N THR A 597 -48.14 8.68 26.44
CA THR A 597 -47.30 8.73 27.63
C THR A 597 -46.96 10.17 27.97
N LYS A 598 -46.65 10.97 26.96
CA LYS A 598 -46.43 12.39 27.17
C LYS A 598 -47.67 13.06 27.74
N ASN A 599 -48.84 12.75 27.17
CA ASN A 599 -50.07 13.43 27.59
C ASN A 599 -50.36 13.17 29.06
N GLU A 600 -50.19 11.93 29.51
CA GLU A 600 -50.44 11.62 30.91
C GLU A 600 -49.45 12.34 31.81
N LEU A 601 -48.18 12.38 31.41
CA LEU A 601 -47.19 13.13 32.18
C LEU A 601 -47.50 14.62 32.17
N GLU A 602 -47.94 15.14 31.03
CA GLU A 602 -48.29 16.55 30.96
C GLU A 602 -49.47 16.87 31.87
N LYS A 603 -50.46 15.98 31.90
CA LYS A 603 -51.57 16.17 32.82
C LYS A 603 -51.11 16.13 34.26
N MET A 604 -50.21 15.21 34.60
CA MET A 604 -49.67 15.16 35.95
C MET A 604 -48.98 16.46 36.31
N LEU A 605 -48.15 16.97 35.40
CA LEU A 605 -47.50 18.26 35.64
C LEU A 605 -48.49 19.40 35.56
N LYS A 606 -49.54 19.25 34.75
CA LYS A 606 -50.57 20.28 34.68
C LYS A 606 -51.05 20.68 36.06
N CYS A 607 -51.26 19.69 36.92
CA CYS A 607 -51.63 19.95 38.31
C CYS A 607 -50.40 20.12 39.18
N ASN A 608 -49.54 19.11 39.23
CA ASN A 608 -48.34 19.16 40.05
C ASN A 608 -47.23 19.81 39.24
N GLU A 609 -47.34 21.13 39.09
CA GLU A 609 -46.31 21.89 38.41
C GLU A 609 -44.98 21.79 39.14
N GLU A 610 -45.02 21.68 40.46
CA GLU A 610 -43.80 21.57 41.26
C GLU A 610 -43.36 20.12 41.43
N HIS A 611 -43.89 19.20 40.63
CA HIS A 611 -43.47 17.82 40.76
C HIS A 611 -41.96 17.71 40.60
N PRO A 612 -41.27 17.02 41.50
CA PRO A 612 -39.82 16.88 41.34
C PRO A 612 -39.49 16.00 40.13
N ALA A 613 -38.26 16.18 39.63
CA ALA A 613 -37.86 15.45 38.43
C ALA A 613 -37.92 13.95 38.65
N TYR A 614 -37.61 13.49 39.86
CA TYR A 614 -37.65 12.07 40.17
C TYR A 614 -39.10 11.59 40.19
N LEU A 615 -39.37 10.49 39.51
CA LEU A 615 -40.69 9.88 39.48
C LEU A 615 -40.72 8.68 40.41
N ALA A 616 -41.82 8.53 41.14
CA ALA A 616 -42.05 7.34 41.93
C ALA A 616 -42.59 6.22 41.05
N SER A 617 -42.26 4.98 41.41
CA SER A 617 -42.76 3.84 40.64
C SER A 617 -44.28 3.77 40.66
N ASP A 618 -44.92 4.38 41.66
CA ASP A 618 -46.38 4.46 41.66
C ASP A 618 -46.87 5.36 40.55
N GLU A 619 -46.17 6.46 40.28
CA GLU A 619 -46.51 7.28 39.13
C GLU A 619 -46.30 6.50 37.84
N ILE A 620 -45.22 5.72 37.77
CA ILE A 620 -44.99 4.88 36.60
C ILE A 620 -46.12 3.88 36.43
N THR A 621 -46.52 3.22 37.52
CA THR A 621 -47.65 2.32 37.45
C THR A 621 -48.92 3.06 37.10
N THR A 622 -49.15 4.22 37.72
CA THR A 622 -50.35 4.99 37.44
C THR A 622 -50.44 5.35 35.97
N VAL A 623 -49.34 5.81 35.39
CA VAL A 623 -49.34 6.12 33.97
C VAL A 623 -49.64 4.88 33.15
N ARG A 624 -49.00 3.76 33.49
CA ARG A 624 -49.22 2.53 32.73
C ARG A 624 -50.69 2.14 32.75
N LYS A 625 -51.31 2.12 33.94
CA LYS A 625 -52.71 1.74 34.02
C LYS A 625 -53.58 2.75 33.30
N ASN A 626 -53.24 4.05 33.39
CA ASN A 626 -53.98 5.06 32.64
C ASN A 626 -53.84 4.86 31.15
N LEU A 627 -52.69 4.39 30.69
CA LEU A 627 -52.49 4.09 29.28
C LEU A 627 -53.04 2.73 28.91
N GLU A 628 -52.88 1.74 29.80
CA GLU A 628 -53.49 0.44 29.57
C GLU A 628 -55.00 0.54 29.53
N SER A 629 -55.57 1.45 30.33
CA SER A 629 -57.01 1.67 30.30
C SER A 629 -57.48 2.19 28.95
N ARG A 630 -56.57 2.71 28.12
CA ARG A 630 -56.89 3.13 26.77
C ARG A 630 -56.34 2.15 25.73
N GLY A 631 -55.93 0.95 26.15
CA GLY A 631 -55.37 -0.03 25.24
C GLY A 631 -53.90 0.13 24.97
N VAL A 632 -53.18 0.93 25.76
CA VAL A 632 -51.77 1.20 25.54
C VAL A 632 -50.98 0.59 26.69
N GLU A 633 -50.17 -0.40 26.37
CA GLU A 633 -49.30 -1.06 27.34
C GLU A 633 -47.88 -0.52 27.16
N VAL A 634 -47.31 0.03 28.22
CA VAL A 634 -46.04 0.74 28.14
C VAL A 634 -45.07 0.12 29.14
N ASP A 635 -43.87 -0.18 28.67
CA ASP A 635 -42.80 -0.59 29.55
C ASP A 635 -42.37 0.59 30.42
N PRO A 636 -42.07 0.38 31.71
CA PRO A 636 -41.64 1.51 32.55
C PRO A 636 -40.48 2.28 31.96
N SER A 637 -39.54 1.62 31.29
CA SER A 637 -38.38 2.33 30.75
C SER A 637 -38.80 3.38 29.73
N LEU A 638 -39.85 3.09 28.94
CA LEU A 638 -40.31 4.08 27.98
C LEU A 638 -40.80 5.33 28.69
N ILE A 639 -41.54 5.16 29.79
CA ILE A 639 -42.07 6.31 30.52
C ILE A 639 -40.93 7.16 31.06
N LYS A 640 -39.93 6.53 31.67
CA LYS A 640 -38.83 7.28 32.26
C LYS A 640 -38.08 8.08 31.20
N ASP A 641 -37.81 7.45 30.06
CA ASP A 641 -37.15 8.17 28.97
C ASP A 641 -38.03 9.30 28.46
N THR A 642 -39.32 9.04 28.32
CA THR A 642 -40.26 10.10 27.97
C THR A 642 -40.26 11.18 29.05
N TRP A 643 -40.25 10.77 30.30
CA TRP A 643 -40.36 11.72 31.40
C TRP A 643 -39.21 12.73 31.39
N HIS A 644 -37.99 12.25 31.17
CA HIS A 644 -36.84 13.13 31.28
C HIS A 644 -36.91 14.28 30.29
N GLN A 645 -37.28 13.98 29.04
CA GLN A 645 -37.32 15.05 28.03
C GLN A 645 -38.46 16.00 28.29
N VAL A 646 -39.64 15.48 28.62
CA VAL A 646 -40.79 16.36 28.84
C VAL A 646 -40.58 17.22 30.08
N TYR A 647 -39.98 16.64 31.13
CA TYR A 647 -39.77 17.42 32.35
C TYR A 647 -38.88 18.63 32.09
N ARG A 648 -37.79 18.44 31.36
CA ARG A 648 -36.91 19.57 31.07
C ARG A 648 -37.65 20.63 30.27
N ARG A 649 -38.42 20.21 29.27
CA ARG A 649 -39.24 21.17 28.55
C ARG A 649 -40.14 21.93 29.50
N HIS A 650 -40.80 21.21 30.42
CA HIS A 650 -41.58 21.88 31.45
C HIS A 650 -40.70 22.80 32.30
N PHE A 651 -39.60 22.25 32.84
CA PHE A 651 -38.73 23.05 33.69
C PHE A 651 -38.16 24.24 32.95
N LEU A 652 -37.63 24.00 31.74
CA LEU A 652 -36.93 25.06 31.03
C LEU A 652 -37.87 26.21 30.71
N LYS A 653 -39.09 25.92 30.25
CA LYS A 653 -40.05 26.98 30.03
C LYS A 653 -40.32 27.76 31.31
N THR A 654 -40.39 27.05 32.43
CA THR A 654 -40.55 27.73 33.71
C THR A 654 -39.35 28.61 34.02
N ALA A 655 -38.14 28.10 33.78
CA ALA A 655 -36.94 28.89 34.05
C ALA A 655 -36.92 30.14 33.17
N LEU A 656 -37.28 30.02 31.90
CA LEU A 656 -37.29 31.18 31.03
C LEU A 656 -38.37 32.17 31.46
N ASN A 657 -39.53 31.67 31.88
CA ASN A 657 -40.55 32.54 32.45
C ASN A 657 -40.06 33.17 33.75
N HIS A 658 -39.34 32.40 34.57
CA HIS A 658 -38.66 32.98 35.72
C HIS A 658 -37.69 34.07 35.29
N CYS A 659 -36.90 33.80 34.23
CA CYS A 659 -35.99 34.82 33.72
C CYS A 659 -36.75 36.03 33.20
N ASN A 660 -37.87 35.80 32.51
CA ASN A 660 -38.64 36.93 31.97
C ASN A 660 -39.12 37.83 33.09
N LEU A 661 -39.62 37.24 34.17
CA LEU A 661 -40.06 38.05 35.30
C LEU A 661 -38.87 38.64 36.05
N CYS A 662 -37.74 37.93 36.08
CA CYS A 662 -36.56 38.45 36.76
C CYS A 662 -36.12 39.77 36.14
N ARG A 663 -36.06 39.82 34.81
CA ARG A 663 -35.71 41.06 34.15
C ARG A 663 -36.87 42.05 34.16
N ARG A 664 -38.06 41.59 33.77
CA ARG A 664 -39.21 42.50 33.68
C ARG A 664 -39.69 42.92 35.06
N GLY A 665 -39.85 41.96 35.97
CA GLY A 665 -40.39 42.30 37.28
C GLY A 665 -39.52 43.29 38.03
N PHE A 666 -38.21 43.05 38.03
CA PHE A 666 -37.30 44.01 38.64
C PHE A 666 -37.26 45.31 37.85
N TYR A 667 -37.44 45.23 36.53
CA TYR A 667 -37.36 46.43 35.70
C TYR A 667 -38.40 47.46 36.12
N TYR A 668 -39.63 47.01 36.37
CA TYR A 668 -40.66 47.93 36.87
C TYR A 668 -40.23 48.48 38.23
N TYR A 669 -40.28 49.81 38.37
CA TYR A 669 -39.68 50.45 39.53
C TYR A 669 -40.47 50.14 40.80
N GLN A 670 -41.80 50.21 40.73
CA GLN A 670 -42.60 50.00 41.93
C GLN A 670 -42.50 48.56 42.43
N ARG A 671 -42.05 47.63 41.60
CA ARG A 671 -41.93 46.24 42.03
C ARG A 671 -40.66 45.95 42.81
N HIS A 672 -39.71 46.89 42.89
CA HIS A 672 -38.48 46.61 43.62
C HIS A 672 -38.69 46.57 45.13
N PHE A 673 -39.80 47.10 45.64
CA PHE A 673 -40.13 46.99 47.05
C PHE A 673 -41.14 45.89 47.31
N VAL A 674 -41.36 45.02 46.33
CA VAL A 674 -42.22 43.85 46.48
C VAL A 674 -41.29 42.64 46.55
N ASP A 675 -41.28 41.97 47.71
CA ASP A 675 -40.38 40.86 47.96
C ASP A 675 -41.03 39.52 47.57
N SER A 676 -41.26 39.37 46.27
CA SER A 676 -41.82 38.14 45.74
C SER A 676 -40.75 37.04 45.66
N GLU A 677 -41.21 35.81 45.45
CA GLU A 677 -40.32 34.65 45.39
C GLU A 677 -39.72 34.54 43.99
N LEU A 678 -38.82 35.48 43.70
CA LEU A 678 -38.15 35.54 42.41
C LEU A 678 -36.65 35.69 42.59
N GLU A 679 -36.09 34.87 43.49
CA GLU A 679 -34.65 34.88 43.72
C GLU A 679 -33.97 34.26 42.52
N CYS A 680 -33.45 35.10 41.62
CA CYS A 680 -32.83 34.64 40.38
C CYS A 680 -31.39 34.23 40.68
N ASN A 681 -31.26 33.23 41.56
CA ASN A 681 -29.95 32.72 41.93
C ASN A 681 -29.24 32.06 40.75
N ASP A 682 -30.01 31.60 39.75
CA ASP A 682 -29.37 31.05 38.55
C ASP A 682 -28.61 32.12 37.80
N VAL A 683 -29.10 33.37 37.81
CA VAL A 683 -28.36 34.45 37.19
C VAL A 683 -27.09 34.76 37.95
N VAL A 684 -27.09 34.57 39.28
CA VAL A 684 -25.88 34.73 40.06
C VAL A 684 -24.86 33.68 39.67
N LEU A 685 -25.30 32.42 39.56
CA LEU A 685 -24.40 31.36 39.13
C LEU A 685 -23.87 31.62 37.73
N PHE A 686 -24.76 31.96 36.80
CA PHE A 686 -24.34 32.19 35.43
C PHE A 686 -23.37 33.37 35.34
N TRP A 687 -23.68 34.45 36.06
CA TRP A 687 -22.84 35.64 35.98
C TRP A 687 -21.42 35.36 36.42
N ARG A 688 -21.26 34.67 37.56
CA ARG A 688 -19.91 34.38 38.06
C ARG A 688 -19.12 33.57 37.06
N ILE A 689 -19.76 32.57 36.45
CA ILE A 689 -19.06 31.75 35.46
C ILE A 689 -18.66 32.60 34.26
N GLN A 690 -19.57 33.44 33.79
CA GLN A 690 -19.24 34.31 32.67
C GLN A 690 -18.06 35.20 33.00
N ARG A 691 -18.06 35.79 34.20
CA ARG A 691 -16.89 36.54 34.64
C ARG A 691 -15.70 35.63 34.86
N MET A 692 -15.91 34.49 35.51
CA MET A 692 -14.82 33.58 35.79
C MET A 692 -14.12 33.15 34.51
N LEU A 693 -14.89 32.77 33.49
CA LEU A 693 -14.29 32.39 32.22
C LEU A 693 -13.66 33.59 31.53
N ALA A 694 -14.28 34.77 31.65
CA ALA A 694 -13.70 35.95 31.02
C ALA A 694 -12.32 36.25 31.60
N ILE A 695 -12.18 36.12 32.92
CA ILE A 695 -10.87 36.28 33.54
C ILE A 695 -9.95 35.14 33.12
N THR A 696 -10.48 33.91 33.08
CA THR A 696 -9.69 32.78 32.61
C THR A 696 -9.15 33.03 31.21
N ALA A 697 -10.01 33.53 30.32
CA ALA A 697 -9.56 33.81 28.95
C ALA A 697 -8.45 34.86 28.96
N ASN A 698 -8.58 35.88 29.80
CA ASN A 698 -7.55 36.91 29.86
C ASN A 698 -6.23 36.33 30.34
N THR A 699 -6.27 35.49 31.37
CA THR A 699 -5.04 34.83 31.83
C THR A 699 -4.46 33.95 30.73
N LEU A 700 -5.32 33.21 30.03
CA LEU A 700 -4.85 32.43 28.89
C LEU A 700 -4.29 33.33 27.80
N ARG A 701 -4.98 34.43 27.51
CA ARG A 701 -4.50 35.35 26.49
C ARG A 701 -3.15 35.93 26.87
N GLN A 702 -2.97 36.31 28.14
CA GLN A 702 -1.68 36.82 28.56
C GLN A 702 -0.60 35.77 28.39
N GLN A 703 -0.86 34.54 28.83
CA GLN A 703 0.09 33.46 28.59
C GLN A 703 0.22 33.18 27.10
N LEU A 704 -0.90 33.25 26.37
CA LEU A 704 -0.87 32.99 24.93
C LEU A 704 0.09 33.94 24.22
N THR A 705 -0.03 35.24 24.49
CA THR A 705 0.76 36.24 23.79
C THR A 705 2.12 36.46 24.41
N ASN A 706 2.30 36.16 25.69
CA ASN A 706 3.57 36.40 26.36
C ASN A 706 4.54 35.24 26.20
N THR A 707 4.06 34.01 26.33
CA THR A 707 4.94 32.84 26.31
C THR A 707 4.64 31.89 25.16
N GLU A 708 3.37 31.54 24.94
CA GLU A 708 3.07 30.42 24.08
C GLU A 708 3.29 30.73 22.60
N VAL A 709 2.88 31.91 22.15
CA VAL A 709 3.08 32.24 20.74
C VAL A 709 4.56 32.36 20.42
N ARG A 710 5.36 32.87 21.36
CA ARG A 710 6.80 32.94 21.14
C ARG A 710 7.39 31.54 21.03
N ARG A 711 6.93 30.61 21.87
CA ARG A 711 7.38 29.23 21.74
C ARG A 711 6.98 28.66 20.38
N LEU A 712 5.76 28.98 19.93
CA LEU A 712 5.34 28.54 18.60
C LEU A 712 6.25 29.13 17.52
N GLU A 713 6.56 30.42 17.62
CA GLU A 713 7.47 31.03 16.67
C GLU A 713 8.86 30.41 16.76
N LYS A 714 9.35 30.20 17.98
CA LYS A 714 10.67 29.59 18.14
C LYS A 714 10.70 28.18 17.55
N ASN A 715 9.65 27.39 17.81
CA ASN A 715 9.63 26.03 17.30
C ASN A 715 9.58 26.02 15.78
N VAL A 716 8.81 26.94 15.19
CA VAL A 716 8.78 27.03 13.73
C VAL A 716 10.17 27.30 13.18
N LYS A 717 10.90 28.22 13.81
CA LYS A 717 12.26 28.51 13.35
C LYS A 717 13.14 27.28 13.46
N GLU A 718 13.02 26.54 14.58
CA GLU A 718 13.79 25.31 14.72
C GLU A 718 13.38 24.30 13.66
N VAL A 719 12.08 24.17 13.40
CA VAL A 719 11.61 23.20 12.41
C VAL A 719 12.03 23.62 11.01
N LEU A 720 11.86 24.90 10.68
CA LEU A 720 12.20 25.35 9.34
C LEU A 720 13.69 25.14 9.06
N GLU A 721 14.53 25.37 10.06
CA GLU A 721 15.96 25.12 9.88
C GLU A 721 16.23 23.64 9.65
N ASP A 722 15.51 22.77 10.34
CA ASP A 722 15.61 21.34 10.09
C ASP A 722 15.16 21.01 8.68
N PHE A 723 14.08 21.63 8.22
CA PHE A 723 13.65 21.44 6.83
C PHE A 723 14.66 22.03 5.86
N ALA A 724 15.26 23.17 6.19
CA ALA A 724 16.28 23.74 5.33
C ALA A 724 17.41 22.76 5.10
N GLU A 725 17.81 22.02 6.14
CA GLU A 725 18.82 21.00 6.01
C GLU A 725 18.26 19.69 5.48
N ASP A 726 16.98 19.43 5.71
CA ASP A 726 16.35 18.17 5.29
C ASP A 726 16.01 18.29 3.81
N GLY A 727 16.98 17.99 2.96
CA GLY A 727 16.76 18.09 1.53
C GLY A 727 15.67 17.15 1.03
N GLU A 728 15.64 15.94 1.58
CA GLU A 728 14.67 14.95 1.10
C GLU A 728 13.23 15.42 1.34
N LYS A 729 12.95 15.94 2.53
CA LYS A 729 11.62 16.48 2.77
C LYS A 729 11.34 17.67 1.86
N LYS A 730 12.32 18.55 1.69
CA LYS A 730 12.14 19.67 0.77
C LYS A 730 11.78 19.18 -0.62
N ILE A 731 12.46 18.14 -1.10
CA ILE A 731 12.09 17.55 -2.38
C ILE A 731 10.70 16.91 -2.28
N LYS A 732 10.47 16.14 -1.22
CA LYS A 732 9.18 15.47 -1.08
C LYS A 732 8.05 16.47 -0.89
N LEU A 733 8.31 17.56 -0.17
CA LEU A 733 7.27 18.57 0.04
C LEU A 733 7.08 19.43 -1.20
N LEU A 734 8.16 19.74 -1.93
CA LEU A 734 8.11 20.65 -3.07
C LEU A 734 8.01 19.86 -4.37
N THR A 735 6.80 19.37 -4.63
CA THR A 735 6.53 18.56 -5.82
C THR A 735 5.44 19.17 -6.68
N GLY A 736 5.51 20.48 -6.94
CA GLY A 736 4.44 21.20 -7.60
C GLY A 736 4.43 21.15 -9.12
N LYS A 737 5.34 20.40 -9.74
CA LYS A 737 5.39 20.18 -11.18
C LYS A 737 5.90 21.40 -11.95
N ARG A 738 5.99 22.55 -11.31
CA ARG A 738 6.62 23.69 -11.97
C ARG A 738 8.05 23.87 -11.49
N VAL A 739 8.29 23.67 -10.19
CA VAL A 739 9.65 23.69 -9.69
C VAL A 739 10.44 22.51 -10.22
N GLN A 740 9.78 21.36 -10.37
CA GLN A 740 10.42 20.22 -11.00
C GLN A 740 10.73 20.50 -12.47
N LEU A 741 9.80 21.13 -13.18
CA LEU A 741 10.11 21.57 -14.54
C LEU A 741 11.20 22.65 -14.54
N ALA A 742 11.12 23.58 -13.59
CA ALA A 742 12.18 24.57 -13.46
C ALA A 742 13.51 23.91 -13.13
N GLU A 743 13.49 22.88 -12.28
CA GLU A 743 14.71 22.14 -11.99
C GLU A 743 15.24 21.47 -13.24
N ASP A 744 14.35 20.88 -14.04
CA ASP A 744 14.78 20.24 -15.29
C ASP A 744 15.36 21.28 -16.25
N LEU A 745 14.74 22.46 -16.32
CA LEU A 745 15.27 23.51 -17.19
C LEU A 745 16.68 23.90 -16.77
N LYS A 746 16.92 24.02 -15.46
CA LYS A 746 18.27 24.31 -14.99
C LYS A 746 19.24 23.22 -15.41
N LYS A 747 18.86 21.96 -15.23
CA LYS A 747 19.73 20.86 -15.61
C LYS A 747 19.98 20.87 -17.12
N VAL A 748 18.95 21.14 -17.91
CA VAL A 748 19.13 21.24 -19.35
C VAL A 748 20.09 22.37 -19.68
N ARG A 749 19.96 23.51 -19.02
CA ARG A 749 20.89 24.62 -19.24
C ARG A 749 22.31 24.22 -18.88
N GLU A 750 22.48 23.53 -17.76
CA GLU A 750 23.81 23.09 -17.37
C GLU A 750 24.39 22.12 -18.39
N ILE A 751 23.57 21.19 -18.87
CA ILE A 751 24.05 20.22 -19.85
C ILE A 751 24.48 20.93 -21.14
N GLN A 752 23.69 21.91 -21.59
CA GLN A 752 24.07 22.65 -22.78
C GLN A 752 25.45 23.27 -22.62
N GLU A 753 25.74 23.82 -21.45
CA GLU A 753 27.08 24.32 -21.18
C GLU A 753 28.10 23.18 -21.17
N LYS A 754 27.76 22.08 -20.52
CA LYS A 754 28.68 20.94 -20.46
C LYS A 754 28.85 20.30 -21.83
N LEU A 755 27.76 20.20 -22.60
CA LEU A 755 27.87 19.67 -23.95
C LEU A 755 28.77 20.56 -24.81
N ASP A 756 28.56 21.88 -24.76
CA ASP A 756 29.37 22.77 -25.57
C ASP A 756 30.80 22.84 -25.06
N ALA A 757 31.00 22.73 -23.74
CA ALA A 757 32.36 22.74 -23.21
C ALA A 757 33.19 21.60 -23.79
N PHE A 758 32.64 20.38 -23.81
CA PHE A 758 33.33 19.27 -24.46
C PHE A 758 33.43 19.51 -25.96
N ILE A 759 32.34 19.97 -26.58
CA ILE A 759 32.38 20.23 -28.01
C ILE A 759 33.39 21.34 -28.31
N GLU A 760 33.45 22.36 -27.46
CA GLU A 760 34.48 23.39 -27.60
C GLU A 760 35.87 22.79 -27.48
N ALA A 761 36.03 21.75 -26.65
CA ALA A 761 37.31 21.08 -26.52
C ALA A 761 37.66 20.23 -27.72
N LEU A 762 36.65 19.71 -28.42
CA LEU A 762 36.90 19.02 -29.69
C LEU A 762 37.43 20.00 -30.73
N HIS A 763 36.98 21.25 -30.70
CA HIS A 763 37.36 22.24 -31.70
C HIS A 763 38.73 22.84 -31.48
N GLN A 764 39.49 22.33 -30.51
CA GLN A 764 40.86 22.78 -30.30
C GLN A 764 41.81 22.26 -31.37
N GLU A 765 41.37 21.33 -32.21
CA GLU A 765 42.24 20.79 -33.25
C GLU A 765 42.57 21.85 -34.30
N LYS A 766 41.60 22.67 -34.66
CA LYS A 766 41.84 23.74 -35.65
C LYS A 766 41.80 25.10 -34.98
N ALA B 1 -38.85 -19.47 17.90
CA ALA B 1 -37.69 -19.06 18.68
C ALA B 1 -37.54 -17.54 18.66
N THR B 2 -37.83 -16.93 17.51
CA THR B 2 -37.70 -15.48 17.37
C THR B 2 -38.75 -14.78 18.23
N ASP B 3 -38.30 -13.79 19.00
CA ASP B 3 -39.20 -13.02 19.86
C ASP B 3 -39.99 -13.93 20.79
N ARG B 4 -39.28 -14.84 21.45
CA ARG B 4 -39.88 -15.79 22.37
C ARG B 4 -39.19 -15.68 23.72
N GLY B 5 -39.99 -15.51 24.78
CA GLY B 5 -39.44 -15.40 26.12
C GLY B 5 -38.72 -16.66 26.57
N SER B 6 -39.15 -17.82 26.08
CA SER B 6 -38.56 -19.08 26.52
C SER B 6 -37.08 -19.16 26.19
N GLU B 7 -36.71 -18.72 24.98
CA GLU B 7 -35.30 -18.75 24.59
C GLU B 7 -34.47 -17.81 25.45
N SER B 8 -35.00 -16.61 25.74
CA SER B 8 -34.28 -15.69 26.61
C SER B 8 -34.11 -16.28 28.00
N ASP B 9 -35.15 -16.93 28.53
CA ASP B 9 -35.04 -17.55 29.84
C ASP B 9 -34.00 -18.67 29.85
N LYS B 10 -34.00 -19.50 28.80
CA LYS B 10 -33.02 -20.58 28.74
C LYS B 10 -31.60 -20.04 28.67
N HIS B 11 -31.38 -19.02 27.83
CA HIS B 11 -30.06 -18.40 27.73
C HIS B 11 -29.64 -17.81 29.06
N PHE B 12 -30.55 -17.08 29.71
CA PHE B 12 -30.23 -16.48 31.00
C PHE B 12 -29.89 -17.54 32.03
N ARG B 13 -30.65 -18.64 32.06
CA ARG B 13 -30.39 -19.69 33.03
C ARG B 13 -29.04 -20.36 32.78
N LYS B 14 -28.71 -20.62 31.52
CA LYS B 14 -27.41 -21.23 31.23
C LYS B 14 -26.27 -20.30 31.63
N VAL B 15 -26.38 -19.01 31.30
CA VAL B 15 -25.34 -18.07 31.65
C VAL B 15 -25.24 -17.92 33.16
N SER B 16 -26.39 -17.89 33.84
CA SER B 16 -26.39 -17.77 35.30
C SER B 16 -25.71 -18.97 35.95
N ASP B 17 -25.98 -20.18 35.47
CA ASP B 17 -25.31 -21.34 36.02
C ASP B 17 -23.81 -21.31 35.75
N LYS B 18 -23.43 -20.89 34.54
CA LYS B 18 -22.00 -20.78 34.24
C LYS B 18 -21.33 -19.77 35.17
N GLU B 19 -22.01 -18.66 35.46
CA GLU B 19 -21.49 -17.71 36.43
C GLU B 19 -21.46 -18.29 37.83
N LYS B 20 -22.43 -19.14 38.17
CA LYS B 20 -22.47 -19.74 39.49
C LYS B 20 -21.31 -20.71 39.70
N ILE B 21 -20.81 -21.32 38.62
CA ILE B 21 -19.63 -22.17 38.71
C ILE B 21 -18.37 -21.44 38.25
N ASP B 22 -18.43 -20.11 38.18
CA ASP B 22 -17.30 -19.33 37.68
C ASP B 22 -16.27 -19.13 38.79
N GLN B 23 -15.28 -18.29 38.52
CA GLN B 23 -14.21 -18.06 39.50
C GLN B 23 -14.72 -17.34 40.74
N LEU B 24 -15.80 -16.55 40.62
CA LEU B 24 -16.29 -15.79 41.75
C LEU B 24 -16.68 -16.70 42.91
N GLN B 25 -17.34 -17.82 42.61
CA GLN B 25 -17.73 -18.78 43.63
C GLN B 25 -16.71 -19.88 43.83
N GLU B 26 -15.85 -20.12 42.83
CA GLU B 26 -14.82 -21.15 42.97
C GLU B 26 -13.86 -20.81 44.10
N GLU B 27 -13.46 -19.55 44.21
CA GLU B 27 -12.51 -19.15 45.24
C GLU B 27 -13.07 -19.43 46.63
N LEU B 28 -14.35 -19.11 46.84
CA LEU B 28 -14.95 -19.29 48.17
C LEU B 28 -14.89 -20.75 48.61
N LEU B 29 -14.92 -21.69 47.66
CA LEU B 29 -14.83 -23.10 48.00
C LEU B 29 -13.48 -23.46 48.61
N HIS B 30 -12.45 -22.65 48.38
CA HIS B 30 -11.11 -22.92 48.87
C HIS B 30 -10.65 -21.93 49.94
N THR B 31 -11.49 -20.95 50.30
CA THR B 31 -11.11 -19.94 51.26
C THR B 31 -12.07 -19.80 52.43
N GLN B 32 -13.30 -20.31 52.31
CA GLN B 32 -14.30 -20.17 53.37
C GLN B 32 -14.76 -21.51 53.92
N LEU B 33 -15.07 -22.47 53.05
CA LEU B 33 -15.71 -23.71 53.51
C LEU B 33 -14.77 -24.53 54.39
N LYS B 34 -13.46 -24.52 54.09
CA LYS B 34 -12.55 -25.40 54.83
C LYS B 34 -12.37 -24.98 56.28
N TYR B 35 -12.84 -23.80 56.67
CA TYR B 35 -12.79 -23.35 58.05
C TYR B 35 -14.13 -23.50 58.75
N GLN B 36 -15.12 -24.10 58.10
CA GLN B 36 -16.39 -24.37 58.74
C GLN B 36 -16.24 -25.40 59.85
N ARG B 37 -15.21 -26.24 59.79
CA ARG B 37 -14.93 -27.12 60.91
C ARG B 37 -14.51 -26.33 62.14
N ILE B 38 -13.67 -25.31 61.95
CA ILE B 38 -13.28 -24.46 63.06
C ILE B 38 -14.47 -23.67 63.57
N LEU B 39 -15.33 -23.22 62.66
CA LEU B 39 -16.55 -22.53 63.07
C LEU B 39 -17.45 -23.43 63.90
N GLU B 40 -17.60 -24.70 63.49
CA GLU B 40 -18.42 -25.63 64.26
C GLU B 40 -17.82 -25.89 65.64
N ARG B 41 -16.49 -26.04 65.71
CA ARG B 41 -15.85 -26.22 67.01
C ARG B 41 -16.05 -24.98 67.88
N LEU B 42 -15.98 -23.79 67.29
CA LEU B 42 -16.21 -22.57 68.05
C LEU B 42 -17.67 -22.46 68.49
N GLU B 43 -18.61 -22.94 67.67
CA GLU B 43 -20.00 -23.00 68.09
C GLU B 43 -20.16 -23.93 69.28
N LYS B 44 -19.50 -25.08 69.26
CA LYS B 44 -19.55 -26.00 70.39
C LYS B 44 -18.96 -25.36 71.63
N GLU B 45 -17.85 -24.62 71.47
CA GLU B 45 -17.27 -23.90 72.59
C GLU B 45 -18.23 -22.84 73.14
N ASN B 46 -18.96 -22.15 72.24
CA ASN B 46 -19.87 -21.10 72.67
C ASN B 46 -21.08 -21.66 73.40
N LYS B 47 -21.59 -22.81 72.97
CA LYS B 47 -22.78 -23.36 73.62
C LYS B 47 -22.46 -23.91 75.01
N GLU B 48 -21.23 -24.36 75.23
CA GLU B 48 -20.81 -24.78 76.56
C GLU B 48 -20.86 -23.60 77.52
N LEU B 49 -21.38 -23.86 78.73
CA LEU B 49 -21.54 -22.82 79.75
C LEU B 49 -20.28 -22.57 80.56
N ARG B 50 -19.19 -23.32 80.32
CA ARG B 50 -17.98 -23.14 81.11
C ARG B 50 -17.50 -21.70 81.04
N LYS B 51 -17.49 -21.12 79.84
CA LYS B 51 -17.04 -19.74 79.69
C LYS B 51 -17.94 -18.78 80.45
N LEU B 52 -19.25 -19.01 80.41
CA LEU B 52 -20.17 -18.10 81.09
C LEU B 52 -20.00 -18.19 82.60
N VAL B 53 -19.81 -19.39 83.14
CA VAL B 53 -19.58 -19.54 84.58
C VAL B 53 -18.26 -18.88 84.97
N LEU B 54 -17.22 -19.06 84.16
CA LEU B 54 -15.94 -18.45 84.45
C LEU B 54 -16.03 -16.93 84.43
N GLN B 55 -16.80 -16.38 83.48
CA GLN B 55 -17.00 -14.95 83.43
C GLN B 55 -17.79 -14.46 84.64
N LYS B 56 -18.81 -15.23 85.05
CA LYS B 56 -19.57 -14.86 86.25
C LYS B 56 -18.67 -14.82 87.47
N ASP B 57 -17.75 -15.78 87.59
CA ASP B 57 -16.86 -15.80 88.75
C ASP B 57 -15.79 -14.71 88.67
N ASP B 58 -15.23 -14.49 87.48
CA ASP B 58 -14.11 -13.55 87.35
C ASP B 58 -14.59 -12.11 87.30
N LYS B 59 -15.69 -11.84 86.60
CA LYS B 59 -16.20 -10.48 86.46
C LYS B 59 -17.15 -10.09 87.58
N GLY B 60 -17.47 -11.02 88.48
CA GLY B 60 -18.28 -10.73 89.63
C GLY B 60 -17.53 -11.01 90.93
N ILE B 61 -18.03 -11.95 91.73
CA ILE B 61 -17.42 -12.27 93.02
C ILE B 61 -16.53 -13.49 92.81
N HIS B 62 -15.22 -13.27 92.70
CA HIS B 62 -14.24 -14.36 92.68
C HIS B 62 -13.64 -14.53 94.09
N HIS B 63 -14.55 -14.74 95.04
CA HIS B 63 -14.26 -14.88 96.47
C HIS B 63 -13.97 -13.53 97.12
N ARG B 64 -13.96 -12.43 96.34
CA ARG B 64 -13.75 -11.09 96.87
C ARG B 64 -14.86 -10.18 96.33
N LYS B 65 -15.99 -10.14 97.03
CA LYS B 65 -17.13 -9.36 96.52
C LYS B 65 -16.86 -7.87 96.67
N LEU B 66 -16.52 -7.43 97.88
CA LEU B 66 -16.29 -6.00 98.11
C LEU B 66 -15.10 -5.49 97.32
N LYS B 67 -13.98 -6.22 97.38
CA LYS B 67 -12.74 -5.72 96.79
C LYS B 67 -12.72 -5.88 95.27
N LYS B 68 -13.36 -6.93 94.76
CA LYS B 68 -13.24 -7.31 93.35
C LYS B 68 -14.51 -7.05 92.54
N SER B 69 -15.67 -7.40 93.08
CA SER B 69 -16.88 -7.40 92.26
C SER B 69 -17.22 -6.02 91.72
N LEU B 70 -17.03 -4.98 92.55
CA LEU B 70 -17.49 -3.65 92.17
C LEU B 70 -16.45 -2.56 92.44
N ILE B 71 -15.17 -2.90 92.51
CA ILE B 71 -14.10 -1.90 92.55
C ILE B 71 -13.50 -1.69 91.17
N ASP B 72 -13.13 -2.79 90.51
CA ASP B 72 -12.75 -2.69 89.10
C ASP B 72 -13.95 -2.32 88.24
N MET B 73 -15.13 -2.82 88.59
CA MET B 73 -16.34 -2.43 87.86
C MET B 73 -16.67 -0.97 88.07
N TYR B 74 -16.36 -0.41 89.24
CA TYR B 74 -16.49 1.02 89.44
C TYR B 74 -15.55 1.78 88.51
N SER B 75 -14.32 1.29 88.37
CA SER B 75 -13.38 1.92 87.43
C SER B 75 -13.89 1.82 86.01
N GLU B 76 -14.54 0.71 85.66
CA GLU B 76 -15.12 0.57 84.32
C GLU B 76 -16.28 1.54 84.13
N VAL B 77 -17.10 1.73 85.17
CA VAL B 77 -18.19 2.70 85.10
C VAL B 77 -17.62 4.10 84.85
N LEU B 78 -16.58 4.45 85.60
CA LEU B 78 -15.95 5.76 85.42
C LEU B 78 -15.35 5.90 84.02
N ASP B 79 -14.73 4.84 83.52
CA ASP B 79 -14.09 4.91 82.21
C ASP B 79 -15.14 5.04 81.11
N VAL B 80 -16.22 4.28 81.21
CA VAL B 80 -17.26 4.33 80.18
C VAL B 80 -17.98 5.66 80.22
N LEU B 81 -18.20 6.23 81.40
CA LEU B 81 -18.86 7.53 81.48
C LEU B 81 -17.95 8.63 80.97
N SER B 82 -16.67 8.59 81.33
CA SER B 82 -15.71 9.54 80.79
C SER B 82 -15.57 9.40 79.27
N ASP B 83 -15.74 8.19 78.75
CA ASP B 83 -15.72 8.00 77.31
C ASP B 83 -16.95 8.62 76.66
N TYR B 84 -18.13 8.35 77.22
CA TYR B 84 -19.35 8.97 76.71
C TYR B 84 -19.34 10.47 76.95
N ASP B 85 -19.06 10.88 78.19
CA ASP B 85 -19.08 12.29 78.59
C ASP B 85 -17.65 12.75 78.83
N ALA B 86 -17.13 13.54 77.90
CA ALA B 86 -15.83 14.19 78.12
C ALA B 86 -15.89 15.12 79.32
N SER B 87 -17.00 15.83 79.50
CA SER B 87 -17.17 16.71 80.64
C SER B 87 -17.50 15.89 81.90
N TYR B 88 -17.36 16.55 83.05
CA TYR B 88 -17.64 15.93 84.33
C TYR B 88 -18.98 16.37 84.91
N ASN B 89 -19.80 17.06 84.11
CA ASN B 89 -21.10 17.52 84.61
C ASN B 89 -22.00 16.35 85.00
N THR B 90 -21.72 15.15 84.49
CA THR B 90 -22.51 13.97 84.79
C THR B 90 -21.81 13.03 85.76
N GLN B 91 -20.64 13.39 86.26
CA GLN B 91 -19.85 12.55 87.15
C GLN B 91 -19.97 12.99 88.61
N ASP B 92 -20.93 13.86 88.92
CA ASP B 92 -21.06 14.36 90.28
C ASP B 92 -21.32 13.24 91.28
N HIS B 93 -22.07 12.22 90.87
CA HIS B 93 -22.41 11.13 91.76
C HIS B 93 -21.26 10.15 91.97
N LEU B 94 -20.27 10.13 91.06
CA LEU B 94 -19.19 9.16 91.13
C LEU B 94 -18.02 9.76 91.90
N PRO B 95 -17.79 9.38 93.14
CA PRO B 95 -16.66 9.94 93.91
C PRO B 95 -15.32 9.45 93.39
N ARG B 96 -14.29 10.22 93.72
CA ARG B 96 -12.92 9.85 93.42
C ARG B 96 -12.02 10.31 94.55
N VAL B 97 -10.88 9.64 94.66
CA VAL B 97 -9.82 10.04 95.60
C VAL B 97 -8.92 11.00 94.83
N VAL B 98 -9.12 12.31 95.06
CA VAL B 98 -8.52 13.35 94.25
C VAL B 98 -7.36 13.96 95.04
N VAL B 99 -6.19 13.99 94.43
CA VAL B 99 -4.99 14.61 95.01
C VAL B 99 -4.70 15.89 94.24
N VAL B 100 -4.76 17.02 94.93
CA VAL B 100 -4.47 18.32 94.33
C VAL B 100 -3.51 19.07 95.24
N GLY B 101 -2.95 20.15 94.70
CA GLY B 101 -2.06 20.98 95.48
C GLY B 101 -1.15 21.81 94.59
N ASP B 102 0.00 22.15 95.13
CA ASP B 102 1.04 22.89 94.42
C ASP B 102 2.00 21.94 93.74
N GLN B 103 3.14 22.45 93.28
CA GLN B 103 4.20 21.64 92.70
C GLN B 103 5.03 20.96 93.78
N SER B 104 4.46 20.76 94.98
CA SER B 104 5.18 20.14 96.07
C SER B 104 5.63 18.72 95.68
N ALA B 105 6.83 18.37 96.10
CA ALA B 105 7.35 17.04 95.82
C ALA B 105 6.52 15.95 96.50
N GLY B 106 5.90 16.26 97.63
CA GLY B 106 5.12 15.29 98.37
C GLY B 106 3.83 14.87 97.69
N LYS B 107 3.49 15.50 96.56
CA LYS B 107 2.30 15.06 95.83
C LYS B 107 2.48 13.63 95.34
N THR B 108 3.67 13.29 94.83
CA THR B 108 3.94 11.92 94.43
C THR B 108 3.99 11.00 95.65
N SER B 109 4.51 11.49 96.77
CA SER B 109 4.69 10.67 97.94
C SER B 109 3.38 10.29 98.60
N VAL B 110 2.40 11.21 98.66
CA VAL B 110 1.11 10.85 99.26
C VAL B 110 0.41 9.78 98.44
N LEU B 111 0.45 9.93 97.10
CA LEU B 111 -0.16 8.92 96.24
C LEU B 111 0.51 7.57 96.39
N GLU B 112 1.81 7.53 96.70
CA GLU B 112 2.48 6.27 97.00
C GLU B 112 2.31 5.85 98.46
N MET B 113 1.79 6.75 99.31
CA MET B 113 1.38 6.37 100.64
C MET B 113 0.05 5.64 100.64
N ILE B 114 -0.86 6.06 99.76
CA ILE B 114 -2.14 5.36 99.62
C ILE B 114 -2.01 4.18 98.66
N ALA B 115 -1.40 4.40 97.50
CA ALA B 115 -1.02 3.32 96.60
C ALA B 115 0.40 2.89 96.96
N GLN B 116 0.49 2.03 97.98
CA GLN B 116 1.76 1.73 98.63
C GLN B 116 2.66 0.96 97.67
N ALA B 117 3.13 1.69 96.66
CA ALA B 117 4.14 1.19 95.73
C ALA B 117 4.74 2.38 95.01
N ARG B 118 6.01 2.27 94.66
CA ARG B 118 6.72 3.35 93.96
C ARG B 118 6.41 3.27 92.47
N ILE B 119 5.18 3.63 92.14
CA ILE B 119 4.63 3.50 90.80
C ILE B 119 4.38 4.84 90.13
N PHE B 120 4.56 5.94 90.84
CA PHE B 120 4.23 7.24 90.29
C PHE B 120 5.49 7.98 89.84
N PRO B 121 5.40 8.79 88.78
CA PRO B 121 6.57 9.57 88.35
C PRO B 121 7.19 10.39 89.47
N ARG B 122 8.50 10.22 89.67
CA ARG B 122 9.24 10.91 90.70
C ARG B 122 10.24 11.87 90.07
N GLY B 123 10.36 13.06 90.66
CA GLY B 123 11.25 14.07 90.10
C GLY B 123 11.45 15.24 91.04
N SER B 124 12.43 16.07 90.70
CA SER B 124 12.80 17.23 91.49
C SER B 124 12.92 18.44 90.60
N GLY B 125 12.58 19.60 91.14
CA GLY B 125 12.67 20.84 90.40
C GLY B 125 11.78 20.90 89.18
N GLU B 126 10.63 20.22 89.21
CA GLU B 126 9.71 20.24 88.09
C GLU B 126 8.40 19.58 88.53
N MET B 127 7.32 19.93 87.82
CA MET B 127 6.00 19.36 88.07
C MET B 127 5.82 18.18 87.12
N MET B 128 6.19 16.99 87.60
CA MET B 128 6.18 15.81 86.75
C MET B 128 4.76 15.42 86.34
N THR B 129 3.79 15.60 87.24
CA THR B 129 2.41 15.19 87.00
C THR B 129 1.76 16.12 85.97
N ARG B 130 2.00 15.81 84.69
CA ARG B 130 1.44 16.61 83.62
C ARG B 130 -0.06 16.43 83.50
N SER B 131 -0.55 15.20 83.59
CA SER B 131 -1.94 14.87 83.33
C SER B 131 -2.49 13.96 84.42
N PRO B 132 -3.82 13.88 84.54
CA PRO B 132 -4.41 12.96 85.53
C PRO B 132 -3.98 11.53 85.27
N VAL B 133 -3.72 10.80 86.37
CA VAL B 133 -3.34 9.39 86.32
C VAL B 133 -4.26 8.66 87.30
N LYS B 134 -5.06 7.73 86.79
CA LYS B 134 -6.00 6.98 87.61
C LYS B 134 -5.38 5.65 88.03
N VAL B 135 -5.52 5.31 89.31
CA VAL B 135 -5.05 4.04 89.84
C VAL B 135 -6.18 3.39 90.63
N THR B 136 -6.49 2.15 90.29
CA THR B 136 -7.47 1.36 91.02
C THR B 136 -6.74 0.51 92.06
N LEU B 137 -7.15 0.62 93.31
CA LEU B 137 -6.50 -0.07 94.42
C LEU B 137 -7.43 -1.09 95.02
N SER B 138 -6.86 -2.25 95.36
CA SER B 138 -7.61 -3.35 95.98
C SER B 138 -6.61 -4.36 96.49
N GLU B 139 -7.11 -5.34 97.23
CA GLU B 139 -6.26 -6.43 97.70
C GLU B 139 -6.12 -7.49 96.61
N GLY B 140 -5.17 -8.38 96.83
CA GLY B 140 -4.88 -9.43 95.88
C GLY B 140 -3.53 -10.05 96.20
N PRO B 141 -2.97 -10.81 95.26
CA PRO B 141 -1.61 -11.32 95.46
C PRO B 141 -0.64 -10.16 95.63
N HIS B 142 0.28 -10.31 96.56
CA HIS B 142 1.10 -9.20 96.99
C HIS B 142 1.90 -8.62 95.84
N HIS B 143 1.93 -7.28 95.77
CA HIS B 143 2.79 -6.55 94.85
C HIS B 143 2.65 -7.06 93.42
N VAL B 144 1.42 -6.94 92.92
CA VAL B 144 1.12 -7.18 91.52
C VAL B 144 0.39 -5.96 91.00
N ALA B 145 0.56 -5.70 89.71
CA ALA B 145 -0.01 -4.50 89.11
C ALA B 145 -0.37 -4.79 87.66
N LEU B 146 -1.17 -3.89 87.09
CA LEU B 146 -1.55 -3.96 85.69
C LEU B 146 -1.55 -2.54 85.14
N PHE B 147 -1.32 -2.43 83.84
CA PHE B 147 -1.40 -1.17 83.13
C PHE B 147 -2.46 -1.30 82.05
N LYS B 148 -3.43 -0.38 82.07
CA LYS B 148 -4.55 -0.47 81.16
C LYS B 148 -4.08 -0.46 79.71
N ASP B 149 -4.56 -1.43 78.94
CA ASP B 149 -4.38 -1.52 77.49
C ASP B 149 -2.92 -1.72 77.08
N SER B 150 -2.02 -1.97 78.03
CA SER B 150 -0.64 -2.28 77.70
C SER B 150 -0.37 -3.77 77.58
N SER B 151 -1.34 -4.62 77.95
CA SER B 151 -1.19 -6.07 77.85
C SER B 151 0.09 -6.54 78.54
N ARG B 152 0.36 -5.97 79.71
CA ARG B 152 1.56 -6.31 80.48
C ARG B 152 1.25 -6.34 81.96
N GLU B 153 1.80 -7.34 82.64
CA GLU B 153 1.71 -7.47 84.08
C GLU B 153 3.02 -7.01 84.71
N PHE B 154 2.92 -6.36 85.86
CA PHE B 154 4.06 -5.70 86.49
C PHE B 154 4.28 -6.25 87.89
N ASP B 155 5.54 -6.52 88.20
CA ASP B 155 5.95 -6.94 89.55
C ASP B 155 6.40 -5.69 90.30
N LEU B 156 5.67 -5.33 91.35
CA LEU B 156 5.95 -4.11 92.08
C LEU B 156 7.11 -4.24 93.05
N THR B 157 7.71 -5.42 93.18
CA THR B 157 8.87 -5.63 94.04
C THR B 157 10.19 -5.53 93.27
N LYS B 158 10.13 -5.30 91.96
CA LYS B 158 11.32 -5.19 91.13
C LYS B 158 11.34 -3.84 90.45
N GLU B 159 12.54 -3.26 90.36
CA GLU B 159 12.66 -1.90 89.85
C GLU B 159 12.25 -1.81 88.39
N GLU B 160 12.47 -2.87 87.62
CA GLU B 160 12.21 -2.80 86.18
C GLU B 160 10.75 -2.52 85.90
N ASP B 161 9.84 -3.19 86.61
CA ASP B 161 8.41 -3.05 86.31
C ASP B 161 7.86 -1.73 86.84
N LEU B 162 8.33 -1.29 88.00
CA LEU B 162 7.93 0.04 88.49
C LEU B 162 8.40 1.12 87.53
N ALA B 163 9.63 1.01 87.04
CA ALA B 163 10.14 1.95 86.05
C ALA B 163 9.33 1.88 84.76
N ALA B 164 8.93 0.68 84.36
CA ALA B 164 8.11 0.54 83.16
C ALA B 164 6.77 1.24 83.33
N LEU B 165 6.15 1.08 84.50
CA LEU B 165 4.90 1.79 84.78
C LEU B 165 5.11 3.30 84.71
N ARG B 166 6.17 3.80 85.36
CA ARG B 166 6.40 5.24 85.38
C ARG B 166 6.71 5.76 83.99
N HIS B 167 7.45 5.01 83.19
CA HIS B 167 7.80 5.45 81.85
C HIS B 167 6.59 5.42 80.92
N GLU B 168 5.73 4.41 81.05
CA GLU B 168 4.50 4.40 80.27
C GLU B 168 3.60 5.57 80.65
N ILE B 169 3.54 5.88 81.96
CA ILE B 169 2.77 7.03 82.41
C ILE B 169 3.35 8.31 81.82
N GLU B 170 4.68 8.44 81.86
CA GLU B 170 5.32 9.63 81.31
C GLU B 170 5.09 9.77 79.81
N LEU B 171 5.15 8.66 79.08
CA LEU B 171 4.89 8.71 77.65
C LEU B 171 3.46 9.11 77.35
N ARG B 172 2.52 8.58 78.13
CA ARG B 172 1.12 8.95 77.91
C ARG B 172 0.90 10.42 78.29
N MET B 173 1.59 10.91 79.32
CA MET B 173 1.54 12.33 79.63
C MET B 173 2.11 13.17 78.50
N ARG B 174 3.22 12.72 77.91
CA ARG B 174 3.85 13.45 76.81
C ARG B 174 3.03 13.41 75.54
N LYS B 175 2.15 12.42 75.40
CA LYS B 175 1.20 12.39 74.30
C LYS B 175 -0.08 13.15 74.61
N ASN B 176 -0.45 13.29 75.89
CA ASN B 176 -1.61 14.07 76.26
C ASN B 176 -1.33 15.56 76.17
N VAL B 177 -0.10 15.97 76.47
CA VAL B 177 0.27 17.38 76.51
C VAL B 177 0.82 17.76 75.14
N LYS B 178 0.27 18.80 74.55
CA LYS B 178 0.73 19.30 73.26
C LYS B 178 1.86 20.31 73.47
N GLU B 179 2.56 20.62 72.38
CA GLU B 179 3.68 21.54 72.46
C GLU B 179 3.21 22.90 72.97
N GLY B 180 4.02 23.50 73.84
CA GLY B 180 3.75 24.82 74.37
C GLY B 180 3.15 24.85 75.77
N CYS B 181 2.73 23.70 76.31
CA CYS B 181 2.19 23.64 77.66
C CYS B 181 2.69 22.37 78.33
N THR B 182 2.45 22.27 79.64
CA THR B 182 2.96 21.17 80.45
C THR B 182 1.90 20.20 80.93
N VAL B 183 0.62 20.54 80.80
CA VAL B 183 -0.45 19.75 81.40
C VAL B 183 -1.49 19.43 80.33
N SER B 184 -2.24 18.35 80.57
CA SER B 184 -3.35 17.94 79.71
C SER B 184 -4.34 17.17 80.56
N PRO B 185 -5.65 17.34 80.35
CA PRO B 185 -6.63 16.62 81.16
C PRO B 185 -6.70 15.13 80.87
N GLU B 186 -6.14 14.67 79.76
CA GLU B 186 -6.32 13.28 79.35
C GLU B 186 -5.74 12.34 80.40
N THR B 187 -6.45 11.23 80.63
CA THR B 187 -6.17 10.39 81.79
C THR B 187 -5.26 9.22 81.43
N ILE B 188 -4.64 8.68 82.47
CA ILE B 188 -3.84 7.45 82.41
C ILE B 188 -4.34 6.56 83.53
N SER B 189 -4.42 5.26 83.27
CA SER B 189 -5.14 4.35 84.18
C SER B 189 -4.25 3.17 84.55
N LEU B 190 -4.25 2.83 85.84
CA LEU B 190 -3.58 1.66 86.36
C LEU B 190 -4.55 0.81 87.17
N ASN B 191 -4.18 -0.45 87.36
CA ASN B 191 -4.86 -1.35 88.28
C ASN B 191 -3.80 -2.00 89.16
N VAL B 192 -3.76 -1.61 90.43
CA VAL B 192 -2.74 -2.06 91.37
C VAL B 192 -3.41 -2.85 92.47
N LYS B 193 -2.80 -3.98 92.85
CA LYS B 193 -3.33 -4.84 93.89
C LYS B 193 -2.25 -5.16 94.91
N GLY B 194 -2.68 -5.35 96.16
CA GLY B 194 -1.78 -5.74 97.22
C GLY B 194 -2.47 -5.69 98.58
N PRO B 195 -1.94 -6.44 99.55
CA PRO B 195 -2.60 -6.49 100.87
C PRO B 195 -2.62 -5.14 101.58
N GLY B 196 -1.74 -4.22 101.20
CA GLY B 196 -1.68 -2.91 101.81
C GLY B 196 -2.60 -1.89 101.20
N LEU B 197 -3.44 -2.29 100.24
CA LEU B 197 -4.29 -1.37 99.51
C LEU B 197 -5.74 -1.51 99.95
N GLN B 198 -6.45 -0.39 99.92
CA GLN B 198 -7.88 -0.33 100.18
C GLN B 198 -8.64 -0.27 98.86
N ARG B 199 -9.95 -0.47 98.95
CA ARG B 199 -10.79 -0.38 97.76
C ARG B 199 -10.99 1.09 97.39
N MET B 200 -10.03 1.65 96.67
CA MET B 200 -10.02 3.08 96.38
C MET B 200 -9.62 3.30 94.93
N VAL B 201 -10.12 4.40 94.36
CA VAL B 201 -9.74 4.84 93.02
C VAL B 201 -9.12 6.23 93.16
N LEU B 202 -7.86 6.36 92.77
CA LEU B 202 -7.08 7.57 92.94
C LEU B 202 -6.83 8.25 91.60
N VAL B 203 -6.74 9.58 91.63
CA VAL B 203 -6.40 10.36 90.45
C VAL B 203 -5.31 11.35 90.82
N ASP B 204 -4.22 11.37 90.03
CA ASP B 204 -3.03 12.18 90.28
C ASP B 204 -3.06 13.40 89.38
N LEU B 205 -3.45 14.60 89.96
CA LEU B 205 -3.72 15.79 89.15
C LEU B 205 -2.57 16.79 89.21
N PRO B 206 -2.41 17.61 88.17
CA PRO B 206 -1.30 18.58 88.15
C PRO B 206 -1.42 19.60 89.28
N GLY B 207 -0.27 20.07 89.75
CA GLY B 207 -0.25 21.10 90.77
C GLY B 207 -0.59 22.46 90.20
N VAL B 208 -1.25 23.27 91.01
CA VAL B 208 -1.64 24.63 90.61
C VAL B 208 -0.41 25.53 90.60
N ILE B 209 -0.32 26.39 89.59
CA ILE B 209 0.74 27.39 89.46
C ILE B 209 0.20 28.79 89.64
N ASN B 210 -0.88 29.13 88.96
CA ASN B 210 -1.48 30.46 88.92
C ASN B 210 -0.59 31.49 88.25
N THR B 211 0.55 31.06 87.69
CA THR B 211 1.42 31.96 86.96
C THR B 211 2.28 31.13 86.02
N VAL B 212 2.68 31.74 84.91
CA VAL B 212 3.36 31.05 83.82
C VAL B 212 4.70 31.73 83.59
N THR B 213 5.76 30.92 83.57
CA THR B 213 7.12 31.42 83.39
C THR B 213 7.87 30.51 82.42
N SER B 214 9.12 30.87 82.13
CA SER B 214 10.04 30.04 81.35
C SER B 214 9.52 29.75 79.95
N GLY B 215 8.82 30.71 79.34
CA GLY B 215 8.35 30.57 77.98
C GLY B 215 7.12 29.69 77.84
N MET B 216 6.56 29.21 78.95
CA MET B 216 5.39 28.34 78.88
C MET B 216 4.17 29.14 78.46
N ALA B 217 3.27 28.47 77.74
CA ALA B 217 2.09 29.15 77.22
C ALA B 217 1.28 29.74 78.38
N PRO B 218 0.76 30.96 78.23
CA PRO B 218 0.03 31.59 79.35
C PRO B 218 -1.22 30.85 79.76
N ASP B 219 -1.75 29.98 78.89
CA ASP B 219 -2.97 29.25 79.20
C ASP B 219 -2.76 28.13 80.21
N THR B 220 -1.52 27.88 80.62
CA THR B 220 -1.22 26.71 81.43
C THR B 220 -1.94 26.76 82.78
N LYS B 221 -1.97 27.92 83.42
CA LYS B 221 -2.59 27.99 84.74
C LYS B 221 -4.09 27.72 84.65
N GLU B 222 -4.75 28.28 83.63
CA GLU B 222 -6.18 28.04 83.46
C GLU B 222 -6.45 26.58 83.10
N THR B 223 -5.57 25.99 82.28
CA THR B 223 -5.71 24.58 81.97
C THR B 223 -5.56 23.73 83.23
N ILE B 224 -4.59 24.07 84.08
CA ILE B 224 -4.38 23.34 85.32
C ILE B 224 -5.62 23.46 86.21
N PHE B 225 -6.15 24.68 86.34
CA PHE B 225 -7.32 24.87 87.19
C PHE B 225 -8.52 24.11 86.64
N SER B 226 -8.70 24.11 85.32
CA SER B 226 -9.80 23.33 84.74
C SER B 226 -9.62 21.85 85.02
N ILE B 227 -8.40 21.33 84.86
CA ILE B 227 -8.15 19.91 85.09
C ILE B 227 -8.47 19.56 86.54
N SER B 228 -8.07 20.44 87.46
CA SER B 228 -8.27 20.16 88.88
C SER B 228 -9.70 20.42 89.34
N LYS B 229 -10.41 21.37 88.71
CA LYS B 229 -11.79 21.64 89.07
C LYS B 229 -12.73 20.58 88.51
N ALA B 230 -12.31 19.89 87.45
CA ALA B 230 -13.11 18.78 86.93
C ALA B 230 -13.44 17.79 88.05
N TYR B 231 -12.54 17.67 89.03
CA TYR B 231 -12.72 16.82 90.20
C TYR B 231 -13.10 17.59 91.45
N MET B 232 -12.48 18.74 91.69
CA MET B 232 -12.77 19.51 92.88
C MET B 232 -14.21 20.05 92.89
N GLN B 233 -14.82 20.16 91.72
CA GLN B 233 -16.23 20.55 91.61
C GLN B 233 -17.16 19.35 91.70
N ASN B 234 -16.62 18.15 91.89
CA ASN B 234 -17.44 16.95 92.04
C ASN B 234 -17.98 16.90 93.47
N PRO B 235 -19.30 16.95 93.66
CA PRO B 235 -19.83 16.96 95.03
C PRO B 235 -19.43 15.76 95.86
N ASN B 236 -19.21 14.60 95.25
CA ASN B 236 -18.90 13.38 95.96
C ASN B 236 -17.41 13.07 96.00
N ALA B 237 -16.57 13.89 95.38
CA ALA B 237 -15.15 13.60 95.35
C ALA B 237 -14.52 13.86 96.72
N ILE B 238 -13.35 13.26 96.92
CA ILE B 238 -12.55 13.50 98.11
C ILE B 238 -11.28 14.20 97.65
N ILE B 239 -11.03 15.38 98.21
CA ILE B 239 -9.94 16.26 97.77
C ILE B 239 -8.82 16.16 98.80
N LEU B 240 -7.63 15.82 98.33
CA LEU B 240 -6.43 15.80 99.18
C LEU B 240 -5.53 16.93 98.71
N CYS B 241 -5.40 17.95 99.55
CA CYS B 241 -4.57 19.11 99.23
C CYS B 241 -3.16 18.86 99.72
N ILE B 242 -2.20 18.87 98.78
CA ILE B 242 -0.80 18.63 99.09
C ILE B 242 -0.15 19.99 99.34
N GLN B 243 0.25 20.22 100.58
CA GLN B 243 0.84 21.49 101.00
C GLN B 243 2.34 21.31 101.16
N ASP B 244 3.11 22.13 100.46
CA ASP B 244 4.55 22.15 100.66
C ASP B 244 4.86 22.66 102.06
N GLY B 245 5.57 21.87 102.84
CA GLY B 245 5.87 22.21 104.21
C GLY B 245 7.17 22.96 104.42
N SER B 246 7.83 23.37 103.34
CA SER B 246 9.06 24.16 103.44
C SER B 246 8.78 25.65 103.58
N VAL B 247 7.51 26.07 103.54
CA VAL B 247 7.14 27.47 103.67
C VAL B 247 6.14 27.61 104.79
N ASP B 248 5.95 28.85 105.24
CA ASP B 248 4.98 29.13 106.28
C ASP B 248 3.56 28.94 105.74
N ALA B 249 2.63 28.69 106.65
CA ALA B 249 1.24 28.45 106.27
C ALA B 249 0.68 29.61 105.47
N GLU B 250 1.24 30.81 105.63
CA GLU B 250 0.71 31.97 104.94
C GLU B 250 0.78 31.82 103.43
N ARG B 251 1.61 30.90 102.92
CA ARG B 251 1.76 30.66 101.50
C ARG B 251 1.08 29.32 101.19
N SER B 252 -0.18 29.38 100.77
CA SER B 252 -0.94 28.20 100.39
C SER B 252 -1.73 28.54 99.14
N ILE B 253 -1.37 27.91 98.02
CA ILE B 253 -1.91 28.32 96.73
C ILE B 253 -3.30 27.73 96.49
N VAL B 254 -3.58 26.52 96.98
CA VAL B 254 -4.82 25.82 96.66
C VAL B 254 -5.89 25.99 97.74
N THR B 255 -5.59 26.66 98.84
CA THR B 255 -6.58 26.83 99.90
C THR B 255 -7.81 27.58 99.38
N ASP B 256 -7.59 28.64 98.61
CA ASP B 256 -8.67 29.50 98.16
C ASP B 256 -9.64 28.79 97.22
N LEU B 257 -9.20 27.71 96.56
CA LEU B 257 -10.05 26.99 95.62
C LEU B 257 -10.97 26.02 96.35
N VAL B 258 -10.42 25.23 97.27
CA VAL B 258 -11.25 24.32 98.05
C VAL B 258 -12.13 25.07 99.02
N SER B 259 -11.69 26.25 99.48
CA SER B 259 -12.53 27.07 100.34
C SER B 259 -13.78 27.55 99.64
N GLN B 260 -13.82 27.50 98.31
CA GLN B 260 -15.00 27.84 97.52
C GLN B 260 -15.74 26.62 97.01
N MET B 261 -15.01 25.57 96.61
CA MET B 261 -15.65 24.36 96.12
C MET B 261 -16.04 23.42 97.26
N ASP B 262 -15.40 23.55 98.41
CA ASP B 262 -15.71 22.71 99.58
C ASP B 262 -15.60 23.56 100.85
N PRO B 263 -16.42 24.61 100.95
CA PRO B 263 -16.39 25.43 102.17
C PRO B 263 -16.92 24.71 103.40
N HIS B 264 -17.60 23.59 103.23
CA HIS B 264 -18.22 22.87 104.34
C HIS B 264 -17.31 21.81 104.95
N GLY B 265 -16.09 21.65 104.44
CA GLY B 265 -15.18 20.68 105.02
C GLY B 265 -15.65 19.25 104.86
N ARG B 266 -16.32 18.94 103.75
CA ARG B 266 -16.89 17.62 103.53
C ARG B 266 -16.05 16.75 102.61
N ARG B 267 -15.08 17.32 101.90
CA ARG B 267 -14.26 16.56 100.98
C ARG B 267 -12.77 16.80 101.20
N THR B 268 -12.40 18.02 101.59
CA THR B 268 -11.02 18.46 101.52
C THR B 268 -10.24 18.01 102.75
N ILE B 269 -9.13 17.30 102.51
CA ILE B 269 -8.18 16.93 103.54
C ILE B 269 -6.83 17.54 103.19
N PHE B 270 -6.23 18.25 104.13
CA PHE B 270 -4.93 18.88 103.92
C PHE B 270 -3.84 18.02 104.54
N VAL B 271 -2.78 17.79 103.76
CA VAL B 271 -1.66 16.97 104.20
C VAL B 271 -0.38 17.80 104.08
N LEU B 272 0.45 17.74 105.11
CA LEU B 272 1.67 18.54 105.19
C LEU B 272 2.86 17.69 104.75
N THR B 273 3.50 18.11 103.67
CA THR B 273 4.70 17.46 103.18
C THR B 273 5.93 18.03 103.86
N LYS B 274 7.02 17.25 103.82
CA LYS B 274 8.30 17.69 104.38
C LYS B 274 8.15 18.02 105.86
N VAL B 275 7.52 17.11 106.60
CA VAL B 275 7.29 17.35 108.03
C VAL B 275 8.60 17.42 108.79
N ASP B 276 9.70 16.93 108.22
CA ASP B 276 10.99 17.03 108.88
C ASP B 276 11.42 18.48 109.10
N LEU B 277 10.88 19.42 108.31
CA LEU B 277 11.24 20.83 108.47
C LEU B 277 10.54 21.49 109.64
N ALA B 278 9.52 20.84 110.22
CA ALA B 278 8.99 21.29 111.49
C ALA B 278 9.97 20.98 112.62
N GLU B 279 10.62 19.83 112.55
CA GLU B 279 11.65 19.49 113.52
C GLU B 279 12.82 20.46 113.46
N LYS B 280 13.21 20.87 112.25
CA LYS B 280 14.37 21.73 112.04
C LYS B 280 14.03 23.22 112.20
N ASN B 281 12.78 23.58 112.42
CA ASN B 281 12.33 24.96 112.53
C ASN B 281 12.50 25.73 111.23
N VAL B 282 12.75 25.05 110.11
CA VAL B 282 12.81 25.73 108.83
C VAL B 282 11.45 26.33 108.49
N ALA B 283 10.38 25.59 108.77
CA ALA B 283 9.02 26.10 108.69
C ALA B 283 8.51 26.40 110.10
N SER B 284 7.71 27.46 110.23
CA SER B 284 7.28 27.93 111.54
C SER B 284 6.53 26.82 112.27
N PRO B 285 7.03 26.37 113.44
CA PRO B 285 6.30 25.34 114.19
C PRO B 285 4.93 25.80 114.68
N SER B 286 4.79 27.07 115.04
CA SER B 286 3.51 27.55 115.56
C SER B 286 2.41 27.41 114.51
N ARG B 287 2.68 27.87 113.28
CA ARG B 287 1.71 27.74 112.21
C ARG B 287 1.47 26.28 111.86
N ILE B 288 2.48 25.43 112.01
CA ILE B 288 2.30 24.00 111.77
C ILE B 288 1.33 23.41 112.80
N GLN B 289 1.50 23.77 114.07
CA GLN B 289 0.55 23.31 115.09
C GLN B 289 -0.85 23.83 114.80
N GLN B 290 -0.96 25.08 114.37
CA GLN B 290 -2.28 25.65 114.11
C GLN B 290 -2.94 25.00 112.90
N ILE B 291 -2.17 24.64 111.87
CA ILE B 291 -2.74 23.95 110.72
C ILE B 291 -3.13 22.52 111.10
N ILE B 292 -2.36 21.90 111.99
CA ILE B 292 -2.76 20.60 112.51
C ILE B 292 -4.10 20.73 113.23
N GLU B 293 -4.24 21.74 114.09
CA GLU B 293 -5.51 21.98 114.76
C GLU B 293 -6.54 22.54 113.79
N GLY B 294 -6.12 23.19 112.73
CA GLY B 294 -7.02 23.75 111.74
C GLY B 294 -7.38 25.20 111.93
N LYS B 295 -6.68 25.93 112.81
CA LYS B 295 -7.00 27.33 113.06
C LYS B 295 -6.67 28.24 111.89
N LEU B 296 -5.86 27.79 110.93
CA LEU B 296 -5.40 28.64 109.84
C LEU B 296 -6.24 28.49 108.57
N PHE B 297 -7.22 27.61 108.55
CA PHE B 297 -8.00 27.42 107.34
C PHE B 297 -9.17 28.40 107.30
N PRO B 298 -9.32 29.22 106.23
CA PRO B 298 -10.50 30.07 106.07
C PRO B 298 -11.70 29.29 105.51
N MET B 299 -11.98 28.14 106.10
CA MET B 299 -12.96 27.21 105.57
C MET B 299 -13.07 26.04 106.54
N LYS B 300 -14.12 25.25 106.38
CA LYS B 300 -14.19 23.96 107.03
C LYS B 300 -13.40 22.93 106.22
N ALA B 301 -12.82 21.96 106.91
CA ALA B 301 -11.97 20.97 106.27
C ALA B 301 -12.37 19.58 106.75
N LEU B 302 -12.20 18.59 105.87
CA LEU B 302 -12.56 17.22 106.23
C LEU B 302 -11.60 16.65 107.26
N GLY B 303 -10.32 16.96 107.13
CA GLY B 303 -9.35 16.46 108.08
C GLY B 303 -7.95 16.95 107.74
N TYR B 304 -6.98 16.46 108.49
CA TYR B 304 -5.59 16.83 108.29
C TYR B 304 -4.70 15.66 108.69
N PHE B 305 -3.68 15.39 107.88
CA PHE B 305 -2.75 14.30 108.14
C PHE B 305 -1.34 14.75 107.80
N ALA B 306 -0.36 14.10 108.42
CA ALA B 306 1.04 14.38 108.15
C ALA B 306 1.56 13.48 107.03
N VAL B 307 2.38 14.04 106.16
CA VAL B 307 3.02 13.30 105.08
C VAL B 307 4.40 12.90 105.59
N VAL B 308 4.51 11.65 106.01
CA VAL B 308 5.71 11.18 106.71
C VAL B 308 6.65 10.65 105.63
N THR B 309 7.46 11.56 105.09
CA THR B 309 8.49 11.20 104.13
C THR B 309 9.67 12.14 104.30
N GLY B 310 10.84 11.65 103.87
CA GLY B 310 12.02 12.48 103.80
C GLY B 310 12.54 12.50 102.37
N LYS B 311 13.54 13.35 102.14
CA LYS B 311 14.10 13.47 100.80
C LYS B 311 14.43 12.08 100.27
N GLY B 312 15.03 11.25 101.11
CA GLY B 312 15.35 9.88 100.75
C GLY B 312 15.80 9.75 99.31
N ASN B 313 15.20 8.81 98.59
CA ASN B 313 15.47 8.61 97.18
C ASN B 313 14.27 7.90 96.57
N SER B 314 14.32 7.69 95.25
CA SER B 314 13.25 6.98 94.58
C SER B 314 13.24 5.50 94.91
N SER B 315 14.35 4.96 95.42
CA SER B 315 14.46 3.55 95.73
C SER B 315 13.96 3.20 97.13
N GLU B 316 13.63 4.20 97.95
CA GLU B 316 13.22 3.91 99.32
C GLU B 316 11.87 3.18 99.32
N SER B 317 11.79 2.14 100.14
CA SER B 317 10.58 1.32 100.21
C SER B 317 9.50 2.02 101.04
N ILE B 318 8.31 1.40 101.04
CA ILE B 318 7.22 1.91 101.86
C ILE B 318 7.60 1.88 103.34
N GLU B 319 8.36 0.85 103.75
CA GLU B 319 8.74 0.73 105.15
C GLU B 319 9.60 1.90 105.60
N ALA B 320 10.23 2.63 104.67
CA ALA B 320 10.88 3.88 105.04
C ALA B 320 9.85 4.85 105.62
N ILE B 321 8.60 4.76 105.17
CA ILE B 321 7.56 5.62 105.72
C ILE B 321 7.30 5.25 107.18
N ARG B 322 7.27 3.96 107.50
CA ARG B 322 7.11 3.54 108.90
C ARG B 322 8.30 4.01 109.73
N GLU B 323 9.50 3.87 109.19
CA GLU B 323 10.69 4.30 109.91
C GLU B 323 10.65 5.79 110.20
N TYR B 324 10.19 6.58 109.23
CA TYR B 324 10.03 8.01 109.46
C TYR B 324 8.92 8.28 110.46
N GLU B 325 7.81 7.54 110.40
CA GLU B 325 6.74 7.68 111.38
C GLU B 325 7.26 7.46 112.79
N GLU B 326 8.25 6.60 112.95
CA GLU B 326 8.86 6.44 114.27
C GLU B 326 9.82 7.57 114.58
N GLU B 327 10.80 7.81 113.69
CA GLU B 327 11.92 8.68 114.04
C GLU B 327 11.51 10.15 114.11
N PHE B 328 10.78 10.63 113.11
CA PHE B 328 10.43 12.05 113.09
C PHE B 328 9.63 12.43 114.32
N PHE B 329 8.70 11.57 114.72
CA PHE B 329 7.73 11.95 115.73
C PHE B 329 8.20 11.60 117.14
N GLN B 330 9.03 10.56 117.29
CA GLN B 330 9.65 10.32 118.59
C GLN B 330 10.79 11.29 118.86
N ASN B 331 11.38 11.87 117.81
CA ASN B 331 12.51 12.78 117.96
C ASN B 331 12.12 14.24 117.91
N SER B 332 11.07 14.60 117.17
CA SER B 332 10.76 15.99 116.88
C SER B 332 9.68 16.52 117.82
N LYS B 333 9.46 17.85 117.72
CA LYS B 333 8.45 18.51 118.53
C LYS B 333 7.04 18.03 118.20
N LEU B 334 6.85 17.36 117.08
CA LEU B 334 5.51 16.97 116.66
C LEU B 334 4.80 16.16 117.73
N LEU B 335 5.55 15.39 118.53
CA LEU B 335 5.02 14.73 119.71
C LEU B 335 5.57 15.26 121.02
N LYS B 336 6.84 15.69 121.05
CA LYS B 336 7.42 16.20 122.27
C LYS B 336 6.67 17.42 122.79
N THR B 337 6.14 18.24 121.88
CA THR B 337 5.31 19.38 122.25
C THR B 337 3.85 19.18 121.87
N SER B 338 3.47 17.97 121.47
CA SER B 338 2.09 17.64 121.15
C SER B 338 1.50 18.59 120.11
N MET B 339 2.32 18.94 119.11
CA MET B 339 1.78 19.68 117.97
C MET B 339 0.90 18.79 117.11
N LEU B 340 1.27 17.51 116.95
CA LEU B 340 0.56 16.58 116.10
C LEU B 340 -0.01 15.44 116.93
N LYS B 341 -1.19 14.96 116.54
CA LYS B 341 -1.82 13.82 117.18
C LYS B 341 -1.34 12.53 116.56
N ALA B 342 -1.42 11.45 117.35
CA ALA B 342 -0.90 10.17 116.89
C ALA B 342 -1.61 9.68 115.63
N HIS B 343 -2.93 9.88 115.55
CA HIS B 343 -3.67 9.40 114.40
C HIS B 343 -3.40 10.23 113.14
N GLN B 344 -2.87 11.44 113.28
CA GLN B 344 -2.42 12.20 112.14
C GLN B 344 -1.01 11.83 111.72
N VAL B 345 -0.23 11.25 112.63
CA VAL B 345 1.08 10.72 112.27
C VAL B 345 0.93 9.59 111.28
N THR B 346 0.00 8.67 111.55
CA THR B 346 -0.20 7.51 110.69
C THR B 346 -0.75 7.93 109.34
N THR B 347 -0.08 7.48 108.27
CA THR B 347 -0.62 7.65 106.92
C THR B 347 -1.63 6.56 106.59
N ARG B 348 -1.57 5.43 107.28
CA ARG B 348 -2.65 4.45 107.15
C ARG B 348 -3.98 5.03 107.58
N ASN B 349 -3.97 5.98 108.52
CA ASN B 349 -5.21 6.63 108.91
C ASN B 349 -5.73 7.56 107.84
N LEU B 350 -4.84 8.19 107.08
CA LEU B 350 -5.28 8.95 105.91
C LEU B 350 -5.88 8.01 104.87
N SER B 351 -5.21 6.89 104.63
CA SER B 351 -5.71 5.93 103.64
C SER B 351 -7.09 5.42 104.04
N LEU B 352 -7.27 5.09 105.31
CA LEU B 352 -8.54 4.52 105.76
C LEU B 352 -9.64 5.58 105.81
N ALA B 353 -9.31 6.79 106.27
CA ALA B 353 -10.30 7.86 106.29
C ALA B 353 -10.78 8.16 104.88
N VAL B 354 -9.87 8.16 103.91
CA VAL B 354 -10.29 8.38 102.53
C VAL B 354 -11.13 7.21 102.03
N SER B 355 -10.67 5.98 102.25
CA SER B 355 -11.34 4.81 101.68
C SER B 355 -12.76 4.65 102.21
N ASP B 356 -12.92 4.69 103.54
CA ASP B 356 -14.23 4.41 104.12
C ASP B 356 -15.25 5.47 103.71
N CYS B 357 -14.90 6.75 103.87
CA CYS B 357 -15.81 7.80 103.45
C CYS B 357 -16.02 7.78 101.94
N PHE B 358 -15.02 7.32 101.18
CA PHE B 358 -15.17 7.19 99.74
C PHE B 358 -16.27 6.20 99.39
N TRP B 359 -16.23 5.02 99.97
CA TRP B 359 -17.27 4.04 99.66
C TRP B 359 -18.61 4.46 100.26
N LYS B 360 -18.59 5.17 101.38
CA LYS B 360 -19.82 5.73 101.92
C LYS B 360 -20.46 6.71 100.94
N MET B 361 -19.65 7.62 100.38
CA MET B 361 -20.16 8.54 99.37
C MET B 361 -20.67 7.77 98.15
N VAL B 362 -19.96 6.70 97.78
CA VAL B 362 -20.42 5.86 96.69
C VAL B 362 -21.84 5.39 96.95
N ARG B 363 -22.04 4.69 98.08
CA ARG B 363 -23.35 4.13 98.39
C ARG B 363 -24.41 5.22 98.54
N GLU B 364 -24.00 6.40 99.02
CA GLU B 364 -24.97 7.46 99.24
C GLU B 364 -25.42 8.10 97.92
N SER B 365 -24.50 8.37 96.99
CA SER B 365 -24.78 9.24 95.87
C SER B 365 -24.80 8.57 94.50
N VAL B 366 -24.08 7.48 94.29
CA VAL B 366 -23.95 6.94 92.94
C VAL B 366 -25.31 6.49 92.40
N GLU B 367 -26.17 5.98 93.29
CA GLU B 367 -27.43 5.38 92.86
C GLU B 367 -28.30 6.37 92.10
N GLN B 368 -28.30 7.64 92.52
CA GLN B 368 -29.23 8.61 91.95
C GLN B 368 -28.82 9.11 90.56
N GLN B 369 -27.63 8.70 90.10
CA GLN B 369 -27.13 9.00 88.72
C GLN B 369 -28.06 8.32 87.71
N ALA B 370 -28.90 7.34 88.13
CA ALA B 370 -29.85 6.67 87.25
C ALA B 370 -30.96 7.61 86.82
N ASP B 371 -31.32 8.58 87.66
CA ASP B 371 -32.36 9.53 87.27
C ASP B 371 -31.94 10.34 86.05
N SER B 372 -30.71 10.83 86.03
CA SER B 372 -30.25 11.60 84.88
C SER B 372 -30.02 10.70 83.67
N PHE B 373 -29.57 9.46 83.90
CA PHE B 373 -29.43 8.55 82.76
C PHE B 373 -30.78 8.28 82.11
N LYS B 374 -31.81 8.03 82.91
CA LYS B 374 -33.14 7.81 82.39
C LYS B 374 -33.68 9.06 81.71
N ALA B 375 -33.42 10.23 82.28
CA ALA B 375 -33.88 11.47 81.65
C ALA B 375 -33.24 11.65 80.28
N THR B 376 -31.94 11.37 80.18
CA THR B 376 -31.25 11.50 78.90
C THR B 376 -31.80 10.51 77.88
N ARG B 377 -31.97 9.25 78.28
CA ARG B 377 -32.55 8.27 77.36
C ARG B 377 -33.95 8.68 76.93
N PHE B 378 -34.75 9.17 77.87
CA PHE B 378 -36.10 9.61 77.55
C PHE B 378 -36.07 10.76 76.54
N ASN B 379 -35.20 11.74 76.74
CA ASN B 379 -35.13 12.86 75.82
C ASN B 379 -34.72 12.40 74.43
N LEU B 380 -33.71 11.52 74.34
CA LEU B 380 -33.27 11.06 73.03
C LEU B 380 -34.37 10.28 72.33
N GLU B 381 -35.03 9.37 73.05
CA GLU B 381 -36.09 8.57 72.47
C GLU B 381 -37.31 9.43 72.13
N THR B 382 -37.52 10.50 72.90
CA THR B 382 -38.62 11.42 72.60
C THR B 382 -38.36 12.15 71.28
N GLU B 383 -37.13 12.66 71.11
CA GLU B 383 -36.80 13.29 69.84
C GLU B 383 -36.96 12.31 68.70
N TRP B 384 -36.56 11.06 68.91
CA TRP B 384 -36.72 10.06 67.85
C TRP B 384 -38.19 9.83 67.54
N LYS B 385 -39.01 9.56 68.56
CA LYS B 385 -40.42 9.28 68.33
C LYS B 385 -41.10 10.44 67.62
N ASN B 386 -40.73 11.67 67.97
CA ASN B 386 -41.36 12.83 67.36
C ASN B 386 -40.89 13.04 65.94
N ASN B 387 -39.61 12.78 65.66
CA ASN B 387 -39.03 13.09 64.36
C ASN B 387 -38.44 11.89 63.65
N TYR B 388 -37.90 10.91 64.38
CA TYR B 388 -37.19 9.78 63.78
C TYR B 388 -37.73 8.49 64.37
N PRO B 389 -39.01 8.18 64.11
CA PRO B 389 -39.56 6.91 64.61
C PRO B 389 -38.87 5.70 64.03
N ARG B 390 -38.18 5.86 62.91
CA ARG B 390 -37.41 4.78 62.31
C ARG B 390 -35.96 4.77 62.79
N LEU B 391 -35.59 5.67 63.70
CA LEU B 391 -34.21 5.79 64.13
C LEU B 391 -33.93 4.78 65.23
N ARG B 392 -32.82 4.06 65.07
CA ARG B 392 -32.41 3.01 65.99
C ARG B 392 -30.99 3.35 66.42
N GLU B 393 -30.32 2.39 67.05
CA GLU B 393 -28.92 2.58 67.42
C GLU B 393 -28.09 2.67 66.14
N LEU B 394 -28.36 3.73 65.39
CA LEU B 394 -27.77 3.94 64.06
C LEU B 394 -26.37 4.52 64.23
N ASP B 395 -25.49 3.70 64.80
CA ASP B 395 -24.13 4.13 65.10
C ASP B 395 -23.24 3.98 63.87
N ARG B 396 -21.93 4.12 64.05
CA ARG B 396 -21.02 4.18 62.91
C ARG B 396 -21.19 3.00 61.96
N ASN B 397 -21.72 1.88 62.46
CA ASN B 397 -21.80 0.68 61.65
C ASN B 397 -23.09 0.59 60.84
N GLU B 398 -24.23 0.90 61.46
CA GLU B 398 -25.51 0.66 60.80
C GLU B 398 -25.75 1.62 59.64
N LEU B 399 -25.53 2.91 59.85
CA LEU B 399 -25.70 3.88 58.78
C LEU B 399 -24.75 3.57 57.62
N PHE B 400 -23.51 3.22 57.96
CA PHE B 400 -22.54 2.88 56.92
C PHE B 400 -23.02 1.70 56.09
N GLU B 401 -23.55 0.67 56.75
CA GLU B 401 -24.02 -0.51 56.03
C GLU B 401 -25.20 -0.16 55.14
N LYS B 402 -26.15 0.64 55.64
CA LYS B 402 -27.31 0.99 54.82
C LYS B 402 -26.88 1.82 53.61
N ALA B 403 -25.99 2.78 53.81
CA ALA B 403 -25.51 3.59 52.70
C ALA B 403 -24.76 2.72 51.69
N LYS B 404 -23.95 1.79 52.19
CA LYS B 404 -23.20 0.90 51.30
C LYS B 404 -24.14 0.07 50.45
N ASN B 405 -25.19 -0.49 51.06
CA ASN B 405 -26.12 -1.32 50.31
C ASN B 405 -26.88 -0.50 49.28
N GLU B 406 -27.30 0.71 49.66
CA GLU B 406 -27.97 1.57 48.70
C GLU B 406 -27.04 1.93 47.54
N ILE B 407 -25.78 2.21 47.85
CA ILE B 407 -24.81 2.55 46.81
C ILE B 407 -24.64 1.38 45.85
N LEU B 408 -24.48 0.17 46.39
CA LEU B 408 -24.28 -0.98 45.53
C LEU B 408 -25.51 -1.23 44.67
N ASP B 409 -26.71 -1.07 45.24
CA ASP B 409 -27.92 -1.28 44.47
C ASP B 409 -28.06 -0.26 43.36
N GLU B 410 -27.77 1.01 43.65
CA GLU B 410 -27.87 2.03 42.62
C GLU B 410 -26.81 1.84 41.54
N VAL B 411 -25.61 1.39 41.92
CA VAL B 411 -24.57 1.13 40.94
C VAL B 411 -24.97 -0.04 40.05
N ILE B 412 -25.57 -1.07 40.61
CA ILE B 412 -26.07 -2.17 39.80
C ILE B 412 -27.15 -1.68 38.85
N SER B 413 -28.07 -0.86 39.35
CA SER B 413 -29.10 -0.28 38.48
C SER B 413 -28.47 0.48 37.33
N LEU B 414 -27.44 1.28 37.62
CA LEU B 414 -26.69 1.94 36.55
C LEU B 414 -26.12 0.92 35.57
N SER B 415 -25.51 -0.15 36.09
CA SER B 415 -24.95 -1.18 35.22
C SER B 415 -26.02 -1.80 34.34
N GLN B 416 -27.28 -1.71 34.72
CA GLN B 416 -28.38 -2.27 33.95
C GLN B 416 -29.01 -1.27 32.99
N VAL B 417 -28.46 -0.07 32.87
CA VAL B 417 -29.06 0.94 32.00
C VAL B 417 -29.07 0.45 30.55
N THR B 418 -30.17 0.71 29.86
CA THR B 418 -30.35 0.19 28.52
C THR B 418 -29.34 0.81 27.55
N PRO B 419 -28.85 0.04 26.58
CA PRO B 419 -27.94 0.63 25.57
C PRO B 419 -28.52 1.82 24.84
N LYS B 420 -29.84 1.86 24.63
CA LYS B 420 -30.44 2.95 23.86
C LYS B 420 -30.11 4.30 24.48
N HIS B 421 -30.35 4.43 25.79
CA HIS B 421 -30.04 5.69 26.48
C HIS B 421 -28.55 5.99 26.39
N TRP B 422 -27.71 4.98 26.61
CA TRP B 422 -26.27 5.18 26.54
C TRP B 422 -25.86 5.77 25.20
N GLU B 423 -26.28 5.13 24.11
CA GLU B 423 -25.85 5.57 22.79
C GLU B 423 -26.41 6.94 22.45
N GLU B 424 -27.66 7.19 22.82
CA GLU B 424 -28.24 8.49 22.52
C GLU B 424 -27.49 9.61 23.24
N ILE B 425 -27.21 9.43 24.53
CA ILE B 425 -26.53 10.49 25.27
C ILE B 425 -25.10 10.64 24.78
N LEU B 426 -24.44 9.52 24.44
CA LEU B 426 -23.07 9.61 23.94
C LEU B 426 -23.01 10.36 22.63
N GLN B 427 -23.93 10.08 21.72
CA GLN B 427 -23.94 10.79 20.44
C GLN B 427 -24.22 12.26 20.65
N GLN B 428 -25.18 12.59 21.52
CA GLN B 428 -25.50 13.99 21.74
C GLN B 428 -24.31 14.74 22.34
N SER B 429 -23.63 14.13 23.31
CA SER B 429 -22.50 14.80 23.95
C SER B 429 -21.34 14.99 22.97
N LEU B 430 -20.98 13.94 22.24
CA LEU B 430 -19.86 14.05 21.32
C LEU B 430 -20.18 15.05 20.20
N TRP B 431 -21.44 15.07 19.74
CA TRP B 431 -21.81 16.08 18.75
C TRP B 431 -21.68 17.48 19.33
N GLU B 432 -22.14 17.67 20.56
CA GLU B 432 -21.96 18.97 21.21
C GLU B 432 -20.48 19.36 21.21
N ARG B 433 -19.61 18.38 21.42
CA ARG B 433 -18.18 18.70 21.51
C ARG B 433 -17.55 18.99 20.15
N VAL B 434 -17.98 18.31 19.09
CA VAL B 434 -17.26 18.35 17.83
C VAL B 434 -17.97 19.16 16.75
N SER B 435 -19.20 19.62 16.99
CA SER B 435 -19.94 20.30 15.93
C SER B 435 -19.22 21.56 15.48
N THR B 436 -18.84 22.41 16.44
CA THR B 436 -18.21 23.67 16.09
C THR B 436 -16.78 23.47 15.58
N HIS B 437 -16.09 22.44 16.07
CA HIS B 437 -14.78 22.13 15.51
C HIS B 437 -14.91 21.80 14.03
N VAL B 438 -15.85 20.93 13.69
CA VAL B 438 -16.06 20.60 12.29
C VAL B 438 -16.42 21.85 11.51
N ILE B 439 -17.43 22.57 11.97
CA ILE B 439 -17.98 23.68 11.19
C ILE B 439 -16.91 24.72 10.92
N GLU B 440 -16.13 25.08 11.94
CA GLU B 440 -15.20 26.17 11.81
C GLU B 440 -13.89 25.77 11.16
N ASN B 441 -13.39 24.56 11.42
CA ASN B 441 -12.05 24.20 10.99
C ASN B 441 -12.02 23.37 9.72
N ILE B 442 -13.12 22.74 9.32
CA ILE B 442 -13.10 21.87 8.14
C ILE B 442 -14.11 22.39 7.12
N TYR B 443 -15.37 22.51 7.54
CA TYR B 443 -16.43 22.84 6.59
C TYR B 443 -16.23 24.23 6.00
N LEU B 444 -16.25 25.25 6.84
CA LEU B 444 -16.16 26.62 6.33
C LEU B 444 -14.88 26.86 5.55
N PRO B 445 -13.69 26.55 6.05
CA PRO B 445 -12.48 26.75 5.24
C PRO B 445 -12.54 26.01 3.92
N ALA B 446 -13.07 24.79 3.92
CA ALA B 446 -13.20 24.04 2.68
C ALA B 446 -14.17 24.72 1.73
N ALA B 447 -15.19 25.40 2.29
CA ALA B 447 -16.23 26.01 1.45
C ALA B 447 -15.68 27.09 0.54
N GLN B 448 -14.46 27.58 0.78
CA GLN B 448 -13.93 28.65 -0.05
C GLN B 448 -13.70 28.23 -1.50
N THR B 449 -13.56 26.93 -1.76
CA THR B 449 -13.31 26.46 -3.11
C THR B 449 -14.62 26.13 -3.80
N MET B 450 -14.66 26.37 -5.11
CA MET B 450 -15.80 26.02 -5.93
C MET B 450 -15.72 24.61 -6.49
N ASN B 451 -14.59 23.92 -6.29
CA ASN B 451 -14.40 22.56 -6.77
C ASN B 451 -14.77 21.62 -5.63
N SER B 452 -15.94 21.02 -5.73
CA SER B 452 -16.39 20.13 -4.67
C SER B 452 -15.47 18.93 -4.49
N GLY B 453 -14.69 18.56 -5.52
CA GLY B 453 -13.78 17.46 -5.38
C GLY B 453 -12.60 17.78 -4.49
N THR B 454 -12.03 18.97 -4.63
CA THR B 454 -10.97 19.40 -3.73
C THR B 454 -11.53 19.74 -2.36
N PHE B 455 -12.76 20.24 -2.30
CA PHE B 455 -13.45 20.41 -1.03
C PHE B 455 -13.50 19.09 -0.28
N ASN B 456 -13.97 18.04 -0.95
CA ASN B 456 -14.10 16.73 -0.30
C ASN B 456 -12.73 16.17 0.06
N THR B 457 -11.73 16.38 -0.80
CA THR B 457 -10.40 15.88 -0.50
C THR B 457 -9.85 16.52 0.76
N THR B 458 -9.93 17.85 0.86
CA THR B 458 -9.46 18.53 2.04
C THR B 458 -10.25 18.10 3.27
N VAL B 459 -11.56 17.96 3.13
CA VAL B 459 -12.38 17.54 4.26
C VAL B 459 -11.94 16.17 4.75
N ASP B 460 -11.72 15.24 3.82
CA ASP B 460 -11.32 13.90 4.21
C ASP B 460 -9.95 13.89 4.87
N ILE B 461 -9.01 14.67 4.34
CA ILE B 461 -7.68 14.72 4.93
C ILE B 461 -7.75 15.25 6.36
N LYS B 462 -8.47 16.36 6.54
CA LYS B 462 -8.61 16.94 7.88
C LYS B 462 -9.33 15.97 8.81
N LEU B 463 -10.35 15.28 8.31
CA LEU B 463 -11.08 14.33 9.15
C LEU B 463 -10.18 13.17 9.56
N LYS B 464 -9.34 12.67 8.64
CA LYS B 464 -8.43 11.59 8.99
C LYS B 464 -7.43 12.04 10.05
N GLN B 465 -6.87 13.24 9.90
CA GLN B 465 -5.93 13.73 10.89
C GLN B 465 -6.60 13.93 12.25
N TRP B 466 -7.81 14.51 12.24
CA TRP B 466 -8.57 14.73 13.46
C TRP B 466 -8.90 13.40 14.14
N THR B 467 -9.25 12.39 13.34
CA THR B 467 -9.48 11.06 13.86
C THR B 467 -8.21 10.50 14.49
N ASP B 468 -7.08 10.68 13.82
CA ASP B 468 -5.84 10.11 14.31
C ASP B 468 -5.41 10.75 15.63
N LYS B 469 -5.66 12.05 15.78
CA LYS B 469 -5.09 12.77 16.93
C LYS B 469 -6.11 13.14 17.99
N GLN B 470 -7.32 13.54 17.62
CA GLN B 470 -8.23 14.17 18.58
C GLN B 470 -9.51 13.38 18.78
N LEU B 471 -10.16 12.98 17.70
CA LEU B 471 -11.53 12.47 17.80
C LEU B 471 -11.69 11.32 18.77
N PRO B 472 -10.89 10.26 18.74
CA PRO B 472 -11.09 9.17 19.71
C PRO B 472 -10.82 9.59 21.14
N ASN B 473 -9.94 10.56 21.36
CA ASN B 473 -9.72 11.05 22.72
C ASN B 473 -10.93 11.81 23.23
N LYS B 474 -11.57 12.61 22.37
CA LYS B 474 -12.82 13.26 22.74
C LYS B 474 -13.93 12.23 22.96
N ALA B 475 -13.95 11.18 22.14
CA ALA B 475 -14.95 10.14 22.29
C ALA B 475 -14.80 9.42 23.63
N VAL B 476 -13.57 9.09 24.00
CA VAL B 476 -13.32 8.44 25.29
C VAL B 476 -13.66 9.39 26.43
N GLU B 477 -13.30 10.67 26.29
CA GLU B 477 -13.69 11.66 27.28
C GLU B 477 -15.20 11.69 27.44
N VAL B 478 -15.93 11.67 26.33
CA VAL B 478 -17.39 11.70 26.38
C VAL B 478 -17.92 10.48 27.11
N ALA B 479 -17.42 9.30 26.75
CA ALA B 479 -17.90 8.08 27.40
C ALA B 479 -17.63 8.10 28.89
N TRP B 480 -16.41 8.49 29.27
CA TRP B 480 -16.04 8.50 30.68
C TRP B 480 -16.88 9.50 31.47
N GLU B 481 -17.06 10.70 30.92
CA GLU B 481 -17.80 11.73 31.64
C GLU B 481 -19.29 11.42 31.68
N THR B 482 -19.82 10.80 30.63
CA THR B 482 -21.21 10.36 30.66
C THR B 482 -21.42 9.28 31.71
N LEU B 483 -20.47 8.34 31.80
CA LEU B 483 -20.55 7.35 32.88
C LEU B 483 -20.50 8.03 34.23
N GLN B 484 -19.63 9.03 34.38
CA GLN B 484 -19.56 9.76 35.63
C GLN B 484 -20.89 10.45 35.93
N GLU B 485 -21.53 11.02 34.90
CA GLU B 485 -22.77 11.74 35.11
C GLU B 485 -23.89 10.81 35.55
N GLU B 486 -24.05 9.69 34.87
CA GLU B 486 -25.07 8.72 35.27
C GLU B 486 -24.76 8.16 36.66
N PHE B 487 -23.48 7.89 36.92
CA PHE B 487 -23.07 7.36 38.21
C PHE B 487 -23.40 8.35 39.33
N SER B 488 -23.17 9.64 39.09
CA SER B 488 -23.53 10.66 40.07
C SER B 488 -25.04 10.75 40.25
N ARG B 489 -25.78 10.68 39.15
CA ARG B 489 -27.24 10.74 39.25
C ARG B 489 -27.76 9.61 40.14
N PHE B 490 -27.20 8.41 39.97
CA PHE B 490 -27.61 7.30 40.84
C PHE B 490 -27.09 7.51 42.26
N MET B 491 -25.84 7.93 42.40
CA MET B 491 -25.22 8.05 43.72
C MET B 491 -25.72 9.28 44.48
N THR B 492 -25.95 10.39 43.80
CA THR B 492 -26.27 11.63 44.48
C THR B 492 -27.74 11.64 44.88
N GLU B 493 -28.18 12.73 45.49
CA GLU B 493 -29.56 12.85 45.91
C GLU B 493 -30.48 12.64 44.70
N PRO B 494 -31.45 11.73 44.77
CA PRO B 494 -32.45 11.66 43.70
C PRO B 494 -33.26 12.94 43.65
N LYS B 495 -33.68 13.30 42.43
CA LYS B 495 -34.39 14.56 42.21
C LYS B 495 -35.84 14.44 42.71
N GLY B 496 -35.95 14.17 44.02
CA GLY B 496 -37.22 14.04 44.67
C GLY B 496 -37.24 14.72 46.02
N LYS B 497 -38.24 14.40 46.85
CA LYS B 497 -38.34 14.92 48.20
C LYS B 497 -38.09 13.87 49.27
N GLU B 498 -38.19 12.58 48.93
CA GLU B 498 -38.08 11.52 49.93
C GLU B 498 -36.65 11.29 50.38
N HIS B 499 -35.66 11.83 49.67
CA HIS B 499 -34.28 11.48 49.95
C HIS B 499 -33.90 11.85 51.38
N ASP B 500 -33.15 10.96 52.04
CA ASP B 500 -32.55 11.23 53.33
C ASP B 500 -31.09 11.58 53.10
N ASP B 501 -30.73 12.83 53.39
CA ASP B 501 -29.38 13.30 53.13
C ASP B 501 -28.32 12.64 53.99
N ILE B 502 -28.72 11.89 55.02
CA ILE B 502 -27.75 11.38 55.98
C ILE B 502 -26.73 10.47 55.31
N PHE B 503 -27.06 9.89 54.16
CA PHE B 503 -26.13 9.04 53.42
C PHE B 503 -25.30 9.82 52.40
N ASP B 504 -25.51 11.13 52.29
CA ASP B 504 -24.84 11.89 51.24
C ASP B 504 -23.33 11.92 51.45
N LYS B 505 -22.87 12.00 52.69
CA LYS B 505 -21.44 12.07 52.92
C LYS B 505 -20.74 10.85 52.33
N LEU B 506 -21.22 9.65 52.68
CA LEU B 506 -20.59 8.45 52.17
C LEU B 506 -20.83 8.29 50.68
N LYS B 507 -22.02 8.62 50.20
CA LYS B 507 -22.28 8.45 48.77
C LYS B 507 -21.34 9.33 47.94
N GLU B 508 -21.15 10.58 48.34
CA GLU B 508 -20.28 11.47 47.59
C GLU B 508 -18.82 11.06 47.74
N ALA B 509 -18.40 10.70 48.96
CA ALA B 509 -17.02 10.28 49.14
C ALA B 509 -16.70 9.05 48.31
N VAL B 510 -17.61 8.08 48.30
CA VAL B 510 -17.41 6.87 47.51
C VAL B 510 -17.42 7.20 46.03
N LYS B 511 -18.33 8.08 45.61
CA LYS B 511 -18.36 8.47 44.21
C LYS B 511 -17.03 9.05 43.79
N GLU B 512 -16.50 9.99 44.56
CA GLU B 512 -15.23 10.61 44.21
C GLU B 512 -14.09 9.59 44.23
N GLU B 513 -14.06 8.74 45.25
CA GLU B 513 -12.96 7.77 45.37
C GLU B 513 -12.98 6.78 44.22
N SER B 514 -14.15 6.28 43.85
CA SER B 514 -14.25 5.30 42.77
C SER B 514 -14.00 5.95 41.41
N ILE B 515 -14.44 7.20 41.23
CA ILE B 515 -14.23 7.87 39.95
C ILE B 515 -12.76 8.19 39.74
N LYS B 516 -12.09 8.68 40.78
CA LYS B 516 -10.68 9.02 40.65
C LYS B 516 -9.81 7.78 40.50
N ARG B 517 -10.24 6.64 41.02
CA ARG B 517 -9.49 5.39 40.87
C ARG B 517 -9.79 4.66 39.57
N HIS B 518 -10.78 5.11 38.81
CA HIS B 518 -11.16 4.41 37.60
C HIS B 518 -10.18 4.72 36.47
N LYS B 519 -9.91 3.72 35.64
CA LYS B 519 -9.02 3.86 34.49
C LYS B 519 -9.68 3.25 33.27
N TRP B 520 -9.54 3.94 32.14
CA TRP B 520 -10.16 3.51 30.90
C TRP B 520 -9.27 2.49 30.19
N ASN B 521 -9.90 1.69 29.32
CA ASN B 521 -9.16 0.75 28.49
C ASN B 521 -8.11 1.48 27.67
N ASP B 522 -6.89 0.93 27.65
CA ASP B 522 -5.77 1.63 27.05
C ASP B 522 -5.95 1.80 25.54
N PHE B 523 -6.52 0.81 24.87
CA PHE B 523 -6.45 0.74 23.41
C PHE B 523 -7.81 0.95 22.73
N ALA B 524 -8.77 1.53 23.44
CA ALA B 524 -10.05 1.85 22.82
C ALA B 524 -9.87 2.81 21.65
N GLU B 525 -8.93 3.75 21.78
CA GLU B 525 -8.77 4.78 20.76
C GLU B 525 -8.27 4.21 19.45
N ASP B 526 -7.49 3.13 19.48
CA ASP B 526 -6.99 2.56 18.23
C ASP B 526 -8.12 1.91 17.45
N SER B 527 -8.98 1.16 18.15
CA SER B 527 -10.15 0.59 17.51
C SER B 527 -11.06 1.69 16.98
N LEU B 528 -11.22 2.76 17.74
CA LEU B 528 -12.05 3.87 17.27
C LEU B 528 -11.44 4.52 16.04
N ARG B 529 -10.12 4.68 16.01
CA ARG B 529 -9.47 5.23 14.83
C ARG B 529 -9.73 4.36 13.61
N VAL B 530 -9.53 3.05 13.73
CA VAL B 530 -9.75 2.18 12.59
C VAL B 530 -11.21 2.23 12.14
N ILE B 531 -12.12 2.16 13.11
CA ILE B 531 -13.55 2.16 12.78
C ILE B 531 -13.94 3.45 12.09
N GLN B 532 -13.45 4.58 12.61
CA GLN B 532 -13.82 5.88 12.07
C GLN B 532 -13.22 6.07 10.68
N HIS B 533 -12.00 5.59 10.47
CA HIS B 533 -11.41 5.65 9.13
C HIS B 533 -12.25 4.85 8.14
N ASN B 534 -12.65 3.64 8.54
CA ASN B 534 -13.46 2.82 7.63
C ASN B 534 -14.82 3.47 7.37
N ALA B 535 -15.43 4.04 8.41
CA ALA B 535 -16.72 4.71 8.24
C ALA B 535 -16.59 5.92 7.32
N LEU B 536 -15.50 6.68 7.47
CA LEU B 536 -15.26 7.80 6.58
C LEU B 536 -15.10 7.33 5.14
N GLU B 537 -14.41 6.20 4.95
CA GLU B 537 -14.29 5.65 3.60
C GLU B 537 -15.66 5.29 3.03
N ASP B 538 -16.63 4.99 3.89
CA ASP B 538 -17.97 4.62 3.46
C ASP B 538 -18.72 5.89 3.08
N ARG B 539 -18.81 6.15 1.77
CA ARG B 539 -19.47 7.34 1.25
C ARG B 539 -20.73 7.01 0.46
N SER B 540 -21.29 5.82 0.63
CA SER B 540 -22.44 5.37 -0.13
C SER B 540 -23.71 5.70 0.61
N ILE B 541 -24.44 6.71 0.11
CA ILE B 541 -25.75 7.06 0.64
C ILE B 541 -26.78 6.85 -0.47
N SER B 542 -27.89 6.20 -0.11
CA SER B 542 -28.93 5.86 -1.08
C SER B 542 -30.32 6.29 -0.66
N ASP B 543 -30.60 6.44 0.63
CA ASP B 543 -31.95 6.74 1.11
C ASP B 543 -32.12 8.24 1.28
N LYS B 544 -33.20 8.78 0.73
CA LYS B 544 -33.52 10.19 0.92
C LYS B 544 -33.68 10.52 2.40
N GLN B 545 -34.08 9.54 3.22
CA GLN B 545 -34.28 9.82 4.64
C GLN B 545 -32.96 10.07 5.36
N GLN B 546 -31.91 9.33 5.02
CA GLN B 546 -30.60 9.64 5.58
C GLN B 546 -30.16 11.03 5.13
N TRP B 547 -30.43 11.35 3.87
CA TRP B 547 -30.12 12.66 3.33
C TRP B 547 -30.79 13.76 4.15
N ASP B 548 -32.09 13.61 4.41
CA ASP B 548 -32.83 14.60 5.17
C ASP B 548 -32.39 14.65 6.62
N ALA B 549 -32.09 13.49 7.21
CA ALA B 549 -31.66 13.48 8.60
C ALA B 549 -30.35 14.22 8.77
N ALA B 550 -29.38 13.95 7.89
CA ALA B 550 -28.13 14.70 7.92
C ALA B 550 -28.39 16.17 7.60
N ILE B 551 -29.35 16.45 6.72
CA ILE B 551 -29.67 17.83 6.41
C ILE B 551 -30.10 18.57 7.66
N TYR B 552 -31.04 18.01 8.42
CA TYR B 552 -31.52 18.68 9.62
C TYR B 552 -30.45 18.70 10.70
N PHE B 553 -29.61 17.66 10.76
CA PHE B 553 -28.49 17.65 11.69
C PHE B 553 -27.58 18.86 11.47
N MET B 554 -27.00 18.97 10.28
CA MET B 554 -26.12 20.09 10.01
C MET B 554 -26.88 21.40 9.94
N GLU B 555 -28.16 21.35 9.61
CA GLU B 555 -28.97 22.57 9.53
C GLU B 555 -29.19 23.16 10.92
N GLU B 556 -29.49 22.31 11.90
CA GLU B 556 -29.63 22.79 13.27
C GLU B 556 -28.29 23.29 13.78
N ALA B 557 -27.20 22.59 13.45
CA ALA B 557 -25.89 23.12 13.82
C ALA B 557 -25.66 24.49 13.22
N LEU B 558 -26.00 24.65 11.93
CA LEU B 558 -25.78 25.90 11.22
C LEU B 558 -26.66 27.01 11.78
N GLN B 559 -27.90 26.69 12.14
CA GLN B 559 -28.79 27.70 12.69
C GLN B 559 -28.33 28.14 14.06
N ALA B 560 -27.79 27.22 14.87
CA ALA B 560 -27.19 27.63 16.12
C ALA B 560 -26.02 28.57 15.88
N ARG B 561 -25.15 28.23 14.92
CA ARG B 561 -24.03 29.11 14.62
C ARG B 561 -24.50 30.46 14.11
N LEU B 562 -25.54 30.46 13.27
CA LEU B 562 -26.06 31.70 12.72
C LEU B 562 -26.63 32.59 13.80
N LYS B 563 -27.34 32.00 14.76
CA LYS B 563 -27.91 32.80 15.84
C LYS B 563 -26.81 33.35 16.74
N ASP B 564 -25.77 32.55 17.00
CA ASP B 564 -24.65 33.06 17.77
C ASP B 564 -24.00 34.24 17.07
N THR B 565 -23.78 34.11 15.76
CA THR B 565 -23.16 35.19 15.00
C THR B 565 -24.06 36.42 14.98
N GLU B 566 -25.36 36.22 14.85
CA GLU B 566 -26.29 37.35 14.80
C GLU B 566 -26.34 38.08 16.13
N ASN B 567 -26.28 37.35 17.25
CA ASN B 567 -26.28 38.00 18.55
C ASN B 567 -24.99 38.78 18.77
N ALA B 568 -23.85 38.19 18.39
CA ALA B 568 -22.60 38.93 18.46
C ALA B 568 -22.66 40.16 17.57
N ILE B 569 -23.30 40.05 16.41
CA ILE B 569 -23.44 41.18 15.50
C ILE B 569 -24.27 42.28 16.14
N GLU B 570 -25.40 41.91 16.75
CA GLU B 570 -26.24 42.90 17.41
C GLU B 570 -25.48 43.60 18.52
N ASN B 571 -24.68 42.85 19.28
CA ASN B 571 -23.84 43.48 20.28
C ASN B 571 -22.86 44.44 19.63
N MET B 572 -22.30 44.06 18.49
CA MET B 572 -21.29 44.87 17.82
C MET B 572 -21.90 46.19 17.32
N VAL B 573 -23.14 46.15 16.83
CA VAL B 573 -23.75 47.30 16.19
C VAL B 573 -24.93 47.86 16.97
N GLY B 574 -25.41 47.17 18.01
CA GLY B 574 -26.51 47.66 18.79
C GLY B 574 -27.86 47.36 18.18
N PRO B 575 -28.93 47.78 18.84
CA PRO B 575 -30.27 47.49 18.35
C PRO B 575 -30.65 48.33 17.14
N ASP B 576 -31.66 47.84 16.42
CA ASP B 576 -32.22 48.58 15.31
C ASP B 576 -33.24 49.60 15.84
N TRP B 577 -33.75 50.43 14.94
CA TRP B 577 -34.68 51.48 15.34
C TRP B 577 -35.91 50.91 16.04
N LYS B 578 -36.27 49.65 15.71
CA LYS B 578 -37.46 49.06 16.32
C LYS B 578 -37.35 49.02 17.83
N LYS B 579 -36.14 48.88 18.37
CA LYS B 579 -35.91 48.94 19.81
C LYS B 579 -35.43 50.30 20.29
N ARG B 580 -34.66 51.02 19.47
CA ARG B 580 -34.17 52.32 19.90
C ARG B 580 -35.32 53.28 20.16
N TRP B 581 -36.35 53.24 19.33
CA TRP B 581 -37.51 54.11 19.46
C TRP B 581 -38.66 53.43 20.18
N LEU B 582 -38.44 52.24 20.76
CA LEU B 582 -39.45 51.54 21.53
C LEU B 582 -39.07 51.46 23.01
N TYR B 583 -37.83 51.08 23.31
CA TYR B 583 -37.32 51.06 24.67
C TYR B 583 -36.43 52.25 24.96
N TRP B 584 -36.37 53.22 24.05
CA TRP B 584 -35.57 54.42 24.22
C TRP B 584 -34.11 54.05 24.47
N LYS B 585 -33.56 53.30 23.52
CA LYS B 585 -32.15 52.93 23.51
C LYS B 585 -31.50 53.57 22.29
N ASN B 586 -30.17 53.53 22.28
CA ASN B 586 -29.42 54.07 21.17
C ASN B 586 -28.15 53.24 20.99
N ARG B 587 -27.44 53.51 19.91
CA ARG B 587 -26.19 52.81 19.63
C ARG B 587 -25.01 53.58 20.19
N THR B 588 -23.98 52.84 20.59
CA THR B 588 -22.71 53.46 20.91
C THR B 588 -22.02 53.89 19.61
N GLN B 589 -21.01 54.74 19.75
CA GLN B 589 -20.28 55.19 18.57
C GLN B 589 -19.66 54.02 17.85
N GLU B 590 -19.12 53.06 18.60
CA GLU B 590 -18.62 51.84 18.00
C GLU B 590 -19.74 51.09 17.30
N GLN B 591 -20.93 51.10 17.90
CA GLN B 591 -22.06 50.37 17.32
C GLN B 591 -22.51 51.01 16.01
N CYS B 592 -22.58 52.33 15.96
CA CYS B 592 -22.91 53.00 14.71
C CYS B 592 -21.84 52.75 13.66
N VAL B 593 -20.57 52.81 14.06
CA VAL B 593 -19.48 52.59 13.11
C VAL B 593 -19.58 51.18 12.54
N HIS B 594 -19.82 50.20 13.40
CA HIS B 594 -19.93 48.82 12.94
C HIS B 594 -21.16 48.64 12.05
N ASN B 595 -22.25 49.32 12.37
CA ASN B 595 -23.44 49.23 11.53
C ASN B 595 -23.16 49.77 10.13
N GLU B 596 -22.45 50.91 10.05
CA GLU B 596 -22.13 51.46 8.74
C GLU B 596 -21.16 50.57 7.98
N THR B 597 -20.17 50.01 8.68
CA THR B 597 -19.25 49.09 8.02
C THR B 597 -19.98 47.85 7.51
N LYS B 598 -20.92 47.34 8.32
CA LYS B 598 -21.73 46.21 7.90
C LYS B 598 -22.56 46.56 6.68
N ASN B 599 -23.14 47.76 6.65
CA ASN B 599 -23.92 48.17 5.49
C ASN B 599 -23.04 48.22 4.24
N GLU B 600 -21.84 48.77 4.37
CA GLU B 600 -20.93 48.82 3.22
C GLU B 600 -20.57 47.43 2.75
N LEU B 601 -20.29 46.52 3.69
CA LEU B 601 -19.91 45.17 3.31
C LEU B 601 -21.09 44.41 2.72
N GLU B 602 -22.30 44.68 3.19
CA GLU B 602 -23.48 44.09 2.59
C GLU B 602 -23.68 44.58 1.16
N LYS B 603 -23.46 45.86 0.92
CA LYS B 603 -23.54 46.37 -0.44
C LYS B 603 -22.48 45.69 -1.31
N MET B 604 -21.29 45.50 -0.76
CA MET B 604 -20.25 44.78 -1.51
C MET B 604 -20.68 43.37 -1.83
N LEU B 605 -21.27 42.67 -0.87
CA LEU B 605 -21.70 41.28 -1.05
C LEU B 605 -22.96 41.16 -1.90
N LYS B 606 -23.65 42.27 -2.14
CA LYS B 606 -24.81 42.29 -3.03
C LYS B 606 -24.41 42.52 -4.47
N CYS B 607 -23.13 42.73 -4.73
CA CYS B 607 -22.57 42.69 -6.08
C CYS B 607 -21.78 41.43 -6.34
N ASN B 608 -21.11 40.91 -5.31
CA ASN B 608 -20.42 39.62 -5.38
C ASN B 608 -20.85 38.81 -4.16
N GLU B 609 -21.94 38.07 -4.31
CA GLU B 609 -22.40 37.19 -3.24
C GLU B 609 -21.47 36.02 -3.01
N GLU B 610 -20.56 35.74 -3.94
CA GLU B 610 -19.59 34.67 -3.80
C GLU B 610 -18.22 35.18 -3.39
N HIS B 611 -18.14 36.42 -2.92
CA HIS B 611 -16.86 36.97 -2.53
C HIS B 611 -16.21 36.07 -1.47
N PRO B 612 -14.91 35.78 -1.58
CA PRO B 612 -14.29 34.88 -0.62
C PRO B 612 -14.16 35.50 0.75
N ALA B 613 -13.90 34.64 1.74
CA ALA B 613 -13.77 35.10 3.11
C ALA B 613 -12.66 36.13 3.25
N TYR B 614 -11.59 35.99 2.48
CA TYR B 614 -10.45 36.89 2.60
C TYR B 614 -10.75 38.23 1.95
N LEU B 615 -10.41 39.31 2.66
CA LEU B 615 -10.53 40.67 2.15
C LEU B 615 -9.14 41.23 1.87
N ALA B 616 -9.01 41.93 0.76
CA ALA B 616 -7.79 42.67 0.47
C ALA B 616 -7.78 43.98 1.23
N SER B 617 -6.57 44.44 1.59
CA SER B 617 -6.46 45.71 2.28
C SER B 617 -6.93 46.88 1.43
N ASP B 618 -6.96 46.72 0.11
CA ASP B 618 -7.53 47.76 -0.73
C ASP B 618 -9.02 47.90 -0.47
N GLU B 619 -9.71 46.78 -0.24
CA GLU B 619 -11.12 46.87 0.13
C GLU B 619 -11.26 47.53 1.49
N ILE B 620 -10.33 47.27 2.41
CA ILE B 620 -10.36 47.92 3.71
C ILE B 620 -10.23 49.42 3.54
N THR B 621 -9.29 49.86 2.70
CA THR B 621 -9.10 51.28 2.49
C THR B 621 -10.30 51.91 1.79
N THR B 622 -10.88 51.21 0.82
CA THR B 622 -12.05 51.73 0.13
C THR B 622 -13.21 51.90 1.10
N VAL B 623 -13.43 50.92 1.97
CA VAL B 623 -14.48 51.04 2.97
C VAL B 623 -14.16 52.18 3.93
N ARG B 624 -12.90 52.32 4.32
CA ARG B 624 -12.51 53.41 5.19
C ARG B 624 -12.81 54.77 4.56
N LYS B 625 -12.51 54.91 3.27
CA LYS B 625 -12.72 56.20 2.61
C LYS B 625 -14.21 56.45 2.41
N ASN B 626 -14.99 55.41 2.12
CA ASN B 626 -16.43 55.57 2.03
C ASN B 626 -17.00 55.98 3.38
N LEU B 627 -16.49 55.40 4.46
CA LEU B 627 -16.94 55.78 5.80
C LEU B 627 -16.56 57.22 6.11
N GLU B 628 -15.35 57.64 5.69
CA GLU B 628 -14.97 59.04 5.82
C GLU B 628 -15.92 59.94 5.07
N SER B 629 -16.31 59.55 3.86
CA SER B 629 -17.33 60.26 3.12
C SER B 629 -18.68 60.20 3.83
N ARG B 630 -18.85 59.26 4.76
CA ARG B 630 -20.03 59.20 5.61
C ARG B 630 -19.71 59.65 7.04
N GLY B 631 -18.52 60.23 7.26
CA GLY B 631 -18.18 60.79 8.55
C GLY B 631 -17.65 59.80 9.55
N VAL B 632 -17.23 58.63 9.11
CA VAL B 632 -16.78 57.55 9.99
C VAL B 632 -15.35 57.18 9.62
N GLU B 633 -14.47 57.14 10.61
CA GLU B 633 -13.11 56.68 10.45
C GLU B 633 -12.92 55.46 11.34
N VAL B 634 -12.34 54.39 10.78
CA VAL B 634 -12.29 53.11 11.45
C VAL B 634 -10.89 52.52 11.40
N ASP B 635 -10.61 51.65 12.36
CA ASP B 635 -9.40 50.84 12.31
C ASP B 635 -9.59 49.70 11.32
N PRO B 636 -8.53 49.30 10.60
CA PRO B 636 -8.67 48.15 9.69
C PRO B 636 -9.21 46.91 10.37
N SER B 637 -8.81 46.64 11.61
CA SER B 637 -9.31 45.45 12.31
C SER B 637 -10.78 45.55 12.62
N LEU B 638 -11.32 46.76 12.81
CA LEU B 638 -12.76 46.91 12.97
C LEU B 638 -13.49 46.40 11.73
N ILE B 639 -13.02 46.83 10.56
CA ILE B 639 -13.61 46.36 9.31
C ILE B 639 -13.42 44.86 9.19
N LYS B 640 -12.24 44.35 9.56
CA LYS B 640 -11.97 42.94 9.41
C LYS B 640 -12.91 42.09 10.27
N ASP B 641 -13.18 42.53 11.50
CA ASP B 641 -14.06 41.76 12.38
C ASP B 641 -15.50 41.88 11.95
N THR B 642 -15.92 43.07 11.53
CA THR B 642 -17.28 43.22 11.02
C THR B 642 -17.47 42.34 9.79
N TRP B 643 -16.48 42.32 8.90
CA TRP B 643 -16.54 41.45 7.74
C TRP B 643 -16.61 40.00 8.15
N HIS B 644 -15.76 39.60 9.11
CA HIS B 644 -15.78 38.22 9.55
C HIS B 644 -17.18 37.81 9.98
N GLN B 645 -17.78 38.59 10.87
CA GLN B 645 -19.08 38.21 11.41
C GLN B 645 -20.17 38.25 10.33
N VAL B 646 -20.23 39.34 9.55
CA VAL B 646 -21.31 39.48 8.58
C VAL B 646 -21.14 38.48 7.44
N TYR B 647 -19.91 38.26 6.98
CA TYR B 647 -19.66 37.28 5.93
C TYR B 647 -20.02 35.88 6.40
N ARG B 648 -19.68 35.53 7.65
CA ARG B 648 -20.09 34.23 8.15
C ARG B 648 -21.60 34.11 8.23
N ARG B 649 -22.28 35.18 8.67
CA ARG B 649 -23.74 35.17 8.64
C ARG B 649 -24.26 34.93 7.24
N HIS B 650 -23.70 35.65 6.27
CA HIS B 650 -24.14 35.52 4.88
C HIS B 650 -23.89 34.10 4.36
N PHE B 651 -22.71 33.57 4.62
CA PHE B 651 -22.39 32.22 4.18
C PHE B 651 -23.34 31.20 4.82
N LEU B 652 -23.68 31.41 6.09
CA LEU B 652 -24.59 30.50 6.76
C LEU B 652 -25.99 30.56 6.17
N LYS B 653 -26.48 31.77 5.87
CA LYS B 653 -27.76 31.88 5.20
C LYS B 653 -27.73 31.19 3.83
N THR B 654 -26.63 31.37 3.11
CA THR B 654 -26.48 30.73 1.81
C THR B 654 -26.46 29.22 1.95
N ALA B 655 -25.75 28.71 2.96
CA ALA B 655 -25.71 27.27 3.19
C ALA B 655 -27.07 26.74 3.59
N LEU B 656 -27.85 27.52 4.33
CA LEU B 656 -29.18 27.08 4.73
C LEU B 656 -30.11 27.00 3.52
N ASN B 657 -30.02 27.98 2.62
CA ASN B 657 -30.78 27.87 1.38
C ASN B 657 -30.28 26.71 0.53
N HIS B 658 -28.97 26.45 0.56
CA HIS B 658 -28.41 25.30 -0.14
C HIS B 658 -28.98 24.01 0.40
N CYS B 659 -29.14 23.92 1.72
CA CYS B 659 -29.78 22.76 2.32
C CYS B 659 -31.25 22.68 1.93
N ASN B 660 -31.93 23.83 1.84
CA ASN B 660 -33.30 23.85 1.38
C ASN B 660 -33.43 23.28 -0.03
N LEU B 661 -32.40 23.49 -0.86
CA LEU B 661 -32.40 22.86 -2.17
C LEU B 661 -31.93 21.41 -2.12
N CYS B 662 -31.01 21.09 -1.21
CA CYS B 662 -30.54 19.71 -1.05
C CYS B 662 -31.71 18.79 -0.70
N ARG B 663 -32.58 19.23 0.21
CA ARG B 663 -33.72 18.42 0.60
C ARG B 663 -34.71 18.25 -0.54
N ARG B 664 -34.55 19.01 -1.63
CA ARG B 664 -35.32 18.84 -2.85
C ARG B 664 -34.51 18.14 -3.93
N GLY B 665 -33.39 17.52 -3.56
CA GLY B 665 -32.58 16.75 -4.47
C GLY B 665 -31.99 15.54 -3.79
N PHE B 666 -30.87 15.02 -4.29
CA PHE B 666 -30.25 13.87 -3.67
C PHE B 666 -28.90 13.61 -4.31
N TYR B 667 -28.06 12.87 -3.59
CA TYR B 667 -26.69 12.60 -4.02
C TYR B 667 -26.64 12.14 -5.48
N TYR B 668 -27.35 11.04 -5.78
CA TYR B 668 -27.28 10.47 -7.11
C TYR B 668 -28.20 11.19 -8.09
N TYR B 669 -29.45 11.44 -7.68
CA TYR B 669 -30.43 11.97 -8.60
C TYR B 669 -30.15 13.41 -9.00
N GLN B 670 -29.36 14.14 -8.21
CA GLN B 670 -29.01 15.50 -8.60
C GLN B 670 -28.00 15.52 -9.75
N ARG B 671 -27.25 14.44 -9.95
CA ARG B 671 -26.13 14.43 -10.88
C ARG B 671 -26.48 13.82 -12.23
N HIS B 672 -27.00 12.59 -12.24
CA HIS B 672 -27.14 11.85 -13.48
C HIS B 672 -28.22 12.46 -14.37
N PHE B 673 -27.85 12.73 -15.62
CA PHE B 673 -28.77 13.16 -16.66
C PHE B 673 -29.82 14.14 -16.13
N VAL B 674 -29.37 15.25 -15.52
CA VAL B 674 -30.27 16.27 -15.01
C VAL B 674 -29.52 17.60 -15.03
N ASP B 675 -30.27 18.67 -15.23
CA ASP B 675 -29.72 20.02 -15.18
C ASP B 675 -29.82 20.60 -13.76
N SER B 676 -29.28 19.86 -12.80
CA SER B 676 -29.36 20.30 -11.41
C SER B 676 -28.57 21.59 -11.20
N GLU B 677 -29.14 22.48 -10.41
CA GLU B 677 -28.46 23.70 -9.98
C GLU B 677 -27.90 23.56 -8.57
N LEU B 678 -27.90 22.35 -8.01
CA LEU B 678 -27.67 22.16 -6.59
C LEU B 678 -26.22 21.89 -6.23
N GLU B 679 -25.66 20.80 -6.74
CA GLU B 679 -24.30 20.38 -6.41
C GLU B 679 -24.13 20.33 -4.89
N CYS B 680 -24.87 19.43 -4.25
CA CYS B 680 -24.89 19.31 -2.80
C CYS B 680 -23.85 18.29 -2.36
N ASN B 681 -22.90 18.73 -1.54
CA ASN B 681 -21.89 17.86 -0.95
C ASN B 681 -21.89 17.85 0.56
N ASP B 682 -22.49 18.85 1.21
CA ASP B 682 -22.45 18.92 2.66
C ASP B 682 -23.26 17.79 3.29
N VAL B 683 -24.33 17.37 2.61
CA VAL B 683 -25.18 16.32 3.17
C VAL B 683 -24.40 15.03 3.31
N VAL B 684 -23.61 14.67 2.30
CA VAL B 684 -22.81 13.45 2.40
C VAL B 684 -21.83 13.56 3.56
N LEU B 685 -21.17 14.71 3.68
CA LEU B 685 -20.19 14.88 4.75
C LEU B 685 -20.83 14.71 6.11
N PHE B 686 -21.92 15.42 6.37
CA PHE B 686 -22.51 15.39 7.70
C PHE B 686 -23.26 14.10 7.96
N TRP B 687 -23.77 13.44 6.92
CA TRP B 687 -24.31 12.10 7.07
C TRP B 687 -23.24 11.11 7.49
N ARG B 688 -22.06 11.19 6.85
CA ARG B 688 -20.95 10.36 7.27
C ARG B 688 -20.54 10.70 8.70
N ILE B 689 -20.59 11.98 9.06
CA ILE B 689 -20.29 12.37 10.43
C ILE B 689 -21.29 11.74 11.39
N GLN B 690 -22.56 11.77 11.04
CA GLN B 690 -23.59 11.12 11.86
C GLN B 690 -23.29 9.65 12.03
N ARG B 691 -22.94 8.97 10.95
CA ARG B 691 -22.70 7.53 11.02
C ARG B 691 -21.47 7.24 11.86
N MET B 692 -20.40 8.01 11.69
CA MET B 692 -19.20 7.82 12.49
C MET B 692 -19.49 8.06 13.97
N LEU B 693 -20.28 9.09 14.27
CA LEU B 693 -20.62 9.36 15.66
C LEU B 693 -21.47 8.25 16.25
N ALA B 694 -22.42 7.74 15.48
CA ALA B 694 -23.26 6.66 15.97
C ALA B 694 -22.45 5.40 16.21
N ILE B 695 -21.54 5.08 15.30
CA ILE B 695 -20.70 3.89 15.46
C ILE B 695 -19.77 4.06 16.65
N THR B 696 -19.19 5.24 16.81
CA THR B 696 -18.34 5.50 17.96
C THR B 696 -19.12 5.37 19.26
N ALA B 697 -20.35 5.91 19.28
CA ALA B 697 -21.17 5.83 20.47
C ALA B 697 -21.51 4.39 20.80
N ASN B 698 -21.81 3.57 19.79
CA ASN B 698 -22.15 2.18 20.04
C ASN B 698 -20.93 1.41 20.53
N THR B 699 -19.76 1.68 19.94
CA THR B 699 -18.53 1.03 20.41
C THR B 699 -18.25 1.43 21.86
N LEU B 700 -18.44 2.70 22.18
CA LEU B 700 -18.21 3.17 23.55
C LEU B 700 -19.19 2.52 24.51
N ARG B 701 -20.45 2.40 24.11
CA ARG B 701 -21.44 1.76 24.96
C ARG B 701 -21.08 0.30 25.20
N GLN B 702 -20.64 -0.39 24.15
CA GLN B 702 -20.23 -1.78 24.32
C GLN B 702 -19.04 -1.89 25.26
N GLN B 703 -18.02 -1.04 25.06
CA GLN B 703 -16.87 -1.08 25.95
C GLN B 703 -17.29 -0.78 27.37
N LEU B 704 -18.16 0.20 27.55
CA LEU B 704 -18.63 0.55 28.89
C LEU B 704 -19.28 -0.65 29.54
N THR B 705 -20.34 -1.19 28.94
CA THR B 705 -21.12 -2.24 29.56
C THR B 705 -20.35 -3.55 29.67
N ASN B 706 -19.29 -3.73 28.87
CA ASN B 706 -18.51 -4.95 28.99
C ASN B 706 -17.45 -4.84 30.08
N THR B 707 -16.70 -3.74 30.11
CA THR B 707 -15.57 -3.64 31.01
C THR B 707 -15.71 -2.49 32.01
N GLU B 708 -16.04 -1.30 31.51
CA GLU B 708 -15.79 -0.09 32.29
C GLU B 708 -16.80 0.08 33.42
N VAL B 709 -18.07 -0.22 33.14
CA VAL B 709 -19.09 -0.06 34.17
C VAL B 709 -18.87 -1.04 35.32
N ARG B 710 -18.53 -2.29 34.99
CA ARG B 710 -18.24 -3.26 36.04
C ARG B 710 -16.93 -2.94 36.73
N ARG B 711 -15.97 -2.34 36.02
CA ARG B 711 -14.75 -1.85 36.67
C ARG B 711 -15.08 -0.79 37.71
N LEU B 712 -15.97 0.13 37.36
CA LEU B 712 -16.37 1.17 38.31
C LEU B 712 -17.13 0.57 39.48
N GLU B 713 -17.99 -0.41 39.22
CA GLU B 713 -18.68 -1.09 40.31
C GLU B 713 -17.70 -1.80 41.25
N LYS B 714 -16.69 -2.46 40.68
CA LYS B 714 -15.67 -3.11 41.49
C LYS B 714 -14.88 -2.10 42.30
N ASN B 715 -14.55 -0.96 41.70
CA ASN B 715 -13.85 0.09 42.43
C ASN B 715 -14.73 0.64 43.54
N VAL B 716 -16.04 0.74 43.30
CA VAL B 716 -16.97 1.18 44.34
C VAL B 716 -16.95 0.19 45.49
N LYS B 717 -16.98 -1.10 45.18
CA LYS B 717 -16.94 -2.12 46.24
C LYS B 717 -15.64 -2.04 47.03
N GLU B 718 -14.51 -1.85 46.34
CA GLU B 718 -13.24 -1.74 47.04
C GLU B 718 -13.22 -0.50 47.94
N VAL B 719 -13.76 0.62 47.44
CA VAL B 719 -13.82 1.84 48.22
C VAL B 719 -14.70 1.65 49.44
N LEU B 720 -15.83 0.95 49.28
CA LEU B 720 -16.72 0.67 50.40
C LEU B 720 -16.01 -0.20 51.43
N GLU B 721 -15.23 -1.19 50.97
CA GLU B 721 -14.44 -1.99 51.90
C GLU B 721 -13.44 -1.12 52.65
N ASP B 722 -12.78 -0.21 51.94
CA ASP B 722 -11.78 0.66 52.57
C ASP B 722 -12.42 1.55 53.61
N PHE B 723 -13.59 2.12 53.30
CA PHE B 723 -14.29 2.93 54.29
C PHE B 723 -14.71 2.08 55.48
N ALA B 724 -15.20 0.86 55.23
CA ALA B 724 -15.56 -0.02 56.33
C ALA B 724 -14.36 -0.25 57.24
N GLU B 725 -13.18 -0.43 56.66
CA GLU B 725 -11.97 -0.62 57.44
C GLU B 725 -11.46 0.69 58.03
N ASP B 726 -11.72 1.80 57.35
CA ASP B 726 -11.23 3.11 57.78
C ASP B 726 -12.21 3.67 58.80
N GLY B 727 -11.87 3.49 60.08
CA GLY B 727 -12.74 3.99 61.13
C GLY B 727 -12.89 5.50 61.13
N GLU B 728 -11.80 6.22 60.87
CA GLU B 728 -11.82 7.67 60.93
C GLU B 728 -12.72 8.26 59.84
N LYS B 729 -12.61 7.74 58.62
CA LYS B 729 -13.44 8.25 57.53
C LYS B 729 -14.92 7.99 57.81
N LYS B 730 -15.23 6.84 58.40
CA LYS B 730 -16.61 6.59 58.81
C LYS B 730 -17.05 7.57 59.90
N ILE B 731 -16.16 7.84 60.86
CA ILE B 731 -16.50 8.78 61.92
C ILE B 731 -16.85 10.14 61.33
N LYS B 732 -16.02 10.62 60.42
CA LYS B 732 -16.24 11.96 59.86
C LYS B 732 -17.44 11.97 58.92
N LEU B 733 -17.58 10.93 58.09
CA LEU B 733 -18.70 10.87 57.16
C LEU B 733 -20.04 10.73 57.87
N LEU B 734 -20.09 9.98 58.97
CA LEU B 734 -21.33 9.57 59.59
C LEU B 734 -21.82 10.55 60.65
N THR B 735 -21.28 11.78 60.65
CA THR B 735 -21.71 12.81 61.59
C THR B 735 -23.01 13.46 61.09
N GLY B 736 -24.08 12.66 61.10
CA GLY B 736 -25.38 13.15 60.72
C GLY B 736 -26.25 13.66 61.85
N LYS B 737 -25.73 13.67 63.08
CA LYS B 737 -26.43 14.13 64.28
C LYS B 737 -27.51 13.15 64.74
N ARG B 738 -27.88 12.20 63.88
CA ARG B 738 -28.73 11.10 64.32
C ARG B 738 -27.89 9.89 64.69
N VAL B 739 -26.78 9.68 63.98
CA VAL B 739 -25.80 8.70 64.41
C VAL B 739 -25.29 9.06 65.80
N GLN B 740 -25.05 10.35 66.03
CA GLN B 740 -24.56 10.78 67.34
C GLN B 740 -25.63 10.64 68.41
N LEU B 741 -26.90 10.89 68.06
CA LEU B 741 -27.97 10.65 69.04
C LEU B 741 -28.07 9.18 69.39
N ALA B 742 -27.95 8.30 68.39
CA ALA B 742 -27.98 6.86 68.65
C ALA B 742 -26.82 6.42 69.51
N GLU B 743 -25.63 6.95 69.23
CA GLU B 743 -24.47 6.63 70.05
C GLU B 743 -24.65 7.10 71.48
N ASP B 744 -25.22 8.29 71.66
CA ASP B 744 -25.45 8.80 73.01
C ASP B 744 -26.48 7.95 73.75
N LEU B 745 -27.54 7.54 73.05
CA LEU B 745 -28.55 6.70 73.69
C LEU B 745 -27.95 5.36 74.10
N LYS B 746 -27.17 4.75 73.21
CA LYS B 746 -26.55 3.46 73.52
C LYS B 746 -25.57 3.58 74.68
N LYS B 747 -24.75 4.65 74.68
CA LYS B 747 -23.78 4.82 75.77
C LYS B 747 -24.48 5.10 77.09
N VAL B 748 -25.57 5.87 77.06
CA VAL B 748 -26.33 6.10 78.28
C VAL B 748 -26.91 4.80 78.79
N ARG B 749 -27.40 3.95 77.88
CA ARG B 749 -27.89 2.64 78.29
C ARG B 749 -26.79 1.78 78.90
N GLU B 750 -25.59 1.82 78.31
CA GLU B 750 -24.50 1.01 78.84
C GLU B 750 -24.07 1.49 80.21
N ILE B 751 -23.97 2.81 80.39
CA ILE B 751 -23.62 3.32 81.71
C ILE B 751 -24.75 3.03 82.69
N GLN B 752 -25.99 3.02 82.23
CA GLN B 752 -27.10 2.65 83.11
C GLN B 752 -27.00 1.21 83.56
N GLU B 753 -26.64 0.30 82.65
CA GLU B 753 -26.47 -1.09 83.04
C GLU B 753 -25.32 -1.25 84.02
N LYS B 754 -24.20 -0.58 83.74
CA LYS B 754 -23.06 -0.67 84.66
C LYS B 754 -23.43 -0.10 86.02
N LEU B 755 -24.17 1.01 86.03
CA LEU B 755 -24.60 1.62 87.28
C LEU B 755 -25.56 0.71 88.04
N ASP B 756 -26.49 0.06 87.33
CA ASP B 756 -27.42 -0.83 88.00
C ASP B 756 -26.67 -2.00 88.63
N ALA B 757 -25.74 -2.60 87.90
CA ALA B 757 -24.95 -3.69 88.48
C ALA B 757 -24.14 -3.20 89.67
N PHE B 758 -23.55 -2.01 89.55
CA PHE B 758 -22.72 -1.47 90.62
C PHE B 758 -23.55 -1.19 91.86
N ILE B 759 -24.74 -0.61 91.68
CA ILE B 759 -25.61 -0.29 92.81
C ILE B 759 -26.12 -1.58 93.45
N GLU B 760 -26.45 -2.59 92.63
CA GLU B 760 -26.87 -3.87 93.19
C GLU B 760 -25.76 -4.48 94.03
N ALA B 761 -24.53 -4.41 93.54
CA ALA B 761 -23.39 -4.89 94.34
C ALA B 761 -23.22 -4.08 95.62
N LEU B 762 -23.40 -2.76 95.53
CA LEU B 762 -23.33 -1.93 96.73
C LEU B 762 -24.34 -2.38 97.76
N HIS B 763 -25.58 -2.61 97.33
CA HIS B 763 -26.61 -3.10 98.24
C HIS B 763 -26.26 -4.48 98.78
N GLN B 764 -25.61 -5.31 97.97
CA GLN B 764 -25.09 -6.58 98.46
C GLN B 764 -24.01 -6.40 99.50
N GLU B 765 -23.28 -5.28 99.46
CA GLU B 765 -22.24 -5.00 100.43
C GLU B 765 -22.80 -4.55 101.78
N LYS B 766 -24.02 -4.04 101.80
CA LYS B 766 -24.62 -3.57 103.05
C LYS B 766 -25.23 -4.74 103.83
N ALA C 1 1.79 20.37 -31.52
CA ALA C 1 1.49 19.16 -30.75
C ALA C 1 0.78 18.12 -31.63
N THR C 2 0.16 18.59 -32.71
CA THR C 2 -0.52 17.67 -33.62
C THR C 2 0.47 16.68 -34.24
N ASP C 3 1.65 17.16 -34.62
CA ASP C 3 2.69 16.30 -35.16
C ASP C 3 4.04 16.87 -34.76
N ARG C 4 4.96 15.99 -34.39
CA ARG C 4 6.29 16.38 -33.94
C ARG C 4 7.42 15.75 -34.73
N GLY C 5 7.19 14.65 -35.44
CA GLY C 5 8.26 14.01 -36.16
C GLY C 5 8.82 14.89 -37.27
N SER C 6 7.94 15.57 -38.01
CA SER C 6 8.39 16.40 -39.13
C SER C 6 9.28 17.53 -38.63
N GLU C 7 8.92 18.14 -37.50
CA GLU C 7 9.71 19.26 -37.00
C GLU C 7 11.12 18.84 -36.64
N SER C 8 11.27 17.63 -36.07
CA SER C 8 12.58 17.17 -35.65
C SER C 8 13.52 17.00 -36.84
N ASP C 9 13.01 16.43 -37.94
CA ASP C 9 13.87 16.21 -39.10
C ASP C 9 14.34 17.53 -39.71
N LYS C 10 13.45 18.52 -39.80
CA LYS C 10 13.82 19.81 -40.36
C LYS C 10 14.86 20.51 -39.48
N HIS C 11 14.71 20.41 -38.16
CA HIS C 11 15.64 21.09 -37.27
C HIS C 11 17.06 20.59 -37.45
N PHE C 12 17.27 19.27 -37.36
CA PHE C 12 18.61 18.73 -37.49
C PHE C 12 19.11 18.78 -38.92
N ARG C 13 18.21 18.72 -39.91
CA ARG C 13 18.62 18.86 -41.29
C ARG C 13 19.25 20.23 -41.53
N LYS C 14 18.65 21.27 -40.97
CA LYS C 14 19.25 22.60 -41.04
C LYS C 14 20.57 22.65 -40.28
N VAL C 15 20.64 21.98 -39.13
CA VAL C 15 21.87 21.97 -38.34
C VAL C 15 23.00 21.34 -39.15
N SER C 16 22.71 20.25 -39.87
CA SER C 16 23.73 19.61 -40.69
C SER C 16 24.28 20.57 -41.73
N ASP C 17 23.40 21.33 -42.38
CA ASP C 17 23.85 22.30 -43.36
C ASP C 17 24.65 23.42 -42.71
N LYS C 18 24.18 23.94 -41.57
CA LYS C 18 24.87 25.05 -40.93
C LYS C 18 26.34 24.71 -40.66
N GLU C 19 26.62 23.46 -40.31
CA GLU C 19 27.99 23.04 -40.03
C GLU C 19 28.73 22.60 -41.29
N LYS C 20 28.04 21.96 -42.23
CA LYS C 20 28.69 21.29 -43.35
C LYS C 20 28.21 21.76 -44.72
N ILE C 21 27.41 22.84 -44.79
CA ILE C 21 26.90 23.26 -46.10
C ILE C 21 28.04 23.68 -47.02
N ASP C 22 29.15 24.18 -46.46
CA ASP C 22 30.29 24.57 -47.28
C ASP C 22 30.93 23.38 -47.98
N GLN C 23 30.64 22.15 -47.54
CA GLN C 23 31.08 20.94 -48.23
C GLN C 23 29.93 20.24 -48.93
N LEU C 24 28.72 20.35 -48.41
CA LEU C 24 27.58 19.64 -48.99
C LEU C 24 27.12 20.29 -50.28
N GLN C 25 27.13 21.62 -50.34
CA GLN C 25 26.68 22.31 -51.55
C GLN C 25 27.55 21.95 -52.74
N GLU C 26 28.86 21.88 -52.53
CA GLU C 26 29.76 21.49 -53.61
C GLU C 26 29.52 20.05 -54.04
N GLU C 27 29.37 19.15 -53.07
CA GLU C 27 29.24 17.73 -53.39
C GLU C 27 27.84 17.37 -53.90
N LEU C 28 26.80 17.97 -53.33
CA LEU C 28 25.45 17.49 -53.57
C LEU C 28 24.85 18.01 -54.88
N LEU C 29 25.10 19.27 -55.23
CA LEU C 29 24.49 19.88 -56.41
C LEU C 29 25.51 20.29 -57.45
N HIS C 30 26.53 21.06 -57.07
CA HIS C 30 27.49 21.56 -58.04
C HIS C 30 28.23 20.39 -58.71
N THR C 31 28.73 19.46 -57.90
CA THR C 31 29.45 18.32 -58.45
C THR C 31 28.55 17.46 -59.32
N GLN C 32 27.32 17.22 -58.88
CA GLN C 32 26.45 16.30 -59.59
C GLN C 32 26.00 16.88 -60.93
N LEU C 33 25.70 18.17 -60.97
CA LEU C 33 25.34 18.79 -62.24
C LEU C 33 26.51 18.78 -63.22
N LYS C 34 27.71 19.06 -62.72
CA LYS C 34 28.90 18.98 -63.57
C LYS C 34 29.32 17.53 -63.80
N TYR C 35 29.02 16.64 -62.86
CA TYR C 35 29.46 15.25 -62.98
C TYR C 35 29.03 14.65 -64.31
N GLN C 36 27.75 14.80 -64.65
CA GLN C 36 27.28 14.26 -65.93
C GLN C 36 27.98 14.92 -67.11
N ARG C 37 28.21 16.24 -67.03
CA ARG C 37 28.84 16.93 -68.14
C ARG C 37 30.29 16.50 -68.31
N ILE C 38 31.02 16.31 -67.20
CA ILE C 38 32.43 15.93 -67.31
C ILE C 38 32.56 14.51 -67.84
N LEU C 39 31.54 13.66 -67.64
CA LEU C 39 31.59 12.31 -68.19
C LEU C 39 31.72 12.35 -69.71
N GLU C 40 31.03 13.28 -70.36
CA GLU C 40 31.09 13.39 -71.81
C GLU C 40 32.39 14.05 -72.26
N ARG C 41 32.89 15.03 -71.51
CA ARG C 41 33.97 15.89 -71.99
C ARG C 41 35.34 15.59 -71.37
N LEU C 42 35.41 15.33 -70.07
CA LEU C 42 36.71 15.14 -69.42
C LEU C 42 37.12 13.67 -69.32
N GLU C 43 36.17 12.77 -69.05
CA GLU C 43 36.48 11.35 -69.18
C GLU C 43 36.88 11.01 -70.61
N LYS C 44 36.39 11.79 -71.58
CA LYS C 44 36.82 11.62 -72.97
C LYS C 44 38.34 11.68 -73.07
N GLU C 45 38.97 12.61 -72.35
CA GLU C 45 40.41 12.76 -72.43
C GLU C 45 41.14 11.54 -71.87
N ASN C 46 40.70 11.04 -70.70
CA ASN C 46 41.37 9.90 -70.11
C ASN C 46 41.12 8.63 -70.92
N LYS C 47 39.94 8.49 -71.50
CA LYS C 47 39.68 7.35 -72.39
C LYS C 47 40.59 7.37 -73.60
N GLU C 48 40.76 8.54 -74.21
CA GLU C 48 41.60 8.63 -75.41
C GLU C 48 43.05 8.35 -75.10
N LEU C 49 43.54 8.80 -73.94
CA LEU C 49 44.94 8.56 -73.59
C LEU C 49 45.25 7.07 -73.53
N ARG C 50 44.37 6.29 -72.91
CA ARG C 50 44.58 4.85 -72.87
C ARG C 50 44.23 4.20 -74.20
N LYS C 51 43.13 4.65 -74.82
CA LYS C 51 42.71 4.08 -76.10
C LYS C 51 43.83 4.16 -77.13
N LEU C 52 44.51 5.30 -77.21
CA LEU C 52 45.58 5.47 -78.19
C LEU C 52 46.69 4.44 -77.94
N VAL C 53 47.04 4.19 -76.68
CA VAL C 53 48.01 3.16 -76.37
C VAL C 53 47.49 1.80 -76.82
N LEU C 54 46.20 1.53 -76.56
CA LEU C 54 45.60 0.27 -77.01
C LEU C 54 45.56 0.18 -78.53
N GLN C 55 45.24 1.30 -79.20
CA GLN C 55 45.21 1.29 -80.65
C GLN C 55 46.58 1.01 -81.23
N LYS C 56 47.64 1.50 -80.58
CA LYS C 56 48.99 1.21 -81.03
C LYS C 56 49.27 -0.29 -80.99
N ASP C 57 48.80 -0.97 -79.94
CA ASP C 57 48.85 -2.42 -79.93
C ASP C 57 48.03 -3.01 -81.06
N ASP C 58 46.86 -2.42 -81.32
CA ASP C 58 46.05 -2.84 -82.46
C ASP C 58 46.74 -2.54 -83.78
N LYS C 59 47.51 -1.44 -83.83
CA LYS C 59 48.12 -0.90 -85.03
C LYS C 59 47.10 -0.15 -85.88
N GLY C 60 45.88 0.04 -85.37
CA GLY C 60 44.87 0.75 -86.15
C GLY C 60 45.28 2.17 -86.49
N ILE C 61 45.86 2.88 -85.52
CA ILE C 61 46.31 4.25 -85.78
C ILE C 61 47.43 4.24 -86.80
N HIS C 62 48.37 3.28 -86.69
CA HIS C 62 49.51 3.24 -87.59
C HIS C 62 49.08 2.93 -89.02
N HIS C 63 48.11 2.03 -89.20
CA HIS C 63 47.72 1.55 -90.52
C HIS C 63 46.26 1.89 -90.77
N ARG C 64 45.98 2.45 -91.93
CA ARG C 64 44.61 2.81 -92.30
C ARG C 64 43.84 1.57 -92.72
N LYS C 65 42.64 1.41 -92.16
CA LYS C 65 41.68 0.33 -92.46
C LYS C 65 42.14 -1.01 -91.91
N LEU C 66 43.27 -1.09 -91.20
CA LEU C 66 43.77 -2.33 -90.64
C LEU C 66 43.90 -2.17 -89.14
N LYS C 67 43.06 -2.88 -88.39
CA LYS C 67 43.06 -2.82 -86.93
C LYS C 67 42.50 -4.13 -86.39
N LYS C 68 43.19 -4.69 -85.41
CA LYS C 68 42.73 -5.97 -84.84
C LYS C 68 41.42 -5.77 -84.08
N SER C 69 41.24 -4.61 -83.44
CA SER C 69 39.98 -4.31 -82.79
C SER C 69 38.86 -4.00 -83.79
N LEU C 70 39.18 -3.87 -85.08
CA LEU C 70 38.14 -3.68 -86.08
C LEU C 70 37.21 -4.88 -86.14
N ILE C 71 37.77 -6.09 -86.04
CA ILE C 71 36.92 -7.28 -86.02
C ILE C 71 36.12 -7.33 -84.72
N ASP C 72 36.66 -6.77 -83.63
CA ASP C 72 35.94 -6.75 -82.38
C ASP C 72 34.65 -5.93 -82.47
N MET C 73 34.55 -5.04 -83.46
CA MET C 73 33.28 -4.35 -83.70
C MET C 73 32.18 -5.34 -84.07
N TYR C 74 32.50 -6.33 -84.90
CA TYR C 74 31.51 -7.33 -85.29
C TYR C 74 30.94 -8.06 -84.09
N SER C 75 31.83 -8.49 -83.18
CA SER C 75 31.37 -9.24 -82.01
C SER C 75 30.52 -8.38 -81.10
N GLU C 76 30.89 -7.11 -80.93
CA GLU C 76 30.12 -6.22 -80.07
C GLU C 76 28.68 -6.13 -80.52
N VAL C 77 28.46 -6.07 -81.83
CA VAL C 77 27.10 -5.99 -82.37
C VAL C 77 26.32 -7.24 -81.98
N LEU C 78 26.94 -8.41 -82.15
CA LEU C 78 26.25 -9.66 -81.82
C LEU C 78 26.04 -9.82 -80.32
N ASP C 79 26.99 -9.32 -79.50
CA ASP C 79 26.83 -9.45 -78.06
C ASP C 79 25.59 -8.72 -77.57
N VAL C 80 25.36 -7.52 -78.09
CA VAL C 80 24.13 -6.79 -77.77
C VAL C 80 22.92 -7.53 -78.28
N LEU C 81 22.99 -8.06 -79.51
CA LEU C 81 21.87 -8.79 -80.08
C LEU C 81 21.51 -10.01 -79.23
N SER C 82 22.52 -10.77 -78.80
CA SER C 82 22.24 -11.94 -77.97
C SER C 82 21.61 -11.54 -76.64
N ASP C 83 22.11 -10.47 -76.02
CA ASP C 83 21.50 -9.98 -74.79
C ASP C 83 20.11 -9.42 -75.06
N TYR C 84 19.94 -8.69 -76.16
CA TYR C 84 18.63 -8.16 -76.50
C TYR C 84 17.63 -9.28 -76.78
N ASP C 85 18.02 -10.22 -77.63
CA ASP C 85 17.14 -11.32 -78.03
C ASP C 85 18.02 -12.51 -78.42
N ALA C 86 18.04 -13.51 -77.55
CA ALA C 86 18.76 -14.75 -77.82
C ALA C 86 17.91 -15.79 -78.54
N SER C 87 16.63 -15.50 -78.79
CA SER C 87 15.74 -16.46 -79.40
C SER C 87 15.92 -16.48 -80.92
N TYR C 88 15.30 -17.48 -81.56
CA TYR C 88 15.44 -17.63 -83.00
C TYR C 88 14.90 -16.43 -83.76
N ASN C 89 13.97 -15.68 -83.17
CA ASN C 89 13.38 -14.55 -83.86
C ASN C 89 14.43 -13.52 -84.26
N THR C 90 15.53 -13.44 -83.51
CA THR C 90 16.64 -12.56 -83.82
C THR C 90 17.90 -13.30 -84.23
N GLN C 91 18.19 -14.44 -83.58
CA GLN C 91 19.42 -15.16 -83.85
C GLN C 91 19.49 -15.69 -85.28
N ASP C 92 18.33 -16.00 -85.87
CA ASP C 92 18.31 -16.59 -87.20
C ASP C 92 18.77 -15.62 -88.29
N HIS C 93 18.86 -14.32 -87.98
CA HIS C 93 19.27 -13.33 -88.96
C HIS C 93 20.68 -12.79 -88.70
N LEU C 94 21.44 -13.43 -87.80
CA LEU C 94 22.74 -12.93 -87.42
C LEU C 94 23.83 -13.72 -88.15
N PRO C 95 24.65 -13.08 -88.97
CA PRO C 95 25.69 -13.84 -89.69
C PRO C 95 26.68 -14.47 -88.72
N ARG C 96 27.13 -15.68 -89.08
CA ARG C 96 28.08 -16.42 -88.28
C ARG C 96 28.64 -17.55 -89.13
N VAL C 97 29.74 -18.13 -88.64
CA VAL C 97 30.30 -19.35 -89.18
C VAL C 97 30.19 -20.42 -88.12
N VAL C 98 29.66 -21.58 -88.48
CA VAL C 98 29.40 -22.66 -87.54
C VAL C 98 30.20 -23.89 -87.96
N VAL C 99 30.53 -24.71 -86.97
CA VAL C 99 31.20 -25.99 -87.18
C VAL C 99 30.15 -27.06 -86.99
N VAL C 100 29.80 -27.75 -88.07
CA VAL C 100 28.70 -28.70 -88.07
C VAL C 100 29.22 -30.04 -88.58
N GLY C 101 28.95 -31.10 -87.84
CA GLY C 101 29.38 -32.43 -88.23
C GLY C 101 29.02 -33.44 -87.17
N ASP C 102 29.31 -34.69 -87.47
CA ASP C 102 29.06 -35.76 -86.52
C ASP C 102 29.90 -35.57 -85.28
N GLN C 103 29.31 -35.86 -84.12
CA GLN C 103 30.04 -35.69 -82.86
C GLN C 103 31.34 -36.45 -82.86
N SER C 104 31.31 -37.71 -83.31
CA SER C 104 32.52 -38.52 -83.35
C SER C 104 33.57 -37.94 -84.28
N ALA C 105 33.19 -37.07 -85.21
CA ALA C 105 34.14 -36.56 -86.18
C ALA C 105 35.26 -35.78 -85.53
N GLY C 106 35.05 -35.24 -84.33
CA GLY C 106 35.98 -34.31 -83.76
C GLY C 106 35.96 -33.02 -84.56
N LYS C 107 34.75 -32.56 -84.88
CA LYS C 107 34.59 -31.48 -85.85
C LYS C 107 35.29 -30.21 -85.37
N THR C 108 35.38 -30.01 -84.06
CA THR C 108 35.97 -28.78 -83.55
C THR C 108 37.42 -28.62 -83.96
N SER C 109 38.07 -29.70 -84.39
CA SER C 109 39.47 -29.67 -84.80
C SER C 109 39.76 -28.52 -85.76
N VAL C 110 38.77 -28.14 -86.58
CA VAL C 110 38.98 -27.04 -87.52
C VAL C 110 39.36 -25.76 -86.80
N LEU C 111 38.94 -25.60 -85.55
CA LEU C 111 39.24 -24.44 -84.74
C LEU C 111 40.34 -24.70 -83.72
N GLU C 112 40.46 -25.94 -83.25
CA GLU C 112 41.46 -26.27 -82.24
C GLU C 112 42.86 -25.91 -82.72
N MET C 113 43.20 -26.29 -83.95
CA MET C 113 44.54 -26.08 -84.46
C MET C 113 44.80 -24.63 -84.84
N ILE C 114 43.86 -23.73 -84.60
CA ILE C 114 44.06 -22.30 -84.82
C ILE C 114 44.42 -21.61 -83.51
N ALA C 115 43.49 -21.57 -82.56
CA ALA C 115 43.78 -21.00 -81.24
C ALA C 115 43.31 -21.90 -80.10
N GLN C 116 42.29 -22.72 -80.35
CA GLN C 116 41.55 -23.36 -79.27
C GLN C 116 42.19 -24.65 -78.76
N ALA C 117 43.20 -25.18 -79.45
CA ALA C 117 43.86 -26.39 -78.94
C ALA C 117 44.50 -26.15 -77.57
N ARG C 118 44.75 -24.90 -77.22
CA ARG C 118 45.45 -24.57 -75.97
C ARG C 118 44.50 -24.34 -74.81
N ILE C 119 43.31 -23.79 -75.06
CA ILE C 119 42.40 -23.40 -73.99
C ILE C 119 41.09 -24.16 -74.02
N PHE C 120 40.79 -24.90 -75.08
CA PHE C 120 39.52 -25.61 -75.08
C PHE C 120 39.71 -27.06 -74.65
N PRO C 121 38.94 -27.56 -73.68
CA PRO C 121 39.05 -28.99 -73.34
C PRO C 121 38.72 -29.86 -74.55
N ARG C 122 39.52 -30.90 -74.74
CA ARG C 122 39.38 -31.79 -75.88
C ARG C 122 39.86 -33.18 -75.47
N GLY C 123 40.05 -34.04 -76.45
CA GLY C 123 40.38 -35.42 -76.23
C GLY C 123 39.16 -36.33 -76.35
N SER C 124 39.42 -37.59 -76.62
CA SER C 124 38.36 -38.58 -76.78
C SER C 124 37.99 -39.17 -75.43
N GLY C 125 36.83 -39.82 -75.40
CA GLY C 125 36.34 -40.47 -74.19
C GLY C 125 34.96 -40.01 -73.80
N GLU C 126 34.62 -38.77 -74.14
CA GLU C 126 33.33 -38.20 -73.79
C GLU C 126 33.00 -37.10 -74.77
N MET C 127 31.70 -36.79 -74.86
CA MET C 127 31.29 -35.60 -75.58
C MET C 127 31.83 -34.37 -74.88
N MET C 128 32.52 -33.51 -75.62
CA MET C 128 33.12 -32.32 -75.03
C MET C 128 32.19 -31.13 -75.14
N THR C 129 31.85 -30.74 -76.36
CA THR C 129 30.97 -29.60 -76.54
C THR C 129 29.64 -29.84 -75.85
N ARG C 130 29.24 -28.91 -75.00
CA ARG C 130 27.97 -28.96 -74.30
C ARG C 130 26.99 -27.89 -74.76
N SER C 131 27.49 -26.77 -75.26
CA SER C 131 26.65 -25.70 -75.77
C SER C 131 27.44 -24.92 -76.80
N PRO C 132 26.78 -24.14 -77.66
CA PRO C 132 27.52 -23.38 -78.66
C PRO C 132 28.62 -22.55 -78.03
N VAL C 133 29.83 -22.67 -78.58
CA VAL C 133 30.98 -21.89 -78.14
C VAL C 133 31.44 -21.06 -79.31
N LYS C 134 31.39 -19.73 -79.16
CA LYS C 134 31.79 -18.80 -80.21
C LYS C 134 33.15 -18.22 -79.84
N VAL C 135 34.07 -18.25 -80.81
CA VAL C 135 35.42 -17.77 -80.62
C VAL C 135 35.65 -16.62 -81.59
N THR C 136 35.94 -15.44 -81.05
CA THR C 136 36.27 -14.29 -81.88
C THR C 136 37.76 -14.34 -82.19
N LEU C 137 38.10 -14.60 -83.44
CA LEU C 137 39.48 -14.73 -83.87
C LEU C 137 39.95 -13.44 -84.52
N SER C 138 41.17 -13.03 -84.20
CA SER C 138 41.69 -11.76 -84.70
C SER C 138 43.21 -11.84 -84.82
N GLU C 139 43.72 -11.27 -85.91
CA GLU C 139 45.15 -11.18 -86.11
C GLU C 139 45.78 -10.29 -85.05
N GLY C 140 46.71 -10.86 -84.30
CA GLY C 140 47.37 -10.14 -83.23
C GLY C 140 48.38 -10.98 -82.48
N PRO C 141 49.00 -10.40 -81.46
CA PRO C 141 49.94 -11.17 -80.64
C PRO C 141 49.22 -12.15 -79.73
N HIS C 142 49.99 -13.04 -79.13
CA HIS C 142 49.43 -13.94 -78.14
C HIS C 142 48.79 -13.14 -77.01
N HIS C 143 47.57 -13.52 -76.65
CA HIS C 143 46.84 -12.81 -75.62
C HIS C 143 45.76 -13.72 -75.06
N VAL C 144 45.69 -13.81 -73.73
CA VAL C 144 44.69 -14.65 -73.10
C VAL C 144 43.31 -14.25 -73.59
N ALA C 145 42.52 -15.26 -73.95
CA ALA C 145 41.18 -15.00 -74.46
C ALA C 145 40.28 -14.46 -73.36
N LEU C 146 39.22 -13.77 -73.78
CA LEU C 146 38.14 -13.44 -72.85
C LEU C 146 37.28 -14.68 -72.63
N PHE C 147 36.93 -14.94 -71.38
CA PHE C 147 36.15 -16.11 -71.00
C PHE C 147 34.83 -15.63 -70.43
N LYS C 148 33.75 -15.91 -71.16
CA LYS C 148 32.44 -15.34 -70.85
C LYS C 148 32.51 -13.82 -70.85
N ASP C 149 33.28 -13.27 -71.79
CA ASP C 149 33.52 -11.83 -71.93
C ASP C 149 34.24 -11.24 -70.74
N SER C 150 34.81 -12.07 -69.86
CA SER C 150 35.50 -11.59 -68.69
C SER C 150 37.00 -11.46 -68.99
N SER C 151 37.59 -10.39 -68.47
CA SER C 151 39.00 -10.14 -68.70
C SER C 151 39.85 -11.21 -68.01
N ARG C 152 40.96 -11.57 -68.63
CA ARG C 152 41.91 -12.49 -68.06
C ARG C 152 43.33 -12.00 -68.38
N GLU C 153 44.28 -12.41 -67.55
CA GLU C 153 45.70 -12.09 -67.75
C GLU C 153 46.47 -13.39 -67.60
N PHE C 154 46.71 -14.06 -68.71
CA PHE C 154 47.39 -15.35 -68.72
C PHE C 154 48.34 -15.42 -69.89
N ASP C 155 49.35 -16.28 -69.75
CA ASP C 155 50.28 -16.58 -70.82
C ASP C 155 49.76 -17.80 -71.57
N LEU C 156 49.46 -17.62 -72.85
CA LEU C 156 48.91 -18.71 -73.66
C LEU C 156 49.98 -19.68 -74.14
N THR C 157 51.24 -19.47 -73.80
CA THR C 157 52.33 -20.34 -74.22
C THR C 157 52.84 -21.23 -73.10
N LYS C 158 52.24 -21.18 -71.91
CA LYS C 158 52.67 -21.97 -70.77
C LYS C 158 51.51 -22.82 -70.28
N GLU C 159 51.84 -24.05 -69.89
CA GLU C 159 50.81 -25.03 -69.53
C GLU C 159 50.05 -24.61 -68.28
N GLU C 160 50.75 -24.06 -67.29
CA GLU C 160 50.10 -23.75 -66.03
C GLU C 160 48.96 -22.76 -66.22
N ASP C 161 49.15 -21.76 -67.07
CA ASP C 161 48.08 -20.82 -67.37
C ASP C 161 47.01 -21.47 -68.22
N LEU C 162 47.41 -22.23 -69.24
CA LEU C 162 46.44 -22.81 -70.16
C LEU C 162 45.52 -23.79 -69.44
N ALA C 163 46.06 -24.59 -68.53
CA ALA C 163 45.25 -25.56 -67.82
C ALA C 163 44.13 -24.89 -67.04
N ALA C 164 44.45 -23.79 -66.35
CA ALA C 164 43.41 -23.04 -65.66
C ALA C 164 42.39 -22.48 -66.63
N LEU C 165 42.86 -22.03 -67.81
CA LEU C 165 41.95 -21.50 -68.81
C LEU C 165 41.05 -22.58 -69.38
N ARG C 166 41.57 -23.81 -69.53
CA ARG C 166 40.73 -24.91 -69.98
C ARG C 166 39.64 -25.21 -68.96
N HIS C 167 39.96 -25.07 -67.67
CA HIS C 167 38.98 -25.29 -66.62
C HIS C 167 37.84 -24.28 -66.74
N GLU C 168 38.16 -23.02 -67.02
CA GLU C 168 37.14 -21.97 -67.05
C GLU C 168 36.07 -22.27 -68.10
N ILE C 169 36.49 -22.67 -69.30
CA ILE C 169 35.51 -22.98 -70.35
C ILE C 169 34.69 -24.19 -69.97
N GLU C 170 35.34 -25.22 -69.41
CA GLU C 170 34.62 -26.42 -69.03
C GLU C 170 33.51 -26.10 -68.04
N LEU C 171 33.77 -25.19 -67.10
CA LEU C 171 32.75 -24.82 -66.12
C LEU C 171 31.53 -24.23 -66.82
N ARG C 172 31.75 -23.35 -67.79
CA ARG C 172 30.63 -22.79 -68.54
C ARG C 172 29.90 -23.86 -69.35
N MET C 173 30.65 -24.78 -69.94
CA MET C 173 30.05 -25.81 -70.78
C MET C 173 29.06 -26.66 -69.99
N ARG C 174 29.47 -27.15 -68.82
CA ARG C 174 28.60 -28.03 -68.05
C ARG C 174 27.50 -27.25 -67.36
N LYS C 175 27.81 -26.06 -66.85
CA LYS C 175 26.81 -25.28 -66.14
C LYS C 175 25.66 -24.88 -67.06
N ASN C 176 25.93 -24.74 -68.35
CA ASN C 176 24.86 -24.40 -69.29
C ASN C 176 23.86 -25.54 -69.44
N VAL C 177 24.25 -26.76 -69.09
CA VAL C 177 23.40 -27.94 -69.28
C VAL C 177 22.57 -28.15 -68.03
N LYS C 178 21.27 -28.33 -68.22
CA LYS C 178 20.33 -28.60 -67.14
C LYS C 178 19.88 -30.06 -67.17
N GLU C 179 19.22 -30.48 -66.11
CA GLU C 179 18.74 -31.85 -66.02
C GLU C 179 17.80 -32.18 -67.16
N GLY C 180 17.91 -33.40 -67.67
CA GLY C 180 17.10 -33.87 -68.78
C GLY C 180 17.83 -33.94 -70.11
N CYS C 181 19.03 -33.38 -70.20
CA CYS C 181 19.81 -33.42 -71.43
C CYS C 181 21.29 -33.39 -71.07
N THR C 182 22.13 -33.44 -72.11
CA THR C 182 23.57 -33.25 -71.97
C THR C 182 24.08 -32.07 -72.76
N VAL C 183 23.23 -31.39 -73.52
CA VAL C 183 23.61 -30.27 -74.37
C VAL C 183 22.70 -29.10 -74.03
N SER C 184 23.22 -27.88 -74.22
CA SER C 184 22.46 -26.68 -73.92
C SER C 184 22.66 -25.65 -75.02
N PRO C 185 21.64 -24.84 -75.33
CA PRO C 185 21.85 -23.76 -76.31
C PRO C 185 22.61 -22.56 -75.75
N GLU C 186 22.70 -22.42 -74.43
CA GLU C 186 23.32 -21.24 -73.85
C GLU C 186 24.76 -21.14 -74.30
N THR C 187 25.12 -20.01 -74.89
CA THR C 187 26.38 -19.88 -75.60
C THR C 187 27.49 -19.43 -74.65
N ILE C 188 28.73 -19.67 -75.09
CA ILE C 188 29.93 -19.25 -74.37
C ILE C 188 30.72 -18.32 -75.28
N SER C 189 31.08 -17.16 -74.76
CA SER C 189 31.72 -16.10 -75.55
C SER C 189 33.23 -16.12 -75.30
N LEU C 190 34.00 -16.36 -76.35
CA LEU C 190 35.46 -16.32 -76.29
C LEU C 190 35.99 -15.34 -77.33
N ASN C 191 37.01 -14.58 -76.95
CA ASN C 191 37.67 -13.63 -77.84
C ASN C 191 39.16 -13.74 -77.60
N VAL C 192 39.89 -14.26 -78.59
CA VAL C 192 41.31 -14.54 -78.46
C VAL C 192 42.06 -13.86 -79.59
N LYS C 193 43.29 -13.45 -79.31
CA LYS C 193 44.20 -12.91 -80.30
C LYS C 193 45.46 -13.78 -80.34
N GLY C 194 46.06 -13.87 -81.53
CA GLY C 194 47.27 -14.61 -81.70
C GLY C 194 47.66 -14.74 -83.16
N PRO C 195 48.89 -15.20 -83.41
CA PRO C 195 49.34 -15.37 -84.80
C PRO C 195 48.58 -16.48 -85.49
N GLY C 196 48.32 -16.28 -86.77
CA GLY C 196 47.60 -17.25 -87.57
C GLY C 196 46.09 -17.18 -87.46
N LEU C 197 45.57 -16.28 -86.63
CA LEU C 197 44.12 -16.16 -86.44
C LEU C 197 43.53 -15.21 -87.46
N GLN C 198 42.38 -15.58 -88.01
CA GLN C 198 41.67 -14.77 -88.98
C GLN C 198 40.54 -13.99 -88.30
N ARG C 199 40.13 -12.90 -88.96
CA ARG C 199 39.08 -12.05 -88.41
C ARG C 199 37.73 -12.65 -88.78
N MET C 200 37.11 -13.33 -87.83
CA MET C 200 35.86 -14.04 -88.07
C MET C 200 35.37 -14.61 -86.74
N VAL C 201 34.10 -14.99 -86.73
CA VAL C 201 33.48 -15.61 -85.56
C VAL C 201 33.10 -17.03 -85.95
N LEU C 202 33.73 -18.00 -85.32
CA LEU C 202 33.48 -19.42 -85.58
C LEU C 202 32.87 -20.05 -84.34
N VAL C 203 31.76 -20.75 -84.53
CA VAL C 203 30.97 -21.29 -83.43
C VAL C 203 31.02 -22.82 -83.52
N ASP C 204 31.47 -23.45 -82.43
CA ASP C 204 31.50 -24.90 -82.34
C ASP C 204 30.19 -25.36 -81.71
N LEU C 205 29.19 -25.61 -82.56
CA LEU C 205 27.94 -26.13 -82.07
C LEU C 205 28.12 -27.57 -81.57
N PRO C 206 27.34 -27.98 -80.59
CA PRO C 206 27.48 -29.35 -80.07
C PRO C 206 27.28 -30.38 -81.17
N GLY C 207 28.07 -31.46 -81.10
CA GLY C 207 28.03 -32.48 -82.13
C GLY C 207 26.73 -33.27 -82.07
N VAL C 208 26.17 -33.52 -83.26
CA VAL C 208 24.93 -34.28 -83.37
C VAL C 208 25.20 -35.75 -83.08
N ILE C 209 24.25 -36.42 -82.42
CA ILE C 209 24.32 -37.84 -82.11
C ILE C 209 23.15 -38.53 -82.79
N ASN C 210 23.45 -39.51 -83.64
CA ASN C 210 22.37 -40.27 -84.29
C ASN C 210 21.41 -40.86 -83.28
N THR C 211 21.94 -41.51 -82.24
CA THR C 211 21.13 -42.17 -81.23
C THR C 211 21.60 -41.75 -79.85
N VAL C 212 20.65 -41.64 -78.93
CA VAL C 212 20.92 -41.22 -77.56
C VAL C 212 21.19 -42.49 -76.75
N THR C 213 22.47 -42.74 -76.45
CA THR C 213 22.82 -43.91 -75.68
C THR C 213 22.38 -43.73 -74.22
N SER C 214 22.47 -44.83 -73.47
CA SER C 214 22.14 -44.78 -72.05
C SER C 214 23.11 -43.93 -71.25
N GLY C 215 24.25 -43.58 -71.82
CA GLY C 215 25.20 -42.68 -71.20
C GLY C 215 24.90 -41.22 -71.39
N MET C 216 23.82 -40.90 -72.10
CA MET C 216 23.39 -39.53 -72.31
C MET C 216 21.90 -39.43 -72.02
N ALA C 217 21.48 -38.25 -71.56
CA ALA C 217 20.08 -38.02 -71.26
C ALA C 217 19.24 -38.09 -72.54
N PRO C 218 17.98 -38.52 -72.44
CA PRO C 218 17.22 -38.85 -73.65
C PRO C 218 17.11 -37.71 -74.66
N ASP C 219 17.11 -36.46 -74.21
CA ASP C 219 16.83 -35.32 -75.07
C ASP C 219 18.09 -34.76 -75.73
N THR C 220 19.20 -35.49 -75.68
CA THR C 220 20.45 -34.95 -76.20
C THR C 220 20.35 -34.67 -77.69
N LYS C 221 19.89 -35.65 -78.48
CA LYS C 221 19.92 -35.50 -79.93
C LYS C 221 18.86 -34.53 -80.42
N GLU C 222 17.69 -34.48 -79.78
CA GLU C 222 16.69 -33.49 -80.15
C GLU C 222 17.18 -32.08 -79.86
N THR C 223 17.86 -31.90 -78.72
CA THR C 223 18.36 -30.58 -78.36
C THR C 223 19.40 -30.09 -79.35
N ILE C 224 20.30 -30.97 -79.78
CA ILE C 224 21.33 -30.58 -80.73
C ILE C 224 20.70 -30.11 -82.03
N PHE C 225 19.65 -30.80 -82.48
CA PHE C 225 18.94 -30.39 -83.68
C PHE C 225 18.38 -28.99 -83.53
N SER C 226 17.77 -28.69 -82.38
CA SER C 226 17.25 -27.35 -82.15
C SER C 226 18.37 -26.33 -82.15
N ILE C 227 19.49 -26.67 -81.51
CA ILE C 227 20.66 -25.80 -81.55
C ILE C 227 21.19 -25.70 -82.97
N SER C 228 21.09 -26.78 -83.74
CA SER C 228 21.52 -26.74 -85.13
C SER C 228 20.71 -25.74 -85.95
N LYS C 229 19.56 -25.30 -85.45
CA LYS C 229 18.78 -24.27 -86.15
C LYS C 229 19.51 -22.94 -86.24
N ALA C 230 20.60 -22.77 -85.48
CA ALA C 230 21.39 -21.55 -85.59
C ALA C 230 21.84 -21.32 -87.02
N TYR C 231 22.03 -22.39 -87.79
CA TYR C 231 22.35 -22.30 -89.20
C TYR C 231 21.25 -22.82 -90.12
N MET C 232 20.48 -23.81 -89.68
CA MET C 232 19.45 -24.38 -90.54
C MET C 232 18.39 -23.34 -90.90
N GLN C 233 18.16 -22.38 -90.01
CA GLN C 233 17.20 -21.31 -90.23
C GLN C 233 17.87 -19.96 -90.38
N ASN C 234 19.18 -19.94 -90.63
CA ASN C 234 19.95 -18.71 -90.73
C ASN C 234 20.52 -18.56 -92.13
N PRO C 235 19.90 -17.75 -92.99
CA PRO C 235 20.50 -17.51 -94.31
C PRO C 235 21.85 -16.82 -94.24
N ASN C 236 22.19 -16.19 -93.12
CA ASN C 236 23.45 -15.48 -92.97
C ASN C 236 24.52 -16.35 -92.33
N ALA C 237 24.27 -17.63 -92.12
CA ALA C 237 25.23 -18.52 -91.49
C ALA C 237 26.03 -19.27 -92.54
N ILE C 238 27.33 -19.44 -92.28
CA ILE C 238 28.21 -20.24 -93.12
C ILE C 238 28.53 -21.53 -92.37
N ILE C 239 28.31 -22.66 -93.04
CA ILE C 239 28.38 -23.97 -92.39
C ILE C 239 29.62 -24.69 -92.89
N LEU C 240 30.45 -25.15 -91.96
CA LEU C 240 31.56 -26.06 -92.26
C LEU C 240 31.08 -27.46 -91.93
N CYS C 241 30.80 -28.25 -92.97
CA CYS C 241 30.30 -29.61 -92.80
C CYS C 241 31.49 -30.53 -92.59
N ILE C 242 31.51 -31.21 -91.44
CA ILE C 242 32.60 -32.12 -91.11
C ILE C 242 32.11 -33.54 -91.29
N GLN C 243 32.74 -34.26 -92.22
CA GLN C 243 32.49 -35.68 -92.42
C GLN C 243 33.48 -36.46 -91.57
N ASP C 244 32.96 -37.36 -90.74
CA ASP C 244 33.81 -38.17 -89.89
C ASP C 244 34.63 -39.10 -90.79
N GLY C 245 35.90 -38.79 -90.97
CA GLY C 245 36.73 -39.55 -91.87
C GLY C 245 36.94 -40.99 -91.45
N SER C 246 36.54 -41.35 -90.22
CA SER C 246 36.63 -42.73 -89.77
C SER C 246 35.55 -43.61 -90.37
N VAL C 247 34.48 -43.03 -90.92
CA VAL C 247 33.34 -43.78 -91.40
C VAL C 247 32.92 -43.26 -92.76
N ASP C 248 32.13 -44.06 -93.47
CA ASP C 248 31.68 -43.72 -94.81
C ASP C 248 30.63 -42.61 -94.75
N ALA C 249 30.55 -41.84 -95.85
CA ALA C 249 29.62 -40.71 -95.90
C ALA C 249 28.17 -41.16 -95.74
N GLU C 250 27.84 -42.38 -96.18
CA GLU C 250 26.46 -42.86 -96.09
C GLU C 250 26.03 -43.11 -94.65
N ARG C 251 26.96 -43.08 -93.70
CA ARG C 251 26.66 -43.24 -92.29
C ARG C 251 26.53 -41.90 -91.57
N SER C 252 26.62 -40.80 -92.30
CA SER C 252 26.73 -39.48 -91.71
C SER C 252 25.37 -38.94 -91.29
N ILE C 253 25.41 -37.95 -90.40
CA ILE C 253 24.24 -37.19 -90.01
C ILE C 253 24.24 -35.81 -90.65
N VAL C 254 25.41 -35.19 -90.76
CA VAL C 254 25.52 -33.81 -91.24
C VAL C 254 24.87 -33.64 -92.60
N THR C 255 24.79 -34.71 -93.40
CA THR C 255 24.26 -34.59 -94.74
C THR C 255 22.82 -34.08 -94.74
N ASP C 256 22.01 -34.56 -93.80
CA ASP C 256 20.62 -34.14 -93.76
C ASP C 256 20.45 -32.80 -93.05
N LEU C 257 21.30 -32.51 -92.07
CA LEU C 257 21.15 -31.26 -91.34
C LEU C 257 21.38 -30.06 -92.25
N VAL C 258 22.38 -30.14 -93.13
CA VAL C 258 22.75 -29.00 -93.96
C VAL C 258 21.98 -29.01 -95.28
N SER C 259 21.72 -30.19 -95.85
CA SER C 259 21.00 -30.24 -97.12
C SER C 259 19.60 -29.66 -96.98
N GLN C 260 19.03 -29.68 -95.78
CA GLN C 260 17.75 -29.01 -95.51
C GLN C 260 17.92 -27.56 -95.15
N MET C 261 19.16 -27.08 -95.02
CA MET C 261 19.47 -25.68 -94.81
C MET C 261 19.75 -24.96 -96.12
N ASP C 262 20.60 -25.54 -96.96
CA ASP C 262 20.92 -25.00 -98.28
C ASP C 262 21.33 -26.16 -99.18
N PRO C 263 20.39 -26.77 -99.92
CA PRO C 263 20.76 -27.93 -100.75
C PRO C 263 21.69 -27.59 -101.90
N HIS C 264 21.91 -26.31 -102.18
CA HIS C 264 22.80 -25.89 -103.26
C HIS C 264 24.21 -25.62 -102.76
N GLY C 265 24.45 -25.70 -101.46
CA GLY C 265 25.78 -25.47 -100.91
C GLY C 265 26.20 -24.03 -100.89
N ARG C 266 25.30 -23.09 -101.22
CA ARG C 266 25.68 -21.69 -101.28
C ARG C 266 26.06 -21.13 -99.91
N ARG C 267 25.51 -21.69 -98.85
CA ARG C 267 25.74 -21.21 -97.50
C ARG C 267 26.74 -22.07 -96.72
N THR C 268 27.47 -22.95 -97.40
CA THR C 268 28.27 -23.92 -96.69
C THR C 268 29.49 -24.33 -97.50
N ILE C 269 30.52 -24.79 -96.79
CA ILE C 269 31.70 -25.43 -97.35
C ILE C 269 31.85 -26.78 -96.67
N PHE C 270 32.11 -27.82 -97.45
CA PHE C 270 32.35 -29.14 -96.88
C PHE C 270 33.81 -29.28 -96.48
N VAL C 271 34.04 -29.81 -95.29
CA VAL C 271 35.38 -30.10 -94.77
C VAL C 271 35.38 -31.51 -94.22
N LEU C 272 36.49 -32.22 -94.37
CA LEU C 272 36.64 -33.57 -93.84
C LEU C 272 37.72 -33.58 -92.77
N THR C 273 37.48 -34.34 -91.71
CA THR C 273 38.44 -34.49 -90.62
C THR C 273 38.86 -35.94 -90.49
N LYS C 274 40.03 -36.14 -89.86
CA LYS C 274 40.55 -37.47 -89.58
C LYS C 274 40.65 -38.32 -90.85
N VAL C 275 41.11 -37.70 -91.94
CA VAL C 275 41.29 -38.44 -93.18
C VAL C 275 42.40 -39.49 -93.01
N ASP C 276 43.37 -39.19 -92.16
CA ASP C 276 44.51 -40.10 -91.98
C ASP C 276 44.09 -41.46 -91.46
N LEU C 277 42.88 -41.60 -90.91
CA LEU C 277 42.38 -42.91 -90.54
C LEU C 277 42.15 -43.80 -91.76
N ALA C 278 42.08 -43.21 -92.95
CA ALA C 278 41.93 -44.02 -94.16
C ALA C 278 43.12 -44.94 -94.35
N GLU C 279 44.31 -44.54 -93.89
CA GLU C 279 45.50 -45.36 -94.02
C GLU C 279 45.79 -46.19 -92.78
N LYS C 280 45.06 -45.99 -91.69
CA LYS C 280 45.07 -46.93 -90.58
C LYS C 280 44.07 -48.06 -90.77
N ASN C 281 43.19 -47.93 -91.76
CA ASN C 281 42.41 -49.01 -92.32
C ASN C 281 42.74 -49.12 -93.80
N VAL C 282 42.08 -50.03 -94.50
CA VAL C 282 42.31 -50.16 -95.93
C VAL C 282 41.79 -48.91 -96.62
N ALA C 283 42.70 -48.06 -97.07
CA ALA C 283 42.31 -46.81 -97.72
C ALA C 283 41.60 -47.10 -99.04
N SER C 284 40.61 -46.27 -99.36
CA SER C 284 39.86 -46.35 -100.61
C SER C 284 39.86 -44.97 -101.24
N PRO C 285 40.94 -44.57 -101.89
CA PRO C 285 40.98 -43.23 -102.50
C PRO C 285 39.87 -42.98 -103.50
N SER C 286 39.35 -44.03 -104.15
CA SER C 286 38.27 -43.82 -105.10
C SER C 286 37.05 -43.21 -104.42
N ARG C 287 36.85 -43.49 -103.13
CA ARG C 287 35.78 -42.84 -102.39
C ARG C 287 36.16 -41.40 -102.07
N ILE C 288 37.45 -41.14 -101.85
CA ILE C 288 37.91 -39.77 -101.61
C ILE C 288 37.68 -38.91 -102.84
N GLN C 289 37.87 -39.48 -104.03
CA GLN C 289 37.65 -38.72 -105.25
C GLN C 289 36.18 -38.30 -105.37
N GLN C 290 35.26 -39.18 -104.96
CA GLN C 290 33.86 -38.78 -104.84
C GLN C 290 33.68 -37.73 -103.75
N ILE C 291 34.46 -37.83 -102.66
CA ILE C 291 34.32 -36.87 -101.57
C ILE C 291 34.65 -35.46 -102.05
N ILE C 292 35.76 -35.31 -102.77
CA ILE C 292 36.12 -33.98 -103.26
C ILE C 292 35.09 -33.48 -104.25
N GLU C 293 34.51 -34.37 -105.05
CA GLU C 293 33.50 -33.99 -106.03
C GLU C 293 32.10 -33.85 -105.43
N GLY C 294 31.90 -34.27 -104.19
CA GLY C 294 30.62 -34.08 -103.54
C GLY C 294 29.51 -34.98 -104.04
N LYS C 295 29.85 -36.11 -104.66
CA LYS C 295 28.82 -37.02 -105.16
C LYS C 295 27.96 -37.57 -104.03
N LEU C 296 28.56 -37.85 -102.88
CA LEU C 296 27.88 -38.48 -101.76
C LEU C 296 27.53 -37.48 -100.67
N PHE C 297 27.57 -36.18 -100.97
CA PHE C 297 27.27 -35.11 -100.02
C PHE C 297 26.07 -34.32 -100.55
N PRO C 298 24.87 -34.62 -100.08
CA PRO C 298 23.66 -34.00 -100.65
C PRO C 298 23.65 -32.47 -100.62
N MET C 299 24.33 -31.84 -99.67
CA MET C 299 24.23 -30.38 -99.57
C MET C 299 25.00 -29.67 -100.67
N LYS C 300 25.79 -30.39 -101.46
CA LYS C 300 26.51 -29.82 -102.59
C LYS C 300 27.30 -28.58 -102.16
N ALA C 301 27.99 -28.71 -101.02
CA ALA C 301 28.70 -27.58 -100.45
C ALA C 301 29.67 -26.98 -101.44
N LEU C 302 29.77 -25.65 -101.43
CA LEU C 302 30.63 -24.93 -102.35
C LEU C 302 31.99 -24.67 -101.73
N GLY C 303 32.97 -24.39 -102.59
CA GLY C 303 34.34 -24.16 -102.19
C GLY C 303 35.16 -25.43 -102.22
N TYR C 304 36.45 -25.27 -101.92
CA TYR C 304 37.34 -26.42 -101.86
C TYR C 304 37.08 -27.20 -100.59
N PHE C 305 37.01 -28.52 -100.72
CA PHE C 305 36.73 -29.38 -99.59
C PHE C 305 38.03 -29.60 -98.83
N ALA C 306 38.31 -28.73 -97.87
CA ALA C 306 39.52 -28.85 -97.08
C ALA C 306 39.45 -30.07 -96.18
N VAL C 307 40.62 -30.54 -95.75
CA VAL C 307 40.72 -31.69 -94.88
C VAL C 307 41.60 -31.34 -93.69
N VAL C 308 41.20 -31.79 -92.50
CA VAL C 308 41.98 -31.61 -91.28
C VAL C 308 42.51 -32.97 -90.84
N THR C 309 43.79 -33.02 -90.50
CA THR C 309 44.42 -34.23 -90.01
C THR C 309 45.26 -33.88 -88.78
N GLY C 310 45.44 -34.88 -87.93
CA GLY C 310 46.22 -34.69 -86.72
C GLY C 310 46.74 -36.01 -86.21
N LYS C 311 47.77 -35.94 -85.37
CA LYS C 311 48.35 -37.14 -84.80
C LYS C 311 47.31 -37.94 -84.04
N GLY C 312 46.31 -37.27 -83.48
CA GLY C 312 45.32 -37.89 -82.63
C GLY C 312 45.62 -37.78 -81.15
N ASN C 313 46.84 -37.38 -80.79
CA ASN C 313 47.17 -37.10 -79.41
C ASN C 313 46.55 -35.78 -78.96
N SER C 314 45.98 -35.77 -77.76
CA SER C 314 45.26 -34.60 -77.25
C SER C 314 46.17 -33.53 -76.67
N SER C 315 47.48 -33.74 -76.71
CA SER C 315 48.44 -32.76 -76.22
C SER C 315 49.22 -32.09 -77.36
N GLU C 316 48.98 -32.48 -78.60
CA GLU C 316 49.71 -31.90 -79.73
C GLU C 316 49.48 -30.39 -79.78
N SER C 317 50.59 -29.64 -79.75
CA SER C 317 50.49 -28.19 -79.78
C SER C 317 49.99 -27.71 -81.14
N ILE C 318 49.54 -26.46 -81.18
CA ILE C 318 49.03 -25.91 -82.44
C ILE C 318 50.11 -25.94 -83.51
N GLU C 319 51.34 -25.58 -83.14
CA GLU C 319 52.43 -25.62 -84.11
C GLU C 319 52.71 -27.05 -84.56
N ALA C 320 52.67 -28.00 -83.62
CA ALA C 320 52.87 -29.40 -83.98
C ALA C 320 51.78 -29.88 -84.92
N ILE C 321 50.54 -29.47 -84.68
CA ILE C 321 49.44 -29.88 -85.55
C ILE C 321 49.64 -29.32 -86.95
N ARG C 322 50.05 -28.05 -87.06
CA ARG C 322 50.26 -27.45 -88.38
C ARG C 322 51.38 -28.16 -89.14
N GLU C 323 52.48 -28.48 -88.46
CA GLU C 323 53.58 -29.16 -89.13
C GLU C 323 53.18 -30.56 -89.54
N TYR C 324 52.49 -31.28 -88.65
CA TYR C 324 52.02 -32.62 -88.99
C TYR C 324 51.05 -32.58 -90.17
N GLU C 325 50.17 -31.58 -90.20
CA GLU C 325 49.19 -31.50 -91.27
C GLU C 325 49.87 -31.28 -92.62
N GLU C 326 50.87 -30.40 -92.67
CA GLU C 326 51.51 -30.09 -93.94
C GLU C 326 52.28 -31.29 -94.49
N GLU C 327 53.04 -31.97 -93.63
CA GLU C 327 53.81 -33.12 -94.11
C GLU C 327 52.91 -34.25 -94.57
N PHE C 328 51.83 -34.52 -93.83
CA PHE C 328 50.95 -35.63 -94.19
C PHE C 328 50.22 -35.37 -95.50
N PHE C 329 49.66 -34.16 -95.66
CA PHE C 329 48.90 -33.85 -96.85
C PHE C 329 49.77 -33.81 -98.10
N GLN C 330 51.03 -33.42 -97.97
CA GLN C 330 51.91 -33.29 -99.13
C GLN C 330 52.45 -34.63 -99.61
N ASN C 331 52.27 -35.71 -98.84
CA ASN C 331 52.82 -37.01 -99.20
C ASN C 331 51.77 -38.12 -99.26
N SER C 332 50.70 -38.03 -98.48
CA SER C 332 49.76 -39.13 -98.39
C SER C 332 49.11 -39.40 -99.75
N LYS C 333 49.03 -40.68 -100.10
CA LYS C 333 48.35 -41.05 -101.34
C LYS C 333 46.89 -40.67 -101.33
N LEU C 334 46.28 -40.53 -100.14
CA LEU C 334 44.88 -40.13 -100.07
C LEU C 334 44.64 -38.85 -100.86
N LEU C 335 45.61 -37.93 -100.85
CA LEU C 335 45.52 -36.67 -101.57
C LEU C 335 46.46 -36.58 -102.76
N LYS C 336 47.57 -37.33 -102.75
CA LYS C 336 48.52 -37.24 -103.85
C LYS C 336 48.11 -38.10 -105.04
N THR C 337 47.34 -39.16 -104.81
CA THR C 337 46.81 -40.00 -105.87
C THR C 337 45.38 -39.62 -106.25
N SER C 338 44.87 -38.52 -105.71
CA SER C 338 43.56 -37.99 -106.04
C SER C 338 43.72 -36.49 -106.23
N MET C 339 42.68 -35.84 -106.75
CA MET C 339 42.78 -34.43 -107.11
C MET C 339 42.49 -33.54 -105.90
N LEU C 340 43.34 -33.69 -104.87
CA LEU C 340 43.29 -32.85 -103.67
C LEU C 340 44.72 -32.36 -103.39
N LYS C 341 45.08 -31.23 -104.01
CA LYS C 341 46.43 -30.69 -103.81
C LYS C 341 46.57 -30.14 -102.39
N ALA C 342 47.69 -30.46 -101.75
CA ALA C 342 47.83 -30.22 -100.32
C ALA C 342 47.64 -28.74 -99.96
N HIS C 343 48.11 -27.83 -100.82
CA HIS C 343 48.05 -26.41 -100.49
C HIS C 343 46.63 -25.87 -100.48
N GLN C 344 45.68 -26.59 -101.08
CA GLN C 344 44.26 -26.27 -100.94
C GLN C 344 43.62 -27.02 -99.79
N VAL C 345 44.12 -28.22 -99.49
CA VAL C 345 43.57 -29.03 -98.42
C VAL C 345 43.90 -28.43 -97.05
N THR C 346 45.13 -27.93 -96.90
CA THR C 346 45.62 -27.49 -95.60
C THR C 346 44.59 -26.62 -94.88
N THR C 347 44.53 -26.78 -93.55
CA THR C 347 43.55 -26.05 -92.76
C THR C 347 43.70 -24.55 -92.91
N ARG C 348 44.95 -24.07 -93.04
CA ARG C 348 45.17 -22.65 -93.17
C ARG C 348 44.55 -22.07 -94.43
N ASN C 349 44.34 -22.89 -95.46
CA ASN C 349 43.60 -22.43 -96.62
C ASN C 349 42.12 -22.31 -96.32
N LEU C 350 41.59 -23.26 -95.53
CA LEU C 350 40.20 -23.18 -95.10
C LEU C 350 39.96 -21.94 -94.25
N SER C 351 40.87 -21.64 -93.31
CA SER C 351 40.71 -20.47 -92.47
C SER C 351 40.68 -19.21 -93.31
N LEU C 352 41.57 -19.11 -94.30
CA LEU C 352 41.55 -17.97 -95.21
C LEU C 352 40.28 -17.99 -96.06
N ALA C 353 39.95 -19.14 -96.64
CA ALA C 353 38.76 -19.23 -97.48
C ALA C 353 37.50 -18.97 -96.66
N VAL C 354 37.45 -19.47 -95.43
CA VAL C 354 36.30 -19.21 -94.56
C VAL C 354 36.25 -17.73 -94.20
N SER C 355 37.40 -17.12 -93.95
CA SER C 355 37.42 -15.68 -93.69
C SER C 355 36.99 -14.90 -94.93
N ASP C 356 37.36 -15.38 -96.11
CA ASP C 356 36.95 -14.71 -97.35
C ASP C 356 35.44 -14.77 -97.51
N CYS C 357 34.85 -15.95 -97.32
CA CYS C 357 33.40 -16.07 -97.42
C CYS C 357 32.71 -15.38 -96.25
N PHE C 358 33.40 -15.24 -95.12
CA PHE C 358 32.79 -14.61 -93.95
C PHE C 358 32.43 -13.15 -94.24
N TRP C 359 33.39 -12.39 -94.77
CA TRP C 359 33.14 -10.97 -95.00
C TRP C 359 32.22 -10.76 -96.20
N LYS C 360 32.19 -11.69 -97.14
CA LYS C 360 31.24 -11.59 -98.25
C LYS C 360 29.81 -11.56 -97.73
N MET C 361 29.45 -12.51 -96.87
CA MET C 361 28.09 -12.57 -96.35
C MET C 361 27.79 -11.41 -95.41
N VAL C 362 28.75 -11.01 -94.58
CA VAL C 362 28.47 -10.04 -93.53
C VAL C 362 28.13 -8.68 -94.13
N ARG C 363 28.92 -8.24 -95.11
CA ARG C 363 28.67 -6.93 -95.71
C ARG C 363 27.39 -6.91 -96.52
N GLU C 364 27.07 -8.03 -97.18
CA GLU C 364 25.88 -8.08 -98.02
C GLU C 364 24.60 -8.02 -97.20
N SER C 365 24.56 -8.77 -96.10
CA SER C 365 23.33 -8.94 -95.34
C SER C 365 23.20 -7.98 -94.16
N VAL C 366 24.30 -7.40 -93.69
CA VAL C 366 24.24 -6.59 -92.47
C VAL C 366 23.35 -5.37 -92.67
N GLU C 367 23.36 -4.78 -93.87
CA GLU C 367 22.56 -3.58 -94.10
C GLU C 367 21.07 -3.89 -94.03
N GLN C 368 20.67 -5.11 -94.34
CA GLN C 368 19.26 -5.48 -94.22
C GLN C 368 18.80 -5.44 -92.77
N GLN C 369 19.70 -5.78 -91.84
CA GLN C 369 19.35 -5.75 -90.42
C GLN C 369 19.02 -4.34 -89.97
N ALA C 370 19.78 -3.34 -90.44
CA ALA C 370 19.54 -1.97 -90.02
C ALA C 370 18.13 -1.53 -90.40
N ASP C 371 17.69 -1.87 -91.61
CA ASP C 371 16.33 -1.55 -92.01
C ASP C 371 15.32 -2.35 -91.21
N SER C 372 15.63 -3.63 -90.94
CA SER C 372 14.71 -4.47 -90.19
C SER C 372 14.51 -3.95 -88.77
N PHE C 373 15.60 -3.63 -88.08
CA PHE C 373 15.48 -3.15 -86.71
C PHE C 373 14.79 -1.78 -86.66
N LYS C 374 15.10 -0.91 -87.62
CA LYS C 374 14.44 0.38 -87.66
C LYS C 374 12.94 0.21 -87.89
N ALA C 375 12.56 -0.65 -88.84
CA ALA C 375 11.14 -0.94 -89.04
C ALA C 375 10.53 -1.53 -87.77
N THR C 376 11.28 -2.38 -87.07
CA THR C 376 10.78 -2.94 -85.83
C THR C 376 10.48 -1.86 -84.81
N ARG C 377 11.40 -0.91 -84.66
CA ARG C 377 11.20 0.15 -83.66
C ARG C 377 9.98 1.00 -83.99
N PHE C 378 9.80 1.36 -85.25
CA PHE C 378 8.66 2.19 -85.62
C PHE C 378 7.35 1.46 -85.37
N ASN C 379 7.28 0.17 -85.71
CA ASN C 379 6.07 -0.59 -85.46
C ASN C 379 5.84 -0.77 -83.96
N LEU C 380 6.92 -0.97 -83.20
CA LEU C 380 6.78 -1.11 -81.75
C LEU C 380 6.40 0.22 -81.12
N GLU C 381 7.05 1.31 -81.54
CA GLU C 381 6.74 2.62 -80.97
C GLU C 381 5.33 3.05 -81.30
N THR C 382 4.89 2.78 -82.53
CA THR C 382 3.54 3.18 -82.92
C THR C 382 2.50 2.50 -82.05
N GLU C 383 2.58 1.17 -81.92
CA GLU C 383 1.63 0.46 -81.07
C GLU C 383 1.85 0.77 -79.59
N TRP C 384 3.11 0.80 -79.15
CA TRP C 384 3.39 1.06 -77.75
C TRP C 384 2.92 2.45 -77.34
N LYS C 385 3.21 3.45 -78.19
CA LYS C 385 2.77 4.81 -77.88
C LYS C 385 1.25 4.92 -77.93
N ASN C 386 0.60 4.30 -78.92
CA ASN C 386 -0.84 4.41 -79.02
C ASN C 386 -1.53 3.79 -77.82
N ASN C 387 -1.05 2.63 -77.36
CA ASN C 387 -1.63 2.02 -76.16
C ASN C 387 -1.19 2.73 -74.90
N TYR C 388 -0.01 3.35 -74.90
CA TYR C 388 0.52 4.08 -73.75
C TYR C 388 0.92 5.48 -74.19
N PRO C 389 -0.06 6.32 -74.53
CA PRO C 389 0.28 7.67 -74.98
C PRO C 389 0.98 8.50 -73.92
N ARG C 390 0.73 8.22 -72.63
CA ARG C 390 1.35 9.00 -71.57
C ARG C 390 2.87 8.88 -71.61
N LEU C 391 3.36 7.66 -71.84
CA LEU C 391 4.79 7.38 -71.76
C LEU C 391 5.34 7.36 -73.18
N ARG C 392 5.93 8.49 -73.60
CA ARG C 392 6.67 8.50 -74.86
C ARG C 392 8.03 7.84 -74.70
N GLU C 393 8.67 8.04 -73.56
CA GLU C 393 9.91 7.35 -73.22
C GLU C 393 9.80 6.82 -71.81
N LEU C 394 10.07 5.52 -71.64
CA LEU C 394 10.02 4.88 -70.33
C LEU C 394 11.21 3.96 -70.17
N ASP C 395 11.64 3.80 -68.92
CA ASP C 395 12.64 2.81 -68.58
C ASP C 395 12.28 2.19 -67.24
N ARG C 396 12.76 0.97 -67.02
CA ARG C 396 12.50 0.31 -65.75
C ARG C 396 13.20 1.01 -64.59
N ASN C 397 14.26 1.77 -64.86
CA ASN C 397 14.87 2.57 -63.81
C ASN C 397 14.02 3.79 -63.49
N GLU C 398 13.44 4.42 -64.52
CA GLU C 398 12.53 5.53 -64.29
C GLU C 398 11.26 5.06 -63.60
N LEU C 399 10.77 3.88 -63.97
CA LEU C 399 9.56 3.35 -63.35
C LEU C 399 9.76 3.13 -61.85
N PHE C 400 10.90 2.54 -61.47
CA PHE C 400 11.13 2.27 -60.05
C PHE C 400 11.25 3.55 -59.24
N GLU C 401 12.03 4.51 -59.74
CA GLU C 401 12.28 5.73 -58.97
C GLU C 401 11.00 6.52 -58.76
N LYS C 402 10.13 6.59 -59.75
CA LYS C 402 8.84 7.25 -59.57
C LYS C 402 8.09 6.63 -58.40
N ALA C 403 8.05 5.29 -58.36
CA ALA C 403 7.41 4.62 -57.24
C ALA C 403 8.15 4.91 -55.94
N LYS C 404 9.48 4.93 -55.98
CA LYS C 404 10.25 5.22 -54.78
C LYS C 404 9.85 6.55 -54.18
N ASN C 405 9.77 7.59 -55.01
CA ASN C 405 9.34 8.89 -54.51
C ASN C 405 7.86 8.87 -54.16
N GLU C 406 7.03 8.24 -55.00
CA GLU C 406 5.60 8.20 -54.73
C GLU C 406 5.32 7.52 -53.40
N ILE C 407 5.99 6.40 -53.13
CA ILE C 407 5.78 5.68 -51.88
C ILE C 407 6.19 6.53 -50.69
N LEU C 408 7.36 7.16 -50.76
CA LEU C 408 7.81 7.99 -49.66
C LEU C 408 6.90 9.19 -49.47
N ASP C 409 6.35 9.72 -50.56
CA ASP C 409 5.42 10.83 -50.45
C ASP C 409 4.13 10.41 -49.76
N GLU C 410 3.61 9.22 -50.10
CA GLU C 410 2.38 8.76 -49.49
C GLU C 410 2.55 8.47 -48.01
N VAL C 411 3.66 7.83 -47.63
CA VAL C 411 3.87 7.53 -46.22
C VAL C 411 4.02 8.82 -45.44
N ILE C 412 4.65 9.84 -46.04
CA ILE C 412 4.67 11.15 -45.41
C ILE C 412 3.25 11.71 -45.30
N SER C 413 2.46 11.57 -46.37
CA SER C 413 1.07 11.99 -46.32
C SER C 413 0.32 11.25 -45.23
N LEU C 414 0.64 9.97 -45.04
CA LEU C 414 0.10 9.23 -43.90
C LEU C 414 0.50 9.90 -42.59
N SER C 415 1.74 10.39 -42.51
CA SER C 415 2.17 11.10 -41.31
C SER C 415 1.45 12.43 -41.14
N GLN C 416 0.71 12.88 -42.15
CA GLN C 416 -0.07 14.11 -42.07
C GLN C 416 -1.50 13.89 -41.63
N VAL C 417 -1.86 12.65 -41.31
CA VAL C 417 -3.22 12.37 -40.84
C VAL C 417 -3.41 13.02 -39.47
N THR C 418 -4.51 13.75 -39.32
CA THR C 418 -4.71 14.50 -38.09
C THR C 418 -4.91 13.55 -36.91
N PRO C 419 -4.50 13.97 -35.70
CA PRO C 419 -4.85 13.16 -34.51
C PRO C 419 -6.32 12.87 -34.39
N LYS C 420 -7.17 13.81 -34.82
CA LYS C 420 -8.61 13.61 -34.74
C LYS C 420 -9.02 12.27 -35.35
N HIS C 421 -8.43 11.93 -36.50
CA HIS C 421 -8.76 10.66 -37.14
C HIS C 421 -8.17 9.49 -36.36
N TRP C 422 -6.94 9.63 -35.88
CA TRP C 422 -6.32 8.55 -35.13
C TRP C 422 -7.09 8.25 -33.85
N GLU C 423 -7.41 9.29 -33.09
CA GLU C 423 -8.08 9.09 -31.81
C GLU C 423 -9.46 8.48 -32.01
N GLU C 424 -10.21 8.98 -33.01
CA GLU C 424 -11.54 8.44 -33.26
C GLU C 424 -11.46 7.01 -33.79
N ILE C 425 -10.56 6.76 -34.73
CA ILE C 425 -10.47 5.43 -35.33
C ILE C 425 -9.98 4.42 -34.30
N LEU C 426 -8.92 4.78 -33.57
CA LEU C 426 -8.40 3.88 -32.55
C LEU C 426 -9.43 3.62 -31.45
N GLN C 427 -10.11 4.67 -31.00
CA GLN C 427 -11.10 4.48 -29.95
C GLN C 427 -12.26 3.64 -30.43
N GLN C 428 -12.78 3.93 -31.63
CA GLN C 428 -13.92 3.18 -32.13
C GLN C 428 -13.55 1.73 -32.40
N SER C 429 -12.39 1.49 -33.01
CA SER C 429 -11.99 0.12 -33.34
C SER C 429 -11.73 -0.69 -32.08
N LEU C 430 -10.99 -0.11 -31.13
CA LEU C 430 -10.61 -0.85 -29.93
C LEU C 430 -11.84 -1.21 -29.09
N TRP C 431 -12.74 -0.24 -28.89
CA TRP C 431 -13.93 -0.51 -28.09
C TRP C 431 -14.76 -1.62 -28.71
N GLU C 432 -14.95 -1.58 -30.03
CA GLU C 432 -15.72 -2.62 -30.70
C GLU C 432 -15.10 -3.99 -30.48
N ARG C 433 -13.77 -4.06 -30.36
CA ARG C 433 -13.11 -5.33 -30.11
C ARG C 433 -13.39 -5.83 -28.71
N VAL C 434 -13.50 -4.94 -27.73
CA VAL C 434 -13.70 -5.29 -26.34
C VAL C 434 -15.09 -4.91 -25.86
N SER C 435 -15.99 -4.54 -26.77
CA SER C 435 -17.32 -4.12 -26.36
C SER C 435 -18.12 -5.28 -25.76
N THR C 436 -17.92 -6.49 -26.26
CA THR C 436 -18.67 -7.64 -25.76
C THR C 436 -18.02 -8.29 -24.56
N HIS C 437 -16.70 -8.22 -24.43
CA HIS C 437 -16.04 -8.84 -23.28
C HIS C 437 -16.55 -8.24 -21.97
N VAL C 438 -16.61 -6.92 -21.91
CA VAL C 438 -17.14 -6.27 -20.71
C VAL C 438 -18.60 -6.62 -20.51
N ILE C 439 -19.40 -6.57 -21.58
CA ILE C 439 -20.82 -6.83 -21.45
C ILE C 439 -21.05 -8.25 -20.97
N GLU C 440 -20.42 -9.22 -21.63
CA GLU C 440 -20.73 -10.62 -21.38
C GLU C 440 -19.98 -11.17 -20.16
N ASN C 441 -18.72 -10.77 -19.98
CA ASN C 441 -17.87 -11.36 -18.97
C ASN C 441 -17.77 -10.51 -17.70
N ILE C 442 -18.11 -9.23 -17.77
CA ILE C 442 -18.01 -8.32 -16.63
C ILE C 442 -19.39 -7.80 -16.22
N TYR C 443 -20.08 -7.11 -17.14
CA TYR C 443 -21.31 -6.42 -16.77
C TYR C 443 -22.43 -7.41 -16.45
N LEU C 444 -22.82 -8.22 -17.44
CA LEU C 444 -24.00 -9.06 -17.29
C LEU C 444 -23.94 -9.94 -16.04
N PRO C 445 -22.86 -10.68 -15.77
CA PRO C 445 -22.82 -11.44 -14.51
C PRO C 445 -22.86 -10.55 -13.29
N ALA C 446 -22.29 -9.35 -13.36
CA ALA C 446 -22.39 -8.42 -12.25
C ALA C 446 -23.81 -7.91 -12.09
N ALA C 447 -24.59 -7.86 -13.17
CA ALA C 447 -25.98 -7.41 -13.09
C ALA C 447 -26.88 -8.42 -12.41
N GLN C 448 -26.38 -9.61 -12.08
CA GLN C 448 -27.20 -10.64 -11.47
C GLN C 448 -27.46 -10.38 -9.99
N THR C 449 -26.78 -9.42 -9.38
CA THR C 449 -27.00 -9.04 -8.00
C THR C 449 -27.64 -7.66 -7.93
N MET C 450 -28.47 -7.47 -6.92
CA MET C 450 -29.10 -6.18 -6.68
C MET C 450 -28.23 -5.27 -5.81
N ASN C 451 -27.07 -5.74 -5.39
CA ASN C 451 -26.14 -4.95 -4.59
C ASN C 451 -25.26 -4.15 -5.53
N SER C 452 -25.53 -2.86 -5.67
CA SER C 452 -24.76 -2.04 -6.59
C SER C 452 -23.30 -1.95 -6.16
N GLY C 453 -23.05 -1.98 -4.85
CA GLY C 453 -21.67 -1.98 -4.39
C GLY C 453 -20.90 -3.20 -4.86
N THR C 454 -21.50 -4.38 -4.69
CA THR C 454 -20.90 -5.59 -5.23
C THR C 454 -20.77 -5.50 -6.74
N PHE C 455 -21.81 -4.99 -7.41
CA PHE C 455 -21.75 -4.83 -8.86
C PHE C 455 -20.52 -4.02 -9.26
N ASN C 456 -20.35 -2.84 -8.66
CA ASN C 456 -19.20 -2.03 -8.98
C ASN C 456 -17.91 -2.66 -8.46
N THR C 457 -17.96 -3.27 -7.28
CA THR C 457 -16.78 -3.95 -6.77
C THR C 457 -16.37 -5.11 -7.67
N THR C 458 -17.34 -5.89 -8.13
CA THR C 458 -17.03 -7.06 -8.95
C THR C 458 -16.37 -6.65 -10.25
N VAL C 459 -16.89 -5.63 -10.91
CA VAL C 459 -16.38 -5.24 -12.22
C VAL C 459 -14.99 -4.61 -12.08
N ASP C 460 -14.81 -3.77 -11.06
CA ASP C 460 -13.53 -3.08 -10.92
C ASP C 460 -12.40 -4.07 -10.74
N ILE C 461 -12.62 -5.13 -9.96
CA ILE C 461 -11.58 -6.14 -9.78
C ILE C 461 -11.30 -6.83 -11.10
N LYS C 462 -12.35 -7.21 -11.83
CA LYS C 462 -12.16 -7.84 -13.13
C LYS C 462 -11.45 -6.90 -14.10
N LEU C 463 -11.87 -5.62 -14.13
CA LEU C 463 -11.30 -4.68 -15.08
C LEU C 463 -9.81 -4.47 -14.84
N LYS C 464 -9.42 -4.30 -13.57
CA LYS C 464 -8.00 -4.08 -13.28
C LYS C 464 -7.17 -5.30 -13.67
N GLN C 465 -7.65 -6.50 -13.35
CA GLN C 465 -6.97 -7.70 -13.81
C GLN C 465 -7.03 -7.81 -15.32
N TRP C 466 -8.20 -7.57 -15.89
CA TRP C 466 -8.33 -7.55 -17.35
C TRP C 466 -7.45 -6.46 -17.95
N THR C 467 -7.41 -5.29 -17.31
CA THR C 467 -6.62 -4.19 -17.81
C THR C 467 -5.15 -4.57 -17.90
N ASP C 468 -4.62 -5.18 -16.85
CA ASP C 468 -3.20 -5.50 -16.81
C ASP C 468 -2.81 -6.48 -17.92
N LYS C 469 -3.69 -7.45 -18.19
CA LYS C 469 -3.31 -8.56 -19.04
C LYS C 469 -3.68 -8.39 -20.50
N GLN C 470 -4.81 -7.74 -20.80
CA GLN C 470 -5.33 -7.72 -22.15
C GLN C 470 -5.39 -6.34 -22.77
N LEU C 471 -5.93 -5.35 -22.06
CA LEU C 471 -6.26 -4.07 -22.69
C LEU C 471 -5.09 -3.42 -23.41
N PRO C 472 -3.91 -3.24 -22.80
CA PRO C 472 -2.81 -2.60 -23.55
C PRO C 472 -2.26 -3.46 -24.66
N ASN C 473 -2.43 -4.77 -24.59
CA ASN C 473 -1.95 -5.63 -25.66
C ASN C 473 -2.88 -5.58 -26.87
N LYS C 474 -4.19 -5.55 -26.63
CA LYS C 474 -5.13 -5.36 -27.73
C LYS C 474 -5.07 -3.94 -28.27
N ALA C 475 -4.87 -2.96 -27.39
CA ALA C 475 -4.85 -1.57 -27.81
C ALA C 475 -3.71 -1.31 -28.78
N VAL C 476 -2.51 -1.80 -28.47
CA VAL C 476 -1.38 -1.62 -29.37
C VAL C 476 -1.63 -2.34 -30.69
N GLU C 477 -2.17 -3.56 -30.63
CA GLU C 477 -2.44 -4.30 -31.85
C GLU C 477 -3.39 -3.52 -32.75
N VAL C 478 -4.44 -2.94 -32.18
CA VAL C 478 -5.35 -2.12 -32.96
C VAL C 478 -4.61 -0.94 -33.57
N ALA C 479 -3.79 -0.28 -32.76
CA ALA C 479 -3.02 0.85 -33.27
C ALA C 479 -2.03 0.40 -34.35
N TRP C 480 -1.36 -0.72 -34.12
CA TRP C 480 -0.45 -1.24 -35.13
C TRP C 480 -1.19 -1.54 -36.43
N GLU C 481 -2.32 -2.22 -36.33
CA GLU C 481 -3.12 -2.51 -37.50
C GLU C 481 -3.74 -1.24 -38.08
N THR C 482 -4.23 -0.36 -37.21
CA THR C 482 -4.90 0.85 -37.69
C THR C 482 -3.96 1.67 -38.57
N LEU C 483 -2.70 1.83 -38.13
CA LEU C 483 -1.73 2.54 -38.95
C LEU C 483 -1.52 1.84 -40.29
N GLN C 484 -1.40 0.51 -40.26
CA GLN C 484 -1.20 -0.22 -41.51
C GLN C 484 -2.44 -0.14 -42.40
N GLU C 485 -3.63 -0.09 -41.80
CA GLU C 485 -4.84 0.01 -42.60
C GLU C 485 -4.88 1.32 -43.39
N GLU C 486 -4.53 2.43 -42.74
CA GLU C 486 -4.45 3.70 -43.46
C GLU C 486 -3.25 3.71 -44.41
N PHE C 487 -2.13 3.13 -43.98
CA PHE C 487 -0.95 3.08 -44.83
C PHE C 487 -1.27 2.37 -46.14
N SER C 488 -1.94 1.22 -46.06
CA SER C 488 -2.32 0.50 -47.27
C SER C 488 -3.22 1.35 -48.16
N ARG C 489 -4.18 2.05 -47.54
CA ARG C 489 -5.05 2.93 -48.33
C ARG C 489 -4.24 4.04 -48.97
N PHE C 490 -3.35 4.68 -48.22
CA PHE C 490 -2.48 5.68 -48.82
C PHE C 490 -1.55 5.04 -49.85
N MET C 491 -1.09 3.82 -49.58
CA MET C 491 -0.07 3.21 -50.42
C MET C 491 -0.63 2.78 -51.77
N THR C 492 -1.59 1.86 -51.76
CA THR C 492 -2.02 1.19 -52.99
C THR C 492 -3.46 1.47 -53.39
N GLU C 493 -4.21 2.26 -52.63
CA GLU C 493 -5.59 2.51 -53.02
C GLU C 493 -5.62 3.37 -54.28
N PRO C 494 -6.49 3.05 -55.24
CA PRO C 494 -6.53 3.84 -56.46
C PRO C 494 -7.09 5.23 -56.22
N LYS C 495 -6.64 6.16 -57.07
CA LYS C 495 -7.20 7.51 -57.09
C LYS C 495 -8.46 7.52 -57.96
N GLY C 496 -9.50 6.90 -57.41
CA GLY C 496 -10.72 6.68 -58.17
C GLY C 496 -10.48 5.72 -59.33
N LYS C 497 -10.76 6.17 -60.55
CA LYS C 497 -10.56 5.34 -61.73
C LYS C 497 -9.15 5.44 -62.31
N GLU C 498 -8.31 6.34 -61.80
CA GLU C 498 -6.94 6.48 -62.24
C GLU C 498 -6.02 5.79 -61.24
N HIS C 499 -5.26 4.81 -61.69
CA HIS C 499 -4.37 4.06 -60.82
C HIS C 499 -3.25 3.44 -61.62
N ASP C 500 -2.02 3.55 -61.12
CA ASP C 500 -0.86 2.90 -61.72
C ASP C 500 -0.67 1.57 -61.01
N ASP C 501 -1.37 0.54 -61.50
CA ASP C 501 -1.24 -0.78 -60.91
C ASP C 501 0.16 -1.36 -61.12
N ILE C 502 0.93 -0.80 -62.07
CA ILE C 502 2.28 -1.28 -62.33
C ILE C 502 3.16 -1.20 -61.09
N PHE C 503 2.79 -0.34 -60.12
CA PHE C 503 3.58 -0.13 -58.92
C PHE C 503 3.11 -0.94 -57.73
N ASP C 504 2.01 -1.67 -57.86
CA ASP C 504 1.41 -2.32 -56.69
C ASP C 504 2.28 -3.46 -56.15
N LYS C 505 2.99 -4.16 -57.03
CA LYS C 505 3.83 -5.25 -56.56
C LYS C 505 4.91 -4.73 -55.62
N LEU C 506 5.60 -3.68 -56.02
CA LEU C 506 6.63 -3.09 -55.17
C LEU C 506 6.02 -2.52 -53.88
N LYS C 507 4.89 -1.83 -54.00
CA LYS C 507 4.27 -1.20 -52.85
C LYS C 507 3.95 -2.22 -51.77
N GLU C 508 3.30 -3.32 -52.15
CA GLU C 508 3.00 -4.37 -51.18
C GLU C 508 4.27 -5.07 -50.73
N ALA C 509 5.19 -5.30 -51.65
CA ALA C 509 6.47 -5.92 -51.28
C ALA C 509 7.22 -5.05 -50.28
N VAL C 510 7.23 -3.73 -50.50
CA VAL C 510 7.85 -2.84 -49.55
C VAL C 510 7.13 -2.88 -48.21
N LYS C 511 5.80 -2.87 -48.25
CA LYS C 511 5.02 -2.90 -47.01
C LYS C 511 5.39 -4.10 -46.16
N GLU C 512 5.45 -5.28 -46.76
CA GLU C 512 5.70 -6.48 -45.99
C GLU C 512 7.03 -6.39 -45.25
N GLU C 513 8.08 -5.91 -45.92
CA GLU C 513 9.35 -5.72 -45.25
C GLU C 513 9.25 -4.62 -44.18
N SER C 514 8.55 -3.54 -44.48
CA SER C 514 8.45 -2.44 -43.53
C SER C 514 7.61 -2.81 -42.31
N ILE C 515 6.56 -3.61 -42.48
CA ILE C 515 5.77 -4.02 -41.32
C ILE C 515 6.53 -5.03 -40.49
N LYS C 516 7.29 -5.93 -41.15
CA LYS C 516 8.12 -6.85 -40.40
C LYS C 516 9.11 -6.10 -39.52
N ARG C 517 9.65 -5.00 -40.03
CA ARG C 517 10.55 -4.15 -39.25
C ARG C 517 9.81 -3.13 -38.41
N HIS C 518 8.48 -3.07 -38.49
CA HIS C 518 7.68 -2.14 -37.70
C HIS C 518 7.42 -2.79 -36.35
N LYS C 519 8.36 -2.62 -35.44
CA LYS C 519 8.25 -3.15 -34.08
C LYS C 519 7.74 -2.04 -33.18
N TRP C 520 6.47 -2.15 -32.76
CA TRP C 520 5.88 -1.12 -31.92
C TRP C 520 6.64 -1.03 -30.61
N ASN C 521 6.73 0.18 -30.07
CA ASN C 521 7.43 0.38 -28.80
C ASN C 521 6.97 -0.64 -27.78
N ASP C 522 7.94 -1.37 -27.22
CA ASP C 522 7.65 -2.47 -26.32
C ASP C 522 7.19 -2.03 -24.95
N PHE C 523 7.28 -0.74 -24.63
CA PHE C 523 6.88 -0.22 -23.34
C PHE C 523 5.60 0.61 -23.41
N ALA C 524 4.97 0.69 -24.59
CA ALA C 524 3.72 1.42 -24.71
C ALA C 524 2.66 0.85 -23.78
N GLU C 525 2.69 -0.46 -23.54
CA GLU C 525 1.67 -1.09 -22.70
C GLU C 525 1.78 -0.66 -21.25
N ASP C 526 3.00 -0.40 -20.77
CA ASP C 526 3.17 -0.02 -19.38
C ASP C 526 2.53 1.34 -19.10
N SER C 527 2.68 2.29 -20.02
CA SER C 527 2.02 3.57 -19.87
C SER C 527 0.51 3.39 -19.87
N LEU C 528 0.00 2.56 -20.78
CA LEU C 528 -1.44 2.37 -20.88
C LEU C 528 -2.01 1.74 -19.62
N ARG C 529 -1.27 0.79 -19.03
CA ARG C 529 -1.75 0.17 -17.79
C ARG C 529 -1.96 1.21 -16.71
N VAL C 530 -0.99 2.10 -16.52
CA VAL C 530 -1.14 3.16 -15.54
C VAL C 530 -2.32 4.05 -15.91
N ILE C 531 -2.41 4.42 -17.19
CA ILE C 531 -3.52 5.26 -17.65
C ILE C 531 -4.85 4.58 -17.39
N GLN C 532 -4.95 3.31 -17.79
CA GLN C 532 -6.23 2.61 -17.68
C GLN C 532 -6.60 2.40 -16.23
N HIS C 533 -5.62 2.13 -15.37
CA HIS C 533 -5.91 2.01 -13.95
C HIS C 533 -6.47 3.33 -13.40
N ASN C 534 -5.87 4.45 -13.80
CA ASN C 534 -6.35 5.73 -13.34
C ASN C 534 -7.70 6.09 -13.96
N ALA C 535 -7.89 5.76 -15.25
CA ALA C 535 -9.17 6.05 -15.88
C ALA C 535 -10.29 5.26 -15.21
N LEU C 536 -10.03 4.01 -14.85
CA LEU C 536 -11.02 3.22 -14.13
C LEU C 536 -11.13 3.63 -12.68
N GLU C 537 -10.02 4.03 -12.06
CA GLU C 537 -10.04 4.38 -10.65
C GLU C 537 -10.89 5.62 -10.40
N ASP C 538 -10.79 6.61 -11.28
CA ASP C 538 -11.60 7.82 -11.18
C ASP C 538 -12.97 7.54 -11.77
N ARG C 539 -13.95 7.29 -10.90
CA ARG C 539 -15.32 7.03 -11.31
C ARG C 539 -16.25 8.20 -11.04
N SER C 540 -15.70 9.37 -10.74
CA SER C 540 -16.52 10.54 -10.40
C SER C 540 -17.02 11.19 -11.68
N ILE C 541 -18.33 11.09 -11.90
CA ILE C 541 -18.98 11.73 -13.05
C ILE C 541 -19.88 12.83 -12.52
N SER C 542 -19.34 14.04 -12.40
CA SER C 542 -20.08 15.18 -11.89
C SER C 542 -20.77 15.98 -12.99
N ASP C 543 -20.60 15.60 -14.24
CA ASP C 543 -21.04 16.41 -15.37
C ASP C 543 -22.18 15.72 -16.10
N LYS C 544 -23.27 16.46 -16.35
CA LYS C 544 -24.41 15.90 -17.05
C LYS C 544 -24.05 15.48 -18.47
N GLN C 545 -23.25 16.27 -19.16
CA GLN C 545 -22.86 15.93 -20.52
C GLN C 545 -22.12 14.60 -20.56
N GLN C 546 -21.26 14.36 -19.58
CA GLN C 546 -20.61 13.06 -19.45
C GLN C 546 -21.66 11.96 -19.32
N TRP C 547 -22.69 12.20 -18.50
CA TRP C 547 -23.76 11.23 -18.36
C TRP C 547 -24.52 11.04 -19.67
N ASP C 548 -24.85 12.15 -20.34
CA ASP C 548 -25.66 12.04 -21.56
C ASP C 548 -24.94 11.24 -22.64
N ALA C 549 -23.67 11.52 -22.86
CA ALA C 549 -22.93 10.80 -23.90
C ALA C 549 -22.81 9.32 -23.55
N ALA C 550 -22.50 9.00 -22.30
CA ALA C 550 -22.25 7.62 -21.91
C ALA C 550 -23.49 6.76 -22.12
N ILE C 551 -24.66 7.28 -21.78
CA ILE C 551 -25.86 6.45 -21.83
C ILE C 551 -26.27 6.14 -23.27
N TYR C 552 -26.16 7.11 -24.18
CA TYR C 552 -26.60 6.87 -25.55
C TYR C 552 -25.72 5.81 -26.23
N PHE C 553 -24.41 5.89 -26.02
CA PHE C 553 -23.52 4.89 -26.61
C PHE C 553 -23.70 3.53 -25.96
N MET C 554 -23.97 3.50 -24.65
CA MET C 554 -24.26 2.24 -24.00
C MET C 554 -25.52 1.60 -24.59
N GLU C 555 -26.53 2.42 -24.90
CA GLU C 555 -27.75 1.90 -25.51
C GLU C 555 -27.44 1.23 -26.85
N GLU C 556 -26.59 1.86 -27.66
CA GLU C 556 -26.26 1.29 -28.96
C GLU C 556 -25.61 -0.08 -28.80
N ALA C 557 -24.68 -0.21 -27.86
CA ALA C 557 -24.06 -1.51 -27.63
C ALA C 557 -25.11 -2.52 -27.18
N LEU C 558 -26.01 -2.12 -26.28
CA LEU C 558 -27.03 -3.04 -25.81
C LEU C 558 -28.05 -3.34 -26.90
N GLN C 559 -28.42 -2.34 -27.70
CA GLN C 559 -29.32 -2.59 -28.81
C GLN C 559 -28.68 -3.55 -29.82
N ALA C 560 -27.39 -3.40 -30.06
CA ALA C 560 -26.70 -4.34 -30.93
C ALA C 560 -26.80 -5.75 -30.39
N ARG C 561 -26.51 -5.94 -29.09
CA ARG C 561 -26.63 -7.26 -28.50
C ARG C 561 -28.06 -7.77 -28.59
N LEU C 562 -29.03 -6.90 -28.36
CA LEU C 562 -30.43 -7.32 -28.40
C LEU C 562 -30.81 -7.84 -29.78
N LYS C 563 -30.43 -7.13 -30.83
CA LYS C 563 -30.72 -7.60 -32.17
C LYS C 563 -29.93 -8.86 -32.49
N ASP C 564 -28.68 -8.94 -32.03
CA ASP C 564 -27.90 -10.15 -32.23
C ASP C 564 -28.61 -11.35 -31.61
N THR C 565 -29.11 -11.19 -30.39
CA THR C 565 -29.84 -12.27 -29.75
C THR C 565 -31.17 -12.52 -30.46
N GLU C 566 -31.89 -11.45 -30.81
CA GLU C 566 -33.20 -11.61 -31.44
C GLU C 566 -33.07 -12.31 -32.79
N ASN C 567 -32.06 -11.96 -33.57
CA ASN C 567 -31.86 -12.61 -34.86
C ASN C 567 -31.53 -14.09 -34.67
N ALA C 568 -30.71 -14.41 -33.66
CA ALA C 568 -30.45 -15.80 -33.34
C ALA C 568 -31.73 -16.51 -32.91
N ILE C 569 -32.56 -15.82 -32.13
CA ILE C 569 -33.80 -16.42 -31.65
C ILE C 569 -34.72 -16.76 -32.82
N GLU C 570 -34.89 -15.80 -33.75
CA GLU C 570 -35.84 -16.02 -34.84
C GLU C 570 -35.46 -17.26 -35.62
N ASN C 571 -34.16 -17.47 -35.85
CA ASN C 571 -33.72 -18.71 -36.46
C ASN C 571 -34.00 -19.90 -35.55
N MET C 572 -33.80 -19.73 -34.24
CA MET C 572 -34.07 -20.80 -33.30
C MET C 572 -35.54 -21.18 -33.30
N VAL C 573 -36.43 -20.18 -33.39
CA VAL C 573 -37.86 -20.42 -33.32
C VAL C 573 -38.54 -20.36 -34.68
N GLY C 574 -37.90 -19.79 -35.69
CA GLY C 574 -38.47 -19.72 -37.01
C GLY C 574 -39.44 -18.55 -37.16
N PRO C 575 -40.06 -18.44 -38.33
CA PRO C 575 -40.99 -17.34 -38.55
C PRO C 575 -42.27 -17.48 -37.74
N ASP C 576 -42.87 -16.34 -37.44
CA ASP C 576 -44.17 -16.31 -36.79
C ASP C 576 -45.27 -16.51 -37.82
N TRP C 577 -46.51 -16.61 -37.34
CA TRP C 577 -47.64 -16.82 -38.25
C TRP C 577 -47.70 -15.73 -39.31
N LYS C 578 -47.21 -14.54 -39.01
CA LYS C 578 -47.23 -13.46 -39.98
C LYS C 578 -46.45 -13.83 -41.24
N LYS C 579 -45.27 -14.43 -41.05
CA LYS C 579 -44.44 -14.83 -42.18
C LYS C 579 -44.72 -16.24 -42.66
N ARG C 580 -45.18 -17.12 -41.76
CA ARG C 580 -45.55 -18.46 -42.19
C ARG C 580 -46.70 -18.43 -43.19
N TRP C 581 -47.69 -17.58 -42.93
CA TRP C 581 -48.83 -17.46 -43.84
C TRP C 581 -48.57 -16.47 -44.97
N LEU C 582 -47.72 -15.47 -44.73
CA LEU C 582 -47.43 -14.49 -45.77
C LEU C 582 -46.50 -15.08 -46.83
N TYR C 583 -45.51 -15.85 -46.42
CA TYR C 583 -44.53 -16.43 -47.32
C TYR C 583 -44.69 -17.93 -47.47
N TRP C 584 -45.77 -18.50 -46.96
CA TRP C 584 -46.05 -19.92 -47.06
C TRP C 584 -44.88 -20.74 -46.50
N LYS C 585 -44.53 -20.43 -45.26
CA LYS C 585 -43.46 -21.09 -44.54
C LYS C 585 -44.05 -21.82 -43.33
N ASN C 586 -43.25 -22.69 -42.75
CA ASN C 586 -43.64 -23.41 -41.56
C ASN C 586 -42.42 -23.59 -40.67
N ARG C 587 -42.63 -24.12 -39.47
CA ARG C 587 -41.57 -24.32 -38.51
C ARG C 587 -41.03 -25.74 -38.58
N THR C 588 -39.74 -25.88 -38.33
CA THR C 588 -39.18 -27.19 -38.09
C THR C 588 -39.62 -27.68 -36.71
N GLN C 589 -39.56 -28.99 -36.50
CA GLN C 589 -39.99 -29.54 -35.23
C GLN C 589 -39.16 -28.96 -34.08
N GLU C 590 -37.91 -28.60 -34.34
CA GLU C 590 -37.11 -27.92 -33.33
C GLU C 590 -37.65 -26.52 -33.07
N GLN C 591 -37.97 -25.79 -34.13
CA GLN C 591 -38.54 -24.46 -33.97
C GLN C 591 -39.86 -24.54 -33.22
N CYS C 592 -40.69 -25.53 -33.54
CA CYS C 592 -41.93 -25.72 -32.81
C CYS C 592 -41.66 -25.93 -31.33
N VAL C 593 -40.65 -26.75 -31.01
CA VAL C 593 -40.29 -26.96 -29.61
C VAL C 593 -39.78 -25.65 -29.00
N HIS C 594 -38.95 -24.92 -29.72
CA HIS C 594 -38.41 -23.68 -29.20
C HIS C 594 -39.51 -22.67 -28.92
N ASN C 595 -40.50 -22.56 -29.80
CA ASN C 595 -41.56 -21.59 -29.60
C ASN C 595 -42.32 -21.90 -28.32
N GLU C 596 -42.65 -23.16 -28.09
CA GLU C 596 -43.35 -23.53 -26.88
C GLU C 596 -42.41 -23.49 -25.68
N THR C 597 -41.17 -23.92 -25.86
CA THR C 597 -40.18 -23.77 -24.80
C THR C 597 -39.98 -22.30 -24.46
N LYS C 598 -39.93 -21.46 -25.49
CA LYS C 598 -39.88 -20.02 -25.27
C LYS C 598 -41.09 -19.53 -24.50
N ASN C 599 -42.28 -19.99 -24.91
CA ASN C 599 -43.50 -19.48 -24.30
C ASN C 599 -43.55 -19.79 -22.81
N GLU C 600 -43.15 -21.02 -22.43
CA GLU C 600 -43.15 -21.37 -21.01
C GLU C 600 -42.14 -20.53 -20.24
N LEU C 601 -40.96 -20.31 -20.82
CA LEU C 601 -39.98 -19.45 -20.17
C LEU C 601 -40.48 -18.01 -20.09
N GLU C 602 -41.15 -17.55 -21.15
CA GLU C 602 -41.69 -16.19 -21.13
C GLU C 602 -42.75 -16.05 -20.04
N LYS C 603 -43.59 -17.06 -19.89
CA LYS C 603 -44.58 -17.04 -18.82
C LYS C 603 -43.91 -17.03 -17.46
N MET C 604 -42.85 -17.83 -17.29
CA MET C 604 -42.12 -17.83 -16.03
C MET C 604 -41.57 -16.44 -15.74
N LEU C 605 -40.95 -15.82 -16.74
CA LEU C 605 -40.44 -14.46 -16.56
C LEU C 605 -41.58 -13.45 -16.46
N LYS C 606 -42.71 -13.74 -17.11
CA LYS C 606 -43.86 -12.84 -17.01
C LYS C 606 -44.18 -12.54 -15.54
N CYS C 607 -44.14 -13.56 -14.70
CA CYS C 607 -44.33 -13.36 -13.26
C CYS C 607 -43.01 -13.03 -12.57
N ASN C 608 -42.04 -13.93 -12.68
CA ASN C 608 -40.73 -13.73 -12.04
C ASN C 608 -39.85 -12.92 -12.98
N GLU C 609 -40.17 -11.62 -13.06
CA GLU C 609 -39.36 -10.73 -13.87
C GLU C 609 -37.93 -10.65 -13.35
N GLU C 610 -37.75 -10.79 -12.04
CA GLU C 610 -36.44 -10.74 -11.42
C GLU C 610 -35.78 -12.11 -11.37
N HIS C 611 -36.30 -13.09 -12.11
CA HIS C 611 -35.69 -14.41 -12.08
C HIS C 611 -34.22 -14.30 -12.46
N PRO C 612 -33.31 -14.91 -11.70
CA PRO C 612 -31.90 -14.86 -12.07
C PRO C 612 -31.64 -15.66 -13.33
N ALA C 613 -30.53 -15.30 -14.00
CA ALA C 613 -30.22 -15.96 -15.26
C ALA C 613 -30.04 -17.46 -15.09
N TYR C 614 -29.51 -17.89 -13.94
CA TYR C 614 -29.31 -19.31 -13.70
C TYR C 614 -30.66 -19.98 -13.46
N LEU C 615 -30.88 -21.09 -14.14
CA LEU C 615 -32.10 -21.88 -13.99
C LEU C 615 -31.84 -23.08 -13.11
N ALA C 616 -32.79 -23.38 -12.23
CA ALA C 616 -32.74 -24.61 -11.46
C ALA C 616 -33.25 -25.78 -12.28
N SER C 617 -32.71 -26.97 -12.01
CA SER C 617 -33.17 -28.15 -12.74
C SER C 617 -34.65 -28.42 -12.50
N ASP C 618 -35.21 -27.93 -11.40
CA ASP C 618 -36.64 -28.05 -11.18
C ASP C 618 -37.42 -27.21 -12.20
N GLU C 619 -36.90 -26.03 -12.52
CA GLU C 619 -37.52 -25.23 -13.59
C GLU C 619 -37.40 -25.96 -14.92
N ILE C 620 -36.25 -26.60 -15.15
CA ILE C 620 -36.07 -27.38 -16.38
C ILE C 620 -37.08 -28.52 -16.41
N THR C 621 -37.23 -29.23 -15.30
CA THR C 621 -38.24 -30.29 -15.23
C THR C 621 -39.63 -29.72 -15.38
N THR C 622 -39.91 -28.61 -14.70
CA THR C 622 -41.24 -28.01 -14.77
C THR C 622 -41.58 -27.64 -16.20
N VAL C 623 -40.64 -27.03 -16.92
CA VAL C 623 -40.90 -26.70 -18.32
C VAL C 623 -41.14 -27.97 -19.12
N ARG C 624 -40.33 -28.99 -18.92
CA ARG C 624 -40.49 -30.23 -19.67
C ARG C 624 -41.88 -30.83 -19.44
N LYS C 625 -42.30 -30.93 -18.19
CA LYS C 625 -43.61 -31.50 -17.93
C LYS C 625 -44.72 -30.60 -18.48
N ASN C 626 -44.53 -29.29 -18.40
CA ASN C 626 -45.50 -28.37 -18.99
C ASN C 626 -45.57 -28.54 -20.50
N LEU C 627 -44.44 -28.85 -21.13
CA LEU C 627 -44.41 -29.09 -22.56
C LEU C 627 -44.82 -30.52 -22.89
N GLU C 628 -44.40 -31.48 -22.07
CA GLU C 628 -44.87 -32.85 -22.25
C GLU C 628 -46.37 -32.94 -22.06
N SER C 629 -46.93 -32.13 -21.17
CA SER C 629 -48.37 -32.11 -20.99
C SER C 629 -49.10 -31.64 -22.23
N ARG C 630 -48.39 -31.00 -23.16
CA ARG C 630 -48.95 -30.61 -24.45
C ARG C 630 -48.45 -31.49 -25.58
N GLY C 631 -47.82 -32.62 -25.26
CA GLY C 631 -47.28 -33.51 -26.27
C GLY C 631 -45.89 -33.15 -26.75
N VAL C 632 -45.19 -32.28 -26.05
CA VAL C 632 -43.86 -31.81 -26.46
C VAL C 632 -42.85 -32.32 -25.46
N GLU C 633 -41.97 -33.20 -25.92
CA GLU C 633 -40.88 -33.74 -25.10
C GLU C 633 -39.60 -33.02 -25.47
N VAL C 634 -38.96 -32.40 -24.49
CA VAL C 634 -37.81 -31.52 -24.72
C VAL C 634 -36.64 -32.02 -23.90
N ASP C 635 -35.48 -32.14 -24.55
CA ASP C 635 -34.24 -32.42 -23.83
C ASP C 635 -33.85 -31.21 -23.00
N PRO C 636 -33.35 -31.39 -21.78
CA PRO C 636 -32.95 -30.22 -20.98
C PRO C 636 -32.00 -29.29 -21.70
N SER C 637 -31.09 -29.82 -22.51
CA SER C 637 -30.13 -28.95 -23.20
C SER C 637 -30.82 -27.96 -24.11
N LEU C 638 -31.93 -28.37 -24.76
CA LEU C 638 -32.66 -27.44 -25.61
C LEU C 638 -33.20 -26.27 -24.79
N ILE C 639 -33.74 -26.56 -23.60
CA ILE C 639 -34.30 -25.50 -22.77
C ILE C 639 -33.22 -24.51 -22.37
N LYS C 640 -32.06 -25.01 -21.94
CA LYS C 640 -31.01 -24.12 -21.48
C LYS C 640 -30.53 -23.22 -22.61
N ASP C 641 -30.34 -23.79 -23.80
CA ASP C 641 -29.96 -22.98 -24.96
C ASP C 641 -31.04 -21.97 -25.30
N THR C 642 -32.30 -22.40 -25.26
CA THR C 642 -33.40 -21.46 -25.44
C THR C 642 -33.39 -20.41 -24.34
N TRP C 643 -33.13 -20.83 -23.10
CA TRP C 643 -33.21 -19.91 -21.97
C TRP C 643 -32.22 -18.76 -22.12
N HIS C 644 -30.99 -19.08 -22.53
CA HIS C 644 -29.95 -18.04 -22.56
C HIS C 644 -30.33 -16.91 -23.50
N GLN C 645 -30.83 -17.23 -24.69
CA GLN C 645 -31.16 -16.18 -25.64
C GLN C 645 -32.37 -15.38 -25.19
N VAL C 646 -33.41 -16.05 -24.72
CA VAL C 646 -34.62 -15.35 -24.30
C VAL C 646 -34.34 -14.49 -23.08
N TYR C 647 -33.52 -14.98 -22.15
CA TYR C 647 -33.24 -14.21 -20.95
C TYR C 647 -32.58 -12.88 -21.30
N ARG C 648 -31.57 -12.92 -22.17
CA ARG C 648 -30.90 -11.68 -22.56
C ARG C 648 -31.90 -10.72 -23.20
N ARG C 649 -32.74 -11.22 -24.10
CA ARG C 649 -33.77 -10.38 -24.67
C ARG C 649 -34.62 -9.76 -23.57
N HIS C 650 -35.03 -10.56 -22.59
CA HIS C 650 -35.73 -10.01 -21.44
C HIS C 650 -34.87 -9.00 -20.70
N PHE C 651 -33.65 -9.40 -20.34
CA PHE C 651 -32.76 -8.50 -19.59
C PHE C 651 -32.48 -7.23 -20.38
N LEU C 652 -32.11 -7.39 -21.65
CA LEU C 652 -31.66 -6.23 -22.42
C LEU C 652 -32.77 -5.21 -22.57
N LYS C 653 -34.00 -5.67 -22.84
CA LYS C 653 -35.12 -4.75 -22.91
C LYS C 653 -35.29 -4.02 -21.58
N THR C 654 -35.11 -4.74 -20.47
CA THR C 654 -35.16 -4.12 -19.16
C THR C 654 -34.06 -3.07 -19.00
N ALA C 655 -32.84 -3.42 -19.44
CA ALA C 655 -31.73 -2.47 -19.32
C ALA C 655 -32.01 -1.21 -20.14
N LEU C 656 -32.53 -1.38 -21.36
CA LEU C 656 -32.83 -0.21 -22.18
C LEU C 656 -33.94 0.61 -21.57
N ASN C 657 -34.96 -0.05 -21.01
CA ASN C 657 -35.99 0.67 -20.27
C ASN C 657 -35.40 1.35 -19.04
N HIS C 658 -34.47 0.68 -18.35
CA HIS C 658 -33.71 1.32 -17.29
C HIS C 658 -32.96 2.54 -17.82
N CYS C 659 -32.31 2.39 -18.98
CA CYS C 659 -31.63 3.53 -19.59
C CYS C 659 -32.61 4.64 -19.96
N ASN C 660 -33.77 4.26 -20.50
CA ASN C 660 -34.76 5.28 -20.87
C ASN C 660 -35.18 6.11 -19.67
N LEU C 661 -35.45 5.45 -18.55
CA LEU C 661 -35.81 6.18 -17.34
C LEU C 661 -34.61 6.90 -16.75
N CYS C 662 -33.40 6.35 -16.90
CA CYS C 662 -32.21 7.01 -16.40
C CYS C 662 -32.05 8.38 -17.02
N ARG C 663 -32.20 8.46 -18.34
CA ARG C 663 -32.11 9.76 -19.02
C ARG C 663 -33.37 10.57 -18.80
N ARG C 664 -34.54 9.96 -19.03
CA ARG C 664 -35.80 10.70 -18.93
C ARG C 664 -36.13 11.04 -17.49
N GLY C 665 -36.03 10.06 -16.59
CA GLY C 665 -36.40 10.30 -15.20
C GLY C 665 -35.57 11.40 -14.56
N PHE C 666 -34.25 11.33 -14.75
CA PHE C 666 -33.39 12.40 -14.25
C PHE C 666 -33.64 13.70 -15.00
N TYR C 667 -34.01 13.61 -16.28
CA TYR C 667 -34.21 14.83 -17.08
C TYR C 667 -35.30 15.70 -16.48
N TYR C 668 -36.42 15.10 -16.06
CA TYR C 668 -37.46 15.85 -15.39
C TYR C 668 -36.92 16.44 -14.10
N TYR C 669 -37.12 17.75 -13.92
CA TYR C 669 -36.45 18.45 -12.82
C TYR C 669 -37.00 18.03 -11.48
N GLN C 670 -38.32 17.92 -11.35
CA GLN C 670 -38.90 17.58 -10.05
C GLN C 670 -38.54 16.17 -9.61
N ARG C 671 -38.10 15.32 -10.53
CA ARG C 671 -37.74 13.95 -10.17
C ARG C 671 -36.34 13.82 -9.58
N HIS C 672 -35.52 14.87 -9.61
CA HIS C 672 -34.17 14.76 -9.07
C HIS C 672 -34.14 14.68 -7.55
N PHE C 673 -35.22 15.04 -6.88
CA PHE C 673 -35.33 14.88 -5.43
C PHE C 673 -36.14 13.65 -5.07
N VAL C 674 -36.39 12.77 -6.03
CA VAL C 674 -37.05 11.49 -5.80
C VAL C 674 -35.97 10.41 -5.89
N ASP C 675 -35.71 9.74 -4.78
CA ASP C 675 -34.63 8.76 -4.69
C ASP C 675 -35.16 7.36 -5.02
N SER C 676 -35.55 7.18 -6.28
CA SER C 676 -36.01 5.89 -6.76
C SER C 676 -34.83 4.95 -7.03
N GLU C 677 -35.14 3.67 -7.21
CA GLU C 677 -34.14 2.64 -7.43
C GLU C 677 -33.73 2.63 -8.90
N LEU C 678 -33.02 3.68 -9.30
CA LEU C 678 -32.56 3.86 -10.67
C LEU C 678 -31.08 4.20 -10.69
N GLU C 679 -30.29 3.47 -9.92
CA GLU C 679 -28.85 3.66 -9.88
C GLU C 679 -28.28 3.14 -11.20
N CYS C 680 -28.02 4.06 -12.13
CA CYS C 680 -27.52 3.71 -13.46
C CYS C 680 -26.02 3.49 -13.39
N ASN C 681 -25.63 2.50 -12.57
CA ASN C 681 -24.23 2.17 -12.41
C ASN C 681 -23.62 1.62 -13.70
N ASP C 682 -24.45 1.08 -14.60
CA ASP C 682 -23.93 0.64 -15.88
C ASP C 682 -23.44 1.81 -16.71
N VAL C 683 -24.09 2.97 -16.59
CA VAL C 683 -23.59 4.15 -17.28
C VAL C 683 -22.26 4.62 -16.69
N VAL C 684 -22.06 4.42 -15.38
CA VAL C 684 -20.77 4.73 -14.78
C VAL C 684 -19.69 3.84 -15.35
N LEU C 685 -19.98 2.54 -15.44
CA LEU C 685 -19.02 1.61 -16.02
C LEU C 685 -18.74 1.95 -17.47
N PHE C 686 -19.79 2.18 -18.25
CA PHE C 686 -19.61 2.48 -19.67
C PHE C 686 -18.83 3.78 -19.85
N TRP C 687 -19.17 4.81 -19.06
CA TRP C 687 -18.52 6.09 -19.22
C TRP C 687 -17.01 6.00 -19.00
N ARG C 688 -16.60 5.32 -17.92
CA ARG C 688 -15.18 5.22 -17.63
C ARG C 688 -14.44 4.53 -18.76
N ILE C 689 -15.02 3.46 -19.30
CA ILE C 689 -14.37 2.75 -20.40
C ILE C 689 -14.27 3.65 -21.62
N GLN C 690 -15.34 4.38 -21.93
CA GLN C 690 -15.30 5.30 -23.05
C GLN C 690 -14.20 6.33 -22.87
N ARG C 691 -14.10 6.91 -21.67
CA ARG C 691 -13.00 7.81 -21.38
C ARG C 691 -11.67 7.05 -21.37
N MET C 692 -11.64 5.89 -20.72
CA MET C 692 -10.41 5.13 -20.63
C MET C 692 -9.85 4.82 -22.01
N LEU C 693 -10.71 4.36 -22.92
CA LEU C 693 -10.26 4.08 -24.28
C LEU C 693 -9.89 5.35 -25.02
N ALA C 694 -10.64 6.43 -24.77
CA ALA C 694 -10.32 7.69 -25.44
C ALA C 694 -8.92 8.16 -25.05
N ILE C 695 -8.57 8.04 -23.77
CA ILE C 695 -7.22 8.37 -23.34
C ILE C 695 -6.23 7.37 -23.94
N THR C 696 -6.60 6.09 -23.93
CA THR C 696 -5.74 5.07 -24.54
C THR C 696 -5.45 5.42 -26.00
N ALA C 697 -6.49 5.80 -26.75
CA ALA C 697 -6.28 6.15 -28.15
C ALA C 697 -5.33 7.34 -28.27
N ASN C 698 -5.47 8.32 -27.38
CA ASN C 698 -4.59 9.49 -27.44
C ASN C 698 -3.14 9.09 -27.18
N THR C 699 -2.92 8.23 -26.18
CA THR C 699 -1.57 7.74 -25.93
C THR C 699 -1.05 6.96 -27.12
N LEU C 700 -1.89 6.12 -27.72
CA LEU C 700 -1.49 5.41 -28.93
C LEU C 700 -1.22 6.40 -30.06
N ARG C 701 -2.09 7.40 -30.21
CA ARG C 701 -1.89 8.39 -31.26
C ARG C 701 -0.58 9.14 -31.07
N GLN C 702 -0.28 9.53 -29.83
CA GLN C 702 0.98 10.20 -29.57
C GLN C 702 2.16 9.30 -29.93
N GLN C 703 2.13 8.05 -29.50
CA GLN C 703 3.17 7.11 -29.90
C GLN C 703 3.11 6.87 -31.41
N LEU C 704 1.91 6.79 -31.97
CA LEU C 704 1.76 6.55 -33.39
C LEU C 704 2.46 7.63 -34.21
N THR C 705 2.21 8.90 -33.89
CA THR C 705 2.75 10.00 -34.67
C THR C 705 4.16 10.41 -34.24
N ASN C 706 4.55 10.11 -33.00
CA ASN C 706 5.87 10.52 -32.53
C ASN C 706 6.95 9.50 -32.84
N THR C 707 6.67 8.21 -32.70
CA THR C 707 7.67 7.17 -32.87
C THR C 707 7.33 6.21 -34.00
N GLU C 708 6.11 5.70 -34.05
CA GLU C 708 5.83 4.54 -34.89
C GLU C 708 5.79 4.90 -36.36
N VAL C 709 5.17 6.02 -36.73
CA VAL C 709 5.10 6.39 -38.13
C VAL C 709 6.50 6.71 -38.66
N ARG C 710 7.35 7.32 -37.83
CA ARG C 710 8.72 7.58 -38.25
C ARG C 710 9.48 6.28 -38.48
N ARG C 711 9.27 5.29 -37.63
CA ARG C 711 9.87 3.98 -37.86
C ARG C 711 9.35 3.38 -39.16
N LEU C 712 8.05 3.55 -39.43
CA LEU C 712 7.50 3.07 -40.70
C LEU C 712 8.15 3.77 -41.87
N GLU C 713 8.30 5.09 -41.77
CA GLU C 713 8.98 5.84 -42.84
C GLU C 713 10.43 5.41 -42.97
N LYS C 714 11.13 5.24 -41.84
CA LYS C 714 12.52 4.82 -41.88
C LYS C 714 12.65 3.44 -42.51
N ASN C 715 11.77 2.51 -42.13
CA ASN C 715 11.84 1.16 -42.68
C ASN C 715 11.57 1.17 -44.18
N VAL C 716 10.62 1.98 -44.63
CA VAL C 716 10.35 2.08 -46.05
C VAL C 716 11.60 2.55 -46.78
N LYS C 717 12.29 3.55 -46.24
CA LYS C 717 13.51 4.02 -46.88
C LYS C 717 14.56 2.92 -46.93
N GLU C 718 14.70 2.16 -45.84
CA GLU C 718 15.63 1.04 -45.85
C GLU C 718 15.22 -0.01 -46.87
N VAL C 719 13.92 -0.30 -46.94
CA VAL C 719 13.45 -1.32 -47.88
C VAL C 719 13.59 -0.83 -49.32
N LEU C 720 13.20 0.41 -49.58
CA LEU C 720 13.28 0.93 -50.94
C LEU C 720 14.73 0.93 -51.45
N GLU C 721 15.67 1.26 -50.57
CA GLU C 721 17.08 1.20 -50.95
C GLU C 721 17.50 -0.22 -51.28
N ASP C 722 17.01 -1.19 -50.50
CA ASP C 722 17.26 -2.59 -50.82
C ASP C 722 16.66 -2.96 -52.16
N PHE C 723 15.45 -2.49 -52.43
CA PHE C 723 14.85 -2.73 -53.75
C PHE C 723 15.62 -1.99 -54.84
N ALA C 724 16.10 -0.78 -54.56
CA ALA C 724 16.90 -0.06 -55.54
C ALA C 724 18.11 -0.89 -55.97
N GLU C 725 18.75 -1.57 -55.02
CA GLU C 725 19.86 -2.45 -55.32
C GLU C 725 19.40 -3.82 -55.80
N ASP C 726 18.21 -4.25 -55.41
CA ASP C 726 17.71 -5.58 -55.77
C ASP C 726 17.13 -5.49 -57.17
N GLY C 727 18.00 -5.65 -58.17
CA GLY C 727 17.55 -5.56 -59.55
C GLY C 727 16.54 -6.63 -59.91
N GLU C 728 16.75 -7.85 -59.41
CA GLU C 728 15.86 -8.95 -59.76
C GLU C 728 14.43 -8.68 -59.31
N LYS C 729 14.25 -8.21 -58.08
CA LYS C 729 12.92 -7.87 -57.63
C LYS C 729 12.35 -6.71 -58.45
N LYS C 730 13.18 -5.70 -58.74
CA LYS C 730 12.72 -4.60 -59.58
C LYS C 730 12.22 -5.13 -60.92
N ILE C 731 12.95 -6.06 -61.52
CA ILE C 731 12.48 -6.68 -62.76
C ILE C 731 11.23 -7.49 -62.49
N LYS C 732 11.25 -8.31 -61.43
CA LYS C 732 10.09 -9.15 -61.13
C LYS C 732 8.89 -8.31 -60.73
N LEU C 733 9.10 -7.20 -60.03
CA LEU C 733 7.98 -6.34 -59.64
C LEU C 733 7.50 -5.50 -60.81
N LEU C 734 8.41 -5.05 -61.67
CA LEU C 734 8.07 -4.14 -62.77
C LEU C 734 7.88 -4.92 -64.06
N THR C 735 6.72 -5.57 -64.16
CA THR C 735 6.39 -6.39 -65.33
C THR C 735 5.11 -5.92 -66.01
N GLY C 736 4.97 -4.61 -66.23
CA GLY C 736 3.74 -4.03 -66.71
C GLY C 736 3.51 -4.07 -68.21
N LYS C 737 4.41 -4.68 -68.97
CA LYS C 737 4.27 -4.87 -70.42
C LYS C 737 4.50 -3.60 -71.21
N ARG C 738 4.53 -2.44 -70.56
CA ARG C 738 4.91 -1.22 -71.27
C ARG C 738 6.35 -0.86 -70.99
N VAL C 739 6.80 -1.03 -69.76
CA VAL C 739 8.20 -0.84 -69.44
C VAL C 739 9.06 -1.90 -70.12
N GLN C 740 8.54 -3.12 -70.22
CA GLN C 740 9.23 -4.16 -70.97
C GLN C 740 9.29 -3.82 -72.45
N LEU C 741 8.19 -3.31 -73.01
CA LEU C 741 8.23 -2.81 -74.38
C LEU C 741 9.15 -1.61 -74.50
N ALA C 742 9.10 -0.71 -73.52
CA ALA C 742 10.02 0.41 -73.51
C ALA C 742 11.46 -0.07 -73.40
N GLU C 743 11.70 -1.09 -72.58
CA GLU C 743 13.03 -1.67 -72.50
C GLU C 743 13.46 -2.25 -73.83
N ASP C 744 12.55 -2.95 -74.52
CA ASP C 744 12.87 -3.49 -75.83
C ASP C 744 13.16 -2.39 -76.83
N LEU C 745 12.39 -1.30 -76.78
CA LEU C 745 12.64 -0.17 -77.68
C LEU C 745 14.03 0.40 -77.46
N LYS C 746 14.44 0.54 -76.20
CA LYS C 746 15.79 1.00 -75.91
C LYS C 746 16.82 0.06 -76.51
N LYS C 747 16.65 -1.25 -76.30
CA LYS C 747 17.59 -2.22 -76.85
C LYS C 747 17.61 -2.15 -78.36
N VAL C 748 16.45 -2.01 -78.99
CA VAL C 748 16.40 -1.88 -80.45
C VAL C 748 17.16 -0.62 -80.88
N ARG C 749 16.97 0.48 -80.16
CA ARG C 749 17.69 1.70 -80.48
C ARG C 749 19.19 1.50 -80.35
N GLU C 750 19.62 0.83 -79.28
CA GLU C 750 21.04 0.56 -79.10
C GLU C 750 21.59 -0.30 -80.23
N ILE C 751 20.84 -1.34 -80.62
CA ILE C 751 21.29 -2.22 -81.69
C ILE C 751 21.43 -1.44 -82.99
N GLN C 752 20.47 -0.57 -83.30
CA GLN C 752 20.56 0.23 -84.51
C GLN C 752 21.85 1.02 -84.53
N GLU C 753 22.23 1.60 -83.39
CA GLU C 753 23.53 2.28 -83.30
C GLU C 753 24.67 1.29 -83.47
N LYS C 754 24.58 0.12 -82.82
CA LYS C 754 25.64 -0.87 -82.93
C LYS C 754 25.69 -1.47 -84.33
N LEU C 755 24.53 -1.71 -84.93
CA LEU C 755 24.50 -2.19 -86.31
C LEU C 755 25.15 -1.19 -87.26
N ASP C 756 24.77 0.09 -87.13
CA ASP C 756 25.33 1.09 -88.02
C ASP C 756 26.80 1.35 -87.72
N ALA C 757 27.20 1.26 -86.46
CA ALA C 757 28.62 1.44 -86.13
C ALA C 757 29.49 0.43 -86.86
N PHE C 758 29.11 -0.85 -86.82
CA PHE C 758 29.82 -1.85 -87.60
C PHE C 758 29.69 -1.59 -89.09
N ILE C 759 28.47 -1.27 -89.54
CA ILE C 759 28.25 -0.98 -90.96
C ILE C 759 29.06 0.25 -91.36
N GLU C 760 29.10 1.26 -90.49
CA GLU C 760 29.96 2.41 -90.74
C GLU C 760 31.42 2.00 -90.85
N ALA C 761 31.83 0.99 -90.09
CA ALA C 761 33.20 0.51 -90.16
C ALA C 761 33.48 -0.29 -91.42
N LEU C 762 32.45 -0.93 -91.99
CA LEU C 762 32.60 -1.55 -93.30
C LEU C 762 32.85 -0.51 -94.38
N HIS C 763 32.24 0.67 -94.24
CA HIS C 763 32.32 1.71 -95.25
C HIS C 763 33.63 2.49 -95.21
N GLN C 764 34.58 2.08 -94.37
CA GLN C 764 35.90 2.72 -94.36
C GLN C 764 36.73 2.33 -95.57
N GLU C 765 36.30 1.36 -96.36
CA GLU C 765 37.08 0.96 -97.53
C GLU C 765 37.11 2.05 -98.59
N LYS C 766 35.99 2.76 -98.78
CA LYS C 766 35.94 3.84 -99.76
C LYS C 766 35.83 5.18 -99.04
N ALA D 1 -29.61 -50.46 -36.52
CA ALA D 1 -28.41 -49.91 -35.91
C ALA D 1 -28.46 -48.38 -35.90
N THR D 2 -29.00 -47.80 -36.97
CA THR D 2 -29.08 -46.35 -37.08
C THR D 2 -30.07 -45.80 -36.07
N ASP D 3 -29.66 -44.78 -35.33
CA ASP D 3 -30.50 -44.14 -34.33
C ASP D 3 -31.03 -45.16 -33.33
N ARG D 4 -30.11 -45.97 -32.80
CA ARG D 4 -30.45 -47.00 -31.83
C ARG D 4 -29.58 -46.83 -30.59
N GLY D 5 -30.23 -46.77 -29.43
CA GLY D 5 -29.51 -46.60 -28.18
C GLY D 5 -28.57 -47.75 -27.87
N SER D 6 -28.91 -48.96 -28.34
CA SER D 6 -28.11 -50.13 -28.01
C SER D 6 -26.70 -50.00 -28.57
N GLU D 7 -26.56 -49.50 -29.80
CA GLU D 7 -25.23 -49.34 -30.39
C GLU D 7 -24.41 -48.31 -29.64
N SER D 8 -25.05 -47.21 -29.22
CA SER D 8 -24.35 -46.20 -28.45
C SER D 8 -23.89 -46.78 -27.11
N ASP D 9 -24.74 -47.57 -26.46
CA ASP D 9 -24.37 -48.17 -25.19
C ASP D 9 -23.21 -49.16 -25.38
N LYS D 10 -23.24 -49.96 -26.43
CA LYS D 10 -22.15 -50.90 -26.68
C LYS D 10 -20.84 -50.17 -26.94
N HIS D 11 -20.88 -49.12 -27.76
CA HIS D 11 -19.69 -48.34 -28.03
C HIS D 11 -19.15 -47.70 -26.76
N PHE D 12 -20.04 -47.11 -25.95
CA PHE D 12 -19.62 -46.48 -24.71
C PHE D 12 -18.99 -47.50 -23.77
N ARG D 13 -19.60 -48.69 -23.67
CA ARG D 13 -19.05 -49.71 -22.78
C ARG D 13 -17.68 -50.19 -23.24
N LYS D 14 -17.51 -50.39 -24.55
CA LYS D 14 -16.20 -50.81 -25.05
C LYS D 14 -15.14 -49.74 -24.78
N VAL D 15 -15.48 -48.48 -25.05
CA VAL D 15 -14.52 -47.40 -24.82
C VAL D 15 -14.22 -47.26 -23.34
N SER D 16 -15.25 -47.41 -22.49
CA SER D 16 -15.06 -47.30 -21.06
C SER D 16 -14.13 -48.40 -20.55
N ASP D 17 -14.31 -49.63 -21.02
CA ASP D 17 -13.43 -50.71 -20.60
C ASP D 17 -12.00 -50.46 -21.09
N LYS D 18 -11.85 -49.99 -22.33
CA LYS D 18 -10.51 -49.67 -22.82
C LYS D 18 -9.86 -48.61 -21.96
N GLU D 19 -10.62 -47.60 -21.55
CA GLU D 19 -10.09 -46.58 -20.64
C GLU D 19 -9.78 -47.18 -19.27
N LYS D 20 -10.58 -48.15 -18.82
CA LYS D 20 -10.34 -48.78 -17.53
C LYS D 20 -9.04 -49.57 -17.53
N ILE D 21 -8.63 -50.10 -18.68
CA ILE D 21 -7.34 -50.79 -18.79
C ILE D 21 -6.28 -49.89 -19.40
N ASP D 22 -6.51 -48.57 -19.43
CA ASP D 22 -5.59 -47.65 -20.05
C ASP D 22 -4.44 -47.32 -19.10
N GLN D 23 -3.62 -46.35 -19.48
CA GLN D 23 -2.46 -45.99 -18.66
C GLN D 23 -2.88 -45.35 -17.33
N LEU D 24 -4.05 -44.72 -17.28
CA LEU D 24 -4.47 -44.05 -16.06
C LEU D 24 -4.55 -45.02 -14.89
N GLN D 25 -5.11 -46.21 -15.13
CA GLN D 25 -5.22 -47.22 -14.09
C GLN D 25 -4.03 -48.18 -14.07
N GLU D 26 -3.31 -48.30 -15.18
CA GLU D 26 -2.15 -49.18 -15.24
C GLU D 26 -1.07 -48.72 -14.25
N GLU D 27 -0.83 -47.41 -14.16
CA GLU D 27 0.19 -46.91 -13.26
C GLU D 27 -0.12 -47.27 -11.81
N LEU D 28 -1.38 -47.14 -11.40
CA LEU D 28 -1.75 -47.41 -10.02
C LEU D 28 -1.43 -48.86 -9.64
N LEU D 29 -1.49 -49.77 -10.60
CA LEU D 29 -1.16 -51.17 -10.32
C LEU D 29 0.30 -51.35 -9.92
N HIS D 30 1.17 -50.40 -10.28
CA HIS D 30 2.59 -50.50 -9.99
C HIS D 30 3.07 -49.47 -8.97
N THR D 31 2.18 -48.62 -8.47
CA THR D 31 2.55 -47.56 -7.53
C THR D 31 1.76 -47.57 -6.23
N GLN D 32 0.61 -48.24 -6.18
CA GLN D 32 -0.24 -48.25 -5.00
C GLN D 32 -0.44 -49.64 -4.42
N LEU D 33 -0.75 -50.63 -5.27
CA LEU D 33 -1.12 -51.94 -4.76
C LEU D 33 0.03 -52.65 -4.06
N LYS D 34 1.27 -52.47 -4.53
CA LYS D 34 2.39 -53.22 -3.96
C LYS D 34 2.72 -52.79 -2.54
N TYR D 35 2.16 -51.69 -2.06
CA TYR D 35 2.35 -51.24 -0.68
C TYR D 35 1.16 -51.58 0.21
N GLN D 36 0.17 -52.31 -0.33
CA GLN D 36 -0.94 -52.76 0.49
C GLN D 36 -0.50 -53.76 1.53
N ARG D 37 0.62 -54.46 1.30
CA ARG D 37 1.18 -55.32 2.34
C ARG D 37 1.66 -54.49 3.52
N ILE D 38 2.32 -53.36 3.25
CA ILE D 38 2.76 -52.48 4.32
C ILE D 38 1.56 -51.86 5.01
N LEU D 39 0.52 -51.52 4.25
CA LEU D 39 -0.70 -51.00 4.85
C LEU D 39 -1.35 -52.03 5.78
N GLU D 40 -1.38 -53.30 5.36
CA GLU D 40 -1.95 -54.34 6.20
C GLU D 40 -1.12 -54.54 7.47
N ARG D 41 0.20 -54.51 7.34
CA ARG D 41 1.05 -54.61 8.53
C ARG D 41 0.82 -53.43 9.47
N LEU D 42 0.64 -52.23 8.90
CA LEU D 42 0.35 -51.06 9.73
C LEU D 42 -1.01 -51.17 10.39
N GLU D 43 -1.99 -51.75 9.68
CA GLU D 43 -3.29 -52.01 10.30
C GLU D 43 -3.15 -52.96 11.49
N LYS D 44 -2.35 -54.00 11.32
CA LYS D 44 -2.11 -54.94 12.42
C LYS D 44 -1.43 -54.23 13.58
N GLU D 45 -0.47 -53.35 13.28
CA GLU D 45 0.17 -52.57 14.33
C GLU D 45 -0.84 -51.65 15.04
N ASN D 46 -1.76 -51.06 14.28
CA ASN D 46 -2.74 -50.15 14.87
C ASN D 46 -3.74 -50.87 15.75
N LYS D 47 -4.16 -52.08 15.37
CA LYS D 47 -5.15 -52.79 16.16
C LYS D 47 -4.57 -53.31 17.47
N GLU D 48 -3.26 -53.59 17.50
CA GLU D 48 -2.61 -53.97 18.74
C GLU D 48 -2.67 -52.82 19.74
N LEU D 49 -2.96 -53.15 20.99
CA LEU D 49 -3.10 -52.16 22.06
C LEU D 49 -1.78 -51.76 22.68
N ARG D 50 -0.66 -52.36 22.27
CA ARG D 50 0.63 -52.01 22.88
C ARG D 50 0.90 -50.52 22.79
N LYS D 51 0.65 -49.93 21.61
CA LYS D 51 0.89 -48.51 21.44
C LYS D 51 -0.01 -47.68 22.35
N LEU D 52 -1.27 -48.08 22.50
CA LEU D 52 -2.19 -47.32 23.34
C LEU D 52 -1.80 -47.39 24.80
N VAL D 53 -1.36 -48.58 25.27
CA VAL D 53 -0.91 -48.70 26.65
C VAL D 53 0.35 -47.87 26.87
N LEU D 54 1.28 -47.91 25.91
CA LEU D 54 2.51 -47.14 26.04
C LEU D 54 2.21 -45.64 26.07
N GLN D 55 1.24 -45.19 25.26
CA GLN D 55 0.84 -43.78 25.30
C GLN D 55 0.18 -43.43 26.62
N LYS D 56 -0.66 -44.33 27.15
CA LYS D 56 -1.27 -44.10 28.45
C LYS D 56 -0.21 -43.94 29.53
N ASP D 57 0.83 -44.76 29.49
CA ASP D 57 1.87 -44.68 30.51
C ASP D 57 2.77 -43.46 30.31
N ASP D 58 3.12 -43.14 29.06
CA ASP D 58 4.07 -42.06 28.80
C ASP D 58 3.41 -40.69 28.86
N LYS D 59 2.18 -40.57 28.33
CA LYS D 59 1.49 -39.29 28.31
C LYS D 59 0.67 -39.05 29.58
N GLY D 60 0.61 -40.03 30.47
CA GLY D 60 -0.06 -39.86 31.74
C GLY D 60 0.90 -40.04 32.90
N ILE D 61 0.66 -41.05 33.74
CA ILE D 61 1.50 -41.31 34.91
C ILE D 61 2.50 -42.40 34.55
N HIS D 62 3.73 -42.00 34.25
CA HIS D 62 4.83 -42.94 34.06
C HIS D 62 5.65 -43.05 35.36
N HIS D 63 4.93 -43.39 36.43
CA HIS D 63 5.43 -43.51 37.79
C HIS D 63 5.65 -42.14 38.43
N ARG D 64 5.38 -41.05 37.71
CA ARG D 64 5.50 -39.68 38.24
C ARG D 64 4.21 -38.93 37.89
N LYS D 65 3.20 -39.05 38.75
CA LYS D 65 1.91 -38.43 38.42
C LYS D 65 1.98 -36.91 38.59
N LEU D 66 2.46 -36.44 39.75
CA LEU D 66 2.52 -35.01 39.99
C LEU D 66 3.51 -34.32 39.05
N LYS D 67 4.71 -34.90 38.92
CA LYS D 67 5.77 -34.23 38.18
C LYS D 67 5.59 -34.37 36.67
N LYS D 68 5.03 -35.49 36.22
CA LYS D 68 4.99 -35.82 34.80
C LYS D 68 3.59 -35.74 34.19
N SER D 69 2.57 -36.25 34.88
CA SER D 69 1.26 -36.41 34.24
C SER D 69 0.69 -35.07 33.80
N LEU D 70 0.85 -34.03 34.62
CA LEU D 70 0.17 -32.77 34.35
C LEU D 70 1.07 -31.55 34.50
N ILE D 71 2.39 -31.72 34.38
CA ILE D 71 3.31 -30.58 34.30
C ILE D 71 3.67 -30.27 32.86
N ASP D 72 4.07 -31.31 32.11
CA ASP D 72 4.23 -31.14 30.67
C ASP D 72 2.88 -30.93 30.00
N MET D 73 1.83 -31.58 30.51
CA MET D 73 0.50 -31.36 29.96
C MET D 73 0.01 -29.95 30.26
N TYR D 74 0.41 -29.38 31.40
CA TYR D 74 0.12 -27.97 31.65
C TYR D 74 0.82 -27.08 30.63
N SER D 75 2.07 -27.39 30.29
CA SER D 75 2.75 -26.64 29.26
C SER D 75 2.05 -26.79 27.91
N GLU D 76 1.52 -27.99 27.63
CA GLU D 76 0.77 -28.17 26.39
C GLU D 76 -0.52 -27.37 26.39
N VAL D 77 -1.19 -27.31 27.55
CA VAL D 77 -2.39 -26.48 27.66
C VAL D 77 -2.06 -25.03 27.38
N LEU D 78 -0.97 -24.54 27.98
CA LEU D 78 -0.56 -23.16 27.75
C LEU D 78 -0.20 -22.93 26.30
N ASP D 79 0.49 -23.88 25.67
CA ASP D 79 0.91 -23.71 24.28
C ASP D 79 -0.31 -23.71 23.35
N VAL D 80 -1.25 -24.61 23.59
CA VAL D 80 -2.42 -24.69 22.72
C VAL D 80 -3.30 -23.45 22.89
N LEU D 81 -3.43 -22.95 24.13
CA LEU D 81 -4.23 -21.75 24.33
C LEU D 81 -3.55 -20.52 23.72
N SER D 82 -2.23 -20.40 23.90
CA SER D 82 -1.51 -19.32 23.25
C SER D 82 -1.56 -19.43 21.74
N ASP D 83 -1.65 -20.64 21.20
CA ASP D 83 -1.82 -20.81 19.76
C ASP D 83 -3.20 -20.36 19.32
N TYR D 84 -4.24 -20.78 20.04
CA TYR D 84 -5.59 -20.33 19.72
C TYR D 84 -5.75 -18.84 20.01
N ASP D 85 -5.35 -18.42 21.21
CA ASP D 85 -5.49 -17.03 21.65
C ASP D 85 -4.11 -16.39 21.70
N ALA D 86 -3.84 -15.52 20.73
CA ALA D 86 -2.62 -14.71 20.79
C ALA D 86 -2.62 -13.80 22.00
N SER D 87 -3.78 -13.25 22.36
CA SER D 87 -3.89 -12.42 23.55
C SER D 87 -3.93 -13.28 24.80
N TYR D 88 -3.71 -12.62 25.94
CA TYR D 88 -3.72 -13.29 27.24
C TYR D 88 -5.01 -13.05 28.02
N ASN D 89 -6.02 -12.46 27.37
CA ASN D 89 -7.28 -12.20 28.06
C ASN D 89 -7.95 -13.47 28.54
N THR D 90 -7.60 -14.61 27.96
CA THR D 90 -8.16 -15.91 28.33
C THR D 90 -7.21 -16.76 29.16
N GLN D 91 -6.04 -16.23 29.48
CA GLN D 91 -5.03 -16.97 30.24
C GLN D 91 -4.99 -16.57 31.71
N ASP D 92 -5.99 -15.84 32.18
CA ASP D 92 -5.99 -15.38 33.56
C ASP D 92 -5.95 -16.53 34.55
N HIS D 93 -6.62 -17.64 34.22
CA HIS D 93 -6.67 -18.79 35.12
C HIS D 93 -5.38 -19.60 35.13
N LEU D 94 -4.54 -19.47 34.09
CA LEU D 94 -3.35 -20.29 33.97
C LEU D 94 -2.16 -19.55 34.58
N PRO D 95 -1.70 -19.91 35.77
CA PRO D 95 -0.57 -19.22 36.38
C PRO D 95 0.74 -19.51 35.66
N ARG D 96 1.70 -18.61 35.86
CA ARG D 96 3.05 -18.79 35.34
C ARG D 96 4.04 -18.23 36.36
N VAL D 97 5.26 -18.74 36.29
CA VAL D 97 6.38 -18.20 37.07
C VAL D 97 7.01 -17.13 36.21
N VAL D 98 6.68 -15.87 36.50
CA VAL D 98 7.03 -14.73 35.66
C VAL D 98 8.19 -13.99 36.29
N VAL D 99 9.26 -13.78 35.51
CA VAL D 99 10.42 -13.03 35.94
C VAL D 99 10.43 -11.71 35.18
N VAL D 100 10.32 -10.61 35.90
CA VAL D 100 10.34 -9.27 35.31
C VAL D 100 11.32 -8.40 36.08
N GLY D 101 11.65 -7.26 35.50
CA GLY D 101 12.54 -6.31 36.18
C GLY D 101 13.18 -5.36 35.18
N ASP D 102 14.35 -4.87 35.57
CA ASP D 102 15.16 -3.99 34.74
C ASP D 102 16.13 -4.80 33.90
N GLN D 103 17.11 -4.13 33.29
CA GLN D 103 18.16 -4.80 32.55
C GLN D 103 19.24 -5.36 33.48
N SER D 104 18.88 -5.64 34.74
CA SER D 104 19.83 -6.18 35.69
C SER D 104 20.39 -7.52 35.20
N ALA D 105 21.69 -7.72 35.42
CA ALA D 105 22.33 -8.96 35.03
C ALA D 105 21.75 -10.16 35.79
N GLY D 106 21.28 -9.94 37.01
CA GLY D 106 20.75 -11.02 37.82
C GLY D 106 19.44 -11.60 37.32
N LYS D 107 18.85 -11.02 36.27
CA LYS D 107 17.64 -11.61 35.71
C LYS D 107 17.92 -12.99 35.15
N THR D 108 19.06 -13.16 34.47
CA THR D 108 19.46 -14.47 33.99
C THR D 108 19.80 -15.39 35.16
N SER D 109 20.40 -14.84 36.21
CA SER D 109 20.88 -15.65 37.32
C SER D 109 19.72 -16.21 38.15
N VAL D 110 18.66 -15.44 38.37
CA VAL D 110 17.53 -15.96 39.14
C VAL D 110 16.86 -17.12 38.39
N LEU D 111 16.68 -16.95 37.08
CA LEU D 111 16.09 -18.02 36.28
C LEU D 111 16.95 -19.28 36.30
N GLU D 112 18.28 -19.15 36.41
CA GLU D 112 19.14 -20.30 36.57
C GLU D 112 19.25 -20.75 38.02
N MET D 113 18.74 -19.94 38.96
CA MET D 113 18.58 -20.39 40.33
C MET D 113 17.38 -21.29 40.49
N ILE D 114 16.29 -21.00 39.78
CA ILE D 114 15.12 -21.86 39.80
C ILE D 114 15.27 -22.99 38.79
N ALA D 115 15.66 -22.68 37.56
CA ALA D 115 16.05 -23.69 36.58
C ALA D 115 17.54 -23.92 36.72
N GLN D 116 17.89 -24.78 37.69
CA GLN D 116 19.27 -24.92 38.14
C GLN D 116 20.12 -25.55 37.04
N ALA D 117 20.34 -24.75 36.00
CA ALA D 117 21.25 -25.09 34.92
C ALA D 117 21.58 -23.81 34.16
N ARG D 118 22.79 -23.76 33.62
CA ARG D 118 23.24 -22.59 32.86
C ARG D 118 22.73 -22.69 31.42
N ILE D 119 21.42 -22.50 31.30
CA ILE D 119 20.71 -22.69 30.03
C ILE D 119 20.18 -21.39 29.46
N PHE D 120 20.32 -20.27 30.17
CA PHE D 120 19.75 -19.02 29.71
C PHE D 120 20.82 -18.12 29.11
N PRO D 121 20.47 -17.30 28.10
CA PRO D 121 21.45 -16.37 27.52
C PRO D 121 22.12 -15.49 28.57
N ARG D 122 23.45 -15.49 28.57
CA ARG D 122 24.24 -14.71 29.51
C ARG D 122 24.99 -13.62 28.77
N GLY D 123 25.04 -12.43 29.36
CA GLY D 123 25.69 -11.30 28.71
C GLY D 123 25.88 -10.14 29.66
N SER D 124 26.68 -9.18 29.21
CA SER D 124 27.01 -7.99 29.98
C SER D 124 26.83 -6.75 29.10
N GLY D 125 26.42 -5.66 29.74
CA GLY D 125 26.24 -4.41 29.02
C GLY D 125 25.18 -4.46 27.94
N GLU D 126 24.15 -5.28 28.13
CA GLU D 126 23.08 -5.39 27.15
C GLU D 126 21.96 -6.22 27.75
N MET D 127 20.75 -6.01 27.22
CA MET D 127 19.56 -6.75 27.63
C MET D 127 19.39 -7.94 26.69
N MET D 128 19.99 -9.07 27.07
CA MET D 128 20.01 -10.24 26.19
C MET D 128 18.60 -10.80 25.99
N THR D 129 17.76 -10.76 27.01
CA THR D 129 16.43 -11.36 26.96
C THR D 129 15.53 -10.51 26.06
N ARG D 130 15.61 -10.78 24.76
CA ARG D 130 14.80 -10.04 23.80
C ARG D 130 13.32 -10.42 23.90
N SER D 131 13.02 -11.70 24.03
CA SER D 131 11.68 -12.21 23.95
C SER D 131 11.41 -13.21 25.08
N PRO D 132 10.13 -13.46 25.38
CA PRO D 132 9.83 -14.46 26.42
C PRO D 132 10.39 -15.82 26.06
N VAL D 133 10.91 -16.52 27.08
CA VAL D 133 11.45 -17.87 26.94
C VAL D 133 10.80 -18.73 28.01
N LYS D 134 10.06 -19.75 27.60
CA LYS D 134 9.36 -20.63 28.52
C LYS D 134 10.19 -21.87 28.81
N VAL D 135 10.30 -22.24 30.08
CA VAL D 135 11.00 -23.44 30.50
C VAL D 135 10.10 -24.25 31.42
N THR D 136 9.91 -25.51 31.09
CA THR D 136 9.16 -26.44 31.93
C THR D 136 10.14 -27.19 32.83
N LEU D 137 9.91 -27.15 34.13
CA LEU D 137 10.80 -27.75 35.11
C LEU D 137 10.11 -28.92 35.80
N SER D 138 10.87 -29.98 36.02
CA SER D 138 10.37 -31.17 36.70
C SER D 138 11.55 -32.06 37.03
N GLU D 139 11.31 -33.10 37.82
CA GLU D 139 12.34 -34.06 38.12
C GLU D 139 12.46 -35.09 36.99
N GLY D 140 13.55 -35.85 37.04
CA GLY D 140 13.83 -36.84 36.03
C GLY D 140 15.28 -37.27 36.13
N PRO D 141 15.79 -37.94 35.11
CA PRO D 141 17.22 -38.25 35.08
C PRO D 141 18.04 -36.99 35.14
N HIS D 142 19.11 -37.02 35.94
CA HIS D 142 19.84 -35.81 36.28
C HIS D 142 20.37 -35.11 35.04
N HIS D 143 20.20 -33.79 35.00
CA HIS D 143 20.82 -32.93 34.00
C HIS D 143 20.54 -33.44 32.59
N VAL D 144 19.25 -33.48 32.27
CA VAL D 144 18.78 -33.75 30.92
C VAL D 144 17.82 -32.63 30.55
N ALA D 145 17.77 -32.33 29.26
CA ALA D 145 16.96 -31.22 28.79
C ALA D 145 16.43 -31.54 27.39
N LEU D 146 15.46 -30.74 26.97
CA LEU D 146 14.88 -30.84 25.65
C LEU D 146 14.61 -29.44 25.14
N PHE D 147 14.63 -29.29 23.82
CA PHE D 147 14.28 -28.03 23.17
C PHE D 147 13.09 -28.29 22.27
N LYS D 148 12.04 -27.51 22.45
CA LYS D 148 10.81 -27.74 21.70
C LYS D 148 11.06 -27.65 20.20
N ASP D 149 10.60 -28.67 19.47
CA ASP D 149 10.58 -28.71 18.02
C ASP D 149 11.98 -28.71 17.40
N SER D 150 13.03 -28.85 18.19
CA SER D 150 14.37 -28.96 17.66
C SER D 150 14.83 -30.41 17.47
N SER D 151 14.04 -31.37 17.94
CA SER D 151 14.37 -32.79 17.77
C SER D 151 15.77 -33.11 18.26
N ARG D 152 16.14 -32.51 19.40
CA ARG D 152 17.47 -32.70 19.96
C ARG D 152 17.38 -32.79 21.47
N GLU D 153 18.16 -33.71 22.04
CA GLU D 153 18.30 -33.87 23.47
C GLU D 153 19.61 -33.24 23.92
N PHE D 154 19.61 -32.62 25.10
CA PHE D 154 20.73 -31.83 25.57
C PHE D 154 21.21 -32.36 26.90
N ASP D 155 22.54 -32.45 27.03
CA ASP D 155 23.19 -32.82 28.28
C ASP D 155 23.58 -31.54 29.00
N LEU D 156 22.97 -31.30 30.16
CA LEU D 156 23.18 -30.05 30.88
C LEU D 156 24.49 -30.04 31.67
N THR D 157 25.25 -31.14 31.67
CA THR D 157 26.53 -31.19 32.34
C THR D 157 27.71 -30.91 31.40
N LYS D 158 27.42 -30.67 30.12
CA LYS D 158 28.45 -30.40 29.13
C LYS D 158 28.20 -29.04 28.50
N GLU D 159 29.28 -28.31 28.25
CA GLU D 159 29.15 -26.93 27.77
C GLU D 159 28.52 -26.88 26.39
N GLU D 160 28.77 -27.89 25.56
CA GLU D 160 28.29 -27.85 24.19
C GLU D 160 26.77 -27.76 24.12
N ASP D 161 26.07 -28.56 24.93
CA ASP D 161 24.62 -28.61 24.84
C ASP D 161 23.98 -27.38 25.49
N LEU D 162 24.55 -26.89 26.59
CA LEU D 162 24.05 -25.65 27.17
C LEU D 162 24.23 -24.49 26.19
N ALA D 163 25.39 -24.43 25.52
CA ALA D 163 25.61 -23.42 24.50
C ALA D 163 24.64 -23.59 23.34
N ALA D 164 24.35 -24.82 22.96
CA ALA D 164 23.38 -25.06 21.88
C ALA D 164 22.01 -24.54 22.28
N LEU D 165 21.59 -24.80 23.52
CA LEU D 165 20.32 -24.27 23.99
C LEU D 165 20.31 -22.75 23.94
N ARG D 166 21.38 -22.12 24.45
CA ARG D 166 21.41 -20.66 24.48
C ARG D 166 21.44 -20.07 23.07
N HIS D 167 22.15 -20.72 22.15
CA HIS D 167 22.23 -20.22 20.79
C HIS D 167 20.92 -20.40 20.04
N GLU D 168 20.23 -21.52 20.26
CA GLU D 168 18.92 -21.69 19.66
C GLU D 168 17.94 -20.65 20.22
N ILE D 169 18.03 -20.38 21.52
CA ILE D 169 17.19 -19.35 22.11
C ILE D 169 17.50 -17.98 21.49
N GLU D 170 18.79 -17.68 21.33
CA GLU D 170 19.17 -16.40 20.75
C GLU D 170 18.72 -16.29 19.31
N LEU D 171 18.81 -17.37 18.53
CA LEU D 171 18.35 -17.34 17.15
C LEU D 171 16.84 -17.13 17.09
N ARG D 172 16.09 -17.79 17.97
CA ARG D 172 14.65 -17.61 17.98
C ARG D 172 14.29 -16.19 18.42
N MET D 173 15.06 -15.63 19.35
CA MET D 173 14.87 -14.22 19.70
C MET D 173 15.16 -13.29 18.53
N ARG D 174 16.21 -13.58 17.78
CA ARG D 174 16.58 -12.77 16.63
C ARG D 174 15.59 -12.91 15.48
N LYS D 175 14.84 -14.00 15.44
CA LYS D 175 13.74 -14.15 14.49
C LYS D 175 12.44 -13.57 15.00
N ASN D 176 12.25 -13.50 16.32
CA ASN D 176 11.06 -12.89 16.88
C ASN D 176 11.12 -11.37 16.80
N VAL D 177 12.31 -10.79 16.93
CA VAL D 177 12.50 -9.36 16.97
C VAL D 177 12.81 -8.89 15.55
N LYS D 178 12.02 -7.92 15.06
CA LYS D 178 12.23 -7.35 13.74
C LYS D 178 13.23 -6.19 13.82
N GLU D 179 13.72 -5.79 12.65
CA GLU D 179 14.70 -4.71 12.59
C GLU D 179 14.14 -3.44 13.20
N GLY D 180 14.98 -2.75 13.98
CA GLY D 180 14.62 -1.49 14.58
C GLY D 180 14.24 -1.56 16.05
N CYS D 181 14.06 -2.76 16.60
CA CYS D 181 13.73 -2.91 18.01
C CYS D 181 14.49 -4.11 18.57
N THR D 182 14.45 -4.24 19.91
CA THR D 182 15.22 -5.27 20.59
C THR D 182 14.38 -6.39 21.19
N VAL D 183 13.06 -6.22 21.26
CA VAL D 183 12.20 -7.16 21.97
C VAL D 183 11.07 -7.60 21.06
N SER D 184 10.50 -8.77 21.37
CA SER D 184 9.35 -9.31 20.67
C SER D 184 8.61 -10.24 21.62
N PRO D 185 7.27 -10.23 21.61
CA PRO D 185 6.53 -11.09 22.54
C PRO D 185 6.60 -12.57 22.21
N GLU D 186 7.05 -12.94 21.01
CA GLU D 186 7.00 -14.33 20.59
C GLU D 186 7.84 -15.21 21.53
N THR D 187 7.33 -16.39 21.83
CA THR D 187 7.88 -17.22 22.89
C THR D 187 8.89 -18.24 22.38
N ILE D 188 9.71 -18.71 23.30
CA ILE D 188 10.64 -19.80 23.09
C ILE D 188 10.44 -20.79 24.23
N SER D 189 10.49 -22.08 23.95
CA SER D 189 10.05 -23.08 24.92
C SER D 189 11.12 -24.14 25.12
N LEU D 190 11.36 -24.48 26.39
CA LEU D 190 12.26 -25.56 26.78
C LEU D 190 11.53 -26.55 27.68
N ASN D 191 12.09 -27.75 27.78
CA ASN D 191 11.67 -28.74 28.76
C ASN D 191 12.91 -29.25 29.46
N VAL D 192 13.10 -28.88 30.72
CA VAL D 192 14.30 -29.19 31.48
C VAL D 192 13.90 -30.08 32.65
N LYS D 193 14.71 -31.11 32.91
CA LYS D 193 14.45 -32.06 33.98
C LYS D 193 15.70 -32.23 34.83
N GLY D 194 15.49 -32.51 36.11
CA GLY D 194 16.58 -32.78 37.02
C GLY D 194 16.10 -32.84 38.46
N PRO D 195 16.86 -33.52 39.33
CA PRO D 195 16.42 -33.67 40.73
C PRO D 195 16.32 -32.36 41.47
N GLY D 196 17.00 -31.31 41.01
CA GLY D 196 16.98 -30.01 41.64
C GLY D 196 15.86 -29.12 41.20
N LEU D 197 14.95 -29.61 40.36
CA LEU D 197 13.88 -28.82 39.79
C LEU D 197 12.54 -29.15 40.43
N GLN D 198 11.70 -28.14 40.54
CA GLN D 198 10.32 -28.27 41.00
C GLN D 198 9.38 -28.30 39.81
N ARG D 199 8.13 -28.69 40.08
CA ARG D 199 7.12 -28.68 39.02
C ARG D 199 6.69 -27.26 38.73
N MET D 200 7.44 -26.56 37.90
CA MET D 200 7.22 -25.14 37.65
C MET D 200 7.37 -24.85 36.16
N VAL D 201 6.66 -23.82 35.71
CA VAL D 201 6.76 -23.31 34.35
C VAL D 201 7.21 -21.86 34.44
N LEU D 202 8.37 -21.57 33.87
CA LEU D 202 9.00 -20.25 33.97
C LEU D 202 8.95 -19.54 32.63
N VAL D 203 8.88 -18.20 32.68
CA VAL D 203 8.93 -17.36 31.50
C VAL D 203 9.93 -16.24 31.73
N ASP D 204 10.87 -16.07 30.79
CA ASP D 204 11.96 -15.11 30.91
C ASP D 204 11.66 -13.88 30.05
N LEU D 205 11.19 -12.77 30.71
CA LEU D 205 10.65 -11.61 29.99
C LEU D 205 11.66 -10.48 29.91
N PRO D 206 11.56 -9.62 28.89
CA PRO D 206 12.51 -8.52 28.74
C PRO D 206 12.43 -7.53 29.90
N GLY D 207 13.57 -6.92 30.21
CA GLY D 207 13.60 -5.90 31.26
C GLY D 207 13.00 -4.59 30.78
N VAL D 208 12.37 -3.88 31.71
CA VAL D 208 11.76 -2.59 31.41
C VAL D 208 12.83 -1.53 31.25
N ILE D 209 12.65 -0.66 30.26
CA ILE D 209 13.55 0.47 30.02
C ILE D 209 12.87 1.80 30.32
N ASN D 210 11.65 1.99 29.80
CA ASN D 210 10.89 3.22 29.91
C ASN D 210 11.53 4.37 29.14
N THR D 211 12.61 4.12 28.42
CA THR D 211 13.25 5.13 27.59
C THR D 211 14.05 4.43 26.51
N VAL D 212 14.20 5.10 25.37
CA VAL D 212 14.80 4.53 24.18
C VAL D 212 16.00 5.37 23.78
N THR D 213 17.15 4.72 23.58
CA THR D 213 18.38 5.40 23.22
C THR D 213 19.08 4.61 22.12
N SER D 214 20.23 5.15 21.66
CA SER D 214 21.12 4.45 20.74
C SER D 214 20.44 4.11 19.41
N GLY D 215 19.55 4.99 18.95
CA GLY D 215 18.90 4.78 17.67
C GLY D 215 17.79 3.75 17.68
N MET D 216 17.47 3.19 18.84
CA MET D 216 16.43 2.17 18.92
C MET D 216 15.06 2.79 18.70
N ALA D 217 14.16 2.02 18.10
CA ALA D 217 12.85 2.54 17.77
C ALA D 217 12.13 3.01 19.05
N PRO D 218 11.44 4.15 19.02
CA PRO D 218 10.82 4.67 20.25
C PRO D 218 9.74 3.76 20.81
N ASP D 219 9.21 2.83 20.01
CA ASP D 219 8.15 1.93 20.46
C ASP D 219 8.66 0.85 21.39
N THR D 220 9.96 0.77 21.61
CA THR D 220 10.53 -0.38 22.34
C THR D 220 10.03 -0.43 23.77
N LYS D 221 9.94 0.71 24.46
CA LYS D 221 9.51 0.68 25.85
C LYS D 221 8.06 0.22 25.96
N GLU D 222 7.19 0.68 25.07
CA GLU D 222 5.80 0.25 25.10
C GLU D 222 5.67 -1.22 24.73
N THR D 223 6.49 -1.67 23.78
CA THR D 223 6.50 -3.10 23.45
C THR D 223 6.93 -3.93 24.65
N ILE D 224 7.97 -3.47 25.35
CA ILE D 224 8.45 -4.18 26.54
C ILE D 224 7.35 -4.24 27.59
N PHE D 225 6.69 -3.10 27.84
CA PHE D 225 5.65 -3.09 28.86
C PHE D 225 4.49 -3.99 28.46
N SER D 226 4.11 -4.00 27.18
CA SER D 226 3.06 -4.90 26.74
C SER D 226 3.47 -6.36 26.95
N ILE D 227 4.71 -6.70 26.59
CA ILE D 227 5.18 -8.08 26.75
C ILE D 227 5.12 -8.48 28.21
N SER D 228 5.53 -7.57 29.10
CA SER D 228 5.58 -7.89 30.52
C SER D 228 4.21 -7.83 31.18
N LYS D 229 3.30 -6.99 30.69
CA LYS D 229 1.96 -6.90 31.25
C LYS D 229 1.11 -8.08 30.80
N ALA D 230 1.44 -8.69 29.67
CA ALA D 230 0.73 -9.89 29.25
C ALA D 230 0.71 -10.92 30.36
N TYR D 231 1.75 -10.93 31.20
CA TYR D 231 1.86 -11.82 32.35
C TYR D 231 1.56 -11.12 33.67
N MET D 232 2.06 -9.90 33.85
CA MET D 232 1.84 -9.18 35.11
C MET D 232 0.37 -8.85 35.33
N GLN D 233 -0.43 -8.81 34.27
CA GLN D 233 -1.87 -8.61 34.38
C GLN D 233 -2.61 -9.93 34.56
N ASN D 234 -1.90 -11.05 34.63
CA ASN D 234 -2.51 -12.35 34.86
C ASN D 234 -2.83 -12.49 36.35
N PRO D 235 -4.11 -12.61 36.73
CA PRO D 235 -4.44 -12.70 38.16
C PRO D 235 -3.75 -13.84 38.89
N ASN D 236 -3.48 -14.95 38.21
CA ASN D 236 -2.90 -16.13 38.85
C ASN D 236 -1.40 -16.23 38.66
N ALA D 237 -0.78 -15.30 37.94
CA ALA D 237 0.65 -15.40 37.70
C ALA D 237 1.43 -15.07 38.96
N ILE D 238 2.69 -15.51 38.99
CA ILE D 238 3.62 -15.17 40.05
C ILE D 238 4.71 -14.30 39.44
N ILE D 239 4.87 -13.10 39.99
CA ILE D 239 5.76 -12.09 39.43
C ILE D 239 7.02 -12.05 40.28
N LEU D 240 8.17 -12.22 39.64
CA LEU D 240 9.46 -12.08 40.30
C LEU D 240 10.13 -10.83 39.75
N CYS D 241 10.25 -9.82 40.59
CA CYS D 241 10.86 -8.55 40.19
C CYS D 241 12.36 -8.61 40.45
N ILE D 242 13.15 -8.47 39.40
CA ILE D 242 14.60 -8.52 39.49
C ILE D 242 15.10 -7.09 39.69
N GLN D 243 15.65 -6.81 40.87
CA GLN D 243 16.11 -5.49 41.23
C GLN D 243 17.63 -5.46 41.17
N ASP D 244 18.18 -4.53 40.39
CA ASP D 244 19.62 -4.33 40.38
C ASP D 244 20.06 -3.79 41.74
N GLY D 245 20.97 -4.50 42.38
CA GLY D 245 21.42 -4.13 43.71
C GLY D 245 22.63 -3.21 43.74
N SER D 246 23.07 -2.71 42.60
CA SER D 246 24.17 -1.76 42.55
C SER D 246 23.73 -0.33 42.77
N VAL D 247 22.43 -0.07 42.93
CA VAL D 247 21.90 1.25 43.15
C VAL D 247 21.06 1.25 44.41
N ASP D 248 20.79 2.45 44.92
CA ASP D 248 19.94 2.58 46.09
C ASP D 248 18.51 2.21 45.76
N ALA D 249 17.76 1.82 46.79
CA ALA D 249 16.37 1.41 46.60
C ALA D 249 15.54 2.49 45.93
N GLU D 250 15.96 3.75 46.04
CA GLU D 250 15.18 4.84 45.47
C GLU D 250 15.06 4.71 43.96
N ARG D 251 15.90 3.92 43.32
CA ARG D 251 15.89 3.71 41.88
C ARG D 251 15.36 2.30 41.63
N SER D 252 14.05 2.20 41.40
CA SER D 252 13.40 0.93 41.10
C SER D 252 12.40 1.17 39.98
N ILE D 253 12.66 0.61 38.81
CA ILE D 253 11.89 0.95 37.62
C ILE D 253 10.56 0.20 37.56
N VAL D 254 10.53 -1.05 38.05
CA VAL D 254 9.36 -1.90 37.90
C VAL D 254 8.45 -1.90 39.12
N THR D 255 8.82 -1.20 40.19
CA THR D 255 7.98 -1.19 41.38
C THR D 255 6.60 -0.60 41.07
N ASP D 256 6.56 0.50 40.31
CA ASP D 256 5.32 1.20 40.04
C ASP D 256 4.33 0.37 39.23
N LEU D 257 4.81 -0.62 38.47
CA LEU D 257 3.92 -1.44 37.65
C LEU D 257 3.26 -2.53 38.47
N VAL D 258 4.03 -3.25 39.29
CA VAL D 258 3.46 -4.28 40.14
C VAL D 258 2.63 -3.66 41.26
N SER D 259 2.98 -2.44 41.67
CA SER D 259 2.18 -1.75 42.68
C SER D 259 0.79 -1.44 42.18
N GLN D 260 0.56 -1.48 40.87
CA GLN D 260 -0.76 -1.29 40.27
C GLN D 260 -1.40 -2.60 39.84
N MET D 261 -0.60 -3.53 39.30
CA MET D 261 -1.14 -4.81 38.87
C MET D 261 -1.24 -5.81 40.02
N ASP D 262 -0.45 -5.61 41.08
CA ASP D 262 -0.48 -6.50 42.25
C ASP D 262 -0.30 -5.66 43.51
N PRO D 263 -1.22 -4.71 43.77
CA PRO D 263 -1.12 -3.92 45.00
C PRO D 263 -1.36 -4.72 46.27
N HIS D 264 -1.90 -5.92 46.16
CA HIS D 264 -2.26 -6.73 47.32
C HIS D 264 -1.15 -7.67 47.76
N GLY D 265 0.00 -7.65 47.09
CA GLY D 265 1.11 -8.51 47.49
C GLY D 265 0.81 -9.98 47.35
N ARG D 266 0.04 -10.36 46.34
CA ARG D 266 -0.39 -11.74 46.16
C ARG D 266 0.43 -12.48 45.12
N ARG D 267 1.19 -11.77 44.29
CA ARG D 267 1.97 -12.41 43.24
C ARG D 267 3.42 -11.96 43.24
N THR D 268 3.68 -10.71 43.62
CA THR D 268 4.97 -10.09 43.37
C THR D 268 5.97 -10.45 44.45
N ILE D 269 7.12 -10.98 44.04
CA ILE D 269 8.25 -11.26 44.92
C ILE D 269 9.44 -10.47 44.38
N PHE D 270 10.08 -9.69 45.25
CA PHE D 270 11.24 -8.89 44.87
C PHE D 270 12.51 -9.61 45.29
N VAL D 271 13.46 -9.67 44.37
CA VAL D 271 14.74 -10.33 44.61
C VAL D 271 15.86 -9.34 44.34
N LEU D 272 16.84 -9.30 45.23
CA LEU D 272 17.93 -8.35 45.17
C LEU D 272 19.14 -9.02 44.54
N THR D 273 19.56 -8.51 43.38
CA THR D 273 20.76 -8.99 42.70
C THR D 273 21.98 -8.27 43.23
N LYS D 274 23.14 -8.89 43.00
CA LYS D 274 24.42 -8.29 43.38
C LYS D 274 24.46 -7.99 44.88
N VAL D 275 24.07 -8.99 45.68
CA VAL D 275 24.03 -8.80 47.12
C VAL D 275 25.41 -8.56 47.70
N ASP D 276 26.47 -8.90 46.95
CA ASP D 276 27.82 -8.62 47.42
C ASP D 276 28.07 -7.13 47.62
N LEU D 277 27.30 -6.27 46.95
CA LEU D 277 27.50 -4.83 47.10
C LEU D 277 26.89 -4.28 48.39
N ALA D 278 26.07 -5.07 49.08
CA ALA D 278 25.67 -4.70 50.44
C ALA D 278 26.84 -4.88 51.40
N GLU D 279 27.62 -5.95 51.19
CA GLU D 279 28.82 -6.16 52.00
C GLU D 279 29.82 -5.04 51.80
N LYS D 280 29.98 -4.57 50.56
CA LYS D 280 30.96 -3.55 50.22
C LYS D 280 30.48 -2.13 50.47
N ASN D 281 29.22 -1.95 50.87
CA ASN D 281 28.62 -0.64 51.10
C ASN D 281 28.48 0.17 49.81
N VAL D 282 28.66 -0.46 48.65
CA VAL D 282 28.44 0.23 47.38
C VAL D 282 26.98 0.65 47.27
N ALA D 283 26.07 -0.23 47.68
CA ALA D 283 24.66 0.09 47.81
C ALA D 283 24.33 0.30 49.28
N SER D 284 23.43 1.24 49.56
CA SER D 284 23.13 1.64 50.92
C SER D 284 22.66 0.43 51.74
N PRO D 285 23.38 0.04 52.79
CA PRO D 285 22.90 -1.09 53.61
C PRO D 285 21.57 -0.83 54.31
N SER D 286 21.32 0.41 54.73
CA SER D 286 20.08 0.71 55.44
C SER D 286 18.86 0.44 54.55
N ARG D 287 18.90 0.94 53.32
CA ARG D 287 17.80 0.69 52.40
C ARG D 287 17.70 -0.77 52.03
N ILE D 288 18.83 -1.50 52.01
CA ILE D 288 18.79 -2.93 51.76
C ILE D 288 18.07 -3.65 52.89
N GLN D 289 18.38 -3.29 54.13
CA GLN D 289 17.66 -3.89 55.26
C GLN D 289 16.19 -3.56 55.20
N GLN D 290 15.85 -2.33 54.83
CA GLN D 290 14.43 -1.93 54.77
C GLN D 290 13.69 -2.66 53.65
N ILE D 291 14.35 -2.90 52.51
CA ILE D 291 13.71 -3.64 51.44
C ILE D 291 13.57 -5.12 51.83
N ILE D 292 14.54 -5.64 52.58
CA ILE D 292 14.39 -6.99 53.12
C ILE D 292 13.16 -7.05 54.02
N GLU D 293 13.03 -6.08 54.91
CA GLU D 293 11.85 -6.01 55.77
C GLU D 293 10.61 -5.60 54.99
N GLY D 294 10.80 -4.87 53.88
CA GLY D 294 9.69 -4.43 53.05
C GLY D 294 9.17 -3.04 53.35
N LYS D 295 9.90 -2.23 54.13
CA LYS D 295 9.43 -0.90 54.47
C LYS D 295 9.47 0.07 53.29
N LEU D 296 10.17 -0.26 52.22
CA LEU D 296 10.36 0.65 51.09
C LEU D 296 9.37 0.42 49.96
N PHE D 297 8.51 -0.60 50.06
CA PHE D 297 7.60 -0.88 48.95
C PHE D 297 6.32 -0.07 49.12
N PRO D 298 5.91 0.74 48.11
CA PRO D 298 4.62 1.42 48.15
C PRO D 298 3.47 0.50 47.74
N MET D 299 3.42 -0.69 48.33
CA MET D 299 2.50 -1.73 47.93
C MET D 299 2.70 -2.91 48.86
N LYS D 300 1.74 -3.84 48.82
CA LYS D 300 1.95 -5.14 49.44
C LYS D 300 2.73 -6.04 48.49
N ALA D 301 3.53 -6.92 49.06
CA ALA D 301 4.40 -7.79 48.27
C ALA D 301 4.27 -9.23 48.77
N LEU D 302 4.43 -10.16 47.84
CA LEU D 302 4.31 -11.58 48.20
C LEU D 302 5.47 -12.02 49.06
N GLY D 303 6.68 -11.55 48.77
CA GLY D 303 7.84 -11.92 49.55
C GLY D 303 9.08 -11.25 49.03
N TYR D 304 10.22 -11.61 49.62
CA TYR D 304 11.50 -11.06 49.22
C TYR D 304 12.58 -12.10 49.45
N PHE D 305 13.50 -12.22 48.49
CA PHE D 305 14.59 -13.18 48.59
C PHE D 305 15.87 -12.53 48.06
N ALA D 306 17.01 -13.06 48.51
CA ALA D 306 18.30 -12.59 48.05
C ALA D 306 18.76 -13.40 46.85
N VAL D 307 19.37 -12.72 45.89
CA VAL D 307 19.93 -13.35 44.70
C VAL D 307 21.41 -13.57 45.00
N VAL D 308 21.75 -14.80 45.36
CA VAL D 308 23.09 -15.11 45.86
C VAL D 308 23.92 -15.50 44.64
N THR D 309 24.50 -14.48 44.01
CA THR D 309 25.43 -14.69 42.91
C THR D 309 26.49 -13.60 42.93
N GLY D 310 27.64 -13.92 42.33
CA GLY D 310 28.67 -12.93 42.11
C GLY D 310 28.97 -12.83 40.64
N LYS D 311 29.81 -11.85 40.28
CA LYS D 311 30.15 -11.64 38.88
C LYS D 311 30.57 -12.96 38.26
N GLY D 312 31.40 -13.71 38.98
CA GLY D 312 31.83 -15.02 38.53
C GLY D 312 32.09 -15.09 37.05
N ASN D 313 31.50 -16.09 36.39
CA ASN D 313 31.60 -16.23 34.95
C ASN D 313 30.42 -17.08 34.49
N SER D 314 30.31 -17.27 33.17
CA SER D 314 29.25 -18.12 32.64
C SER D 314 29.49 -19.59 32.94
N SER D 315 30.73 -19.97 33.25
CA SER D 315 31.07 -21.37 33.51
C SER D 315 30.82 -21.79 34.95
N GLU D 316 30.49 -20.86 35.84
CA GLU D 316 30.31 -21.21 37.24
C GLU D 316 29.10 -22.13 37.41
N SER D 317 29.27 -23.17 38.21
CA SER D 317 28.21 -24.14 38.42
C SER D 317 27.17 -23.61 39.42
N ILE D 318 26.09 -24.39 39.57
CA ILE D 318 25.07 -24.05 40.56
C ILE D 318 25.68 -24.04 41.96
N GLU D 319 26.61 -24.94 42.22
CA GLU D 319 27.21 -25.04 43.55
C GLU D 319 27.96 -23.76 43.91
N ALA D 320 28.34 -22.96 42.92
CA ALA D 320 28.86 -21.64 43.24
C ALA D 320 27.83 -20.81 43.99
N ILE D 321 26.54 -21.05 43.72
CA ILE D 321 25.49 -20.36 44.45
C ILE D 321 25.49 -20.78 45.92
N ARG D 322 25.68 -22.07 46.20
CA ARG D 322 25.78 -22.51 47.59
C ARG D 322 27.01 -21.91 48.26
N GLU D 323 28.13 -21.88 47.54
CA GLU D 323 29.35 -21.30 48.09
C GLU D 323 29.15 -19.83 48.43
N TYR D 324 28.45 -19.10 47.56
CA TYR D 324 28.14 -17.70 47.85
C TYR D 324 27.17 -17.59 49.02
N GLU D 325 26.18 -18.48 49.10
CA GLU D 325 25.25 -18.49 50.22
C GLU D 325 26.00 -18.65 51.54
N GLU D 326 27.10 -19.37 51.52
CA GLU D 326 27.91 -19.47 52.74
C GLU D 326 28.76 -18.21 52.93
N GLU D 327 29.55 -17.85 51.93
CA GLU D 327 30.58 -16.83 52.14
C GLU D 327 29.99 -15.45 52.32
N PHE D 328 29.07 -15.04 51.43
CA PHE D 328 28.54 -13.68 51.52
C PHE D 328 27.89 -13.43 52.86
N PHE D 329 27.15 -14.42 53.36
CA PHE D 329 26.29 -14.18 54.51
C PHE D 329 27.00 -14.48 55.83
N GLN D 330 27.98 -15.39 55.83
CA GLN D 330 28.80 -15.57 57.02
C GLN D 330 29.84 -14.46 57.15
N ASN D 331 30.19 -13.79 56.04
CA ASN D 331 31.20 -12.74 56.07
C ASN D 331 30.61 -11.33 56.12
N SER D 332 29.43 -11.13 55.54
CA SER D 332 28.90 -9.78 55.34
C SER D 332 27.91 -9.41 56.44
N LYS D 333 27.51 -8.13 56.41
CA LYS D 333 26.55 -7.62 57.39
C LYS D 333 25.18 -8.27 57.25
N LEU D 334 24.92 -8.95 56.14
CA LEU D 334 23.59 -9.51 55.90
C LEU D 334 23.16 -10.44 57.04
N LEU D 335 24.12 -11.10 57.70
CA LEU D 335 23.85 -11.84 58.92
C LEU D 335 24.52 -11.25 60.16
N LYS D 336 25.70 -10.65 60.01
CA LYS D 336 26.39 -10.08 61.17
C LYS D 336 25.58 -8.98 61.82
N THR D 337 24.81 -8.24 61.03
CA THR D 337 23.90 -7.21 61.54
C THR D 337 22.44 -7.61 61.36
N SER D 338 22.17 -8.86 60.99
CA SER D 338 20.80 -9.37 60.87
C SER D 338 19.95 -8.49 59.95
N MET D 339 20.56 -8.03 58.86
CA MET D 339 19.77 -7.36 57.82
C MET D 339 18.89 -8.35 57.08
N LEU D 340 19.41 -9.55 56.83
CA LEU D 340 18.71 -10.56 56.06
C LEU D 340 18.42 -11.78 56.93
N LYS D 341 17.27 -12.41 56.69
CA LYS D 341 16.89 -13.63 57.39
C LYS D 341 17.46 -14.84 56.66
N ALA D 342 17.64 -15.94 57.41
CA ALA D 342 18.24 -17.13 56.84
C ALA D 342 17.42 -17.68 55.69
N HIS D 343 16.09 -17.67 55.81
CA HIS D 343 15.25 -18.23 54.75
C HIS D 343 15.22 -17.36 53.51
N GLN D 344 15.60 -16.09 53.61
CA GLN D 344 15.78 -15.25 52.44
C GLN D 344 17.15 -15.44 51.80
N VAL D 345 18.13 -15.91 52.57
CA VAL D 345 19.44 -16.25 52.01
C VAL D 345 19.29 -17.39 51.01
N THR D 346 18.54 -18.42 51.38
CA THR D 346 18.36 -19.59 50.54
C THR D 346 17.57 -19.24 49.28
N THR D 347 18.13 -19.57 48.12
CA THR D 347 17.38 -19.47 46.87
C THR D 347 16.49 -20.67 46.65
N ARG D 348 16.78 -21.80 47.29
CA ARG D 348 15.85 -22.91 47.29
C ARG D 348 14.53 -22.52 47.93
N ASN D 349 14.55 -21.58 48.88
CA ASN D 349 13.30 -21.12 49.47
C ASN D 349 12.52 -20.25 48.52
N LEU D 350 13.19 -19.49 47.65
CA LEU D 350 12.50 -18.80 46.57
C LEU D 350 11.87 -19.80 45.62
N SER D 351 12.64 -20.82 45.24
CA SER D 351 12.13 -21.82 44.31
C SER D 351 10.90 -22.51 44.88
N LEU D 352 10.96 -22.89 46.15
CA LEU D 352 9.86 -23.62 46.77
C LEU D 352 8.65 -22.72 47.00
N ALA D 353 8.88 -21.48 47.45
CA ALA D 353 7.77 -20.55 47.64
C ALA D 353 7.05 -20.30 46.33
N VAL D 354 7.80 -20.18 45.23
CA VAL D 354 7.16 -19.99 43.94
C VAL D 354 6.41 -21.26 43.53
N SER D 355 7.06 -22.43 43.65
CA SER D 355 6.48 -23.67 43.15
C SER D 355 5.19 -24.02 43.87
N ASP D 356 5.22 -24.02 45.20
CA ASP D 356 4.05 -24.47 45.96
C ASP D 356 2.85 -23.57 45.74
N CYS D 357 3.05 -22.25 45.88
CA CYS D 357 1.96 -21.32 45.63
C CYS D 357 1.53 -21.35 44.16
N PHE D 358 2.46 -21.68 43.26
CA PHE D 358 2.12 -21.80 41.85
C PHE D 358 1.12 -22.92 41.63
N TRP D 359 1.40 -24.10 42.16
CA TRP D 359 0.46 -25.20 41.97
C TRP D 359 -0.82 -24.98 42.77
N LYS D 360 -0.73 -24.28 43.90
CA LYS D 360 -1.94 -23.90 44.63
C LYS D 360 -2.82 -23.00 43.78
N MET D 361 -2.24 -21.99 43.15
CA MET D 361 -3.01 -21.13 42.24
C MET D 361 -3.58 -21.95 41.09
N VAL D 362 -2.80 -22.91 40.59
CA VAL D 362 -3.30 -23.79 39.54
C VAL D 362 -4.59 -24.45 40.00
N ARG D 363 -4.53 -25.18 41.11
CA ARG D 363 -5.69 -25.92 41.59
C ARG D 363 -6.84 -24.99 41.93
N GLU D 364 -6.53 -23.77 42.38
CA GLU D 364 -7.60 -22.85 42.76
C GLU D 364 -8.32 -22.27 41.56
N SER D 365 -7.58 -21.86 40.50
CA SER D 365 -8.14 -21.02 39.46
C SER D 365 -8.27 -21.66 38.10
N VAL D 366 -7.46 -22.65 37.74
CA VAL D 366 -7.46 -23.15 36.38
C VAL D 366 -8.80 -23.78 36.03
N GLU D 367 -9.45 -24.40 37.02
CA GLU D 367 -10.66 -25.17 36.75
C GLU D 367 -11.76 -24.30 36.16
N GLN D 368 -11.87 -23.04 36.61
CA GLN D 368 -12.99 -22.20 36.22
C GLN D 368 -12.86 -21.63 34.80
N GLN D 369 -11.70 -21.87 34.15
CA GLN D 369 -11.46 -21.48 32.74
C GLN D 369 -12.44 -22.28 31.84
N ALA D 370 -13.07 -23.37 32.34
CA ALA D 370 -14.04 -24.15 31.59
C ALA D 370 -15.32 -23.36 31.35
N ASP D 371 -15.67 -22.45 32.26
CA ASP D 371 -16.87 -21.65 32.07
C ASP D 371 -16.75 -20.77 30.83
N SER D 372 -15.60 -20.13 30.63
CA SER D 372 -15.42 -19.29 29.46
C SER D 372 -15.26 -20.13 28.20
N PHE D 373 -14.63 -21.31 28.32
CA PHE D 373 -14.53 -22.18 27.15
C PHE D 373 -15.91 -22.62 26.69
N LYS D 374 -16.77 -23.02 27.63
CA LYS D 374 -18.13 -23.41 27.29
C LYS D 374 -18.92 -22.24 26.75
N ALA D 375 -18.74 -21.05 27.30
CA ALA D 375 -19.44 -19.88 26.78
C ALA D 375 -19.04 -19.59 25.34
N THR D 376 -17.73 -19.69 25.05
CA THR D 376 -17.27 -19.46 23.68
C THR D 376 -17.83 -20.50 22.72
N ARG D 377 -17.78 -21.78 23.10
CA ARG D 377 -18.34 -22.81 22.24
C ARG D 377 -19.83 -22.59 22.03
N PHE D 378 -20.55 -22.22 23.10
CA PHE D 378 -21.97 -21.96 22.98
C PHE D 378 -22.25 -20.83 22.02
N ASN D 379 -21.49 -19.74 22.13
CA ASN D 379 -21.71 -18.60 21.24
C ASN D 379 -21.45 -18.98 19.79
N LEU D 380 -20.36 -19.71 19.54
CA LEU D 380 -20.06 -20.10 18.16
C LEU D 380 -21.14 -21.01 17.60
N GLU D 381 -21.55 -22.01 18.37
CA GLU D 381 -22.58 -22.94 17.92
C GLU D 381 -23.93 -22.24 17.80
N THR D 382 -24.18 -21.22 18.62
CA THR D 382 -25.41 -20.45 18.51
C THR D 382 -25.44 -19.68 17.20
N GLU D 383 -24.34 -19.01 16.87
CA GLU D 383 -24.27 -18.32 15.59
C GLU D 383 -24.48 -19.30 14.45
N TRP D 384 -23.88 -20.50 14.55
CA TRP D 384 -24.07 -21.49 13.51
C TRP D 384 -25.53 -21.91 13.40
N LYS D 385 -26.14 -22.31 14.51
CA LYS D 385 -27.52 -22.77 14.48
C LYS D 385 -28.45 -21.70 13.91
N ASN D 386 -28.19 -20.44 14.25
CA ASN D 386 -29.06 -19.38 13.77
C ASN D 386 -28.83 -19.08 12.29
N ASN D 387 -27.58 -19.16 11.84
CA ASN D 387 -27.25 -18.76 10.48
C ASN D 387 -26.61 -19.87 9.65
N TYR D 388 -25.84 -20.77 10.26
CA TYR D 388 -25.09 -21.79 9.54
C TYR D 388 -25.36 -23.15 10.15
N PRO D 389 -26.61 -23.63 10.07
CA PRO D 389 -26.91 -24.96 10.61
C PRO D 389 -26.17 -26.06 9.90
N ARG D 390 -25.67 -25.80 8.69
CA ARG D 390 -24.86 -26.76 7.95
C ARG D 390 -23.38 -26.57 8.22
N LEU D 391 -22.99 -25.64 9.09
CA LEU D 391 -21.60 -25.35 9.32
C LEU D 391 -21.02 -26.32 10.34
N ARG D 392 -19.87 -26.88 10.00
CA ARG D 392 -19.19 -27.88 10.82
C ARG D 392 -17.78 -27.36 11.04
N GLU D 393 -16.89 -28.22 11.54
CA GLU D 393 -15.50 -27.85 11.72
C GLU D 393 -14.89 -27.63 10.33
N LEU D 394 -15.39 -26.60 9.66
CA LEU D 394 -15.04 -26.31 8.28
C LEU D 394 -13.72 -25.55 8.25
N ASP D 395 -12.67 -26.24 8.67
CA ASP D 395 -11.35 -25.64 8.78
C ASP D 395 -10.65 -25.66 7.43
N ARG D 396 -9.35 -25.34 7.43
CA ARG D 396 -8.63 -25.14 6.17
C ARG D 396 -8.78 -26.33 5.23
N ASN D 397 -9.07 -27.51 5.75
CA ASN D 397 -9.12 -28.71 4.93
C ASN D 397 -10.49 -28.96 4.30
N GLU D 398 -11.56 -28.81 5.09
CA GLU D 398 -12.88 -29.22 4.62
C GLU D 398 -13.41 -28.29 3.53
N LEU D 399 -13.33 -26.97 3.76
CA LEU D 399 -13.79 -26.03 2.75
C LEU D 399 -12.98 -26.19 1.46
N PHE D 400 -11.67 -26.37 1.59
CA PHE D 400 -10.82 -26.57 0.42
C PHE D 400 -11.27 -27.79 -0.37
N GLU D 401 -11.54 -28.89 0.34
CA GLU D 401 -11.96 -30.11 -0.35
C GLU D 401 -13.30 -29.92 -1.06
N LYS D 402 -14.26 -29.27 -0.39
CA LYS D 402 -15.55 -29.06 -1.03
C LYS D 402 -15.44 -28.17 -2.26
N ALA D 403 -14.65 -27.08 -2.16
CA ALA D 403 -14.45 -26.22 -3.31
C ALA D 403 -13.75 -26.97 -4.44
N LYS D 404 -12.75 -27.78 -4.09
CA LYS D 404 -12.04 -28.55 -5.10
C LYS D 404 -12.98 -29.50 -5.83
N ASN D 405 -13.83 -30.20 -5.10
CA ASN D 405 -14.75 -31.14 -5.73
C ASN D 405 -15.75 -30.41 -6.62
N GLU D 406 -16.28 -29.27 -6.14
CA GLU D 406 -17.19 -28.50 -6.97
C GLU D 406 -16.49 -28.01 -8.23
N ILE D 407 -15.24 -27.58 -8.10
CA ILE D 407 -14.49 -27.09 -9.25
C ILE D 407 -14.31 -28.21 -10.27
N LEU D 408 -13.91 -29.39 -9.80
CA LEU D 408 -13.70 -30.50 -10.71
C LEU D 408 -15.00 -30.90 -11.39
N ASP D 409 -16.11 -30.90 -10.65
CA ASP D 409 -17.38 -31.28 -11.24
C ASP D 409 -17.81 -30.27 -12.29
N GLU D 410 -17.65 -28.98 -12.01
CA GLU D 410 -18.03 -27.96 -12.98
C GLU D 410 -17.13 -27.99 -14.21
N VAL D 411 -15.85 -28.29 -14.01
CA VAL D 411 -14.93 -28.40 -15.15
C VAL D 411 -15.30 -29.59 -16.02
N ILE D 412 -15.67 -30.71 -15.39
CA ILE D 412 -16.14 -31.85 -16.16
C ILE D 412 -17.40 -31.49 -16.94
N SER D 413 -18.34 -30.81 -16.28
CA SER D 413 -19.55 -30.36 -16.97
C SER D 413 -19.20 -29.51 -18.17
N LEU D 414 -18.25 -28.60 -18.01
CA LEU D 414 -17.75 -27.83 -19.15
C LEU D 414 -17.22 -28.75 -20.23
N SER D 415 -16.41 -29.73 -19.85
CA SER D 415 -15.84 -30.66 -20.82
C SER D 415 -16.93 -31.42 -21.56
N GLN D 416 -18.13 -31.50 -21.00
CA GLN D 416 -19.24 -32.20 -21.62
C GLN D 416 -20.14 -31.28 -22.44
N VAL D 417 -19.78 -30.01 -22.61
CA VAL D 417 -20.62 -29.08 -23.36
C VAL D 417 -20.78 -29.55 -24.79
N THR D 418 -21.99 -29.43 -25.31
CA THR D 418 -22.31 -29.96 -26.63
C THR D 418 -21.53 -29.20 -27.71
N PRO D 419 -21.09 -29.88 -28.78
CA PRO D 419 -20.43 -29.17 -29.88
C PRO D 419 -21.27 -28.05 -30.49
N LYS D 420 -22.60 -28.19 -30.49
CA LYS D 420 -23.43 -27.19 -31.14
C LYS D 420 -23.20 -25.81 -30.53
N HIS D 421 -23.26 -25.72 -29.19
CA HIS D 421 -23.02 -24.45 -28.52
C HIS D 421 -21.62 -23.95 -28.81
N TRP D 422 -20.63 -24.84 -28.75
CA TRP D 422 -19.26 -24.44 -29.02
C TRP D 422 -19.12 -23.79 -30.38
N GLU D 423 -19.61 -24.46 -31.42
CA GLU D 423 -19.43 -23.96 -32.77
C GLU D 423 -20.22 -22.68 -32.98
N GLU D 424 -21.43 -22.59 -32.43
CA GLU D 424 -22.21 -21.37 -32.60
C GLU D 424 -21.51 -20.18 -31.97
N ILE D 425 -21.03 -20.33 -30.73
CA ILE D 425 -20.40 -19.20 -30.07
C ILE D 425 -19.08 -18.86 -30.76
N LEU D 426 -18.34 -19.87 -31.23
CA LEU D 426 -17.08 -19.60 -31.91
C LEU D 426 -17.31 -18.81 -33.19
N GLN D 427 -18.31 -19.22 -33.97
CA GLN D 427 -18.60 -18.50 -35.21
C GLN D 427 -19.04 -17.08 -34.92
N GLN D 428 -19.89 -16.90 -33.90
CA GLN D 428 -20.35 -15.55 -33.60
C GLN D 428 -19.20 -14.66 -33.17
N SER D 429 -18.32 -15.18 -32.31
CA SER D 429 -17.20 -14.37 -31.83
C SER D 429 -16.23 -14.02 -32.95
N LEU D 430 -15.85 -15.00 -33.76
CA LEU D 430 -14.90 -14.73 -34.83
C LEU D 430 -15.51 -13.78 -35.85
N TRP D 431 -16.80 -13.91 -36.14
CA TRP D 431 -17.46 -12.95 -37.02
C TRP D 431 -17.43 -11.55 -36.43
N GLU D 432 -17.73 -11.43 -35.14
CA GLU D 432 -17.62 -10.13 -34.49
C GLU D 432 -16.23 -9.55 -34.68
N ARG D 433 -15.20 -10.40 -34.64
CA ARG D 433 -13.84 -9.91 -34.74
C ARG D 433 -13.45 -9.51 -36.15
N VAL D 434 -13.94 -10.23 -37.17
CA VAL D 434 -13.43 -10.08 -38.53
C VAL D 434 -14.39 -9.36 -39.47
N SER D 435 -15.62 -9.08 -39.04
CA SER D 435 -16.59 -8.49 -39.95
C SER D 435 -16.12 -7.13 -40.45
N THR D 436 -15.72 -6.25 -39.54
CA THR D 436 -15.31 -4.91 -39.95
C THR D 436 -13.96 -4.91 -40.65
N HIS D 437 -13.08 -5.85 -40.31
CA HIS D 437 -11.84 -5.97 -41.05
C HIS D 437 -12.14 -6.29 -42.50
N VAL D 438 -13.00 -7.29 -42.74
CA VAL D 438 -13.37 -7.62 -44.10
C VAL D 438 -14.00 -6.42 -44.79
N ILE D 439 -15.01 -5.84 -44.16
CA ILE D 439 -15.81 -4.82 -44.82
C ILE D 439 -14.93 -3.64 -45.20
N GLU D 440 -14.08 -3.20 -44.30
CA GLU D 440 -13.33 -1.97 -44.53
C GLU D 440 -12.08 -2.19 -45.37
N ASN D 441 -11.39 -3.33 -45.22
CA ASN D 441 -10.10 -3.50 -45.85
C ASN D 441 -10.14 -4.30 -47.14
N ILE D 442 -11.20 -5.07 -47.40
CA ILE D 442 -11.25 -5.91 -48.59
C ILE D 442 -12.44 -5.53 -49.44
N TYR D 443 -13.63 -5.58 -48.84
CA TYR D 443 -14.85 -5.39 -49.62
C TYR D 443 -14.93 -3.98 -50.19
N LEU D 444 -14.96 -2.98 -49.32
CA LEU D 444 -15.12 -1.60 -49.80
C LEU D 444 -14.02 -1.18 -50.75
N PRO D 445 -12.73 -1.33 -50.42
CA PRO D 445 -11.71 -0.96 -51.40
C PRO D 445 -11.85 -1.68 -52.72
N ALA D 446 -12.21 -2.97 -52.68
CA ALA D 446 -12.42 -3.71 -53.92
C ALA D 446 -13.61 -3.15 -54.69
N ALA D 447 -14.61 -2.64 -53.98
CA ALA D 447 -15.83 -2.17 -54.62
C ALA D 447 -15.57 -1.01 -55.57
N GLN D 448 -14.40 -0.37 -55.51
CA GLN D 448 -14.15 0.79 -56.36
C GLN D 448 -14.08 0.42 -57.83
N THR D 449 -13.81 -0.85 -58.15
CA THR D 449 -13.70 -1.27 -59.55
C THR D 449 -15.05 -1.76 -60.06
N MET D 450 -15.30 -1.51 -61.34
CA MET D 450 -16.50 -2.01 -61.99
C MET D 450 -16.31 -3.39 -62.59
N ASN D 451 -15.09 -3.92 -62.59
CA ASN D 451 -14.79 -5.23 -63.13
C ASN D 451 -14.86 -6.22 -61.98
N SER D 452 -15.95 -6.98 -61.93
CA SER D 452 -16.12 -7.94 -60.84
C SER D 452 -15.03 -9.00 -60.84
N GLY D 453 -14.37 -9.25 -61.98
CA GLY D 453 -13.31 -10.22 -62.01
C GLY D 453 -12.06 -9.76 -61.28
N THR D 454 -11.68 -8.50 -61.47
CA THR D 454 -10.58 -7.95 -60.71
C THR D 454 -10.95 -7.69 -59.26
N PHE D 455 -12.23 -7.37 -59.02
CA PHE D 455 -12.74 -7.31 -57.66
C PHE D 455 -12.50 -8.64 -56.95
N ASN D 456 -12.92 -9.73 -57.57
CA ASN D 456 -12.78 -11.04 -56.96
C ASN D 456 -11.32 -11.43 -56.82
N THR D 457 -10.50 -11.07 -57.80
CA THR D 457 -9.07 -11.39 -57.72
C THR D 457 -8.43 -10.70 -56.52
N THR D 458 -8.67 -9.40 -56.38
CA THR D 458 -8.12 -8.66 -55.25
C THR D 458 -8.65 -9.21 -53.93
N VAL D 459 -9.95 -9.53 -53.89
CA VAL D 459 -10.53 -10.06 -52.67
C VAL D 459 -9.85 -11.36 -52.29
N ASP D 460 -9.64 -12.25 -53.27
CA ASP D 460 -9.03 -13.53 -52.99
C ASP D 460 -7.58 -13.37 -52.53
N ILE D 461 -6.84 -12.45 -53.17
CA ILE D 461 -5.45 -12.23 -52.77
C ILE D 461 -5.38 -11.72 -51.33
N LYS D 462 -6.21 -10.73 -51.01
CA LYS D 462 -6.22 -10.20 -49.65
C LYS D 462 -6.66 -11.26 -48.66
N LEU D 463 -7.65 -12.08 -49.02
CA LEU D 463 -8.11 -13.14 -48.13
C LEU D 463 -7.01 -14.16 -47.88
N LYS D 464 -6.27 -14.52 -48.92
CA LYS D 464 -5.17 -15.48 -48.75
C LYS D 464 -4.10 -14.92 -47.83
N GLN D 465 -3.74 -13.65 -48.02
CA GLN D 465 -2.72 -13.05 -47.15
C GLN D 465 -3.21 -12.95 -45.71
N TRP D 466 -4.48 -12.54 -45.53
CA TRP D 466 -5.07 -12.45 -44.20
C TRP D 466 -5.13 -13.81 -43.54
N THR D 467 -5.46 -14.84 -44.30
CA THR D 467 -5.43 -16.21 -43.79
C THR D 467 -4.01 -16.60 -43.37
N ASP D 468 -3.03 -16.25 -44.18
CA ASP D 468 -1.66 -16.66 -43.90
C ASP D 468 -1.14 -15.99 -42.64
N LYS D 469 -1.52 -14.73 -42.41
CA LYS D 469 -0.90 -13.95 -41.35
C LYS D 469 -1.78 -13.74 -40.12
N GLN D 470 -3.08 -13.49 -40.31
CA GLN D 470 -3.91 -13.01 -39.21
C GLN D 470 -5.03 -13.97 -38.84
N LEU D 471 -5.78 -14.44 -39.83
CA LEU D 471 -7.04 -15.13 -39.56
C LEU D 471 -6.90 -16.29 -38.61
N PRO D 472 -5.98 -17.24 -38.79
CA PRO D 472 -5.90 -18.36 -37.83
C PRO D 472 -5.48 -17.93 -36.44
N ASN D 473 -4.71 -16.85 -36.33
CA ASN D 473 -4.35 -16.34 -35.00
C ASN D 473 -5.58 -15.77 -34.29
N LYS D 474 -6.43 -15.06 -35.04
CA LYS D 474 -7.68 -14.58 -34.45
C LYS D 474 -8.60 -15.74 -34.13
N ALA D 475 -8.60 -16.78 -34.96
CA ALA D 475 -9.42 -17.95 -34.69
C ALA D 475 -8.99 -18.65 -33.41
N VAL D 476 -7.69 -18.83 -33.24
CA VAL D 476 -7.17 -19.45 -32.02
C VAL D 476 -7.45 -18.57 -30.81
N GLU D 477 -7.29 -17.25 -30.97
CA GLU D 477 -7.66 -16.34 -29.89
C GLU D 477 -9.13 -16.51 -29.52
N VAL D 478 -10.00 -16.63 -30.51
CA VAL D 478 -11.43 -16.78 -30.26
C VAL D 478 -11.67 -18.07 -29.50
N ALA D 479 -11.08 -19.17 -29.95
CA ALA D 479 -11.30 -20.45 -29.29
C ALA D 479 -10.81 -20.41 -27.85
N TRP D 480 -9.62 -19.85 -27.64
CA TRP D 480 -9.05 -19.82 -26.30
C TRP D 480 -9.88 -18.95 -25.37
N GLU D 481 -10.30 -17.78 -25.84
CA GLU D 481 -11.06 -16.86 -24.98
C GLU D 481 -12.47 -17.39 -24.75
N THR D 482 -13.07 -18.05 -25.73
CA THR D 482 -14.37 -18.68 -25.51
C THR D 482 -14.27 -19.78 -24.47
N LEU D 483 -13.21 -20.59 -24.55
CA LEU D 483 -12.99 -21.59 -23.52
C LEU D 483 -12.83 -20.93 -22.16
N GLN D 484 -12.09 -19.82 -22.10
CA GLN D 484 -11.95 -19.09 -20.85
C GLN D 484 -13.29 -18.60 -20.35
N GLU D 485 -14.14 -18.11 -21.25
CA GLU D 485 -15.43 -17.57 -20.84
C GLU D 485 -16.33 -18.65 -20.27
N GLU D 486 -16.45 -19.77 -20.96
CA GLU D 486 -17.25 -20.88 -20.45
C GLU D 486 -16.68 -21.41 -19.14
N PHE D 487 -15.35 -21.50 -19.07
CA PHE D 487 -14.68 -21.98 -17.87
C PHE D 487 -14.98 -21.07 -16.68
N SER D 488 -14.96 -19.75 -16.92
CA SER D 488 -15.28 -18.80 -15.85
C SER D 488 -16.76 -18.91 -15.46
N ARG D 489 -17.65 -19.07 -16.45
CA ARG D 489 -19.06 -19.21 -16.13
C ARG D 489 -19.29 -20.41 -15.21
N PHE D 490 -18.62 -21.52 -15.50
CA PHE D 490 -18.73 -22.68 -14.62
C PHE D 490 -18.06 -22.43 -13.28
N MET D 491 -16.86 -21.84 -13.30
CA MET D 491 -16.08 -21.64 -12.09
C MET D 491 -16.60 -20.51 -11.22
N THR D 492 -17.09 -19.43 -11.83
CA THR D 492 -17.46 -18.26 -11.08
C THR D 492 -18.84 -18.46 -10.46
N GLU D 493 -19.34 -17.44 -9.76
CA GLU D 493 -20.64 -17.51 -9.15
C GLU D 493 -21.69 -17.82 -10.21
N PRO D 494 -22.51 -18.85 -10.04
CA PRO D 494 -23.64 -19.05 -10.96
C PRO D 494 -24.62 -17.89 -10.85
N LYS D 495 -25.25 -17.58 -11.98
CA LYS D 495 -26.15 -16.43 -12.06
C LYS D 495 -27.47 -16.74 -11.35
N GLY D 496 -27.35 -17.04 -10.06
CA GLY D 496 -28.50 -17.35 -9.23
C GLY D 496 -28.40 -16.70 -7.87
N LYS D 497 -29.21 -17.16 -6.91
CA LYS D 497 -29.18 -16.67 -5.55
C LYS D 497 -28.64 -17.69 -4.56
N GLU D 498 -28.61 -18.97 -4.93
CA GLU D 498 -28.22 -20.02 -3.99
C GLU D 498 -26.72 -20.07 -3.75
N HIS D 499 -25.93 -19.39 -4.58
CA HIS D 499 -24.49 -19.55 -4.51
C HIS D 499 -23.96 -19.14 -3.14
N ASP D 500 -23.01 -19.94 -2.63
CA ASP D 500 -22.26 -19.61 -1.42
C ASP D 500 -20.91 -19.06 -1.86
N ASP D 501 -20.68 -17.78 -1.59
CA ASP D 501 -19.46 -17.12 -2.02
C ASP D 501 -18.21 -17.64 -1.34
N ILE D 502 -18.35 -18.45 -0.28
CA ILE D 502 -17.19 -18.84 0.50
C ILE D 502 -16.17 -19.60 -0.33
N PHE D 503 -16.59 -20.20 -1.45
CA PHE D 503 -15.68 -20.91 -2.32
C PHE D 503 -15.10 -20.02 -3.42
N ASP D 504 -15.51 -18.74 -3.48
CA ASP D 504 -15.10 -17.88 -4.59
C ASP D 504 -13.61 -17.65 -4.60
N LYS D 505 -12.98 -17.53 -3.43
CA LYS D 505 -11.54 -17.27 -3.42
C LYS D 505 -10.79 -18.37 -4.13
N LEU D 506 -11.05 -19.63 -3.75
CA LEU D 506 -10.35 -20.73 -4.38
C LEU D 506 -10.77 -20.90 -5.83
N LYS D 507 -12.06 -20.73 -6.13
CA LYS D 507 -12.50 -20.91 -7.50
C LYS D 507 -11.83 -19.92 -8.43
N GLU D 508 -11.74 -18.66 -8.02
CA GLU D 508 -11.12 -17.64 -8.86
C GLU D 508 -9.61 -17.85 -8.94
N ALA D 509 -8.97 -18.18 -7.80
CA ALA D 509 -7.52 -18.40 -7.83
C ALA D 509 -7.18 -19.57 -8.74
N VAL D 510 -7.94 -20.66 -8.66
CA VAL D 510 -7.70 -21.82 -9.50
C VAL D 510 -7.98 -21.48 -10.95
N LYS D 511 -9.04 -20.72 -11.21
CA LYS D 511 -9.34 -20.32 -12.58
C LYS D 511 -8.16 -19.56 -13.18
N GLU D 512 -7.65 -18.57 -12.44
CA GLU D 512 -6.54 -17.78 -12.95
C GLU D 512 -5.30 -18.63 -13.14
N GLU D 513 -4.99 -19.49 -12.16
CA GLU D 513 -3.78 -20.30 -12.24
C GLU D 513 -3.83 -21.27 -13.40
N SER D 514 -4.98 -21.92 -13.61
CA SER D 514 -5.10 -22.88 -14.69
C SER D 514 -5.14 -22.19 -16.05
N ILE D 515 -5.76 -21.02 -16.13
CA ILE D 515 -5.84 -20.31 -17.40
C ILE D 515 -4.46 -19.80 -17.81
N LYS D 516 -3.73 -19.22 -16.86
CA LYS D 516 -2.40 -18.70 -17.19
C LYS D 516 -1.40 -19.80 -17.51
N ARG D 517 -1.59 -21.00 -16.96
CA ARG D 517 -0.72 -22.13 -17.25
C ARG D 517 -1.11 -22.88 -18.51
N HIS D 518 -2.25 -22.56 -19.11
CA HIS D 518 -2.72 -23.30 -20.29
C HIS D 518 -1.96 -22.83 -21.53
N LYS D 519 -1.69 -23.79 -22.41
CA LYS D 519 -1.00 -23.52 -23.67
C LYS D 519 -1.74 -24.18 -24.81
N TRP D 520 -1.86 -23.47 -25.93
CA TRP D 520 -2.59 -23.98 -27.08
C TRP D 520 -1.70 -24.86 -27.94
N ASN D 521 -2.33 -25.71 -28.73
CA ASN D 521 -1.61 -26.54 -29.69
C ASN D 521 -0.79 -25.68 -30.63
N ASP D 522 0.47 -26.05 -30.83
CA ASP D 522 1.39 -25.20 -31.58
C ASP D 522 0.97 -25.03 -33.04
N PHE D 523 0.45 -26.09 -33.66
CA PHE D 523 0.30 -26.13 -35.11
C PHE D 523 -1.15 -26.10 -35.57
N ALA D 524 -2.07 -25.66 -34.71
CA ALA D 524 -3.46 -25.52 -35.13
C ALA D 524 -3.57 -24.52 -36.29
N GLU D 525 -2.77 -23.46 -36.26
CA GLU D 525 -2.89 -22.41 -37.26
C GLU D 525 -2.52 -22.89 -38.65
N ASP D 526 -1.60 -23.85 -38.77
CA ASP D 526 -1.23 -24.34 -40.09
C ASP D 526 -2.37 -25.13 -40.72
N SER D 527 -2.99 -26.00 -39.93
CA SER D 527 -4.17 -26.71 -40.42
C SER D 527 -5.28 -25.75 -40.77
N LEU D 528 -5.47 -24.71 -39.96
CA LEU D 528 -6.49 -23.72 -40.27
C LEU D 528 -6.16 -22.98 -41.56
N ARG D 529 -4.89 -22.65 -41.77
CA ARG D 529 -4.51 -21.99 -43.02
C ARG D 529 -4.83 -22.87 -44.22
N VAL D 530 -4.44 -24.15 -44.16
CA VAL D 530 -4.70 -25.02 -45.30
C VAL D 530 -6.20 -25.17 -45.52
N ILE D 531 -6.95 -25.37 -44.44
CA ILE D 531 -8.39 -25.56 -44.55
C ILE D 531 -9.05 -24.32 -45.13
N GLN D 532 -8.65 -23.15 -44.65
CA GLN D 532 -9.27 -21.90 -45.11
C GLN D 532 -8.89 -21.60 -46.55
N HIS D 533 -7.67 -21.93 -46.96
CA HIS D 533 -7.30 -21.78 -48.36
C HIS D 533 -8.16 -22.67 -49.25
N ASN D 534 -8.34 -23.92 -48.84
CA ASN D 534 -9.16 -24.83 -49.65
C ASN D 534 -10.61 -24.36 -49.68
N ALA D 535 -11.13 -23.89 -48.55
CA ALA D 535 -12.51 -23.41 -48.51
C ALA D 535 -12.68 -22.18 -49.39
N LEU D 536 -11.69 -21.28 -49.39
CA LEU D 536 -11.73 -20.13 -50.27
C LEU D 536 -11.73 -20.56 -51.73
N GLU D 537 -10.93 -21.58 -52.05
CA GLU D 537 -10.94 -22.10 -53.42
C GLU D 537 -12.31 -22.63 -53.80
N ASP D 538 -13.09 -23.07 -52.81
CA ASP D 538 -14.43 -23.61 -53.06
C ASP D 538 -15.38 -22.46 -53.30
N ARG D 539 -15.70 -22.20 -54.56
CA ARG D 539 -16.58 -21.10 -54.95
C ARG D 539 -17.90 -21.57 -55.55
N SER D 540 -18.26 -22.84 -55.34
CA SER D 540 -19.43 -23.43 -55.95
C SER D 540 -20.62 -23.27 -55.02
N ILE D 541 -21.54 -22.38 -55.36
CA ILE D 541 -22.80 -22.20 -54.65
C ILE D 541 -23.93 -22.55 -55.61
N SER D 542 -24.88 -23.34 -55.11
CA SER D 542 -26.00 -23.80 -55.93
C SER D 542 -27.36 -23.57 -55.29
N ASP D 543 -27.47 -23.48 -53.98
CA ASP D 543 -28.75 -23.36 -53.30
C ASP D 543 -29.09 -21.90 -53.05
N LYS D 544 -30.31 -21.52 -53.43
CA LYS D 544 -30.77 -20.16 -53.15
C LYS D 544 -30.76 -19.87 -51.66
N GLN D 545 -30.91 -20.89 -50.82
CA GLN D 545 -30.93 -20.67 -49.38
C GLN D 545 -29.56 -20.26 -48.85
N GLN D 546 -28.48 -20.85 -49.36
CA GLN D 546 -27.16 -20.36 -48.99
C GLN D 546 -26.98 -18.93 -49.45
N TRP D 547 -27.46 -18.63 -50.66
CA TRP D 547 -27.42 -17.28 -51.19
C TRP D 547 -28.10 -16.29 -50.24
N ASP D 548 -29.31 -16.61 -49.81
CA ASP D 548 -30.06 -15.74 -48.92
C ASP D 548 -29.41 -15.65 -47.54
N ALA D 549 -28.89 -16.77 -47.03
CA ALA D 549 -28.26 -16.75 -45.73
C ALA D 549 -27.05 -15.84 -45.73
N ALA D 550 -26.19 -15.96 -46.75
CA ALA D 550 -25.06 -15.04 -46.86
C ALA D 550 -25.55 -13.62 -47.10
N ILE D 551 -26.67 -13.46 -47.83
CA ILE D 551 -27.21 -12.13 -48.05
C ILE D 551 -27.54 -11.47 -46.72
N TYR D 552 -28.27 -12.17 -45.86
CA TYR D 552 -28.65 -11.58 -44.58
C TYR D 552 -27.46 -11.43 -43.66
N PHE D 553 -26.50 -12.34 -43.76
CA PHE D 553 -25.25 -12.21 -43.00
C PHE D 553 -24.55 -10.89 -43.30
N MET D 554 -24.17 -10.70 -44.57
CA MET D 554 -23.48 -9.46 -44.92
C MET D 554 -24.42 -8.26 -44.84
N GLU D 555 -25.73 -8.47 -44.99
CA GLU D 555 -26.69 -7.38 -44.90
C GLU D 555 -26.78 -6.85 -43.49
N GLU D 556 -26.82 -7.74 -42.51
CA GLU D 556 -26.81 -7.29 -41.11
C GLU D 556 -25.49 -6.62 -40.79
N ALA D 557 -24.37 -7.17 -41.29
CA ALA D 557 -23.10 -6.47 -41.09
C ALA D 557 -23.15 -5.07 -41.69
N LEU D 558 -23.68 -4.95 -42.90
CA LEU D 558 -23.75 -3.67 -43.59
C LEU D 558 -24.68 -2.70 -42.88
N GLN D 559 -25.79 -3.19 -42.35
CA GLN D 559 -26.72 -2.31 -41.65
C GLN D 559 -26.12 -1.82 -40.34
N ALA D 560 -25.35 -2.67 -39.66
CA ALA D 560 -24.63 -2.21 -38.49
C ALA D 560 -23.65 -1.10 -38.87
N ARG D 561 -22.89 -1.31 -39.95
CA ARG D 561 -21.95 -0.29 -40.39
C ARG D 561 -22.67 0.99 -40.77
N LEU D 562 -23.81 0.86 -41.46
CA LEU D 562 -24.57 2.03 -41.90
C LEU D 562 -25.08 2.81 -40.71
N LYS D 563 -25.57 2.13 -39.68
CA LYS D 563 -26.06 2.84 -38.50
C LYS D 563 -24.92 3.51 -37.75
N ASP D 564 -23.77 2.85 -37.67
CA ASP D 564 -22.61 3.50 -37.05
C ASP D 564 -22.24 4.77 -37.81
N THR D 565 -22.20 4.69 -39.13
CA THR D 565 -21.85 5.85 -39.94
C THR D 565 -22.88 6.94 -39.79
N GLU D 566 -24.16 6.57 -39.74
CA GLU D 566 -25.23 7.56 -39.63
C GLU D 566 -25.18 8.27 -38.28
N ASN D 567 -24.86 7.54 -37.21
CA ASN D 567 -24.75 8.17 -35.90
C ASN D 567 -23.55 9.11 -35.84
N ALA D 568 -22.42 8.68 -36.40
CA ALA D 568 -21.28 9.58 -36.49
C ALA D 568 -21.64 10.81 -37.32
N ILE D 569 -22.42 10.62 -38.38
CA ILE D 569 -22.84 11.74 -39.22
C ILE D 569 -23.70 12.71 -38.43
N GLU D 570 -24.66 12.18 -37.68
CA GLU D 570 -25.53 13.05 -36.88
C GLU D 570 -24.71 13.83 -35.87
N ASN D 571 -23.72 13.18 -35.26
CA ASN D 571 -22.83 13.91 -34.36
C ASN D 571 -22.08 15.00 -35.11
N MET D 572 -21.65 14.70 -36.34
CA MET D 572 -20.88 15.66 -37.13
C MET D 572 -21.72 16.88 -37.49
N VAL D 573 -23.00 16.68 -37.79
CA VAL D 573 -23.85 17.75 -38.31
C VAL D 573 -24.96 18.13 -37.34
N GLY D 574 -25.19 17.37 -36.28
CA GLY D 574 -26.21 17.71 -35.32
C GLY D 574 -27.59 17.22 -35.74
N PRO D 575 -28.59 17.50 -34.91
CA PRO D 575 -29.95 17.03 -35.22
C PRO D 575 -30.61 17.83 -36.33
N ASP D 576 -31.63 17.22 -36.92
CA ASP D 576 -32.46 17.88 -37.91
C ASP D 576 -33.50 18.75 -37.22
N TRP D 577 -34.24 19.53 -38.00
CA TRP D 577 -35.24 20.43 -37.44
C TRP D 577 -36.26 19.68 -36.59
N LYS D 578 -36.50 18.41 -36.90
CA LYS D 578 -37.49 17.65 -36.14
C LYS D 578 -37.16 17.60 -34.66
N LYS D 579 -35.87 17.62 -34.32
CA LYS D 579 -35.45 17.69 -32.92
C LYS D 579 -35.08 19.09 -32.47
N ARG D 580 -34.55 19.93 -33.37
CA ARG D 580 -34.17 21.28 -32.98
C ARG D 580 -35.39 22.08 -32.52
N TRP D 581 -36.53 21.90 -33.21
CA TRP D 581 -37.76 22.60 -32.87
C TRP D 581 -38.69 21.77 -32.01
N LEU D 582 -38.22 20.62 -31.52
CA LEU D 582 -39.00 19.77 -30.63
C LEU D 582 -38.41 19.72 -29.23
N TYR D 583 -37.10 19.52 -29.12
CA TYR D 583 -36.40 19.54 -27.84
C TYR D 583 -35.63 20.84 -27.65
N TRP D 584 -35.84 21.82 -28.53
CA TRP D 584 -35.18 23.12 -28.43
C TRP D 584 -33.67 22.94 -28.42
N LYS D 585 -33.18 22.29 -29.46
CA LYS D 585 -31.76 22.10 -29.68
C LYS D 585 -31.37 22.85 -30.96
N ASN D 586 -30.07 22.99 -31.16
CA ASN D 586 -29.56 23.64 -32.36
C ASN D 586 -28.24 22.99 -32.74
N ARG D 587 -27.73 23.36 -33.90
CA ARG D 587 -26.46 22.83 -34.38
C ARG D 587 -25.32 23.75 -33.97
N THR D 588 -24.16 23.15 -33.75
CA THR D 588 -22.96 23.94 -33.60
C THR D 588 -22.52 24.47 -34.96
N GLN D 589 -21.61 25.45 -34.94
CA GLN D 589 -21.14 26.01 -36.20
C GLN D 589 -20.48 24.93 -37.04
N GLU D 590 -19.71 24.05 -36.40
CA GLU D 590 -19.15 22.91 -37.12
C GLU D 590 -20.26 22.03 -37.66
N GLN D 591 -21.34 21.87 -36.90
CA GLN D 591 -22.43 21.01 -37.34
C GLN D 591 -23.14 21.59 -38.55
N CYS D 592 -23.40 22.90 -38.55
CA CYS D 592 -24.00 23.53 -39.72
C CYS D 592 -23.06 23.45 -40.92
N VAL D 593 -21.76 23.67 -40.70
CA VAL D 593 -20.81 23.59 -41.80
C VAL D 593 -20.81 22.20 -42.40
N HIS D 594 -20.78 21.18 -41.55
CA HIS D 594 -20.78 19.81 -42.03
C HIS D 594 -22.09 19.47 -42.73
N ASN D 595 -23.20 20.00 -42.24
CA ASN D 595 -24.48 19.76 -42.90
C ASN D 595 -24.48 20.35 -44.30
N GLU D 596 -23.95 21.57 -44.46
CA GLU D 596 -23.90 22.18 -45.77
C GLU D 596 -22.95 21.43 -46.70
N THR D 597 -21.80 21.00 -46.17
CA THR D 597 -20.86 20.22 -46.99
C THR D 597 -21.51 18.91 -47.41
N LYS D 598 -22.23 18.27 -46.50
CA LYS D 598 -22.94 17.04 -46.83
C LYS D 598 -23.97 17.29 -47.91
N ASN D 599 -24.71 18.40 -47.82
CA ASN D 599 -25.70 18.71 -48.84
C ASN D 599 -25.03 18.90 -50.20
N GLU D 600 -23.90 19.60 -50.23
CA GLU D 600 -23.19 19.79 -51.49
C GLU D 600 -22.71 18.46 -52.05
N LEU D 601 -22.19 17.59 -51.19
CA LEU D 601 -21.69 16.30 -51.67
C LEU D 601 -22.83 15.41 -52.11
N GLU D 602 -23.98 15.51 -51.45
CA GLU D 602 -25.16 14.76 -51.90
C GLU D 602 -25.61 15.23 -53.27
N LYS D 603 -25.62 16.54 -53.49
CA LYS D 603 -25.95 17.05 -54.81
C LYS D 603 -24.96 16.52 -55.84
N MET D 604 -23.68 16.49 -55.48
CA MET D 604 -22.68 15.93 -56.39
C MET D 604 -22.96 14.47 -56.69
N LEU D 605 -23.31 13.69 -55.68
CA LEU D 605 -23.58 12.27 -55.84
C LEU D 605 -24.92 11.98 -56.50
N LYS D 606 -25.77 12.99 -56.61
CA LYS D 606 -27.05 12.87 -57.31
C LYS D 606 -26.90 13.16 -58.80
N CYS D 607 -25.71 13.54 -59.23
CA CYS D 607 -25.35 13.61 -60.64
C CYS D 607 -24.45 12.46 -61.05
N ASN D 608 -23.57 12.02 -60.16
CA ASN D 608 -22.74 10.84 -60.35
C ASN D 608 -22.87 9.98 -59.11
N GLU D 609 -23.87 9.09 -59.12
CA GLU D 609 -24.05 8.14 -58.04
C GLU D 609 -22.95 7.10 -57.97
N GLU D 610 -22.15 6.96 -59.03
CA GLU D 610 -21.04 6.02 -59.07
C GLU D 610 -19.70 6.72 -58.84
N HIS D 611 -19.72 7.94 -58.35
CA HIS D 611 -18.47 8.66 -58.13
C HIS D 611 -17.57 7.84 -57.21
N PRO D 612 -16.28 7.74 -57.51
CA PRO D 612 -15.40 6.91 -56.69
C PRO D 612 -15.16 7.53 -55.33
N ALA D 613 -14.65 6.70 -54.41
CA ALA D 613 -14.38 7.16 -53.06
C ALA D 613 -13.40 8.33 -53.05
N TYR D 614 -12.44 8.34 -53.97
CA TYR D 614 -11.43 9.38 -53.98
C TYR D 614 -11.99 10.68 -54.54
N LEU D 615 -11.70 11.78 -53.86
CA LEU D 615 -12.07 13.12 -54.30
C LEU D 615 -10.83 13.87 -54.75
N ALA D 616 -10.96 14.60 -55.86
CA ALA D 616 -9.90 15.49 -56.30
C ALA D 616 -9.95 16.80 -55.51
N SER D 617 -8.78 17.40 -55.31
CA SER D 617 -8.73 18.68 -54.60
C SER D 617 -9.47 19.77 -55.34
N ASP D 618 -9.67 19.61 -56.65
CA ASP D 618 -10.49 20.58 -57.36
C ASP D 618 -11.93 20.52 -56.88
N GLU D 619 -12.42 19.32 -56.60
CA GLU D 619 -13.76 19.21 -56.02
C GLU D 619 -13.80 19.84 -54.64
N ILE D 620 -12.71 19.68 -53.87
CA ILE D 620 -12.64 20.31 -52.56
C ILE D 620 -12.74 21.82 -52.70
N THR D 621 -11.99 22.39 -53.65
CA THR D 621 -12.02 23.83 -53.84
C THR D 621 -13.39 24.29 -54.34
N THR D 622 -14.00 23.53 -55.23
CA THR D 622 -15.32 23.90 -55.74
C THR D 622 -16.34 23.91 -54.60
N VAL D 623 -16.30 22.89 -53.74
CA VAL D 623 -17.20 22.86 -52.60
C VAL D 623 -16.89 24.02 -51.66
N ARG D 624 -15.61 24.33 -51.45
CA ARG D 624 -15.25 25.45 -50.60
C ARG D 624 -15.81 26.76 -51.15
N LYS D 625 -15.73 26.96 -52.46
CA LYS D 625 -16.21 28.20 -53.04
C LYS D 625 -17.72 28.26 -53.02
N ASN D 626 -18.39 27.13 -53.23
CA ASN D 626 -19.83 27.10 -53.11
C ASN D 626 -20.27 27.41 -51.67
N LEU D 627 -19.52 26.89 -50.70
CA LEU D 627 -19.81 27.19 -49.31
C LEU D 627 -19.58 28.67 -49.01
N GLU D 628 -18.52 29.25 -49.58
CA GLU D 628 -18.31 30.68 -49.46
C GLU D 628 -19.48 31.45 -50.03
N SER D 629 -19.97 31.02 -51.19
CA SER D 629 -21.18 31.61 -51.75
C SER D 629 -22.39 31.36 -50.87
N ARG D 630 -22.30 30.40 -49.95
CA ARG D 630 -23.31 30.17 -48.94
C ARG D 630 -22.85 30.64 -47.56
N GLY D 631 -21.74 31.37 -47.49
CA GLY D 631 -21.29 31.96 -46.24
C GLY D 631 -20.49 31.03 -45.35
N VAL D 632 -19.98 29.93 -45.90
CA VAL D 632 -19.27 28.92 -45.12
C VAL D 632 -17.88 28.75 -45.71
N GLU D 633 -16.87 28.82 -44.86
CA GLU D 633 -15.48 28.54 -45.22
C GLU D 633 -15.01 27.35 -44.41
N VAL D 634 -14.38 26.38 -45.08
CA VAL D 634 -14.07 25.10 -44.46
C VAL D 634 -12.63 24.72 -44.74
N ASP D 635 -12.11 23.88 -43.86
CA ASP D 635 -10.83 23.24 -44.10
C ASP D 635 -11.00 22.09 -45.09
N PRO D 636 -10.01 21.85 -45.96
CA PRO D 636 -10.13 20.70 -46.88
C PRO D 636 -10.40 19.38 -46.17
N SER D 637 -9.79 19.16 -45.00
CA SER D 637 -10.01 17.91 -44.29
C SER D 637 -11.43 17.80 -43.76
N LEU D 638 -12.09 18.93 -43.46
CA LEU D 638 -13.49 18.88 -43.08
C LEU D 638 -14.32 18.30 -44.22
N ILE D 639 -14.09 18.79 -45.43
CA ILE D 639 -14.79 18.26 -46.60
C ILE D 639 -14.43 16.80 -46.80
N LYS D 640 -13.15 16.46 -46.60
CA LYS D 640 -12.72 15.09 -46.84
C LYS D 640 -13.41 14.12 -45.89
N ASP D 641 -13.54 14.50 -44.62
CA ASP D 641 -14.17 13.62 -43.64
C ASP D 641 -15.67 13.53 -43.86
N THR D 642 -16.31 14.67 -44.17
CA THR D 642 -17.73 14.65 -44.48
C THR D 642 -17.97 13.75 -45.69
N TRP D 643 -17.14 13.89 -46.72
CA TRP D 643 -17.25 13.03 -47.89
C TRP D 643 -17.06 11.58 -47.51
N HIS D 644 -16.04 11.28 -46.70
CA HIS D 644 -15.81 9.91 -46.31
C HIS D 644 -17.07 9.30 -45.70
N GLN D 645 -17.63 9.99 -44.70
CA GLN D 645 -18.78 9.43 -44.00
C GLN D 645 -20.00 9.34 -44.90
N VAL D 646 -20.32 10.41 -45.63
CA VAL D 646 -21.54 10.42 -46.43
C VAL D 646 -21.42 9.46 -47.61
N TYR D 647 -20.24 9.41 -48.24
CA TYR D 647 -20.02 8.49 -49.35
C TYR D 647 -20.11 7.05 -48.88
N ARG D 648 -19.57 6.75 -47.70
CA ARG D 648 -19.72 5.39 -47.19
C ARG D 648 -21.17 5.07 -46.90
N ARG D 649 -21.91 6.03 -46.33
CA ARG D 649 -23.34 5.82 -46.14
C ARG D 649 -24.04 5.53 -47.47
N HIS D 650 -23.72 6.33 -48.49
CA HIS D 650 -24.34 6.15 -49.81
C HIS D 650 -23.99 4.80 -50.40
N PHE D 651 -22.71 4.42 -50.33
CA PHE D 651 -22.29 3.13 -50.84
C PHE D 651 -22.99 1.99 -50.11
N LEU D 652 -23.17 2.14 -48.80
CA LEU D 652 -23.83 1.10 -48.03
C LEU D 652 -25.30 0.98 -48.41
N LYS D 653 -25.98 2.11 -48.60
CA LYS D 653 -27.37 2.06 -49.08
C LYS D 653 -27.44 1.40 -50.45
N THR D 654 -26.49 1.74 -51.33
CA THR D 654 -26.45 1.13 -52.66
C THR D 654 -26.22 -0.36 -52.56
N ALA D 655 -25.30 -0.79 -51.69
CA ALA D 655 -25.04 -2.21 -51.51
C ALA D 655 -26.25 -2.92 -50.94
N LEU D 656 -27.00 -2.26 -50.05
CA LEU D 656 -28.19 -2.89 -49.49
C LEU D 656 -29.27 -3.08 -50.55
N ASN D 657 -29.45 -2.08 -51.42
CA ASN D 657 -30.35 -2.27 -52.55
C ASN D 657 -29.83 -3.35 -53.51
N HIS D 658 -28.51 -3.43 -53.67
CA HIS D 658 -27.91 -4.48 -54.47
C HIS D 658 -28.23 -5.85 -53.89
N CYS D 659 -28.18 -5.98 -52.57
CA CYS D 659 -28.56 -7.22 -51.91
C CYS D 659 -30.05 -7.49 -52.10
N ASN D 660 -30.87 -6.44 -52.05
CA ASN D 660 -32.30 -6.61 -52.31
C ASN D 660 -32.55 -7.17 -53.70
N LEU D 661 -31.69 -6.81 -54.66
CA LEU D 661 -31.80 -7.41 -55.99
C LEU D 661 -31.15 -8.80 -56.04
N CYS D 662 -30.07 -9.00 -55.28
CA CYS D 662 -29.41 -10.31 -55.24
C CYS D 662 -30.37 -11.37 -54.75
N ARG D 663 -31.14 -11.07 -53.71
CA ARG D 663 -32.11 -12.04 -53.19
C ARG D 663 -33.23 -12.31 -54.19
N ARG D 664 -33.32 -11.53 -55.25
CA ARG D 664 -34.24 -11.79 -56.36
C ARG D 664 -33.50 -12.36 -57.57
N GLY D 665 -32.28 -12.83 -57.38
CA GLY D 665 -31.51 -13.47 -58.43
C GLY D 665 -30.67 -14.60 -57.87
N PHE D 666 -29.58 -14.95 -58.54
CA PHE D 666 -28.73 -16.03 -58.04
C PHE D 666 -27.47 -16.09 -58.90
N TYR D 667 -26.44 -16.71 -58.32
CA TYR D 667 -25.13 -16.79 -58.96
C TYR D 667 -25.23 -17.24 -60.41
N TYR D 668 -25.82 -18.40 -60.65
CA TYR D 668 -25.88 -18.95 -61.99
C TYR D 668 -27.02 -18.35 -62.80
N TYR D 669 -28.21 -18.28 -62.20
CA TYR D 669 -29.39 -17.86 -62.96
C TYR D 669 -29.36 -16.40 -63.35
N GLN D 670 -28.56 -15.58 -62.67
CA GLN D 670 -28.45 -14.18 -63.07
C GLN D 670 -27.63 -14.01 -64.34
N ARG D 671 -26.79 -14.98 -64.68
CA ARG D 671 -25.83 -14.82 -65.76
C ARG D 671 -26.29 -15.46 -67.06
N HIS D 672 -26.63 -16.75 -67.04
CA HIS D 672 -26.87 -17.48 -68.27
C HIS D 672 -28.13 -17.02 -68.97
N PHE D 673 -27.99 -16.69 -70.25
CA PHE D 673 -29.11 -16.37 -71.14
C PHE D 673 -30.17 -15.55 -70.44
N VAL D 674 -29.79 -14.40 -69.86
CA VAL D 674 -30.74 -13.52 -69.19
C VAL D 674 -30.18 -12.10 -69.27
N ASP D 675 -31.09 -11.14 -69.34
CA ASP D 675 -30.71 -9.72 -69.32
C ASP D 675 -30.68 -9.18 -67.89
N SER D 676 -29.91 -9.84 -67.04
CA SER D 676 -29.84 -9.45 -65.64
C SER D 676 -29.20 -8.06 -65.51
N GLU D 677 -29.77 -7.26 -64.61
CA GLU D 677 -29.20 -5.97 -64.24
C GLU D 677 -28.42 -6.05 -62.93
N LEU D 678 -28.18 -7.25 -62.43
CA LEU D 678 -27.73 -7.42 -61.05
C LEU D 678 -26.21 -7.50 -60.91
N GLU D 679 -25.60 -8.50 -61.54
CA GLU D 679 -24.16 -8.74 -61.42
C GLU D 679 -23.75 -8.77 -59.94
N CYS D 680 -24.27 -9.78 -59.23
CA CYS D 680 -24.07 -9.91 -57.80
C CYS D 680 -22.85 -10.79 -57.54
N ASN D 681 -21.85 -10.23 -56.85
CA ASN D 681 -20.66 -10.98 -56.45
C ASN D 681 -20.44 -10.99 -54.94
N ASP D 682 -21.06 -10.09 -54.20
CA ASP D 682 -20.83 -10.03 -52.76
C ASP D 682 -21.37 -11.27 -52.06
N VAL D 683 -22.47 -11.83 -52.59
CA VAL D 683 -23.08 -12.98 -51.95
C VAL D 683 -22.13 -14.16 -51.96
N VAL D 684 -21.46 -14.40 -53.08
CA VAL D 684 -20.50 -15.50 -53.14
C VAL D 684 -19.38 -15.27 -52.12
N LEU D 685 -18.85 -14.05 -52.07
CA LEU D 685 -17.76 -13.75 -51.15
C LEU D 685 -18.17 -14.04 -49.71
N PHE D 686 -19.30 -13.48 -49.28
CA PHE D 686 -19.67 -13.60 -47.87
C PHE D 686 -20.20 -15.00 -47.55
N TRP D 687 -20.77 -15.69 -48.53
CA TRP D 687 -21.10 -17.10 -48.35
C TRP D 687 -19.85 -17.93 -48.11
N ARG D 688 -18.80 -17.70 -48.91
CA ARG D 688 -17.54 -18.37 -48.68
C ARG D 688 -16.98 -18.00 -47.31
N ILE D 689 -17.15 -16.74 -46.91
CA ILE D 689 -16.70 -16.32 -45.58
C ILE D 689 -17.45 -17.09 -44.51
N GLN D 690 -18.77 -17.23 -44.68
CA GLN D 690 -19.56 -18.02 -43.74
C GLN D 690 -19.04 -19.45 -43.66
N ARG D 691 -18.78 -20.05 -44.81
CA ARG D 691 -18.33 -21.45 -44.80
C ARG D 691 -16.97 -21.59 -44.16
N MET D 692 -16.05 -20.67 -44.47
CA MET D 692 -14.73 -20.71 -43.85
C MET D 692 -14.83 -20.53 -42.35
N LEU D 693 -15.69 -19.61 -41.90
CA LEU D 693 -15.86 -19.40 -40.46
C LEU D 693 -16.46 -20.63 -39.79
N ALA D 694 -17.44 -21.26 -40.44
CA ALA D 694 -18.05 -22.45 -39.85
C ALA D 694 -17.04 -23.60 -39.77
N ILE D 695 -16.25 -23.77 -40.82
CA ILE D 695 -15.24 -24.83 -40.82
C ILE D 695 -14.18 -24.56 -39.76
N THR D 696 -13.74 -23.31 -39.66
CA THR D 696 -12.77 -22.96 -38.63
C THR D 696 -13.34 -23.20 -37.24
N ALA D 697 -14.60 -22.84 -37.03
CA ALA D 697 -15.23 -23.04 -35.73
C ALA D 697 -15.32 -24.52 -35.40
N ASN D 698 -15.66 -25.35 -36.39
CA ASN D 698 -15.76 -26.78 -36.13
C ASN D 698 -14.40 -27.38 -35.85
N THR D 699 -13.37 -26.96 -36.59
CA THR D 699 -12.03 -27.43 -36.32
C THR D 699 -11.58 -27.03 -34.92
N LEU D 700 -11.88 -25.79 -34.53
CA LEU D 700 -11.53 -25.31 -33.20
C LEU D 700 -12.26 -26.10 -32.13
N ARG D 701 -13.54 -26.38 -32.34
CA ARG D 701 -14.29 -27.17 -31.38
C ARG D 701 -13.72 -28.56 -31.25
N GLN D 702 -13.34 -29.18 -32.37
CA GLN D 702 -12.74 -30.51 -32.30
C GLN D 702 -11.41 -30.45 -31.54
N GLN D 703 -10.56 -29.48 -31.86
CA GLN D 703 -9.29 -29.36 -31.15
C GLN D 703 -9.53 -29.15 -29.67
N LEU D 704 -10.50 -28.29 -29.34
CA LEU D 704 -10.81 -28.03 -27.94
C LEU D 704 -11.19 -29.31 -27.24
N THR D 705 -12.24 -29.98 -27.70
CA THR D 705 -12.77 -31.13 -27.01
C THR D 705 -11.83 -32.32 -27.05
N ASN D 706 -10.90 -32.35 -27.99
CA ASN D 706 -9.95 -33.46 -28.03
C ASN D 706 -8.77 -33.22 -27.10
N THR D 707 -8.17 -32.03 -27.14
CA THR D 707 -6.94 -31.79 -26.40
C THR D 707 -7.08 -30.68 -25.37
N GLU D 708 -7.64 -29.54 -25.77
CA GLU D 708 -7.44 -28.32 -25.00
C GLU D 708 -8.29 -28.30 -23.73
N VAL D 709 -9.53 -28.76 -23.83
CA VAL D 709 -10.40 -28.75 -22.66
C VAL D 709 -9.88 -29.70 -21.60
N ARG D 710 -9.44 -30.90 -22.01
CA ARG D 710 -8.87 -31.83 -21.04
C ARG D 710 -7.52 -31.34 -20.54
N ARG D 711 -6.77 -30.61 -21.36
CA ARG D 711 -5.54 -29.98 -20.87
C ARG D 711 -5.85 -28.99 -19.77
N LEU D 712 -6.90 -28.17 -19.96
CA LEU D 712 -7.29 -27.22 -18.93
C LEU D 712 -7.77 -27.93 -17.68
N GLU D 713 -8.53 -29.01 -17.85
CA GLU D 713 -8.96 -29.79 -16.68
C GLU D 713 -7.76 -30.36 -15.93
N LYS D 714 -6.78 -30.88 -16.65
CA LYS D 714 -5.57 -31.40 -16.02
C LYS D 714 -4.81 -30.30 -15.29
N ASN D 715 -4.73 -29.12 -15.91
CA ASN D 715 -4.08 -27.99 -15.25
C ASN D 715 -4.83 -27.59 -14.00
N VAL D 716 -6.16 -27.65 -14.05
CA VAL D 716 -6.98 -27.36 -12.87
C VAL D 716 -6.67 -28.35 -11.76
N LYS D 717 -6.58 -29.64 -12.11
CA LYS D 717 -6.25 -30.64 -11.11
C LYS D 717 -4.87 -30.40 -10.50
N GLU D 718 -3.88 -30.06 -11.35
CA GLU D 718 -2.55 -29.77 -10.84
C GLU D 718 -2.57 -28.55 -9.91
N VAL D 719 -3.32 -27.52 -10.29
CA VAL D 719 -3.41 -26.32 -9.47
C VAL D 719 -4.07 -26.65 -8.14
N LEU D 720 -5.12 -27.49 -8.17
CA LEU D 720 -5.78 -27.90 -6.93
C LEU D 720 -4.83 -28.68 -6.05
N GLU D 721 -4.00 -29.54 -6.63
CA GLU D 721 -2.98 -30.24 -5.86
C GLU D 721 -2.01 -29.25 -5.23
N ASP D 722 -1.59 -28.24 -6.01
CA ASP D 722 -0.63 -27.28 -5.50
C ASP D 722 -1.22 -26.48 -4.35
N PHE D 723 -2.49 -26.07 -4.47
CA PHE D 723 -3.14 -25.38 -3.36
C PHE D 723 -3.26 -26.28 -2.15
N ALA D 724 -3.62 -27.55 -2.37
CA ALA D 724 -3.68 -28.49 -1.26
C ALA D 724 -2.35 -28.58 -0.54
N GLU D 725 -1.25 -28.58 -1.29
CA GLU D 725 0.08 -28.62 -0.69
C GLU D 725 0.48 -27.26 -0.14
N ASP D 726 -0.01 -26.18 -0.75
CA ASP D 726 0.36 -24.82 -0.35
C ASP D 726 -0.53 -24.41 0.82
N GLY D 727 0.01 -24.55 2.03
CA GLY D 727 -0.75 -24.19 3.22
C GLY D 727 -1.09 -22.72 3.27
N GLU D 728 -0.15 -21.85 2.88
CA GLU D 728 -0.36 -20.42 3.00
C GLU D 728 -1.47 -19.94 2.07
N LYS D 729 -1.48 -20.43 0.83
CA LYS D 729 -2.52 -20.03 -0.11
C LYS D 729 -3.89 -20.49 0.36
N LYS D 730 -3.97 -21.68 0.96
CA LYS D 730 -5.23 -22.12 1.55
C LYS D 730 -5.62 -21.22 2.72
N ILE D 731 -4.65 -20.83 3.55
CA ILE D 731 -4.95 -19.97 4.69
C ILE D 731 -5.56 -18.66 4.20
N LYS D 732 -4.93 -18.05 3.18
CA LYS D 732 -5.42 -16.76 2.71
C LYS D 732 -6.73 -16.89 1.95
N LEU D 733 -6.86 -17.94 1.13
CA LEU D 733 -8.08 -18.13 0.36
C LEU D 733 -9.27 -18.47 1.25
N LEU D 734 -9.05 -19.23 2.31
CA LEU D 734 -10.13 -19.81 3.10
C LEU D 734 -10.58 -18.91 4.24
N THR D 735 -10.22 -17.63 4.21
CA THR D 735 -10.64 -16.67 5.23
C THR D 735 -12.06 -16.20 4.95
N GLY D 736 -13.01 -17.13 5.09
CA GLY D 736 -14.41 -16.83 4.91
C GLY D 736 -15.16 -16.45 6.17
N LYS D 737 -14.47 -16.38 7.31
CA LYS D 737 -15.04 -16.03 8.61
C LYS D 737 -15.90 -17.15 9.19
N ARG D 738 -16.26 -18.14 8.37
CA ARG D 738 -16.89 -19.34 8.89
C ARG D 738 -15.86 -20.43 9.11
N VAL D 739 -14.85 -20.49 8.23
CA VAL D 739 -13.68 -21.33 8.48
C VAL D 739 -13.03 -20.92 9.79
N GLN D 740 -12.94 -19.61 10.03
CA GLN D 740 -12.32 -19.13 11.27
C GLN D 740 -13.19 -19.44 12.47
N LEU D 741 -14.51 -19.35 12.33
CA LEU D 741 -15.39 -19.74 13.42
C LEU D 741 -15.25 -21.22 13.75
N ALA D 742 -15.15 -22.06 12.71
CA ALA D 742 -14.97 -23.49 12.93
C ALA D 742 -13.64 -23.78 13.60
N GLU D 743 -12.58 -23.09 13.17
CA GLU D 743 -11.28 -23.26 13.80
C GLU D 743 -11.32 -22.84 15.26
N ASP D 744 -12.01 -21.74 15.56
CA ASP D 744 -12.09 -21.29 16.93
C ASP D 744 -12.88 -22.27 17.78
N LEU D 745 -13.97 -22.82 17.24
CA LEU D 745 -14.75 -23.79 18.00
C LEU D 745 -13.94 -25.05 18.27
N LYS D 746 -13.21 -25.54 17.26
CA LYS D 746 -12.40 -26.73 17.44
C LYS D 746 -11.27 -26.48 18.44
N LYS D 747 -10.61 -25.33 18.37
CA LYS D 747 -9.53 -25.04 19.30
C LYS D 747 -10.05 -24.87 20.72
N VAL D 748 -11.23 -24.25 20.87
CA VAL D 748 -11.83 -24.13 22.20
C VAL D 748 -12.16 -25.51 22.74
N ARG D 749 -12.65 -26.41 21.88
CA ARG D 749 -12.91 -27.78 22.31
C ARG D 749 -11.62 -28.48 22.74
N GLU D 750 -10.54 -28.29 21.98
CA GLU D 750 -9.28 -28.94 22.32
C GLU D 750 -8.73 -28.43 23.64
N ILE D 751 -8.76 -27.11 23.84
CA ILE D 751 -8.30 -26.57 25.11
C ILE D 751 -9.22 -27.01 26.24
N GLN D 752 -10.52 -27.19 25.96
CA GLN D 752 -11.42 -27.70 26.98
C GLN D 752 -11.07 -29.14 27.36
N GLU D 753 -10.73 -29.97 26.38
CA GLU D 753 -10.32 -31.34 26.69
C GLU D 753 -9.03 -31.35 27.49
N LYS D 754 -8.06 -30.54 27.08
CA LYS D 754 -6.80 -30.48 27.82
C LYS D 754 -7.03 -29.98 29.24
N LEU D 755 -7.90 -28.97 29.40
CA LEU D 755 -8.22 -28.44 30.71
C LEU D 755 -8.94 -29.48 31.56
N ASP D 756 -9.87 -30.24 30.97
CA ASP D 756 -10.56 -31.26 31.74
C ASP D 756 -9.58 -32.33 32.23
N ALA D 757 -8.68 -32.79 31.36
CA ALA D 757 -7.68 -33.77 31.78
C ALA D 757 -6.77 -33.19 32.86
N PHE D 758 -6.38 -31.93 32.69
CA PHE D 758 -5.48 -31.29 33.64
C PHE D 758 -6.15 -31.13 35.00
N ILE D 759 -7.42 -30.72 35.01
CA ILE D 759 -8.14 -30.55 36.27
C ILE D 759 -8.39 -31.89 36.93
N GLU D 760 -8.70 -32.92 36.15
CA GLU D 760 -8.86 -34.25 36.71
C GLU D 760 -7.57 -34.73 37.37
N ALA D 761 -6.43 -34.48 36.71
CA ALA D 761 -5.15 -34.81 37.31
C ALA D 761 -4.89 -34.00 38.57
N LEU D 762 -5.26 -32.72 38.56
CA LEU D 762 -5.12 -31.90 39.76
C LEU D 762 -5.90 -32.49 40.92
N HIS D 763 -7.15 -32.89 40.66
CA HIS D 763 -7.96 -33.51 41.70
C HIS D 763 -7.36 -34.84 42.14
N GLN D 764 -6.73 -35.57 41.20
CA GLN D 764 -5.99 -36.77 41.57
C GLN D 764 -4.79 -36.45 42.46
N GLU D 765 -4.23 -35.25 42.35
CA GLU D 765 -3.10 -34.85 43.18
C GLU D 765 -3.51 -34.48 44.60
N LYS D 766 -4.78 -34.14 44.81
CA LYS D 766 -5.25 -33.78 46.15
C LYS D 766 -5.57 -35.02 46.96
PB GDP E . 34.07 -12.61 -15.90
O1B GDP E . 34.34 -12.55 -14.42
O2B GDP E . 33.31 -13.87 -16.23
O3B GDP E . 33.26 -11.40 -16.34
O3A GDP E . 35.46 -12.60 -16.73
PA GDP E . 36.67 -11.67 -16.25
O1A GDP E . 36.34 -10.94 -14.97
O2A GDP E . 37.10 -10.72 -17.34
O5' GDP E . 37.80 -12.78 -16.00
C5' GDP E . 37.74 -13.51 -14.78
C4' GDP E . 38.42 -14.85 -15.02
O4' GDP E . 38.43 -15.14 -16.42
C3' GDP E . 39.85 -14.78 -14.53
O3' GDP E . 40.11 -15.91 -13.68
C2' GDP E . 40.67 -14.79 -15.80
O2' GDP E . 41.88 -15.53 -15.68
C1' GDP E . 39.76 -15.42 -16.85
N9 GDP E . 40.04 -14.86 -18.20
C8 GDP E . 39.85 -13.60 -18.59
N7 GDP E . 40.21 -13.43 -19.89
C5 GDP E . 40.63 -14.62 -20.34
C6 GDP E . 41.15 -15.15 -21.63
O6 GDP E . 41.27 -14.40 -22.62
N1 GDP E . 41.48 -16.45 -21.70
C2 GDP E . 41.36 -17.26 -20.63
N2 GDP E . 41.71 -18.56 -20.75
N3 GDP E . 40.89 -16.84 -19.42
C4 GDP E . 40.52 -15.56 -19.23
H4' GDP E . 37.93 -15.54 -14.54
H3' GDP E . 40.05 -14.01 -13.98
HO3' GDP E . 40.80 -16.30 -13.95
H2' GDP E . 40.95 -13.89 -16.04
HO2' GDP E . 42.34 -15.22 -15.05
H1' GDP E . 39.91 -16.38 -16.92
H8 GDP E . 39.49 -12.88 -18.03
HN1 GDP E . 41.79 -16.77 -22.43
HN21 GDP E . 42.01 -18.86 -21.50
HN22 GDP E . 41.63 -19.09 -20.08
AL ALF F . 30.29 -11.83 -16.23
F1 ALF F . 29.62 -11.84 -14.58
F2 ALF F . 30.96 -11.82 -17.89
F3 ALF F . 30.82 -13.52 -16.03
F4 ALF F . 29.75 -10.14 -16.44
MG MG G . 32.95 -9.72 -14.95
K K H . 32.01 -16.23 -15.67
PB GDP I . 5.15 15.50 91.34
O1B GDP I . 5.86 16.80 91.02
O2B GDP I . 3.88 15.79 92.10
O3B GDP I . 4.83 14.78 90.05
O3A GDP I . 6.10 14.58 92.26
PA GDP I . 7.66 14.46 91.89
O1A GDP I . 8.27 15.84 91.89
O2A GDP I . 7.82 13.84 90.53
O5' GDP I . 8.30 13.52 93.03
C5' GDP I . 8.85 14.13 94.21
C4' GDP I . 10.26 13.69 94.57
O4' GDP I . 10.71 14.60 95.57
C3' GDP I . 10.39 12.29 95.15
O3' GDP I . 11.13 11.43 94.28
C2' GDP I . 11.12 12.43 96.47
O2' GDP I . 12.47 11.97 96.35
C1' GDP I . 11.09 13.92 96.78
N9 GDP I . 10.09 14.14 97.86
C8 GDP I . 8.78 13.83 97.77
N7 GDP I . 8.13 14.14 98.93
C5 GDP I . 9.04 14.67 99.77
C6 GDP I . 9.02 15.21 101.15
O6 GDP I . 7.95 15.25 101.81
N1 GDP I . 10.16 15.67 101.66
C2 GDP I . 11.31 15.65 100.98
N2 GDP I . 12.43 16.12 101.57
N3 GDP I . 11.40 15.16 99.71
C4 GDP I . 10.32 14.67 99.06
H4' GDP I . 10.77 13.69 93.76
H3' GDP I . 9.51 11.89 95.26
HO3' GDP I . 11.17 10.66 94.60
H2' GDP I . 10.71 11.91 97.17
HO2' GDP I . 12.59 11.64 95.58
H1' GDP I . 11.94 14.25 97.08
H8 GDP I . 8.36 13.43 97.00
HN1 GDP I . 10.16 15.98 102.47
HN21 GDP I . 12.40 16.43 102.37
HN22 GDP I . 13.18 16.12 101.14
AL ALF J . 3.27 18.18 90.85
F1 ALF J . 3.87 17.37 89.37
F2 ALF J . 2.67 18.95 92.34
F3 ALF J . 4.94 18.62 91.29
F4 ALF J . 1.60 17.76 90.39
MG MG K . 2.72 15.86 90.52
K K L . 7.57 18.36 92.40
PB GDP M . 36.02 -33.44 -80.25
O1B GDP M . 36.50 -33.36 -78.81
O2B GDP M . 35.39 -34.79 -80.49
O3B GDP M . 35.00 -32.35 -80.51
O3A GDP M . 37.25 -33.23 -81.26
PA GDP M . 38.40 -32.15 -80.93
O1A GDP M . 38.15 -31.49 -79.60
O2A GDP M . 38.53 -31.14 -82.04
O5' GDP M . 39.68 -33.10 -80.88
C5' GDP M . 39.90 -33.85 -79.70
C4' GDP M . 40.70 -35.08 -80.06
O4' GDP M . 40.54 -35.35 -81.46
C3' GDP M . 42.17 -34.83 -79.77
O3' GDP M . 42.70 -35.93 -79.01
C2' GDP M . 42.79 -34.71 -81.16
O2' GDP M . 44.09 -35.29 -81.23
C1' GDP M . 41.83 -35.45 -82.08
N9 GDP M . 41.83 -34.84 -83.44
C8 GDP M . 41.41 -33.60 -83.76
N7 GDP M . 41.55 -33.38 -85.09
C5 GDP M . 42.07 -34.50 -85.64
C6 GDP M . 42.45 -34.93 -87.00
O6 GDP M . 42.33 -34.16 -87.98
N1 GDP M . 42.94 -36.17 -87.16
C2 GDP M . 43.08 -37.01 -86.11
N2 GDP M . 43.58 -38.25 -86.32
N3 GDP M . 42.74 -36.67 -84.84
C4 GDP M . 42.24 -35.45 -84.55
H4' GDP M . 40.39 -35.84 -79.55
H3' GDP M . 42.34 -34.04 -79.24
HO3' GDP M . 43.37 -36.24 -79.41
H2' GDP M . 42.91 -33.78 -81.40
HO2' GDP M . 44.59 -34.92 -80.66
H1' GDP M . 42.08 -36.37 -82.20
H8 GDP M . 41.06 -32.95 -83.13
HN1 GDP M . 43.17 -36.44 -87.94
HN21 GDP M . 43.80 -38.50 -87.11
HN22 GDP M . 43.67 -38.79 -85.66
AL ALF N . 32.15 -33.18 -80.00
F1 ALF N . 31.75 -33.29 -78.26
F2 ALF N . 32.57 -33.05 -81.73
F3 ALF N . 32.93 -34.78 -79.92
F4 ALF N . 31.38 -31.57 -80.07
MG MG O . 34.67 -30.74 -79.04
K K P . 34.51 -37.31 -79.82
PB GDP Q . 19.72 -10.72 30.86
O1B GDP Q . 20.19 -9.34 30.50
O2B GDP Q . 18.54 -10.63 31.81
O3B GDP Q . 19.31 -11.46 29.61
O3A GDP Q . 20.90 -11.52 31.61
PA GDP Q . 22.39 -11.43 31.03
O1A GDP Q . 22.81 -9.97 30.99
O2A GDP Q . 22.43 -12.00 29.63
O5' GDP Q . 23.32 -12.29 32.03
C5' GDP Q . 23.94 -11.63 33.13
C4' GDP Q . 25.43 -11.87 33.28
O4' GDP Q . 25.91 -10.92 34.24
C3' GDP Q . 25.83 -13.25 33.78
O3' GDP Q . 26.54 -13.98 32.79
C2' GDP Q . 26.73 -13.02 34.99
O2' GDP Q . 28.09 -13.31 34.66
C1' GDP Q . 26.54 -11.56 35.34
N9 GDP Q . 25.69 -11.48 36.56
C8 GDP Q . 24.44 -11.97 36.66
N7 GDP Q . 23.93 -11.77 37.90
C5 GDP Q . 24.86 -11.13 38.62
C6 GDP Q . 24.98 -10.60 40.00
O6 GDP Q . 24.04 -10.72 40.82
N1 GDP Q . 26.12 -10.01 40.38
C2 GDP Q . 27.15 -9.87 39.52
N2 GDP Q . 28.27 -9.25 39.96
N3 GDP Q . 27.12 -10.32 38.24
C4 GDP Q . 26.03 -10.95 37.74
H4' GDP Q . 25.82 -11.80 32.39
H3' GDP Q . 25.03 -13.76 34.01
HO3' GDP Q . 26.74 -14.74 33.08
H2' GDP Q . 26.50 -13.61 35.72
HO2' GDP Q . 28.14 -13.58 33.88
H1' GDP Q . 27.38 -11.11 35.53
H8 GDP Q . 23.96 -12.42 35.94
HN1 GDP Q . 26.19 -9.71 41.18
HN21 GDP Q . 28.31 -8.96 40.77
HN22 GDP Q . 28.94 -9.15 39.43
AL ALF R . 17.45 -8.33 30.74
F1 ALF R . 17.93 -9.03 29.17
F2 ALF R . 16.97 -7.66 32.33
F3 ALF R . 19.09 -7.66 30.95
F4 ALF R . 15.79 -8.96 30.51
MG MG S . 17.16 -10.69 30.43
K K T . 21.86 -7.58 31.67
#